data_5W08
#
_entry.id   5W08
#
_cell.length_a   60.800
_cell.length_b   325.120
_cell.length_c   156.990
_cell.angle_alpha   90.00
_cell.angle_beta   97.63
_cell.angle_gamma   90.00
#
_symmetry.space_group_name_H-M   'P 1 21 1'
#
loop_
_entity.id
_entity.type
_entity.pdbx_description
1 polymer 'Hemagglutinin HA1'
2 polymer 'K03.12 antibody heavy chain'
3 polymer 'K03.12 antibody light chain'
4 branched 2-acetamido-2-deoxy-beta-D-glucopyranose-(1-4)-2-acetamido-2-deoxy-beta-D-glucopyranose
5 branched beta-D-mannopyranose-(1-4)-2-acetamido-2-deoxy-beta-D-glucopyranose-(1-4)-2-acetamido-2-deoxy-beta-D-glucopyranose
6 non-polymer 2-acetamido-2-deoxy-beta-D-glucopyranose
7 non-polymer GLYCEROL
8 water water
#
loop_
_entity_poly.entity_id
_entity_poly.type
_entity_poly.pdbx_seq_one_letter_code
_entity_poly.pdbx_strand_id
1 'polypeptide(L)'
;TNATELVQNSSIGEICDSPHQILDGENCTLIDALLGDPQCDGFQNKKWDLFVERSKAYSNCYPYDVPDYASLRSLVASSG
TLEFNNESFNWNGVTQNGTSSACIRRSNNSFFSRLNWLTHLNFKYPALNVTMPNNEQFDKLYIWGVHHPVTDKDQIFLYA
QPSGRITVSTKRSQQAVIPNIGFRPRIRNIPSRISIYWTIVKPGDILLINSTGNLIAPRGYFKIRSGKSSIMRSDAPIGK
CKSECITPNGSIPNDKPFQNVNRITYGACPRYVKQSTLKLATGGALEVLFQ
;
A,B,C,D,E,F
2 'polypeptide(L)'
;EVQLVQSGAEVKKPGASVKVSCKTSGYTFTAYYLHWVRQAPGQGFEWMAWINPNTGDTNYAQKFQGRVTLSRDTSITTAY
MELTRLRSDDTAVYYCAKDLTLMYVFDSGWARGAHDYYGMDVWGQGTTVAVSGASTKGPSVFPLAPSSKSTSGGTAALGC
LVKDYFPEPVTVSWNSGALTSGVHTFPAVLQSSGLYSLSSVVTVPSSSLGTQTYICNVNHKPSNTKVDKRVEPKSCDKHH
HHHH
;
G,I,K,M,O,Q
3 'polypeptide(L)'
;PSALTQPASVSGSPGQSVTISCTGTNSDVGTFDLVSWYQQYPGKAPKLIIYEGSRRPSGVSDRFSGSKSGNTASLTISGL
QAEDEADYYCSSYAGSVVFGGGTKLTVLGQPKGAPSVTLFPPSSEELQANKATLVCLISDFYPGAVTVAWKADSSPVKAG
VETTTPSKQSNNKYAASSYLSLTPEQWKSHRSYSCQVTHEGSTVEKTVAPTECS
;
H,J,L,N,P,R
#
# COMPACT_ATOMS: atom_id res chain seq x y z
N GLU A 5 33.11 37.81 -28.45
CA GLU A 5 31.87 37.57 -27.71
C GLU A 5 31.05 36.46 -28.38
N LEU A 6 31.18 35.25 -27.87
CA LEU A 6 30.50 34.07 -28.43
C LEU A 6 29.53 33.44 -27.44
N VAL A 7 29.05 34.20 -26.47
CA VAL A 7 28.01 33.74 -25.55
C VAL A 7 26.81 34.66 -25.73
N GLN A 8 25.65 34.06 -26.05
CA GLN A 8 24.43 34.83 -26.22
C GLN A 8 23.94 35.33 -24.87
N ASN A 9 23.87 36.65 -24.71
CA ASN A 9 23.59 37.25 -23.40
C ASN A 9 22.28 38.00 -23.35
N SER A 10 21.53 38.06 -24.44
CA SER A 10 20.30 38.86 -24.46
C SER A 10 19.24 38.09 -25.22
N SER A 11 18.00 38.54 -25.12
CA SER A 11 16.88 38.00 -25.87
C SER A 11 15.94 39.13 -26.23
N ILE A 12 14.94 38.81 -27.08
CA ILE A 12 14.03 39.84 -27.54
C ILE A 12 12.85 40.09 -26.60
N GLY A 13 12.76 39.40 -25.47
CA GLY A 13 11.62 39.59 -24.58
C GLY A 13 10.31 39.03 -25.07
N GLU A 14 10.30 38.29 -26.19
CA GLU A 14 9.08 37.71 -26.74
C GLU A 14 9.37 36.30 -27.23
N ILE A 15 8.36 35.45 -27.16
CA ILE A 15 8.42 34.11 -27.72
C ILE A 15 7.80 34.14 -29.11
N CYS A 16 8.60 33.81 -30.12
CA CYS A 16 8.11 33.84 -31.50
C CYS A 16 7.17 32.66 -31.75
N ASP A 17 6.04 32.94 -32.40
CA ASP A 17 5.03 31.93 -32.68
C ASP A 17 5.42 31.01 -33.84
N SER A 18 6.67 31.04 -34.30
CA SER A 18 7.11 30.25 -35.44
C SER A 18 8.55 29.83 -35.20
N PRO A 19 8.96 28.64 -35.69
CA PRO A 19 8.18 27.69 -36.48
C PRO A 19 7.39 26.67 -35.65
N HIS A 20 7.56 26.68 -34.33
CA HIS A 20 6.86 25.73 -33.47
C HIS A 20 5.47 26.26 -33.13
N GLN A 21 4.50 25.35 -33.13
CA GLN A 21 3.13 25.71 -32.79
C GLN A 21 3.05 26.01 -31.30
N ILE A 22 2.78 27.27 -30.96
CA ILE A 22 2.71 27.72 -29.57
C ILE A 22 1.25 27.76 -29.15
N LEU A 23 0.97 27.23 -27.97
CA LEU A 23 -0.37 27.29 -27.39
C LEU A 23 -0.26 28.06 -26.07
N ASP A 24 -0.70 29.32 -26.09
CA ASP A 24 -0.71 30.12 -24.88
C ASP A 24 -1.81 29.62 -23.94
N GLY A 25 -1.50 29.57 -22.65
CA GLY A 25 -2.43 29.06 -21.67
C GLY A 25 -3.33 30.11 -21.06
N GLU A 26 -2.92 31.38 -21.14
CA GLU A 26 -3.63 32.48 -20.48
C GLU A 26 -3.82 32.19 -19.00
N ASN A 27 -5.07 32.05 -18.59
CA ASN A 27 -5.42 31.83 -17.18
C ASN A 27 -5.56 30.35 -16.85
N CYS A 28 -5.10 29.46 -17.72
CA CYS A 28 -5.28 28.02 -17.56
C CYS A 28 -3.94 27.30 -17.53
N THR A 29 -3.85 26.31 -16.65
CA THR A 29 -2.76 25.35 -16.69
C THR A 29 -3.11 24.19 -17.61
N LEU A 30 -2.12 23.36 -17.91
CA LEU A 30 -2.35 22.22 -18.79
C LEU A 30 -3.28 21.20 -18.15
N ILE A 31 -3.15 21.00 -16.83
CA ILE A 31 -3.98 20.02 -16.15
C ILE A 31 -5.43 20.50 -16.08
N ASP A 32 -5.63 21.79 -15.83
CA ASP A 32 -6.99 22.34 -15.81
C ASP A 32 -7.66 22.24 -17.18
N ALA A 33 -6.91 22.49 -18.25
CA ALA A 33 -7.46 22.31 -19.59
C ALA A 33 -7.70 20.84 -19.90
N LEU A 34 -6.92 19.96 -19.30
CA LEU A 34 -7.12 18.52 -19.49
C LEU A 34 -8.42 18.07 -18.83
N LEU A 35 -8.65 18.49 -17.59
CA LEU A 35 -9.83 18.07 -16.87
C LEU A 35 -11.10 18.68 -17.45
N GLY A 36 -11.03 19.95 -17.87
CA GLY A 36 -12.19 20.60 -18.44
C GLY A 36 -12.77 21.70 -17.57
N ASP A 37 -11.89 22.50 -16.97
CA ASP A 37 -12.33 23.68 -16.24
C ASP A 37 -13.16 24.57 -17.16
N PRO A 38 -14.32 25.05 -16.73
CA PRO A 38 -15.17 25.85 -17.63
C PRO A 38 -14.46 27.03 -18.26
N GLN A 39 -13.49 27.63 -17.58
CA GLN A 39 -12.70 28.70 -18.17
C GLN A 39 -11.73 28.20 -19.23
N CYS A 40 -11.43 26.89 -19.25
CA CYS A 40 -10.46 26.33 -20.19
C CYS A 40 -11.10 25.50 -21.29
N ASP A 41 -12.41 25.66 -21.52
CA ASP A 41 -13.06 24.85 -22.54
C ASP A 41 -12.70 25.28 -23.95
N GLY A 42 -12.05 26.43 -24.12
CA GLY A 42 -11.55 26.81 -25.42
C GLY A 42 -10.36 26.01 -25.88
N PHE A 43 -9.70 25.28 -24.98
CA PHE A 43 -8.53 24.48 -25.29
C PHE A 43 -8.86 23.05 -25.69
N GLN A 44 -10.14 22.73 -25.88
CA GLN A 44 -10.53 21.35 -26.13
C GLN A 44 -10.00 20.88 -27.48
N ASN A 45 -9.36 19.71 -27.47
CA ASN A 45 -8.83 19.04 -28.67
C ASN A 45 -7.79 19.88 -29.40
N LYS A 46 -7.11 20.79 -28.70
CA LYS A 46 -6.06 21.59 -29.31
C LYS A 46 -4.72 20.87 -29.24
N LYS A 47 -3.86 21.19 -30.20
CA LYS A 47 -2.53 20.61 -30.31
C LYS A 47 -1.49 21.69 -30.10
N TRP A 48 -0.26 21.26 -29.84
CA TRP A 48 0.82 22.22 -29.60
C TRP A 48 2.18 21.53 -29.74
N ASP A 49 3.19 22.34 -30.01
CA ASP A 49 4.58 21.94 -29.85
C ASP A 49 5.18 22.43 -28.55
N LEU A 50 4.73 23.59 -28.06
CA LEU A 50 5.15 24.10 -26.76
C LEU A 50 3.96 24.77 -26.10
N PHE A 51 3.53 24.21 -24.97
CA PHE A 51 2.48 24.80 -24.16
C PHE A 51 3.10 25.80 -23.20
N VAL A 52 2.58 27.02 -23.19
CA VAL A 52 3.13 28.10 -22.38
C VAL A 52 2.18 28.34 -21.21
N GLU A 53 2.63 27.97 -20.01
CA GLU A 53 1.86 28.18 -18.80
C GLU A 53 2.26 29.52 -18.17
N ARG A 54 1.26 30.29 -17.75
CA ARG A 54 1.48 31.59 -17.16
C ARG A 54 1.35 31.53 -15.65
N SER A 55 2.04 32.45 -14.96
CA SER A 55 1.97 32.52 -13.51
C SER A 55 0.63 33.04 -13.01
N LYS A 56 -0.15 33.69 -13.88
CA LYS A 56 -1.47 34.18 -13.50
C LYS A 56 -2.54 33.10 -13.57
N ALA A 57 -2.17 31.88 -13.96
CA ALA A 57 -3.15 30.81 -14.10
C ALA A 57 -3.75 30.45 -12.75
N TYR A 58 -5.03 30.09 -12.77
CA TYR A 58 -5.76 29.76 -11.56
C TYR A 58 -6.87 28.79 -11.90
N SER A 59 -7.24 27.96 -10.91
CA SER A 59 -8.36 27.06 -11.04
C SER A 59 -9.64 27.75 -10.60
N ASN A 60 -10.76 27.36 -11.22
CA ASN A 60 -12.06 27.95 -10.92
C ASN A 60 -13.16 26.91 -11.02
N CYS A 61 -12.85 25.68 -10.61
CA CYS A 61 -13.86 24.61 -10.58
C CYS A 61 -13.82 23.95 -9.21
N TYR A 62 -14.13 22.65 -9.15
CA TYR A 62 -14.12 21.94 -7.88
C TYR A 62 -12.69 21.80 -7.38
N PRO A 63 -12.43 22.07 -6.10
CA PRO A 63 -11.05 21.94 -5.59
C PRO A 63 -10.57 20.50 -5.67
N TYR A 64 -9.38 20.33 -6.26
CA TYR A 64 -8.84 19.01 -6.49
C TYR A 64 -7.33 19.02 -6.24
N ASP A 65 -6.75 17.82 -6.23
CA ASP A 65 -5.32 17.65 -6.19
C ASP A 65 -4.94 16.42 -7.00
N VAL A 66 -3.70 16.41 -7.47
CA VAL A 66 -3.22 15.32 -8.32
C VAL A 66 -2.02 14.66 -7.65
N PRO A 67 -2.16 13.45 -7.12
CA PRO A 67 -0.97 12.69 -6.71
C PRO A 67 -0.03 12.50 -7.89
N ASP A 68 1.22 12.90 -7.71
CA ASP A 68 2.22 12.93 -8.78
C ASP A 68 1.73 13.86 -9.89
N TYR A 69 1.55 15.13 -9.52
CA TYR A 69 1.07 16.14 -10.45
C TYR A 69 2.06 16.37 -11.59
N ALA A 70 3.36 16.30 -11.30
CA ALA A 70 4.36 16.63 -12.30
C ALA A 70 4.39 15.61 -13.43
N SER A 71 4.19 14.33 -13.11
CA SER A 71 4.30 13.29 -14.12
C SER A 71 3.13 13.34 -15.09
N LEU A 72 1.92 13.61 -14.61
CA LEU A 72 0.79 13.75 -15.50
C LEU A 72 0.92 14.98 -16.37
N ARG A 73 1.38 16.09 -15.77
CA ARG A 73 1.63 17.31 -16.55
C ARG A 73 2.69 17.06 -17.61
N SER A 74 3.76 16.34 -17.26
CA SER A 74 4.84 16.08 -18.20
C SER A 74 4.42 15.10 -19.29
N LEU A 75 3.64 14.07 -18.93
CA LEU A 75 3.23 13.07 -19.91
C LEU A 75 2.30 13.68 -20.96
N VAL A 76 1.36 14.52 -20.53
CA VAL A 76 0.41 15.10 -21.48
C VAL A 76 1.11 16.18 -22.31
N ALA A 77 2.01 16.94 -21.69
CA ALA A 77 2.76 17.95 -22.43
C ALA A 77 3.64 17.32 -23.50
N SER A 78 4.26 16.19 -23.18
CA SER A 78 5.08 15.48 -24.15
C SER A 78 4.26 14.73 -25.18
N SER A 79 2.93 14.80 -25.10
CA SER A 79 2.06 14.26 -26.14
C SER A 79 1.57 15.33 -27.11
N GLY A 80 1.48 16.58 -26.67
CA GLY A 80 1.19 17.68 -27.56
C GLY A 80 -0.22 17.75 -28.09
N THR A 81 -1.20 17.23 -27.36
CA THR A 81 -2.56 17.21 -27.86
C THR A 81 -3.54 17.07 -26.69
N LEU A 82 -4.75 17.56 -26.93
CA LEU A 82 -5.87 17.38 -26.01
C LEU A 82 -7.06 16.74 -26.70
N GLU A 83 -6.83 16.00 -27.78
CA GLU A 83 -7.91 15.34 -28.49
C GLU A 83 -8.59 14.31 -27.59
N PHE A 84 -9.91 14.39 -27.52
CA PHE A 84 -10.70 13.59 -26.59
C PHE A 84 -11.82 12.92 -27.36
N ASN A 85 -12.02 11.62 -27.11
CA ASN A 85 -13.10 10.86 -27.71
C ASN A 85 -14.00 10.32 -26.62
N ASN A 86 -15.30 10.61 -26.74
CA ASN A 86 -16.27 10.15 -25.77
C ASN A 86 -16.57 8.66 -26.00
N GLU A 87 -16.67 7.92 -24.90
CA GLU A 87 -16.97 6.51 -24.94
C GLU A 87 -18.20 6.23 -24.08
N SER A 88 -18.99 5.27 -24.54
CA SER A 88 -20.25 4.93 -23.89
C SER A 88 -19.95 4.03 -22.70
N PHE A 89 -19.47 4.64 -21.62
CA PHE A 89 -19.43 3.96 -20.35
C PHE A 89 -20.88 3.74 -19.89
N ASN A 90 -21.27 2.48 -19.51
CA ASN A 90 -22.62 2.08 -19.10
C ASN A 90 -22.68 1.99 -17.55
N TRP A 91 -23.00 3.12 -16.92
CA TRP A 91 -23.20 3.18 -15.48
C TRP A 91 -24.69 3.00 -15.19
N ASN A 92 -25.16 1.74 -15.18
CA ASN A 92 -26.57 1.47 -14.91
C ASN A 92 -26.83 1.39 -13.41
N GLY A 93 -27.76 2.19 -12.92
CA GLY A 93 -28.15 2.15 -11.52
C GLY A 93 -27.65 3.30 -10.66
N VAL A 94 -27.07 4.34 -11.25
CA VAL A 94 -26.52 5.47 -10.50
C VAL A 94 -26.96 6.77 -11.17
N THR A 95 -26.73 7.87 -10.45
CA THR A 95 -26.91 9.22 -10.97
C THR A 95 -25.62 9.78 -11.55
N GLN A 96 -25.72 10.41 -12.73
CA GLN A 96 -24.60 10.98 -13.44
C GLN A 96 -24.74 12.51 -13.51
N ASN A 97 -23.76 13.10 -14.18
CA ASN A 97 -23.67 14.53 -14.42
C ASN A 97 -23.74 15.39 -13.18
N GLY A 98 -23.01 14.98 -12.15
CA GLY A 98 -22.95 15.75 -10.92
C GLY A 98 -22.35 17.12 -11.17
N THR A 99 -22.94 18.13 -10.54
CA THR A 99 -22.52 19.51 -10.71
C THR A 99 -22.22 20.13 -9.35
N SER A 100 -21.66 21.33 -9.38
CA SER A 100 -21.33 22.04 -8.15
C SER A 100 -21.44 23.53 -8.38
N SER A 101 -21.72 24.25 -7.30
CA SER A 101 -21.77 25.71 -7.36
C SER A 101 -20.39 26.34 -7.38
N ALA A 102 -19.34 25.56 -7.14
CA ALA A 102 -17.97 26.01 -7.24
C ALA A 102 -17.42 25.88 -8.66
N CYS A 103 -18.19 25.29 -9.58
CA CYS A 103 -17.75 25.06 -10.95
C CYS A 103 -18.80 25.63 -11.89
N ILE A 104 -18.87 26.97 -11.93
CA ILE A 104 -19.91 27.66 -12.68
C ILE A 104 -19.54 27.66 -14.15
N ARG A 105 -20.51 27.32 -15.01
CA ARG A 105 -20.35 27.38 -16.45
C ARG A 105 -21.64 27.90 -17.05
N ARG A 106 -21.55 29.03 -17.75
CA ARG A 106 -22.73 29.68 -18.34
C ARG A 106 -23.76 30.02 -17.27
N SER A 107 -23.28 30.56 -16.15
CA SER A 107 -24.12 30.99 -15.03
C SER A 107 -24.98 29.87 -14.47
N ASN A 108 -24.49 28.63 -14.51
CA ASN A 108 -25.19 27.48 -13.95
C ASN A 108 -24.17 26.53 -13.35
N ASN A 109 -24.60 25.78 -12.33
CA ASN A 109 -23.75 24.77 -11.73
C ASN A 109 -23.31 23.76 -12.78
N SER A 110 -22.03 23.39 -12.73
CA SER A 110 -21.48 22.49 -13.73
C SER A 110 -20.33 21.71 -13.09
N PHE A 111 -19.51 21.08 -13.93
CA PHE A 111 -18.43 20.22 -13.47
C PHE A 111 -17.40 20.15 -14.58
N PHE A 112 -16.32 19.42 -14.33
CA PHE A 112 -15.32 19.18 -15.37
C PHE A 112 -15.97 18.52 -16.57
N SER A 113 -15.70 19.08 -17.76
CA SER A 113 -16.34 18.56 -18.96
C SER A 113 -15.89 17.15 -19.29
N ARG A 114 -14.74 16.73 -18.79
CA ARG A 114 -14.17 15.41 -19.09
C ARG A 114 -14.44 14.39 -18.01
N LEU A 115 -15.09 14.78 -16.91
CA LEU A 115 -15.35 13.90 -15.79
C LEU A 115 -16.85 13.78 -15.55
N ASN A 116 -17.24 12.66 -14.93
CA ASN A 116 -18.63 12.31 -14.69
C ASN A 116 -18.80 11.97 -13.21
N TRP A 117 -19.44 12.88 -12.47
CA TRP A 117 -19.65 12.71 -11.04
C TRP A 117 -20.82 11.76 -10.81
N LEU A 118 -20.53 10.55 -10.34
CA LEU A 118 -21.54 9.52 -10.11
C LEU A 118 -21.95 9.50 -8.64
N THR A 119 -23.25 9.45 -8.39
CA THR A 119 -23.82 9.36 -7.05
C THR A 119 -24.90 8.29 -7.04
N HIS A 120 -25.48 8.07 -5.86
CA HIS A 120 -26.50 7.03 -5.71
C HIS A 120 -27.77 7.42 -6.46
N LEU A 121 -28.58 6.40 -6.77
CA LEU A 121 -29.90 6.57 -7.37
C LEU A 121 -30.92 6.07 -6.36
N ASN A 122 -31.69 7.00 -5.78
CA ASN A 122 -32.67 6.68 -4.74
C ASN A 122 -32.01 5.94 -3.57
N PHE A 123 -30.84 6.44 -3.18
CA PHE A 123 -30.09 5.91 -2.04
C PHE A 123 -29.69 4.46 -2.25
N LYS A 124 -29.38 4.13 -3.50
CA LYS A 124 -28.77 2.84 -3.84
C LYS A 124 -27.65 3.10 -4.82
N TYR A 125 -26.49 2.48 -4.55
CA TYR A 125 -25.30 2.63 -5.39
C TYR A 125 -24.78 1.22 -5.64
N PRO A 126 -25.18 0.60 -6.75
CA PRO A 126 -24.73 -0.76 -7.03
C PRO A 126 -23.25 -0.77 -7.38
N ALA A 127 -22.60 -1.88 -7.04
CA ALA A 127 -21.19 -2.03 -7.36
C ALA A 127 -20.99 -1.99 -8.87
N LEU A 128 -20.40 -0.90 -9.36
CA LEU A 128 -20.19 -0.72 -10.79
C LEU A 128 -18.93 -1.49 -11.21
N ASN A 129 -19.10 -2.40 -12.16
CA ASN A 129 -17.98 -3.10 -12.78
C ASN A 129 -18.15 -2.92 -14.29
N VAL A 130 -17.36 -2.02 -14.87
CA VAL A 130 -17.47 -1.67 -16.28
C VAL A 130 -16.16 -2.03 -16.98
N THR A 131 -16.26 -2.44 -18.24
CA THR A 131 -15.10 -2.87 -19.02
C THR A 131 -15.11 -2.11 -20.34
N MET A 132 -13.98 -1.48 -20.67
CA MET A 132 -13.85 -0.69 -21.89
C MET A 132 -12.61 -1.16 -22.65
N PRO A 133 -12.78 -1.82 -23.79
CA PRO A 133 -11.62 -2.29 -24.55
C PRO A 133 -11.06 -1.21 -25.48
N ASN A 134 -9.76 -1.32 -25.72
CA ASN A 134 -9.03 -0.47 -26.65
C ASN A 134 -8.73 -1.28 -27.90
N ASN A 135 -9.60 -1.16 -28.90
CA ASN A 135 -9.39 -1.82 -30.19
C ASN A 135 -8.85 -0.83 -31.22
N GLU A 136 -7.91 0.02 -30.80
CA GLU A 136 -7.31 1.04 -31.65
C GLU A 136 -5.84 0.70 -31.88
N GLN A 137 -5.16 1.58 -32.60
CA GLN A 137 -3.74 1.41 -32.86
C GLN A 137 -2.86 2.30 -31.99
N PHE A 138 -3.46 3.19 -31.22
CA PHE A 138 -2.77 4.14 -30.36
C PHE A 138 -3.07 3.84 -28.90
N ASP A 139 -2.40 4.58 -28.04
CA ASP A 139 -2.56 4.43 -26.60
C ASP A 139 -3.62 5.39 -26.08
N LYS A 140 -4.47 4.88 -25.20
CA LYS A 140 -5.54 5.66 -24.61
C LYS A 140 -5.14 6.13 -23.21
N LEU A 141 -5.42 7.39 -22.91
CA LEU A 141 -5.18 7.96 -21.59
C LEU A 141 -6.53 8.27 -20.94
N TYR A 142 -6.81 7.61 -19.82
CA TYR A 142 -8.05 7.79 -19.08
C TYR A 142 -7.76 8.60 -17.82
N ILE A 143 -8.53 9.67 -17.62
CA ILE A 143 -8.44 10.52 -16.43
C ILE A 143 -9.67 10.27 -15.58
N TRP A 144 -9.46 9.82 -14.34
CA TRP A 144 -10.55 9.57 -13.41
C TRP A 144 -10.15 10.13 -12.05
N GLY A 145 -11.11 10.11 -11.11
CA GLY A 145 -10.91 10.74 -9.82
C GLY A 145 -11.57 9.98 -8.68
N VAL A 146 -11.24 10.39 -7.47
CA VAL A 146 -11.83 9.87 -6.24
C VAL A 146 -12.27 11.06 -5.40
N HIS A 147 -13.55 11.10 -5.02
CA HIS A 147 -14.09 12.21 -4.25
C HIS A 147 -13.93 11.91 -2.76
N HIS A 148 -13.45 12.89 -2.01
CA HIS A 148 -13.23 12.78 -0.57
C HIS A 148 -14.24 13.67 0.13
N PRO A 149 -15.34 13.13 0.63
CA PRO A 149 -16.29 14.00 1.33
C PRO A 149 -15.90 14.51 2.71
N VAL A 150 -16.55 15.54 3.19
CA VAL A 150 -16.23 16.12 4.46
C VAL A 150 -16.64 15.31 5.64
N THR A 151 -17.85 14.80 5.61
CA THR A 151 -18.35 14.04 6.71
C THR A 151 -18.85 12.72 6.28
N ASP A 152 -19.37 11.96 7.23
CA ASP A 152 -19.96 10.68 6.97
C ASP A 152 -21.36 10.89 6.53
N LYS A 153 -21.93 12.01 6.91
CA LYS A 153 -23.27 12.40 6.46
C LYS A 153 -23.28 12.66 4.97
N ASP A 154 -22.26 13.34 4.44
CA ASP A 154 -22.19 13.55 3.00
C ASP A 154 -21.79 12.28 2.27
N GLN A 155 -20.89 11.50 2.87
CA GLN A 155 -20.54 10.20 2.29
C GLN A 155 -21.76 9.35 2.00
N ILE A 156 -22.70 9.29 2.95
CA ILE A 156 -23.91 8.49 2.75
C ILE A 156 -24.86 9.15 1.76
N PHE A 157 -25.06 10.47 1.86
CA PHE A 157 -26.00 11.13 0.97
C PHE A 157 -25.51 11.20 -0.46
N LEU A 158 -24.21 11.06 -0.69
CA LEU A 158 -23.69 11.02 -2.05
C LEU A 158 -23.61 9.60 -2.61
N TYR A 159 -23.20 8.62 -1.80
CA TYR A 159 -22.93 7.28 -2.32
C TYR A 159 -23.65 6.17 -1.57
N ALA A 160 -24.42 6.48 -0.52
CA ALA A 160 -25.26 5.51 0.18
C ALA A 160 -24.46 4.33 0.72
N GLN A 161 -23.19 4.57 1.05
CA GLN A 161 -22.31 3.55 1.61
C GLN A 161 -21.37 4.26 2.56
N PRO A 162 -21.06 3.65 3.72
CA PRO A 162 -20.15 4.31 4.66
C PRO A 162 -18.76 4.53 4.12
N SER A 163 -18.34 3.77 3.11
CA SER A 163 -17.03 3.96 2.50
C SER A 163 -17.02 3.31 1.12
N GLY A 164 -16.58 4.07 0.12
CA GLY A 164 -16.43 3.52 -1.21
C GLY A 164 -15.05 2.93 -1.43
N ARG A 165 -14.91 2.22 -2.54
CA ARG A 165 -13.62 1.70 -2.95
C ARG A 165 -13.59 1.75 -4.46
N ILE A 166 -12.44 2.14 -5.02
CA ILE A 166 -12.30 2.29 -6.46
C ILE A 166 -11.11 1.45 -6.90
N THR A 167 -11.30 0.66 -7.95
CA THR A 167 -10.21 -0.14 -8.51
C THR A 167 -10.24 -0.01 -10.03
N VAL A 168 -9.20 0.59 -10.58
CA VAL A 168 -9.03 0.71 -12.02
C VAL A 168 -7.81 -0.11 -12.39
N SER A 169 -7.99 -1.07 -13.30
CA SER A 169 -6.95 -2.03 -13.61
C SER A 169 -6.92 -2.29 -15.11
N THR A 170 -5.79 -2.82 -15.54
CA THR A 170 -5.66 -3.34 -16.88
C THR A 170 -5.07 -4.75 -16.71
N LYS A 171 -4.57 -5.37 -17.77
CA LYS A 171 -3.87 -6.64 -17.61
C LYS A 171 -2.43 -6.47 -17.17
N ARG A 172 -2.05 -5.23 -16.84
CA ARG A 172 -0.67 -4.87 -16.52
C ARG A 172 -0.53 -4.04 -15.24
N SER A 173 -1.53 -3.23 -14.92
CA SER A 173 -1.46 -2.37 -13.76
C SER A 173 -2.76 -2.47 -12.97
N GLN A 174 -2.70 -1.99 -11.73
CA GLN A 174 -3.86 -1.95 -10.85
C GLN A 174 -3.76 -0.73 -9.96
N GLN A 175 -4.86 0.01 -9.86
CA GLN A 175 -4.92 1.23 -9.05
C GLN A 175 -6.14 1.09 -8.13
N ALA A 176 -5.89 1.00 -6.83
CA ALA A 176 -6.94 0.88 -5.83
C ALA A 176 -6.84 2.06 -4.87
N VAL A 177 -7.94 2.78 -4.71
CA VAL A 177 -7.98 3.99 -3.90
C VAL A 177 -9.12 3.88 -2.89
N ILE A 178 -8.86 4.30 -1.67
CA ILE A 178 -9.88 4.42 -0.63
C ILE A 178 -10.07 5.91 -0.35
N PRO A 179 -11.29 6.42 -0.32
CA PRO A 179 -11.49 7.83 0.00
C PRO A 179 -11.10 8.15 1.44
N ASN A 180 -10.70 9.39 1.65
CA ASN A 180 -10.31 9.89 2.97
C ASN A 180 -11.33 10.94 3.39
N ILE A 181 -12.26 10.54 4.26
CA ILE A 181 -13.30 11.44 4.71
C ILE A 181 -12.73 12.37 5.78
N GLY A 182 -12.98 13.67 5.62
CA GLY A 182 -12.53 14.64 6.59
C GLY A 182 -12.67 16.04 6.04
N PHE A 183 -12.48 17.00 6.94
CA PHE A 183 -12.58 18.41 6.60
C PHE A 183 -11.25 18.91 6.06
N ARG A 184 -11.32 19.82 5.10
CA ARG A 184 -10.16 20.52 4.57
C ARG A 184 -10.52 22.00 4.44
N PRO A 185 -9.51 22.88 4.42
CA PRO A 185 -9.81 24.31 4.27
C PRO A 185 -10.65 24.59 3.03
N ARG A 186 -11.57 25.54 3.18
CA ARG A 186 -12.58 25.78 2.14
C ARG A 186 -11.95 26.51 0.96
N ILE A 187 -11.89 25.84 -0.18
CA ILE A 187 -11.47 26.46 -1.45
C ILE A 187 -12.73 26.72 -2.26
N ARG A 188 -13.01 28.00 -2.54
CA ARG A 188 -14.28 28.41 -3.16
C ARG A 188 -15.47 27.89 -2.38
N ASN A 189 -15.34 27.89 -1.04
CA ASN A 189 -16.38 27.46 -0.10
C ASN A 189 -16.68 25.97 -0.25
N ILE A 190 -15.63 25.16 -0.50
CA ILE A 190 -15.83 23.72 -0.58
C ILE A 190 -14.76 23.05 0.27
N PRO A 191 -15.14 22.36 1.34
CA PRO A 191 -14.15 21.66 2.16
C PRO A 191 -13.89 20.21 1.76
N SER A 192 -14.50 19.73 0.68
CA SER A 192 -14.17 18.44 0.11
C SER A 192 -13.13 18.61 -0.99
N ARG A 193 -12.57 17.49 -1.44
CA ARG A 193 -11.53 17.51 -2.46
C ARG A 193 -11.71 16.32 -3.38
N ILE A 194 -11.01 16.37 -4.52
CA ILE A 194 -10.98 15.27 -5.48
C ILE A 194 -9.53 14.95 -5.79
N SER A 195 -9.19 13.66 -5.78
CA SER A 195 -7.86 13.20 -6.17
C SER A 195 -7.91 12.65 -7.59
N ILE A 196 -7.00 13.12 -8.44
CA ILE A 196 -6.97 12.76 -9.85
C ILE A 196 -5.95 11.66 -10.08
N TYR A 197 -6.33 10.65 -10.86
CA TYR A 197 -5.46 9.56 -11.25
C TYR A 197 -5.61 9.34 -12.75
N TRP A 198 -4.62 8.68 -13.34
CA TRP A 198 -4.65 8.41 -14.77
C TRP A 198 -4.22 6.98 -15.03
N THR A 199 -4.68 6.44 -16.15
CA THR A 199 -4.33 5.08 -16.57
C THR A 199 -4.11 5.06 -18.08
N ILE A 200 -3.07 4.38 -18.51
CA ILE A 200 -2.75 4.23 -19.93
C ILE A 200 -3.13 2.83 -20.37
N VAL A 201 -3.88 2.74 -21.46
CA VAL A 201 -4.29 1.46 -22.06
C VAL A 201 -3.73 1.38 -23.47
N LYS A 202 -3.06 0.26 -23.76
CA LYS A 202 -2.40 -0.02 -25.02
C LYS A 202 -3.30 -0.83 -25.95
N PRO A 203 -3.01 -0.85 -27.25
CA PRO A 203 -3.81 -1.66 -28.18
C PRO A 203 -3.89 -3.12 -27.75
N GLY A 204 -5.09 -3.68 -27.84
CA GLY A 204 -5.33 -5.03 -27.40
C GLY A 204 -5.63 -5.19 -25.93
N ASP A 205 -5.50 -4.11 -25.16
CA ASP A 205 -5.69 -4.16 -23.72
C ASP A 205 -7.06 -3.61 -23.34
N ILE A 206 -7.50 -3.93 -22.13
CA ILE A 206 -8.84 -3.59 -21.66
C ILE A 206 -8.74 -2.76 -20.39
N LEU A 207 -9.58 -1.75 -20.29
CA LEU A 207 -9.71 -0.95 -19.07
C LEU A 207 -10.83 -1.54 -18.20
N LEU A 208 -10.49 -1.83 -16.94
CA LEU A 208 -11.43 -2.42 -16.00
C LEU A 208 -11.57 -1.48 -14.81
N ILE A 209 -12.81 -1.10 -14.49
CA ILE A 209 -13.09 -0.17 -13.41
C ILE A 209 -14.12 -0.80 -12.48
N ASN A 210 -13.72 -1.02 -11.23
CA ASN A 210 -14.62 -1.45 -10.16
C ASN A 210 -14.75 -0.33 -9.15
N SER A 211 -15.98 0.04 -8.83
CA SER A 211 -16.21 1.09 -7.84
C SER A 211 -17.50 0.78 -7.09
N THR A 212 -17.45 0.96 -5.77
CA THR A 212 -18.63 0.90 -4.93
C THR A 212 -19.06 2.29 -4.47
N GLY A 213 -18.37 3.32 -4.93
CA GLY A 213 -18.71 4.69 -4.57
C GLY A 213 -17.51 5.58 -4.72
N ASN A 214 -17.78 6.89 -4.67
CA ASN A 214 -16.78 7.96 -4.69
C ASN A 214 -15.99 8.04 -5.99
N LEU A 215 -16.52 7.51 -7.09
CA LEU A 215 -15.81 7.50 -8.36
C LEU A 215 -16.17 8.73 -9.17
N ILE A 216 -15.15 9.52 -9.56
CA ILE A 216 -15.32 10.58 -10.53
C ILE A 216 -14.93 9.96 -11.88
N ALA A 217 -15.94 9.51 -12.61
CA ALA A 217 -15.77 8.65 -13.77
C ALA A 217 -15.31 9.43 -15.00
N PRO A 218 -14.58 8.78 -15.90
CA PRO A 218 -14.23 9.42 -17.18
C PRO A 218 -15.38 9.36 -18.16
N ARG A 219 -15.38 10.32 -19.09
CA ARG A 219 -16.32 10.34 -20.19
C ARG A 219 -15.70 9.83 -21.48
N GLY A 220 -14.49 9.32 -21.43
CA GLY A 220 -13.78 8.87 -22.61
C GLY A 220 -12.28 8.86 -22.35
N TYR A 221 -11.51 8.99 -23.43
CA TYR A 221 -10.06 8.88 -23.38
C TYR A 221 -9.42 10.01 -24.17
N PHE A 222 -8.20 10.36 -23.77
CA PHE A 222 -7.34 11.24 -24.56
C PHE A 222 -6.39 10.39 -25.38
N LYS A 223 -6.20 10.78 -26.64
CA LYS A 223 -5.25 10.07 -27.49
C LYS A 223 -3.83 10.46 -27.09
N ILE A 224 -2.96 9.46 -26.95
CA ILE A 224 -1.56 9.69 -26.58
C ILE A 224 -0.70 9.65 -27.83
N ARG A 225 0.17 10.65 -27.98
CA ARG A 225 1.08 10.72 -29.11
C ARG A 225 2.51 10.85 -28.58
N SER A 226 3.46 10.53 -29.46
CA SER A 226 4.88 10.65 -29.16
C SER A 226 5.50 11.73 -30.03
N GLY A 227 6.28 12.62 -29.42
CA GLY A 227 6.92 13.67 -30.18
C GLY A 227 7.78 14.54 -29.28
N LYS A 228 8.21 15.67 -29.85
CA LYS A 228 9.07 16.62 -29.15
C LYS A 228 8.28 17.78 -28.54
N SER A 229 6.98 17.59 -28.33
CA SER A 229 6.18 18.60 -27.66
C SER A 229 6.56 18.67 -26.18
N SER A 230 6.43 19.85 -25.60
CA SER A 230 6.80 20.05 -24.20
C SER A 230 6.02 21.25 -23.67
N ILE A 231 6.29 21.60 -22.42
CA ILE A 231 5.61 22.67 -21.72
C ILE A 231 6.66 23.55 -21.06
N MET A 232 6.35 24.83 -20.92
CA MET A 232 7.30 25.79 -20.40
C MET A 232 6.54 26.88 -19.64
N ARG A 233 7.06 27.27 -18.48
CA ARG A 233 6.49 28.34 -17.69
C ARG A 233 7.17 29.65 -18.07
N SER A 234 6.36 30.63 -18.49
CA SER A 234 6.89 31.92 -18.91
C SER A 234 5.76 32.94 -18.91
N ASP A 235 6.08 34.18 -18.56
CA ASP A 235 5.16 35.29 -18.68
C ASP A 235 5.54 36.22 -19.82
N ALA A 236 6.34 35.74 -20.77
CA ALA A 236 6.73 36.55 -21.91
C ALA A 236 5.61 36.56 -22.94
N PRO A 237 5.33 37.71 -23.55
CA PRO A 237 4.28 37.76 -24.58
C PRO A 237 4.67 36.95 -25.80
N ILE A 238 3.65 36.47 -26.51
CA ILE A 238 3.85 35.74 -27.75
C ILE A 238 3.83 36.74 -28.90
N GLY A 239 4.84 36.65 -29.78
CA GLY A 239 4.98 37.63 -30.83
C GLY A 239 5.03 37.04 -32.22
N LYS A 240 4.82 37.90 -33.23
CA LYS A 240 4.83 37.50 -34.64
C LYS A 240 6.26 37.57 -35.16
N CYS A 241 7.01 36.49 -34.95
CA CYS A 241 8.35 36.35 -35.51
C CYS A 241 8.65 34.87 -35.71
N LYS A 242 9.92 34.56 -35.96
CA LYS A 242 10.34 33.20 -36.23
C LYS A 242 11.70 32.96 -35.58
N SER A 243 11.78 31.94 -34.72
CA SER A 243 13.00 31.63 -33.99
C SER A 243 12.91 30.19 -33.49
N GLU A 244 13.97 29.42 -33.70
CA GLU A 244 14.00 28.01 -33.28
C GLU A 244 14.60 27.82 -31.89
N CYS A 245 14.54 28.83 -31.03
CA CYS A 245 15.01 28.67 -29.66
C CYS A 245 14.18 29.55 -28.76
N ILE A 246 13.49 28.92 -27.81
CA ILE A 246 12.60 29.59 -26.88
C ILE A 246 13.13 29.40 -25.47
N THR A 247 13.15 30.48 -24.70
CA THR A 247 13.48 30.46 -23.29
C THR A 247 12.37 31.19 -22.55
N PRO A 248 12.20 30.93 -21.26
CA PRO A 248 11.15 31.64 -20.50
C PRO A 248 11.24 33.15 -20.59
N ASN A 249 12.43 33.71 -20.84
CA ASN A 249 12.61 35.13 -20.99
C ASN A 249 12.34 35.61 -22.42
N GLY A 250 12.08 34.68 -23.34
CA GLY A 250 11.80 34.98 -24.72
C GLY A 250 12.69 34.20 -25.65
N SER A 251 12.47 34.41 -26.95
CA SER A 251 13.27 33.73 -27.97
C SER A 251 14.66 34.35 -28.05
N ILE A 252 15.67 33.50 -28.25
CA ILE A 252 17.04 33.97 -28.40
C ILE A 252 17.57 33.47 -29.74
N PRO A 253 18.52 34.15 -30.36
CA PRO A 253 19.16 33.59 -31.55
C PRO A 253 20.17 32.52 -31.17
N ASN A 254 20.38 31.59 -32.10
CA ASN A 254 21.26 30.44 -31.88
C ASN A 254 22.55 30.57 -32.68
N ASP A 255 23.09 31.79 -32.74
CA ASP A 255 24.36 32.01 -33.41
C ASP A 255 25.51 31.50 -32.54
N LYS A 256 25.59 32.01 -31.33
CA LYS A 256 26.65 31.66 -30.40
C LYS A 256 26.49 30.20 -29.96
N PRO A 257 27.60 29.52 -29.66
CA PRO A 257 27.47 28.16 -29.12
C PRO A 257 27.04 28.11 -27.67
N PHE A 258 27.06 29.24 -26.96
CA PHE A 258 26.72 29.29 -25.54
C PHE A 258 25.64 30.36 -25.34
N GLN A 259 24.95 30.26 -24.20
CA GLN A 259 23.94 31.24 -23.84
C GLN A 259 23.82 31.28 -22.32
N ASN A 260 23.51 32.46 -21.78
CA ASN A 260 23.35 32.63 -20.34
C ASN A 260 22.00 33.22 -19.97
N VAL A 261 21.03 33.20 -20.89
CA VAL A 261 19.75 33.82 -20.62
C VAL A 261 18.97 33.00 -19.60
N ASN A 262 18.89 31.69 -19.82
CA ASN A 262 18.20 30.76 -18.94
C ASN A 262 18.49 29.34 -19.42
N ARG A 263 18.53 28.40 -18.46
CA ARG A 263 18.84 27.01 -18.79
C ARG A 263 17.68 26.32 -19.50
N ILE A 264 16.45 26.68 -19.15
CA ILE A 264 15.31 26.00 -19.73
C ILE A 264 15.14 26.53 -21.13
N THR A 265 15.32 25.65 -22.11
CA THR A 265 15.24 26.02 -23.51
C THR A 265 14.42 24.98 -24.25
N TYR A 266 13.90 25.37 -25.40
CA TYR A 266 13.14 24.47 -26.26
C TYR A 266 13.61 24.65 -27.70
N GLY A 267 13.94 23.55 -28.35
CA GLY A 267 14.43 23.57 -29.71
C GLY A 267 15.94 23.48 -29.78
N ALA A 268 16.46 23.79 -30.97
CA ALA A 268 17.89 23.79 -31.23
C ALA A 268 18.48 25.05 -30.62
N CYS A 269 19.00 24.95 -29.41
CA CYS A 269 19.50 26.08 -28.65
C CYS A 269 20.98 25.92 -28.33
N PRO A 270 21.67 27.03 -28.03
CA PRO A 270 23.05 26.94 -27.53
C PRO A 270 23.10 26.39 -26.10
N ARG A 271 24.28 25.93 -25.72
CA ARG A 271 24.49 25.43 -24.38
C ARG A 271 24.41 26.57 -23.38
N TYR A 272 24.13 26.23 -22.13
CA TYR A 272 23.99 27.25 -21.10
C TYR A 272 25.31 27.48 -20.38
N VAL A 273 25.55 28.73 -20.03
CA VAL A 273 26.68 29.13 -19.19
C VAL A 273 26.17 30.09 -18.13
N LYS A 274 26.73 29.98 -16.92
CA LYS A 274 26.26 30.78 -15.78
C LYS A 274 26.40 32.28 -15.99
N GLN A 275 27.54 32.85 -15.55
CA GLN A 275 27.83 34.28 -15.65
C GLN A 275 26.71 35.05 -14.94
N SER A 276 25.99 35.93 -15.61
CA SER A 276 24.97 36.74 -14.95
C SER A 276 23.58 36.31 -15.35
N ALA B 3 -1.72 0.56 14.69
CA ALA B 3 -3.02 0.52 15.35
C ALA B 3 -3.73 1.88 15.28
N THR B 4 -3.32 2.69 14.30
CA THR B 4 -3.90 4.03 14.11
C THR B 4 -4.61 4.12 12.76
N GLU B 5 -3.87 4.09 11.66
CA GLU B 5 -4.42 4.19 10.32
C GLU B 5 -5.19 2.94 9.89
N LEU B 6 -5.08 1.84 10.65
CA LEU B 6 -5.67 0.57 10.26
C LEU B 6 -6.74 0.08 11.23
N VAL B 7 -7.28 0.95 12.07
CA VAL B 7 -8.38 0.59 12.95
C VAL B 7 -9.57 1.49 12.66
N GLN B 8 -10.71 0.88 12.34
CA GLN B 8 -11.95 1.62 12.15
C GLN B 8 -12.50 2.06 13.50
N ASN B 9 -12.62 3.37 13.72
CA ASN B 9 -12.94 3.90 15.03
C ASN B 9 -14.28 4.62 15.11
N SER B 10 -15.05 4.66 14.02
CA SER B 10 -16.29 5.43 14.01
C SER B 10 -17.35 4.67 13.21
N SER B 11 -18.58 5.16 13.30
CA SER B 11 -19.70 4.65 12.53
C SER B 11 -20.56 5.81 12.09
N ILE B 12 -21.52 5.52 11.20
CA ILE B 12 -22.41 6.56 10.68
C ILE B 12 -23.60 6.80 11.58
N GLY B 13 -23.70 6.11 12.71
CA GLY B 13 -24.85 6.27 13.59
C GLY B 13 -26.14 5.68 13.08
N GLU B 14 -26.10 4.90 12.00
CA GLU B 14 -27.29 4.26 11.45
C GLU B 14 -26.95 2.84 11.05
N ILE B 15 -27.95 1.97 11.13
CA ILE B 15 -27.84 0.61 10.61
C ILE B 15 -28.43 0.63 9.20
N CYS B 16 -27.60 0.32 8.21
CA CYS B 16 -28.07 0.34 6.83
C CYS B 16 -29.00 -0.85 6.59
N ASP B 17 -30.14 -0.58 5.95
CA ASP B 17 -31.13 -1.61 5.68
C ASP B 17 -30.74 -2.53 4.54
N SER B 18 -29.49 -2.48 4.08
CA SER B 18 -29.04 -3.26 2.94
C SER B 18 -27.59 -3.65 3.19
N PRO B 19 -27.15 -4.84 2.73
CA PRO B 19 -27.91 -5.81 1.94
C PRO B 19 -28.72 -6.81 2.78
N HIS B 20 -28.60 -6.73 4.09
CA HIS B 20 -29.30 -7.65 4.98
C HIS B 20 -30.71 -7.15 5.25
N GLN B 21 -31.66 -8.07 5.26
CA GLN B 21 -33.04 -7.73 5.58
C GLN B 21 -33.14 -7.42 7.07
N ILE B 22 -33.41 -6.15 7.39
CA ILE B 22 -33.47 -5.69 8.77
C ILE B 22 -34.93 -5.66 9.21
N LEU B 23 -35.20 -6.18 10.39
CA LEU B 23 -36.53 -6.13 11.00
C LEU B 23 -36.44 -5.36 12.31
N ASP B 24 -36.90 -4.12 12.29
CA ASP B 24 -36.93 -3.32 13.50
C ASP B 24 -38.03 -3.81 14.43
N GLY B 25 -37.74 -3.85 15.73
CA GLY B 25 -38.69 -4.36 16.69
C GLY B 25 -39.60 -3.31 17.27
N GLU B 26 -39.21 -2.04 17.18
CA GLU B 26 -39.94 -0.95 17.82
C GLU B 26 -40.17 -1.24 19.30
N ASN B 27 -41.42 -1.39 19.69
CA ASN B 27 -41.77 -1.65 21.09
C ASN B 27 -41.88 -3.14 21.41
N CYS B 28 -41.39 -4.01 20.54
CA CYS B 28 -41.57 -5.45 20.70
C CYS B 28 -40.22 -6.15 20.77
N THR B 29 -40.13 -7.13 21.66
CA THR B 29 -39.02 -8.07 21.65
C THR B 29 -39.36 -9.23 20.72
N LEU B 30 -38.36 -10.06 20.44
CA LEU B 30 -38.58 -11.19 19.55
C LEU B 30 -39.53 -12.20 20.18
N ILE B 31 -39.42 -12.41 21.49
CA ILE B 31 -40.26 -13.39 22.16
C ILE B 31 -41.70 -12.91 22.24
N ASP B 32 -41.91 -11.61 22.49
CA ASP B 32 -43.26 -11.07 22.51
C ASP B 32 -43.93 -11.21 21.15
N ALA B 33 -43.18 -10.95 20.07
CA ALA B 33 -43.72 -11.16 18.74
C ALA B 33 -43.92 -12.63 18.45
N LEU B 34 -43.12 -13.51 19.06
CA LEU B 34 -43.30 -14.94 18.87
C LEU B 34 -44.60 -15.42 19.53
N LEU B 35 -44.85 -15.00 20.77
CA LEU B 35 -46.04 -15.43 21.50
C LEU B 35 -47.31 -14.84 20.90
N GLY B 36 -47.26 -13.57 20.50
CA GLY B 36 -48.43 -12.93 19.93
C GLY B 36 -49.01 -11.84 20.80
N ASP B 37 -48.13 -11.02 21.37
CA ASP B 37 -48.57 -9.84 22.10
C ASP B 37 -49.39 -8.95 21.15
N PRO B 38 -50.55 -8.45 21.58
CA PRO B 38 -51.40 -7.67 20.66
C PRO B 38 -50.70 -6.48 20.02
N GLN B 39 -49.73 -5.87 20.70
CA GLN B 39 -48.97 -4.78 20.10
C GLN B 39 -48.00 -5.27 19.03
N CYS B 40 -47.71 -6.56 19.00
CA CYS B 40 -46.75 -7.13 18.07
C CYS B 40 -47.41 -7.94 16.95
N ASP B 41 -48.70 -7.72 16.71
CA ASP B 41 -49.39 -8.52 15.70
C ASP B 41 -48.97 -8.18 14.28
N GLY B 42 -48.26 -7.06 14.09
CA GLY B 42 -47.74 -6.73 12.78
C GLY B 42 -46.55 -7.56 12.35
N PHE B 43 -45.91 -8.24 13.30
CA PHE B 43 -44.72 -9.03 13.00
C PHE B 43 -45.04 -10.47 12.62
N GLN B 44 -46.32 -10.81 12.46
CA GLN B 44 -46.71 -12.20 12.23
C GLN B 44 -46.22 -12.66 10.86
N ASN B 45 -45.55 -13.82 10.84
CA ASN B 45 -45.02 -14.44 9.63
C ASN B 45 -44.01 -13.56 8.92
N LYS B 46 -43.34 -12.67 9.66
CA LYS B 46 -42.30 -11.85 9.07
C LYS B 46 -40.96 -12.56 9.12
N LYS B 47 -40.09 -12.21 8.18
CA LYS B 47 -38.77 -12.80 8.03
C LYS B 47 -37.72 -11.72 8.28
N TRP B 48 -36.48 -12.16 8.51
CA TRP B 48 -35.42 -11.20 8.76
C TRP B 48 -34.06 -11.87 8.60
N ASP B 49 -33.06 -11.04 8.33
CA ASP B 49 -31.66 -11.42 8.45
C ASP B 49 -31.04 -10.97 9.76
N LEU B 50 -31.48 -9.82 10.28
CA LEU B 50 -31.04 -9.33 11.58
C LEU B 50 -32.22 -8.65 12.26
N PHE B 51 -32.65 -9.22 13.38
CA PHE B 51 -33.70 -8.61 14.19
C PHE B 51 -33.06 -7.63 15.16
N VAL B 52 -33.57 -6.40 15.18
CA VAL B 52 -33.04 -5.33 16.01
C VAL B 52 -33.99 -5.11 17.17
N GLU B 53 -33.56 -5.48 18.38
CA GLU B 53 -34.34 -5.25 19.58
C GLU B 53 -33.99 -3.90 20.20
N ARG B 54 -35.03 -3.17 20.59
CA ARG B 54 -34.86 -1.83 21.16
C ARG B 54 -34.89 -1.91 22.68
N SER B 55 -34.22 -0.95 23.32
CA SER B 55 -34.25 -0.91 24.77
C SER B 55 -35.59 -0.41 25.30
N LYS B 56 -36.40 0.25 24.46
CA LYS B 56 -37.71 0.73 24.86
C LYS B 56 -38.79 -0.34 24.78
N ALA B 57 -38.45 -1.55 24.34
CA ALA B 57 -39.46 -2.59 24.18
C ALA B 57 -40.04 -2.99 25.52
N TYR B 58 -41.32 -3.35 25.52
CA TYR B 58 -42.03 -3.69 26.73
C TYR B 58 -43.15 -4.67 26.41
N SER B 59 -43.47 -5.51 27.40
CA SER B 59 -44.59 -6.44 27.30
C SER B 59 -45.87 -5.76 27.74
N ASN B 60 -46.99 -6.17 27.13
CA ASN B 60 -48.29 -5.57 27.44
C ASN B 60 -49.40 -6.62 27.34
N CYS B 61 -49.10 -7.86 27.74
CA CYS B 61 -50.09 -8.92 27.76
C CYS B 61 -50.10 -9.59 29.13
N TYR B 62 -50.38 -10.89 29.17
CA TYR B 62 -50.37 -11.60 30.44
C TYR B 62 -48.93 -11.75 30.93
N PRO B 63 -48.66 -11.49 32.21
CA PRO B 63 -47.29 -11.60 32.72
C PRO B 63 -46.77 -13.03 32.61
N TYR B 64 -45.57 -13.17 32.07
CA TYR B 64 -44.98 -14.49 31.85
C TYR B 64 -43.49 -14.43 32.13
N ASP B 65 -42.89 -15.62 32.17
CA ASP B 65 -41.45 -15.78 32.24
C ASP B 65 -41.05 -17.01 31.44
N VAL B 66 -39.80 -17.01 30.98
CA VAL B 66 -39.31 -18.09 30.12
C VAL B 66 -38.07 -18.75 30.73
N PRO B 67 -38.17 -19.98 31.23
CA PRO B 67 -36.94 -20.75 31.50
C PRO B 67 -36.16 -20.91 30.20
N ASP B 68 -34.87 -20.54 30.25
CA ASP B 68 -34.04 -20.42 29.05
C ASP B 68 -34.61 -19.38 28.08
N TYR B 69 -34.73 -18.15 28.56
CA TYR B 69 -35.17 -17.07 27.69
C TYR B 69 -34.12 -16.83 26.60
N ALA B 70 -32.84 -16.94 26.95
CA ALA B 70 -31.77 -16.67 26.01
C ALA B 70 -31.69 -17.75 24.93
N SER B 71 -31.95 -19.00 25.31
CA SER B 71 -31.82 -20.09 24.34
C SER B 71 -32.96 -20.06 23.32
N LEU B 72 -34.18 -19.78 23.78
CA LEU B 72 -35.29 -19.67 22.85
C LEU B 72 -35.17 -18.43 21.97
N ARG B 73 -34.75 -17.30 22.57
CA ARG B 73 -34.53 -16.10 21.79
C ARG B 73 -33.46 -16.33 20.71
N SER B 74 -32.40 -17.05 21.06
CA SER B 74 -31.35 -17.33 20.09
C SER B 74 -31.82 -18.32 19.04
N LEU B 75 -32.61 -19.32 19.44
CA LEU B 75 -33.06 -20.34 18.51
C LEU B 75 -33.98 -19.74 17.44
N VAL B 76 -34.89 -18.87 17.84
CA VAL B 76 -35.82 -18.27 16.88
C VAL B 76 -35.11 -17.21 16.05
N ALA B 77 -34.21 -16.46 16.68
CA ALA B 77 -33.45 -15.44 15.94
C ALA B 77 -32.54 -16.08 14.89
N SER B 78 -31.90 -17.19 15.23
CA SER B 78 -31.06 -17.89 14.26
C SER B 78 -31.87 -18.68 13.24
N SER B 79 -33.20 -18.62 13.33
CA SER B 79 -34.08 -19.19 12.32
C SER B 79 -34.56 -18.16 11.31
N GLY B 80 -34.65 -16.89 11.72
CA GLY B 80 -34.94 -15.81 10.79
C GLY B 80 -36.35 -15.77 10.27
N THR B 81 -37.30 -16.29 11.05
CA THR B 81 -38.68 -16.34 10.56
C THR B 81 -39.63 -16.46 11.73
N LEU B 82 -40.86 -16.00 11.51
CA LEU B 82 -41.97 -16.18 12.44
C LEU B 82 -43.13 -16.86 11.73
N GLU B 83 -42.87 -17.58 10.65
CA GLU B 83 -43.95 -18.26 9.93
C GLU B 83 -44.55 -19.34 10.82
N PHE B 84 -45.87 -19.27 10.98
CA PHE B 84 -46.64 -20.10 11.89
C PHE B 84 -47.84 -20.67 11.15
N ASN B 85 -48.09 -21.96 11.35
CA ASN B 85 -49.23 -22.64 10.74
C ASN B 85 -50.14 -23.18 11.84
N ASN B 86 -51.42 -22.83 11.76
CA ASN B 86 -52.38 -23.33 12.74
C ASN B 86 -52.71 -24.79 12.45
N GLU B 87 -52.77 -25.58 13.51
CA GLU B 87 -53.09 -27.00 13.43
C GLU B 87 -54.29 -27.30 14.30
N SER B 88 -55.12 -28.24 13.84
CA SER B 88 -56.38 -28.56 14.50
C SER B 88 -56.12 -29.50 15.68
N PHE B 89 -55.65 -28.91 16.78
CA PHE B 89 -55.67 -29.62 18.04
C PHE B 89 -57.12 -29.75 18.50
N ASN B 90 -57.56 -30.97 18.80
CA ASN B 90 -58.95 -31.20 19.18
C ASN B 90 -59.00 -31.39 20.69
N TRP B 91 -59.24 -30.29 21.40
CA TRP B 91 -59.37 -30.30 22.86
C TRP B 91 -60.84 -30.45 23.22
N ASN B 92 -61.35 -31.67 23.13
CA ASN B 92 -62.75 -31.92 23.46
C ASN B 92 -62.90 -32.12 24.95
N GLY B 93 -63.79 -31.34 25.56
CA GLY B 93 -64.08 -31.42 26.98
C GLY B 93 -63.55 -30.27 27.81
N VAL B 94 -63.05 -29.21 27.17
CA VAL B 94 -62.51 -28.06 27.88
C VAL B 94 -63.04 -26.79 27.23
N THR B 95 -62.87 -25.67 27.93
CA THR B 95 -63.14 -24.36 27.38
C THR B 95 -61.85 -23.78 26.80
N GLN B 96 -61.95 -23.20 25.61
CA GLN B 96 -60.78 -22.66 24.93
C GLN B 96 -60.88 -21.14 24.81
N ASN B 97 -59.86 -20.57 24.16
CA ASN B 97 -59.79 -19.15 23.85
C ASN B 97 -59.97 -18.27 25.09
N GLY B 98 -59.26 -18.65 26.16
CA GLY B 98 -59.28 -17.86 27.37
C GLY B 98 -58.63 -16.50 27.16
N THR B 99 -59.21 -15.48 27.79
CA THR B 99 -58.75 -14.11 27.64
C THR B 99 -58.47 -13.51 29.02
N SER B 100 -57.90 -12.30 29.00
CA SER B 100 -57.54 -11.59 30.20
C SER B 100 -57.66 -10.10 29.96
N SER B 101 -57.93 -9.36 31.03
CA SER B 101 -57.99 -7.91 30.97
C SER B 101 -56.60 -7.28 30.93
N ALA B 102 -55.55 -8.07 31.16
CA ALA B 102 -54.17 -7.60 31.05
C ALA B 102 -53.63 -7.71 29.63
N CYS B 103 -54.38 -8.30 28.70
CA CYS B 103 -53.94 -8.51 27.33
C CYS B 103 -54.98 -7.92 26.39
N ILE B 104 -55.06 -6.59 26.36
CA ILE B 104 -56.12 -5.91 25.61
C ILE B 104 -55.75 -5.86 24.15
N ARG B 105 -56.69 -6.24 23.28
CA ARG B 105 -56.53 -6.12 21.84
C ARG B 105 -57.85 -5.65 21.25
N ARG B 106 -57.81 -4.51 20.56
CA ARG B 106 -59.02 -3.91 20.00
C ARG B 106 -60.03 -3.59 21.09
N SER B 107 -59.53 -3.02 22.19
CA SER B 107 -60.34 -2.61 23.33
C SER B 107 -61.13 -3.78 23.92
N ASN B 108 -60.57 -4.97 23.89
CA ASN B 108 -61.24 -6.16 24.40
C ASN B 108 -60.25 -7.08 25.09
N ASN B 109 -60.75 -7.82 26.08
CA ASN B 109 -59.93 -8.83 26.72
C ASN B 109 -59.48 -9.83 25.67
N SER B 110 -58.20 -10.20 25.71
CA SER B 110 -57.64 -11.08 24.70
C SER B 110 -56.50 -11.86 25.32
N PHE B 111 -55.68 -12.47 24.47
CA PHE B 111 -54.60 -13.33 24.92
C PHE B 111 -53.55 -13.38 23.80
N PHE B 112 -52.46 -14.09 24.06
CA PHE B 112 -51.46 -14.30 23.02
C PHE B 112 -52.10 -15.00 21.83
N SER B 113 -51.85 -14.46 20.63
CA SER B 113 -52.52 -14.98 19.43
C SER B 113 -52.10 -16.40 19.07
N ARG B 114 -50.93 -16.85 19.54
CA ARG B 114 -50.43 -18.19 19.22
C ARG B 114 -50.64 -19.19 20.35
N LEU B 115 -51.22 -18.78 21.47
CA LEU B 115 -51.45 -19.68 22.59
C LEU B 115 -52.94 -19.80 22.86
N ASN B 116 -53.32 -20.91 23.48
CA ASN B 116 -54.72 -21.25 23.72
C ASN B 116 -54.91 -21.56 25.20
N TRP B 117 -55.54 -20.64 25.92
CA TRP B 117 -55.77 -20.82 27.35
C TRP B 117 -56.96 -21.74 27.55
N LEU B 118 -56.69 -22.96 27.99
CA LEU B 118 -57.72 -23.97 28.20
C LEU B 118 -58.14 -24.01 29.66
N THR B 119 -59.44 -24.05 29.92
CA THR B 119 -59.98 -24.14 31.26
C THR B 119 -61.06 -25.22 31.28
N HIS B 120 -61.63 -25.46 32.46
CA HIS B 120 -62.61 -26.50 32.60
C HIS B 120 -63.90 -26.16 31.86
N LEU B 121 -64.66 -27.19 31.52
CA LEU B 121 -65.97 -27.06 30.89
C LEU B 121 -67.01 -27.56 31.88
N ASN B 122 -67.79 -26.63 32.44
CA ASN B 122 -68.78 -26.94 33.47
C ASN B 122 -68.14 -27.69 34.63
N PHE B 123 -66.98 -27.19 35.06
CA PHE B 123 -66.25 -27.70 36.22
C PHE B 123 -65.85 -29.17 36.03
N LYS B 124 -65.50 -29.53 34.81
CA LYS B 124 -64.89 -30.81 34.50
C LYS B 124 -63.74 -30.58 33.54
N TYR B 125 -62.60 -31.19 33.83
CA TYR B 125 -61.40 -31.07 33.01
C TYR B 125 -60.83 -32.47 32.77
N PRO B 126 -61.17 -33.11 31.65
CA PRO B 126 -60.67 -34.46 31.39
C PRO B 126 -59.18 -34.45 31.11
N ALA B 127 -58.52 -35.56 31.47
CA ALA B 127 -57.09 -35.73 31.21
C ALA B 127 -56.83 -35.67 29.70
N LEU B 128 -56.24 -34.57 29.24
CA LEU B 128 -55.99 -34.37 27.82
C LEU B 128 -54.74 -35.13 27.39
N ASN B 129 -54.90 -35.94 26.34
CA ASN B 129 -53.82 -36.69 25.72
C ASN B 129 -54.00 -36.41 24.22
N VAL B 130 -53.15 -35.56 23.66
CA VAL B 130 -53.29 -35.18 22.27
C VAL B 130 -52.05 -35.62 21.51
N THR B 131 -52.25 -36.00 20.25
CA THR B 131 -51.18 -36.51 19.39
C THR B 131 -51.16 -35.70 18.10
N MET B 132 -50.01 -35.14 17.78
CA MET B 132 -49.85 -34.29 16.59
C MET B 132 -48.66 -34.78 15.79
N PRO B 133 -48.88 -35.32 14.59
CA PRO B 133 -47.75 -35.82 13.79
C PRO B 133 -47.06 -34.73 12.99
N ASN B 134 -45.76 -34.92 12.78
CA ASN B 134 -44.95 -34.08 11.93
C ASN B 134 -44.63 -34.92 10.69
N ASN B 135 -45.48 -34.80 9.68
CA ASN B 135 -45.30 -35.49 8.40
C ASN B 135 -44.76 -34.55 7.33
N GLU B 136 -43.85 -33.67 7.72
CA GLU B 136 -43.26 -32.69 6.82
C GLU B 136 -41.79 -33.01 6.64
N GLN B 137 -41.09 -32.17 5.88
CA GLN B 137 -39.65 -32.31 5.71
C GLN B 137 -38.85 -31.32 6.56
N PHE B 138 -39.51 -30.40 7.24
CA PHE B 138 -38.85 -29.41 8.08
C PHE B 138 -39.19 -29.69 9.54
N ASP B 139 -38.51 -28.97 10.43
CA ASP B 139 -38.70 -29.12 11.86
C ASP B 139 -39.76 -28.15 12.36
N LYS B 140 -40.62 -28.65 13.24
CA LYS B 140 -41.70 -27.85 13.80
C LYS B 140 -41.30 -27.36 15.18
N LEU B 141 -41.58 -26.09 15.47
CA LEU B 141 -41.33 -25.51 16.77
C LEU B 141 -42.67 -25.22 17.44
N TYR B 142 -42.94 -25.89 18.55
CA TYR B 142 -44.17 -25.70 19.30
C TYR B 142 -43.87 -24.89 20.55
N ILE B 143 -44.63 -23.82 20.75
CA ILE B 143 -44.52 -22.99 21.94
C ILE B 143 -45.75 -23.25 22.79
N TRP B 144 -45.54 -23.70 24.02
CA TRP B 144 -46.63 -23.97 24.95
C TRP B 144 -46.26 -23.38 26.29
N GLY B 145 -47.22 -23.40 27.22
CA GLY B 145 -47.04 -22.75 28.50
C GLY B 145 -47.70 -23.52 29.62
N VAL B 146 -47.37 -23.10 30.85
CA VAL B 146 -47.95 -23.65 32.07
C VAL B 146 -48.39 -22.48 32.93
N HIS B 147 -49.66 -22.45 33.31
CA HIS B 147 -50.21 -21.36 34.09
C HIS B 147 -50.06 -21.65 35.59
N HIS B 148 -49.61 -20.65 36.34
CA HIS B 148 -49.41 -20.75 37.78
C HIS B 148 -50.42 -19.87 38.48
N PRO B 149 -51.57 -20.41 38.89
CA PRO B 149 -52.60 -19.58 39.52
C PRO B 149 -52.14 -19.06 40.89
N VAL B 150 -52.88 -18.07 41.38
CA VAL B 150 -52.50 -17.37 42.60
C VAL B 150 -52.85 -18.20 43.83
N THR B 151 -54.08 -18.69 43.90
CA THR B 151 -54.55 -19.47 45.03
C THR B 151 -55.02 -20.84 44.55
N ASP B 152 -55.34 -21.70 45.52
CA ASP B 152 -55.97 -22.98 45.18
C ASP B 152 -57.43 -22.79 44.77
N LYS B 153 -58.07 -21.73 45.24
CA LYS B 153 -59.44 -21.44 44.83
C LYS B 153 -59.49 -21.11 43.34
N ASP B 154 -58.47 -20.38 42.84
CA ASP B 154 -58.39 -20.14 41.41
C ASP B 154 -57.98 -21.41 40.66
N GLN B 155 -57.04 -22.18 41.23
CA GLN B 155 -56.69 -23.47 40.64
C GLN B 155 -57.93 -24.30 40.34
N ILE B 156 -58.86 -24.33 41.31
CA ILE B 156 -60.11 -25.05 41.10
C ILE B 156 -61.01 -24.30 40.13
N PHE B 157 -61.07 -22.98 40.25
CA PHE B 157 -61.97 -22.20 39.39
C PHE B 157 -61.52 -22.16 37.94
N LEU B 158 -60.23 -22.38 37.66
CA LEU B 158 -59.80 -22.48 36.27
C LEU B 158 -59.81 -23.92 35.74
N TYR B 159 -59.39 -24.90 36.55
CA TYR B 159 -59.18 -26.23 36.02
C TYR B 159 -59.91 -27.33 36.79
N ALA B 160 -60.66 -26.99 37.85
CA ALA B 160 -61.51 -27.94 38.57
C ALA B 160 -60.74 -29.13 39.11
N GLN B 161 -59.46 -28.93 39.46
CA GLN B 161 -58.64 -30.01 40.00
C GLN B 161 -57.67 -29.41 41.01
N PRO B 162 -57.40 -30.08 42.13
CA PRO B 162 -56.50 -29.51 43.13
C PRO B 162 -55.08 -29.31 42.63
N SER B 163 -54.64 -30.05 41.61
CA SER B 163 -53.31 -29.85 41.07
C SER B 163 -53.23 -30.45 39.67
N GLY B 164 -52.77 -29.64 38.72
CA GLY B 164 -52.52 -30.11 37.38
C GLY B 164 -51.08 -30.55 37.16
N ARG B 165 -50.84 -31.18 36.02
CA ARG B 165 -49.51 -31.59 35.59
C ARG B 165 -49.48 -31.53 34.08
N ILE B 166 -48.35 -31.08 33.51
CA ILE B 166 -48.21 -30.95 32.07
C ILE B 166 -47.00 -31.78 31.65
N THR B 167 -47.17 -32.61 30.62
CA THR B 167 -46.08 -33.41 30.10
C THR B 167 -46.12 -33.39 28.58
N VAL B 168 -45.08 -32.82 27.97
CA VAL B 168 -44.94 -32.75 26.52
C VAL B 168 -43.71 -33.56 26.14
N SER B 169 -43.90 -34.54 25.25
CA SER B 169 -42.85 -35.49 24.93
C SER B 169 -42.79 -35.77 23.43
N THR B 170 -41.64 -36.26 22.99
CA THR B 170 -41.48 -36.79 21.64
C THR B 170 -40.77 -38.14 21.76
N LYS B 171 -40.26 -38.66 20.65
CA LYS B 171 -39.43 -39.86 20.70
C LYS B 171 -37.98 -39.56 21.06
N ARG B 172 -37.66 -38.34 21.45
CA ARG B 172 -36.29 -37.95 21.77
C ARG B 172 -36.20 -37.23 23.12
N SER B 173 -37.23 -36.46 23.47
CA SER B 173 -37.22 -35.70 24.70
C SER B 173 -38.54 -35.86 25.42
N GLN B 174 -38.54 -35.49 26.69
CA GLN B 174 -39.74 -35.53 27.51
C GLN B 174 -39.64 -34.39 28.51
N GLN B 175 -40.72 -33.63 28.64
CA GLN B 175 -40.74 -32.43 29.47
C GLN B 175 -41.93 -32.50 30.42
N ALA B 176 -41.63 -32.51 31.72
CA ALA B 176 -42.65 -32.58 32.76
C ALA B 176 -42.56 -31.34 33.64
N VAL B 177 -43.68 -30.64 33.77
CA VAL B 177 -43.76 -29.39 34.52
C VAL B 177 -44.92 -29.50 35.51
N ILE B 178 -44.68 -29.04 36.73
CA ILE B 178 -45.71 -28.96 37.76
C ILE B 178 -45.99 -27.48 38.02
N PRO B 179 -47.25 -27.06 38.07
CA PRO B 179 -47.53 -25.67 38.41
C PRO B 179 -47.18 -25.40 39.86
N ASN B 180 -46.78 -24.15 40.12
CA ASN B 180 -46.45 -23.71 41.48
C ASN B 180 -47.43 -22.59 41.83
N ILE B 181 -48.42 -22.93 42.64
CA ILE B 181 -49.47 -21.98 43.02
C ILE B 181 -48.95 -21.06 44.12
N GLY B 182 -49.14 -19.76 43.95
CA GLY B 182 -48.71 -18.81 44.95
C GLY B 182 -48.77 -17.40 44.42
N PHE B 183 -48.56 -16.45 45.32
CA PHE B 183 -48.58 -15.04 44.97
C PHE B 183 -47.26 -14.58 44.39
N ARG B 184 -47.36 -13.66 43.43
CA ARG B 184 -46.24 -12.95 42.84
C ARG B 184 -46.64 -11.50 42.75
N PRO B 185 -45.66 -10.57 42.69
CA PRO B 185 -46.01 -9.15 42.57
C PRO B 185 -46.87 -8.91 41.34
N ARG B 186 -47.83 -8.00 41.48
CA ARG B 186 -48.83 -7.78 40.46
C ARG B 186 -48.22 -7.05 39.28
N ILE B 187 -48.15 -7.72 38.14
CA ILE B 187 -47.73 -7.10 36.88
C ILE B 187 -49.00 -6.85 36.07
N ARG B 188 -49.29 -5.57 35.82
CA ARG B 188 -50.56 -5.17 35.21
C ARG B 188 -51.74 -5.72 36.01
N ASN B 189 -51.59 -5.71 37.34
CA ASN B 189 -52.61 -6.16 38.29
C ASN B 189 -52.88 -7.66 38.16
N ILE B 190 -51.81 -8.43 37.89
CA ILE B 190 -51.95 -9.88 37.81
C ILE B 190 -50.88 -10.53 38.69
N PRO B 191 -51.28 -11.21 39.77
CA PRO B 191 -50.30 -11.91 40.61
C PRO B 191 -50.03 -13.35 40.22
N SER B 192 -50.64 -13.84 39.16
CA SER B 192 -50.32 -15.15 38.60
C SER B 192 -49.29 -15.00 37.48
N ARG B 193 -48.76 -16.12 37.03
CA ARG B 193 -47.74 -16.11 35.99
C ARG B 193 -47.94 -17.28 35.04
N ILE B 194 -47.26 -17.21 33.91
CA ILE B 194 -47.22 -18.27 32.91
C ILE B 194 -45.76 -18.57 32.62
N SER B 195 -45.41 -19.85 32.61
CA SER B 195 -44.06 -20.28 32.24
C SER B 195 -44.09 -20.82 30.81
N ILE B 196 -43.20 -20.31 29.97
CA ILE B 196 -43.18 -20.65 28.54
C ILE B 196 -42.13 -21.73 28.32
N TYR B 197 -42.50 -22.75 27.54
CA TYR B 197 -41.59 -23.82 27.14
C TYR B 197 -41.75 -24.07 25.65
N TRP B 198 -40.76 -24.71 25.06
CA TRP B 198 -40.79 -25.01 23.64
C TRP B 198 -40.34 -26.44 23.39
N THR B 199 -40.82 -27.01 22.29
CA THR B 199 -40.45 -28.36 21.88
C THR B 199 -40.30 -28.39 20.37
N ILE B 200 -39.24 -29.00 19.89
CA ILE B 200 -38.99 -29.19 18.46
C ILE B 200 -39.28 -30.64 18.11
N VAL B 201 -40.07 -30.87 17.06
CA VAL B 201 -40.36 -32.20 16.57
C VAL B 201 -39.80 -32.30 15.16
N LYS B 202 -39.10 -33.38 14.90
CA LYS B 202 -38.40 -33.60 13.64
C LYS B 202 -39.28 -34.39 12.69
N PRO B 203 -38.98 -34.38 11.39
CA PRO B 203 -39.77 -35.18 10.45
C PRO B 203 -39.82 -36.64 10.91
N GLY B 204 -41.02 -37.22 10.84
CA GLY B 204 -41.24 -38.58 11.31
C GLY B 204 -41.55 -38.69 12.78
N ASP B 205 -41.47 -37.59 13.54
CA ASP B 205 -41.68 -37.61 14.98
C ASP B 205 -43.07 -37.13 15.34
N ILE B 206 -43.46 -37.39 16.59
CA ILE B 206 -44.80 -37.14 17.08
C ILE B 206 -44.72 -36.20 18.27
N LEU B 207 -45.61 -35.21 18.32
CA LEU B 207 -45.74 -34.35 19.48
C LEU B 207 -46.81 -34.95 20.38
N LEU B 208 -46.45 -35.22 21.63
CA LEU B 208 -47.35 -35.84 22.59
C LEU B 208 -47.53 -34.92 23.79
N ILE B 209 -48.78 -34.63 24.14
CA ILE B 209 -49.10 -33.71 25.22
C ILE B 209 -50.06 -34.39 26.19
N ASN B 210 -49.63 -34.55 27.43
CA ASN B 210 -50.49 -35.01 28.51
C ASN B 210 -50.65 -33.86 29.51
N SER B 211 -51.89 -33.51 29.81
CA SER B 211 -52.15 -32.45 30.78
C SER B 211 -53.46 -32.75 31.50
N THR B 212 -53.46 -32.53 32.81
CA THR B 212 -54.67 -32.57 33.62
C THR B 212 -55.11 -31.18 34.04
N GLY B 213 -54.41 -30.15 33.58
CA GLY B 213 -54.75 -28.78 33.91
C GLY B 213 -53.54 -27.88 33.75
N ASN B 214 -53.81 -26.58 33.81
CA ASN B 214 -52.79 -25.54 33.78
C ASN B 214 -52.02 -25.47 32.47
N LEU B 215 -52.57 -26.04 31.40
CA LEU B 215 -51.87 -26.08 30.12
C LEU B 215 -52.24 -24.87 29.28
N ILE B 216 -51.23 -24.10 28.87
CA ILE B 216 -51.41 -23.05 27.88
C ILE B 216 -51.04 -23.67 26.54
N ALA B 217 -52.06 -24.11 25.80
CA ALA B 217 -51.87 -24.97 24.65
C ALA B 217 -51.41 -24.17 23.43
N PRO B 218 -50.66 -24.81 22.53
CA PRO B 218 -50.32 -24.16 21.26
C PRO B 218 -51.45 -24.25 20.26
N ARG B 219 -51.46 -23.30 19.34
CA ARG B 219 -52.42 -23.28 18.23
C ARG B 219 -51.83 -23.80 16.94
N GLY B 220 -50.60 -24.31 16.97
CA GLY B 220 -49.91 -24.78 15.79
C GLY B 220 -48.41 -24.76 16.03
N TYR B 221 -47.65 -24.65 14.94
CA TYR B 221 -46.21 -24.73 15.00
C TYR B 221 -45.59 -23.60 14.19
N PHE B 222 -44.37 -23.23 14.58
CA PHE B 222 -43.53 -22.33 13.79
C PHE B 222 -42.56 -23.15 12.95
N LYS B 223 -42.36 -22.73 11.71
CA LYS B 223 -41.38 -23.35 10.84
C LYS B 223 -39.98 -22.92 11.27
N ILE B 224 -39.08 -23.90 11.43
CA ILE B 224 -37.70 -23.64 11.83
C ILE B 224 -36.82 -23.67 10.60
N ARG B 225 -35.94 -22.69 10.47
CA ARG B 225 -34.99 -22.65 9.38
C ARG B 225 -33.56 -22.55 9.94
N SER B 226 -32.61 -22.91 9.09
CA SER B 226 -31.20 -22.81 9.39
C SER B 226 -30.59 -21.76 8.47
N GLY B 227 -29.83 -20.83 9.04
CA GLY B 227 -29.23 -19.79 8.23
C GLY B 227 -28.38 -18.87 9.08
N LYS B 228 -28.01 -17.74 8.48
CA LYS B 228 -27.15 -16.76 9.13
C LYS B 228 -27.93 -15.62 9.77
N SER B 229 -29.22 -15.82 10.03
CA SER B 229 -30.00 -14.81 10.73
C SER B 229 -29.56 -14.73 12.19
N SER B 230 -29.69 -13.55 12.76
CA SER B 230 -29.29 -13.32 14.15
C SER B 230 -30.09 -12.14 14.68
N ILE B 231 -29.82 -11.78 15.93
CA ILE B 231 -30.54 -10.71 16.62
C ILE B 231 -29.51 -9.81 17.30
N MET B 232 -29.84 -8.54 17.42
CA MET B 232 -28.91 -7.56 17.97
C MET B 232 -29.70 -6.48 18.71
N ARG B 233 -29.18 -6.09 19.87
CA ARG B 233 -29.78 -5.01 20.65
C ARG B 233 -29.09 -3.71 20.28
N SER B 234 -29.89 -2.72 19.87
CA SER B 234 -29.37 -1.44 19.43
C SER B 234 -30.51 -0.43 19.42
N ASP B 235 -30.17 0.82 19.75
CA ASP B 235 -31.11 1.93 19.65
C ASP B 235 -30.76 2.85 18.48
N ALA B 236 -29.97 2.36 17.53
CA ALA B 236 -29.58 3.15 16.37
C ALA B 236 -30.70 3.16 15.32
N PRO B 237 -30.95 4.30 14.70
CA PRO B 237 -31.99 4.35 13.66
C PRO B 237 -31.60 3.53 12.44
N ILE B 238 -32.63 3.10 11.71
CA ILE B 238 -32.43 2.38 10.46
C ILE B 238 -32.44 3.39 9.32
N GLY B 239 -31.45 3.31 8.44
CA GLY B 239 -31.32 4.26 7.36
C GLY B 239 -31.28 3.62 6.00
N LYS B 240 -31.51 4.41 4.95
CA LYS B 240 -31.47 3.91 3.57
C LYS B 240 -30.03 3.99 3.07
N CYS B 241 -29.25 2.96 3.35
CA CYS B 241 -27.90 2.85 2.81
C CYS B 241 -27.57 1.36 2.64
N LYS B 242 -26.30 1.07 2.41
CA LYS B 242 -25.85 -0.30 2.15
C LYS B 242 -24.50 -0.51 2.81
N SER B 243 -24.40 -1.56 3.63
CA SER B 243 -23.19 -1.82 4.39
C SER B 243 -23.18 -3.28 4.84
N GLU B 244 -22.03 -3.94 4.67
CA GLU B 244 -21.85 -5.33 5.07
C GLU B 244 -21.31 -5.48 6.49
N CYS B 245 -21.50 -4.48 7.34
CA CYS B 245 -21.07 -4.61 8.73
C CYS B 245 -21.95 -3.75 9.62
N ILE B 246 -22.63 -4.39 10.56
CA ILE B 246 -23.55 -3.72 11.47
C ILE B 246 -23.01 -3.88 12.89
N THR B 247 -23.04 -2.79 13.65
CA THR B 247 -22.70 -2.79 15.06
C THR B 247 -23.84 -2.13 15.80
N PRO B 248 -23.99 -2.39 17.10
CA PRO B 248 -25.06 -1.72 17.86
C PRO B 248 -25.00 -0.20 17.76
N ASN B 249 -23.82 0.36 17.51
CA ASN B 249 -23.66 1.79 17.33
C ASN B 249 -23.93 2.25 15.90
N GLY B 250 -24.18 1.33 14.98
CA GLY B 250 -24.43 1.66 13.60
C GLY B 250 -23.55 0.85 12.67
N SER B 251 -23.75 1.07 11.37
CA SER B 251 -22.96 0.39 10.37
C SER B 251 -21.57 1.02 10.27
N ILE B 252 -20.56 0.18 10.09
CA ILE B 252 -19.18 0.64 9.94
C ILE B 252 -18.63 0.07 8.63
N PRO B 253 -17.67 0.73 7.99
CA PRO B 253 -17.02 0.15 6.82
C PRO B 253 -16.02 -0.93 7.23
N ASN B 254 -15.81 -1.89 6.33
CA ASN B 254 -14.94 -3.02 6.59
C ASN B 254 -13.66 -2.97 5.76
N ASP B 255 -13.12 -1.77 5.56
CA ASP B 255 -11.83 -1.62 4.89
C ASP B 255 -10.70 -1.96 5.85
N LYS B 256 -10.68 -1.35 7.03
CA LYS B 256 -9.63 -1.60 8.00
C LYS B 256 -9.67 -3.06 8.44
N PRO B 257 -8.53 -3.65 8.77
CA PRO B 257 -8.54 -5.01 9.33
C PRO B 257 -8.97 -5.06 10.78
N PHE B 258 -9.02 -3.93 11.47
CA PHE B 258 -9.38 -3.89 12.88
C PHE B 258 -10.48 -2.87 13.12
N GLN B 259 -11.15 -3.00 14.26
CA GLN B 259 -12.20 -2.08 14.67
C GLN B 259 -12.29 -2.07 16.18
N ASN B 260 -12.61 -0.90 16.74
CA ASN B 260 -12.76 -0.77 18.19
C ASN B 260 -14.12 -0.20 18.58
N VAL B 261 -15.08 -0.22 17.65
CA VAL B 261 -16.38 0.40 17.92
C VAL B 261 -17.18 -0.44 18.92
N ASN B 262 -17.24 -1.76 18.70
CA ASN B 262 -17.99 -2.63 19.59
C ASN B 262 -17.70 -4.09 19.27
N ARG B 263 -17.77 -4.95 20.29
CA ARG B 263 -17.50 -6.37 20.10
C ARG B 263 -18.62 -7.08 19.36
N ILE B 264 -19.88 -6.65 19.56
CA ILE B 264 -21.01 -7.32 18.93
C ILE B 264 -21.06 -6.87 17.47
N THR B 265 -20.92 -7.82 16.55
CA THR B 265 -20.90 -7.50 15.13
C THR B 265 -21.79 -8.49 14.38
N TYR B 266 -22.24 -8.06 13.20
CA TYR B 266 -23.01 -8.90 12.30
C TYR B 266 -22.51 -8.72 10.88
N GLY B 267 -22.19 -9.82 10.22
CA GLY B 267 -21.70 -9.79 8.85
C GLY B 267 -20.20 -9.87 8.76
N ALA B 268 -19.70 -9.55 7.57
CA ALA B 268 -18.26 -9.53 7.30
C ALA B 268 -17.69 -8.24 7.86
N CYS B 269 -17.18 -8.30 9.08
CA CYS B 269 -16.68 -7.16 9.82
C CYS B 269 -15.20 -7.33 10.13
N PRO B 270 -14.49 -6.24 10.39
CA PRO B 270 -13.12 -6.36 10.90
C PRO B 270 -13.14 -6.87 12.33
N ARG B 271 -12.01 -7.45 12.73
CA ARG B 271 -11.90 -7.97 14.09
C ARG B 271 -11.84 -6.83 15.10
N TYR B 272 -12.21 -7.14 16.33
CA TYR B 272 -12.30 -6.13 17.38
C TYR B 272 -10.99 -6.05 18.15
N VAL B 273 -10.65 -4.82 18.55
CA VAL B 273 -9.51 -4.53 19.40
C VAL B 273 -10.00 -3.60 20.51
N LYS B 274 -9.41 -3.75 21.69
CA LYS B 274 -9.92 -3.06 22.88
C LYS B 274 -10.00 -1.55 22.65
N GLN B 275 -8.91 -0.94 22.21
CA GLN B 275 -8.97 0.49 21.92
C GLN B 275 -8.00 0.84 20.80
N SER B 276 -7.06 1.74 21.07
CA SER B 276 -6.12 2.26 20.07
C SER B 276 -6.85 2.79 18.85
N GLU C 5 66.95 69.14 -70.03
CA GLU C 5 67.68 68.03 -69.44
C GLU C 5 66.98 66.73 -69.90
N LEU C 6 67.19 65.64 -69.18
CA LEU C 6 66.66 64.33 -69.52
C LEU C 6 65.69 63.81 -68.47
N VAL C 7 65.16 64.67 -67.61
CA VAL C 7 64.08 64.31 -66.69
C VAL C 7 62.92 65.27 -66.95
N GLN C 8 61.75 64.72 -67.22
CA GLN C 8 60.56 65.54 -67.43
C GLN C 8 60.08 66.11 -66.10
N ASN C 9 60.06 67.45 -65.98
CA ASN C 9 59.83 68.08 -64.70
C ASN C 9 58.52 68.87 -64.63
N SER C 10 57.71 68.89 -65.68
CA SER C 10 56.51 69.70 -65.69
C SER C 10 55.38 68.96 -66.39
N SER C 11 54.18 69.51 -66.26
CA SER C 11 53.00 69.01 -66.96
C SER C 11 52.15 70.19 -67.39
N ILE C 12 51.15 69.89 -68.23
CA ILE C 12 50.25 70.92 -68.75
C ILE C 12 49.08 71.19 -67.81
N GLY C 13 49.00 70.52 -66.67
CA GLY C 13 47.87 70.72 -65.80
C GLY C 13 46.57 70.12 -66.29
N GLU C 14 46.62 69.28 -67.32
CA GLU C 14 45.43 68.67 -67.88
C GLU C 14 45.65 67.19 -68.12
N ILE C 15 44.57 66.42 -67.98
CA ILE C 15 44.56 65.02 -68.39
C ILE C 15 43.94 64.95 -69.77
N CYS C 16 44.73 64.51 -70.75
CA CYS C 16 44.25 64.45 -72.13
C CYS C 16 43.30 63.27 -72.30
N ASP C 17 42.17 63.52 -72.97
CA ASP C 17 41.16 62.51 -73.21
C ASP C 17 41.54 61.52 -74.30
N SER C 18 42.80 61.52 -74.74
CA SER C 18 43.25 60.66 -75.81
C SER C 18 44.68 60.24 -75.51
N PRO C 19 45.08 59.02 -75.88
CA PRO C 19 44.29 58.03 -76.59
C PRO C 19 43.47 57.12 -75.68
N HIS C 20 43.63 57.28 -74.36
CA HIS C 20 42.92 56.45 -73.39
C HIS C 20 41.54 56.98 -73.13
N GLN C 21 40.58 56.05 -73.03
CA GLN C 21 39.19 56.42 -72.74
C GLN C 21 39.08 56.87 -71.29
N ILE C 22 38.78 58.14 -71.08
CA ILE C 22 38.73 58.74 -69.76
C ILE C 22 37.28 58.81 -69.31
N LEU C 23 37.03 58.40 -68.07
CA LEU C 23 35.72 58.51 -67.43
C LEU C 23 35.88 59.37 -66.18
N ASP C 24 35.42 60.62 -66.25
CA ASP C 24 35.47 61.49 -65.09
C ASP C 24 34.42 61.06 -64.08
N GLY C 25 34.78 61.09 -62.80
CA GLY C 25 33.87 60.66 -61.75
C GLY C 25 33.03 61.78 -61.16
N GLU C 26 33.50 63.02 -61.33
CA GLU C 26 32.87 64.20 -60.72
C GLU C 26 32.71 64.01 -59.22
N ASN C 27 31.47 64.03 -58.74
CA ASN C 27 31.19 63.88 -57.32
C ASN C 27 30.81 62.45 -56.93
N CYS C 28 31.17 61.49 -57.79
CA CYS C 28 30.91 60.07 -57.55
C CYS C 28 32.23 59.31 -57.54
N THR C 29 32.35 58.37 -56.60
CA THR C 29 33.42 57.38 -56.64
C THR C 29 33.02 56.18 -57.49
N LEU C 30 34.00 55.31 -57.75
CA LEU C 30 33.70 54.12 -58.54
C LEU C 30 32.77 53.17 -57.79
N ILE C 31 32.92 53.07 -56.47
CA ILE C 31 32.08 52.16 -55.70
C ILE C 31 30.65 52.68 -55.63
N ASP C 32 30.46 53.99 -55.47
CA ASP C 32 29.11 54.54 -55.48
C ASP C 32 28.45 54.36 -56.83
N ALA C 33 29.20 54.54 -57.92
CA ALA C 33 28.66 54.27 -59.24
C ALA C 33 28.40 52.79 -59.45
N LEU C 34 29.17 51.93 -58.79
CA LEU C 34 28.95 50.50 -58.86
C LEU C 34 27.65 50.11 -58.16
N LEU C 35 27.46 50.62 -56.94
CA LEU C 35 26.28 50.26 -56.15
C LEU C 35 25.01 50.87 -56.73
N GLY C 36 25.07 52.10 -57.22
CA GLY C 36 23.91 52.74 -57.80
C GLY C 36 23.38 53.91 -57.01
N ASP C 37 24.29 54.75 -56.52
CA ASP C 37 23.88 56.01 -55.90
C ASP C 37 23.06 56.81 -56.91
N PRO C 38 21.90 57.36 -56.52
CA PRO C 38 21.04 58.05 -57.50
C PRO C 38 21.74 59.16 -58.26
N GLN C 39 22.71 59.85 -57.63
CA GLN C 39 23.46 60.87 -58.34
C GLN C 39 24.46 60.28 -59.34
N CYS C 40 24.74 58.98 -59.24
CA CYS C 40 25.72 58.34 -60.11
C CYS C 40 25.07 57.43 -61.16
N ASP C 41 23.78 57.63 -61.43
CA ASP C 41 23.09 56.78 -62.40
C ASP C 41 23.47 57.10 -63.84
N GLY C 42 24.17 58.21 -64.08
CA GLY C 42 24.66 58.47 -65.42
C GLY C 42 25.81 57.58 -65.83
N PHE C 43 26.44 56.91 -64.87
CA PHE C 43 27.60 56.06 -65.11
C PHE C 43 27.22 54.60 -65.38
N GLN C 44 25.93 54.30 -65.50
CA GLN C 44 25.49 52.92 -65.62
C GLN C 44 25.92 52.34 -66.96
N ASN C 45 26.55 51.16 -66.92
CA ASN C 45 27.02 50.43 -68.10
C ASN C 45 28.07 51.21 -68.90
N LYS C 46 28.77 52.14 -68.26
CA LYS C 46 29.82 52.88 -68.95
C LYS C 46 31.15 52.14 -68.83
N LYS C 47 32.01 52.35 -69.82
CA LYS C 47 33.33 51.74 -69.88
C LYS C 47 34.40 52.81 -69.81
N TRP C 48 35.63 52.39 -69.52
CA TRP C 48 36.73 53.34 -69.38
C TRP C 48 38.06 52.61 -69.48
N ASP C 49 39.10 53.39 -69.80
CA ASP C 49 40.48 52.95 -69.63
C ASP C 49 41.09 53.48 -68.34
N LEU C 50 40.70 54.67 -67.91
CA LEU C 50 41.15 55.23 -66.64
C LEU C 50 39.99 56.00 -66.02
N PHE C 51 39.54 55.54 -64.86
CA PHE C 51 38.52 56.24 -64.09
C PHE C 51 39.21 57.28 -63.21
N VAL C 52 38.72 58.51 -63.28
CA VAL C 52 39.32 59.63 -62.55
C VAL C 52 38.43 59.92 -61.36
N GLU C 53 38.91 59.59 -60.16
CA GLU C 53 38.18 59.88 -58.94
C GLU C 53 38.60 61.25 -58.42
N ARG C 54 37.62 62.05 -58.03
CA ARG C 54 37.86 63.41 -57.56
C ARG C 54 37.84 63.43 -56.04
N SER C 55 38.57 64.39 -55.46
CA SER C 55 38.59 64.56 -54.02
C SER C 55 37.27 65.14 -53.52
N LYS C 56 36.49 65.75 -54.41
CA LYS C 56 35.20 66.34 -54.09
C LYS C 56 34.06 65.32 -54.06
N ALA C 57 34.33 64.04 -54.34
CA ALA C 57 33.30 63.02 -54.37
C ALA C 57 32.69 62.79 -52.99
N TYR C 58 31.40 62.44 -52.98
CA TYR C 58 30.68 62.20 -51.73
C TYR C 58 29.54 61.22 -52.00
N SER C 59 29.19 60.45 -50.97
CA SER C 59 28.06 59.55 -51.03
C SER C 59 26.79 60.28 -50.60
N ASN C 60 25.66 59.87 -51.18
CA ASN C 60 24.38 60.51 -50.87
C ASN C 60 23.24 59.49 -50.89
N CYS C 61 23.51 58.27 -50.42
CA CYS C 61 22.47 57.25 -50.33
C CYS C 61 22.47 56.66 -48.93
N TYR C 62 22.13 55.38 -48.80
CA TYR C 62 22.11 54.75 -47.49
C TYR C 62 23.54 54.61 -46.98
N PRO C 63 23.82 54.95 -45.72
CA PRO C 63 25.19 54.83 -45.21
C PRO C 63 25.63 53.38 -45.20
N TYR C 64 26.81 53.14 -45.76
CA TYR C 64 27.33 51.79 -45.92
C TYR C 64 28.83 51.79 -45.65
N ASP C 65 29.38 50.58 -45.57
CA ASP C 65 30.82 50.40 -45.49
C ASP C 65 31.18 49.14 -46.26
N VAL C 66 32.44 49.08 -46.70
CA VAL C 66 32.89 47.94 -47.49
C VAL C 66 34.07 47.27 -46.79
N PRO C 67 33.89 46.08 -46.23
CA PRO C 67 35.05 45.29 -45.82
C PRO C 67 35.92 45.04 -47.04
N ASP C 68 37.20 45.42 -46.93
CA ASP C 68 38.13 45.40 -48.04
C ASP C 68 37.66 46.33 -49.17
N TYR C 69 37.55 47.62 -48.83
CA TYR C 69 37.12 48.61 -49.82
C TYR C 69 38.14 48.75 -50.95
N ALA C 70 39.43 48.63 -50.64
CA ALA C 70 40.46 48.86 -51.64
C ALA C 70 40.45 47.78 -52.72
N SER C 71 40.19 46.53 -52.33
CA SER C 71 40.24 45.44 -53.30
C SER C 71 39.07 45.49 -54.27
N LEU C 72 37.87 45.82 -53.76
CA LEU C 72 36.72 45.93 -54.65
C LEU C 72 36.86 47.11 -55.59
N ARG C 73 37.36 48.25 -55.08
CA ARG C 73 37.64 49.38 -55.96
C ARG C 73 38.65 49.00 -57.03
N SER C 74 39.68 48.24 -56.64
CA SER C 74 40.72 47.83 -57.60
C SER C 74 40.20 46.77 -58.57
N LEU C 75 39.38 45.83 -58.09
CA LEU C 75 38.91 44.76 -58.96
C LEU C 75 38.02 45.30 -60.08
N VAL C 76 37.13 46.22 -59.75
CA VAL C 76 36.23 46.78 -60.75
C VAL C 76 36.96 47.76 -61.66
N ALA C 77 37.88 48.55 -61.09
CA ALA C 77 38.65 49.49 -61.89
C ALA C 77 39.56 48.78 -62.89
N SER C 78 40.18 47.68 -62.47
CA SER C 78 41.02 46.91 -63.38
C SER C 78 40.21 46.07 -64.36
N SER C 79 38.89 46.13 -64.29
CA SER C 79 38.02 45.53 -65.28
C SER C 79 37.54 46.55 -66.31
N GLY C 80 37.45 47.82 -65.93
CA GLY C 80 37.16 48.89 -66.86
C GLY C 80 35.74 48.94 -67.36
N THR C 81 34.77 48.47 -66.58
CA THR C 81 33.39 48.44 -67.05
C THR C 81 32.44 48.42 -65.87
N LEU C 82 31.22 48.91 -66.12
CA LEU C 82 30.12 48.81 -65.17
C LEU C 82 28.90 48.16 -65.79
N GLU C 83 29.09 47.38 -66.86
CA GLU C 83 27.96 46.73 -67.51
C GLU C 83 27.30 45.73 -66.58
N PHE C 84 25.98 45.82 -66.48
CA PHE C 84 25.20 45.06 -65.51
C PHE C 84 24.05 44.36 -66.22
N ASN C 85 23.83 43.09 -65.88
CA ASN C 85 22.73 42.31 -66.44
C ASN C 85 21.78 41.89 -65.32
N ASN C 86 20.50 42.22 -65.48
CA ASN C 86 19.50 41.84 -64.51
C ASN C 86 19.12 40.39 -64.72
N GLU C 87 19.04 39.62 -63.65
CA GLU C 87 18.62 38.23 -63.73
C GLU C 87 17.48 38.01 -62.75
N SER C 88 16.56 37.12 -63.14
CA SER C 88 15.31 36.92 -62.40
C SER C 88 15.58 36.03 -61.19
N PHE C 89 16.12 36.66 -60.14
CA PHE C 89 16.15 36.03 -58.84
C PHE C 89 14.73 35.99 -58.29
N ASN C 90 14.29 34.81 -57.87
CA ASN C 90 12.92 34.59 -57.41
C ASN C 90 12.93 34.56 -55.88
N TRP C 91 12.68 35.73 -55.29
CA TRP C 91 12.59 35.86 -53.84
C TRP C 91 11.12 35.70 -53.44
N ASN C 92 10.69 34.45 -53.37
CA ASN C 92 9.32 34.12 -53.05
C ASN C 92 9.10 34.17 -51.54
N GLY C 93 8.15 34.98 -51.11
CA GLY C 93 7.77 35.05 -49.71
C GLY C 93 8.26 36.25 -48.95
N VAL C 94 8.83 37.25 -49.60
CA VAL C 94 9.38 38.41 -48.92
C VAL C 94 8.94 39.69 -49.64
N THR C 95 9.15 40.81 -48.98
CA THR C 95 8.94 42.14 -49.56
C THR C 95 10.25 42.60 -50.17
N GLN C 96 10.18 43.14 -51.39
CA GLN C 96 11.37 43.57 -52.12
C GLN C 96 11.35 45.08 -52.31
N ASN C 97 12.34 45.55 -53.06
CA ASN C 97 12.49 46.96 -53.40
C ASN C 97 12.35 47.93 -52.23
N GLY C 98 13.06 47.65 -51.15
CA GLY C 98 13.04 48.54 -50.00
C GLY C 98 13.69 49.87 -50.32
N THR C 99 13.12 50.95 -49.77
CA THR C 99 13.61 52.30 -50.00
C THR C 99 13.92 52.99 -48.68
N SER C 100 14.54 54.16 -48.79
CA SER C 100 14.92 54.95 -47.61
C SER C 100 14.88 56.43 -47.97
N SER C 101 14.64 57.26 -46.95
CA SER C 101 14.64 58.71 -47.12
C SER C 101 16.04 59.29 -47.24
N ALA C 102 17.08 58.49 -46.99
CA ALA C 102 18.44 58.93 -47.19
C ALA C 102 18.94 58.73 -48.62
N CYS C 103 18.16 58.09 -49.46
CA CYS C 103 18.57 57.77 -50.82
C CYS C 103 17.50 58.32 -51.77
N ILE C 104 17.46 59.64 -51.88
CA ILE C 104 16.42 60.32 -52.63
C ILE C 104 16.75 60.24 -54.12
N ARG C 105 15.76 59.87 -54.92
CA ARG C 105 15.88 59.87 -56.38
C ARG C 105 14.57 60.39 -56.94
N ARG C 106 14.64 61.49 -57.69
CA ARG C 106 13.44 62.11 -58.26
C ARG C 106 12.45 62.51 -57.17
N SER C 107 12.96 63.09 -56.10
CA SER C 107 12.15 63.58 -54.98
C SER C 107 11.27 62.49 -54.38
N ASN C 108 11.77 61.25 -54.37
CA ASN C 108 11.06 60.11 -53.79
C ASN C 108 12.07 59.24 -53.07
N ASN C 109 11.62 58.56 -52.03
CA ASN C 109 12.46 57.60 -51.33
C ASN C 109 12.89 56.51 -52.31
N SER C 110 14.16 56.13 -52.25
CA SER C 110 14.69 55.16 -53.19
C SER C 110 15.82 54.40 -52.52
N PHE C 111 16.63 53.71 -53.32
CA PHE C 111 17.69 52.85 -52.82
C PHE C 111 18.72 52.69 -53.93
N PHE C 112 19.79 51.95 -53.63
CA PHE C 112 20.79 51.65 -54.65
C PHE C 112 20.12 50.91 -55.81
N SER C 113 20.39 51.39 -57.03
CA SER C 113 19.73 50.82 -58.20
C SER C 113 20.15 49.38 -58.47
N ARG C 114 21.30 48.96 -57.94
CA ARG C 114 21.82 47.63 -58.19
C ARG C 114 21.57 46.66 -57.05
N LEU C 115 20.96 47.11 -55.96
CA LEU C 115 20.71 46.27 -54.80
C LEU C 115 19.22 46.17 -54.52
N ASN C 116 18.84 45.10 -53.82
CA ASN C 116 17.44 44.81 -53.54
C ASN C 116 17.29 44.57 -52.04
N TRP C 117 16.68 45.53 -51.35
CA TRP C 117 16.47 45.46 -49.91
C TRP C 117 15.26 44.58 -49.63
N LEU C 118 15.51 43.38 -49.09
CA LEU C 118 14.45 42.41 -48.79
C LEU C 118 14.04 42.51 -47.33
N THR C 119 12.73 42.52 -47.08
CA THR C 119 12.16 42.56 -45.75
C THR C 119 11.07 41.49 -45.65
N HIS C 120 10.49 41.37 -44.46
CA HIS C 120 9.47 40.36 -44.25
C HIS C 120 8.20 40.69 -45.03
N LEU C 121 7.41 39.66 -45.29
CA LEU C 121 6.10 39.79 -45.91
C LEU C 121 5.07 39.35 -44.89
N ASN C 122 4.32 40.32 -44.35
CA ASN C 122 3.36 40.06 -43.28
C ASN C 122 4.02 39.36 -42.10
N PHE C 123 5.20 39.86 -41.73
CA PHE C 123 5.96 39.38 -40.57
C PHE C 123 6.33 37.91 -40.69
N LYS C 124 6.65 37.49 -41.92
CA LYS C 124 7.24 36.19 -42.19
C LYS C 124 8.40 36.39 -43.17
N TYR C 125 9.53 35.78 -42.86
CA TYR C 125 10.73 35.85 -43.70
C TYR C 125 11.19 34.41 -43.88
N PRO C 126 10.78 33.76 -44.96
CA PRO C 126 11.19 32.38 -45.17
C PRO C 126 12.68 32.32 -45.46
N ALA C 127 13.30 31.23 -45.02
CA ALA C 127 14.72 31.05 -45.30
C ALA C 127 14.90 30.99 -46.81
N LEU C 128 15.47 32.06 -47.37
CA LEU C 128 15.69 32.14 -48.81
C LEU C 128 16.95 31.36 -49.15
N ASN C 129 16.82 30.34 -49.98
CA ASN C 129 17.99 29.66 -50.54
C ASN C 129 17.79 29.56 -52.05
N VAL C 130 18.53 30.41 -52.79
CA VAL C 130 18.33 30.60 -54.23
C VAL C 130 19.57 30.14 -54.99
N THR C 131 19.34 29.69 -56.22
CA THR C 131 20.40 29.13 -57.08
C THR C 131 20.40 29.82 -58.43
N MET C 132 21.55 30.36 -58.83
CA MET C 132 21.71 31.04 -60.10
C MET C 132 22.91 30.47 -60.84
N PRO C 133 22.71 29.78 -61.97
CA PRO C 133 23.83 29.23 -62.72
C PRO C 133 24.47 30.26 -63.65
N ASN C 134 25.76 30.06 -63.92
CA ASN C 134 26.51 30.91 -64.83
C ASN C 134 26.71 30.12 -66.13
N ASN C 135 25.81 30.35 -67.09
CA ASN C 135 25.91 29.71 -68.40
C ASN C 135 26.49 30.66 -69.46
N GLU C 136 27.47 31.46 -69.08
CA GLU C 136 28.17 32.38 -69.97
C GLU C 136 29.62 31.92 -70.11
N GLN C 137 30.40 32.68 -70.89
CA GLN C 137 31.83 32.43 -71.04
C GLN C 137 32.70 33.38 -70.26
N PHE C 138 32.12 34.37 -69.59
CA PHE C 138 32.88 35.32 -68.79
C PHE C 138 32.58 35.10 -67.32
N ASP C 139 33.32 35.78 -66.47
CA ASP C 139 33.14 35.68 -65.03
C ASP C 139 32.15 36.73 -64.55
N LYS C 140 31.28 36.32 -63.62
CA LYS C 140 30.25 37.20 -63.07
C LYS C 140 30.71 37.79 -61.74
N LEU C 141 30.42 39.07 -61.55
CA LEU C 141 30.66 39.76 -60.29
C LEU C 141 29.32 40.11 -59.66
N TYR C 142 29.05 39.52 -58.50
CA TYR C 142 27.81 39.79 -57.76
C TYR C 142 28.13 40.67 -56.55
N ILE C 143 27.39 41.77 -56.44
CA ILE C 143 27.52 42.69 -55.32
C ILE C 143 26.28 42.53 -54.44
N TRP C 144 26.48 42.15 -53.19
CA TRP C 144 25.40 41.97 -52.23
C TRP C 144 25.79 42.64 -50.92
N GLY C 145 24.83 42.70 -49.99
CA GLY C 145 25.05 43.42 -48.75
C GLY C 145 24.39 42.73 -47.57
N VAL C 146 24.75 43.23 -46.39
CA VAL C 146 24.18 42.77 -45.12
C VAL C 146 23.77 44.00 -44.33
N HIS C 147 22.51 44.07 -43.93
CA HIS C 147 21.99 45.22 -43.20
C HIS C 147 22.17 45.01 -41.70
N HIS C 148 22.69 46.03 -41.02
CA HIS C 148 22.90 46.00 -39.58
C HIS C 148 21.93 46.97 -38.93
N PRO C 149 20.75 46.52 -38.51
CA PRO C 149 19.76 47.44 -37.93
C PRO C 149 20.20 47.98 -36.59
N VAL C 150 19.49 49.02 -36.14
CA VAL C 150 19.88 49.78 -34.96
C VAL C 150 19.53 49.02 -33.69
N THR C 151 18.29 48.58 -33.56
CA THR C 151 17.82 47.89 -32.37
C THR C 151 17.27 46.52 -32.76
N ASP C 152 16.93 45.73 -31.74
CA ASP C 152 16.25 44.47 -31.96
C ASP C 152 14.78 44.69 -32.30
N LYS C 153 14.20 45.82 -31.87
CA LYS C 153 12.84 46.15 -32.25
C LYS C 153 12.73 46.40 -33.75
N ASP C 154 13.75 47.05 -34.34
CA ASP C 154 13.77 47.20 -35.78
C ASP C 154 14.11 45.87 -36.48
N GLN C 155 15.06 45.11 -35.94
CA GLN C 155 15.36 43.79 -36.51
C GLN C 155 14.10 42.96 -36.68
N ILE C 156 13.23 42.96 -35.67
CA ILE C 156 11.99 42.22 -35.79
C ILE C 156 11.07 42.88 -36.81
N PHE C 157 11.01 44.21 -36.81
CA PHE C 157 10.14 44.91 -37.74
C PHE C 157 10.61 44.83 -39.18
N LEU C 158 11.91 44.58 -39.42
CA LEU C 158 12.39 44.40 -40.78
C LEU C 158 12.41 42.94 -41.23
N TYR C 159 12.83 42.01 -40.37
CA TYR C 159 13.05 40.64 -40.81
C TYR C 159 12.36 39.57 -39.99
N ALA C 160 11.61 39.94 -38.95
CA ALA C 160 10.79 39.02 -38.17
C ALA C 160 11.59 37.86 -37.58
N GLN C 161 12.85 38.10 -37.24
CA GLN C 161 13.71 37.09 -36.63
C GLN C 161 14.62 37.85 -35.68
N PRO C 162 15.03 37.19 -34.61
CA PRO C 162 15.91 37.93 -33.73
C PRO C 162 17.31 38.12 -34.31
N SER C 163 17.67 37.28 -35.26
CA SER C 163 18.95 37.35 -35.90
C SER C 163 18.94 36.61 -37.18
N GLY C 164 19.37 37.28 -38.22
CA GLY C 164 19.45 36.68 -39.52
C GLY C 164 20.82 36.16 -39.84
N ARG C 165 20.90 35.39 -40.89
CA ARG C 165 22.14 34.85 -41.30
C ARG C 165 22.14 34.70 -42.77
N ILE C 166 23.21 35.15 -43.34
CA ILE C 166 23.37 35.12 -44.79
C ILE C 166 24.64 34.35 -45.12
N THR C 167 24.56 33.42 -46.07
CA THR C 167 25.73 32.71 -46.53
C THR C 167 25.68 32.64 -48.05
N VAL C 168 26.67 33.25 -48.69
CA VAL C 168 26.81 33.25 -50.15
C VAL C 168 28.07 32.46 -50.47
N SER C 169 27.92 31.43 -51.29
CA SER C 169 29.02 30.52 -51.58
C SER C 169 29.01 30.13 -53.04
N THR C 170 30.15 29.61 -53.49
CA THR C 170 30.26 29.00 -54.82
C THR C 170 30.89 27.62 -54.67
N LYS C 171 31.33 27.01 -55.77
CA LYS C 171 32.06 25.75 -55.66
C LYS C 171 33.53 25.96 -55.35
N ARG C 172 33.95 27.19 -55.02
CA ARG C 172 35.36 27.50 -54.79
C ARG C 172 35.55 28.29 -53.50
N SER C 173 34.57 29.11 -53.14
CA SER C 173 34.68 30.00 -51.99
C SER C 173 33.43 29.92 -51.12
N GLN C 174 33.54 30.49 -49.91
CA GLN C 174 32.43 30.51 -48.97
C GLN C 174 32.44 31.80 -48.16
N GLN C 175 31.29 32.47 -48.09
CA GLN C 175 31.14 33.71 -47.35
C GLN C 175 29.89 33.63 -46.47
N ALA C 176 30.09 33.67 -45.16
CA ALA C 176 28.98 33.65 -44.19
C ALA C 176 29.07 34.90 -43.32
N VAL C 177 27.98 35.67 -43.28
CA VAL C 177 27.94 36.93 -42.55
C VAL C 177 26.73 36.93 -41.62
N ILE C 178 26.95 37.32 -40.38
CA ILE C 178 25.89 37.52 -39.39
C ILE C 178 25.84 39.00 -39.04
N PRO C 179 24.68 39.64 -39.05
CA PRO C 179 24.59 41.07 -38.70
C PRO C 179 24.92 41.35 -37.24
N ASN C 180 25.42 42.56 -37.01
CA ASN C 180 25.74 43.09 -35.67
C ASN C 180 24.83 44.28 -35.39
N ILE C 181 23.82 44.06 -34.55
CA ILE C 181 22.81 45.08 -34.25
C ILE C 181 23.37 46.06 -33.23
N GLY C 182 23.20 47.36 -33.50
CA GLY C 182 23.66 48.38 -32.58
C GLY C 182 23.63 49.75 -33.21
N PHE C 183 23.89 50.76 -32.37
CA PHE C 183 23.93 52.14 -32.80
C PHE C 183 25.29 52.52 -33.38
N ARG C 184 25.26 53.40 -34.38
CA ARG C 184 26.41 54.03 -34.99
C ARG C 184 26.11 55.50 -35.20
N PRO C 185 27.14 56.33 -35.32
CA PRO C 185 26.91 57.77 -35.55
C PRO C 185 26.06 58.03 -36.79
N ARG C 186 25.23 59.07 -36.71
CA ARG C 186 24.22 59.36 -37.71
C ARG C 186 24.84 59.92 -38.98
N ILE C 187 24.81 59.15 -40.07
CA ILE C 187 25.16 59.63 -41.40
C ILE C 187 23.87 59.85 -42.18
N ARG C 188 23.60 61.10 -42.54
CA ARG C 188 22.34 61.52 -43.15
C ARG C 188 21.14 61.11 -42.29
N ASN C 189 21.33 61.15 -40.97
CA ASN C 189 20.28 60.86 -39.98
C ASN C 189 19.84 59.39 -39.98
N ILE C 190 20.79 58.47 -40.18
CA ILE C 190 20.54 57.03 -40.09
C ILE C 190 21.62 56.38 -39.24
N PRO C 191 21.29 55.76 -38.12
CA PRO C 191 22.31 55.07 -37.32
C PRO C 191 22.55 53.60 -37.68
N SER C 192 21.88 53.05 -38.70
CA SER C 192 22.21 51.73 -39.21
C SER C 192 23.09 51.84 -40.45
N ARG C 193 23.69 50.71 -40.84
CA ARG C 193 24.57 50.63 -42.00
C ARG C 193 24.43 49.29 -42.71
N ILE C 194 25.04 49.24 -43.89
CA ILE C 194 25.08 48.06 -44.74
C ILE C 194 26.53 47.74 -45.03
N SER C 195 26.90 46.48 -44.92
CA SER C 195 28.24 46.01 -45.27
C SER C 195 28.20 45.37 -46.65
N ILE C 196 29.12 45.80 -47.52
CA ILE C 196 29.13 45.39 -48.91
C ILE C 196 30.09 44.22 -49.09
N TYR C 197 29.64 43.20 -49.81
CA TYR C 197 30.46 42.04 -50.13
C TYR C 197 30.30 41.72 -51.61
N TRP C 198 31.26 40.98 -52.16
CA TRP C 198 31.21 40.59 -53.56
C TRP C 198 31.64 39.14 -53.71
N THR C 199 31.18 38.51 -54.79
CA THR C 199 31.51 37.13 -55.12
C THR C 199 31.71 36.99 -56.61
N ILE C 200 32.73 36.24 -57.01
CA ILE C 200 33.02 35.98 -58.41
C ILE C 200 32.58 34.57 -58.76
N VAL C 201 31.78 34.43 -59.81
CA VAL C 201 31.36 33.13 -60.32
C VAL C 201 31.82 33.00 -61.75
N LYS C 202 32.53 31.91 -62.05
CA LYS C 202 33.10 31.67 -63.37
C LYS C 202 32.24 30.67 -64.15
N PRO C 203 32.42 30.61 -65.49
CA PRO C 203 31.62 29.69 -66.31
C PRO C 203 31.62 28.26 -65.80
N GLY C 204 30.44 27.65 -65.83
CA GLY C 204 30.22 26.32 -65.32
C GLY C 204 29.94 26.23 -63.85
N ASP C 205 30.11 27.32 -63.11
CA ASP C 205 29.89 27.36 -61.68
C ASP C 205 28.56 28.05 -61.38
N ILE C 206 28.06 27.83 -60.16
CA ILE C 206 26.76 28.33 -59.75
C ILE C 206 26.91 29.16 -58.49
N LEU C 207 26.17 30.27 -58.42
CA LEU C 207 26.10 31.10 -57.23
C LEU C 207 24.98 30.62 -56.32
N LEU C 208 25.30 30.39 -55.06
CA LEU C 208 24.35 29.88 -54.07
C LEU C 208 24.20 30.90 -52.96
N ILE C 209 22.96 31.28 -52.65
CA ILE C 209 22.67 32.29 -51.63
C ILE C 209 21.65 31.71 -50.65
N ASN C 210 22.05 31.60 -49.38
CA ASN C 210 21.16 31.24 -48.29
C ASN C 210 21.01 32.44 -47.37
N SER C 211 19.77 32.80 -47.05
CA SER C 211 19.53 33.93 -46.17
C SER C 211 18.29 33.67 -45.32
N THR C 212 18.40 33.99 -44.03
CA THR C 212 17.27 34.01 -43.12
C THR C 212 16.87 35.42 -42.74
N GLY C 213 17.53 36.43 -43.28
CA GLY C 213 17.20 37.81 -43.00
C GLY C 213 18.40 38.71 -43.23
N ASN C 214 18.13 40.01 -43.24
CA ASN C 214 19.13 41.06 -43.33
C ASN C 214 19.90 41.04 -44.65
N LEU C 215 19.35 40.42 -45.70
CA LEU C 215 20.06 40.30 -46.96
C LEU C 215 19.72 41.48 -47.87
N ILE C 216 20.75 42.20 -48.31
CA ILE C 216 20.61 43.20 -49.37
C ILE C 216 20.96 42.48 -50.67
N ALA C 217 19.94 42.00 -51.37
CA ALA C 217 20.13 41.07 -52.46
C ALA C 217 20.62 41.79 -53.72
N PRO C 218 21.38 41.10 -54.57
CA PRO C 218 21.74 41.69 -55.86
C PRO C 218 20.61 41.55 -56.87
N ARG C 219 20.59 42.47 -57.83
CA ARG C 219 19.62 42.43 -58.92
C ARG C 219 20.20 41.81 -60.18
N GLY C 220 21.41 41.27 -60.11
CA GLY C 220 22.08 40.71 -61.26
C GLY C 220 23.59 40.68 -61.01
N TYR C 221 24.34 40.70 -62.12
CA TYR C 221 25.79 40.58 -62.09
C TYR C 221 26.43 41.64 -62.97
N PHE C 222 27.65 42.00 -62.64
CA PHE C 222 28.49 42.83 -63.48
C PHE C 222 29.42 41.94 -64.31
N LYS C 223 29.58 42.30 -65.59
CA LYS C 223 30.48 41.54 -66.46
C LYS C 223 31.93 41.86 -66.10
N ILE C 224 32.75 40.82 -65.96
CA ILE C 224 34.15 40.98 -65.61
C ILE C 224 34.99 40.84 -66.89
N ARG C 225 35.91 41.77 -67.09
CA ARG C 225 36.81 41.73 -68.24
C ARG C 225 38.26 41.83 -67.77
N SER C 226 39.17 41.45 -68.66
CA SER C 226 40.60 41.52 -68.42
C SER C 226 41.22 42.56 -69.35
N GLY C 227 42.05 43.43 -68.78
CA GLY C 227 42.72 44.45 -69.56
C GLY C 227 43.62 45.28 -68.68
N LYS C 228 44.14 46.38 -69.25
CA LYS C 228 45.03 47.26 -68.51
C LYS C 228 44.32 48.52 -67.99
N SER C 229 43.00 48.47 -67.82
CA SER C 229 42.31 49.59 -67.22
C SER C 229 42.72 49.72 -65.75
N SER C 230 42.65 50.95 -65.23
CA SER C 230 43.13 51.22 -63.88
C SER C 230 42.36 52.40 -63.32
N ILE C 231 42.76 52.84 -62.11
CA ILE C 231 42.08 53.88 -61.37
C ILE C 231 43.10 54.90 -60.90
N MET C 232 42.70 56.17 -60.83
CA MET C 232 43.61 57.23 -60.43
C MET C 232 42.83 58.34 -59.75
N ARG C 233 43.37 58.85 -58.64
CA ARG C 233 42.80 59.98 -57.93
C ARG C 233 43.49 61.26 -58.40
N SER C 234 42.71 62.22 -58.88
CA SER C 234 43.26 63.47 -59.37
C SER C 234 42.16 64.52 -59.45
N ASP C 235 42.53 65.76 -59.17
CA ASP C 235 41.64 66.91 -59.32
C ASP C 235 42.02 67.76 -60.53
N ALA C 236 42.78 67.20 -61.46
CA ALA C 236 43.20 67.92 -62.65
C ALA C 236 42.08 67.93 -63.69
N PRO C 237 41.88 69.06 -64.38
CA PRO C 237 40.83 69.11 -65.41
C PRO C 237 41.17 68.19 -66.57
N ILE C 238 40.12 67.71 -67.23
CA ILE C 238 40.25 66.89 -68.43
C ILE C 238 40.15 67.79 -69.64
N GLY C 239 41.10 67.63 -70.58
CA GLY C 239 41.15 68.48 -71.75
C GLY C 239 41.14 67.67 -73.02
N LYS C 240 40.86 68.36 -74.12
CA LYS C 240 40.85 67.74 -75.45
C LYS C 240 42.25 67.81 -76.03
N CYS C 241 43.06 66.81 -75.69
CA CYS C 241 44.39 66.67 -76.27
C CYS C 241 44.69 65.17 -76.35
N LYS C 242 45.94 64.84 -76.63
CA LYS C 242 46.31 63.44 -76.82
C LYS C 242 47.69 63.21 -76.24
N SER C 243 47.79 62.27 -75.30
CA SER C 243 49.03 61.99 -74.59
C SER C 243 48.93 60.61 -73.96
N GLU C 244 49.98 59.80 -74.12
CA GLU C 244 50.01 58.44 -73.59
C GLU C 244 50.60 58.36 -72.18
N CYS C 245 50.55 59.44 -71.42
CA CYS C 245 51.03 59.41 -70.05
C CYS C 245 50.21 60.36 -69.21
N ILE C 246 49.51 59.83 -68.21
CA ILE C 246 48.64 60.60 -67.34
C ILE C 246 49.19 60.50 -65.92
N THR C 247 49.25 61.63 -65.25
CA THR C 247 49.65 61.68 -63.85
C THR C 247 48.64 62.55 -63.11
N PRO C 248 48.53 62.42 -61.78
CA PRO C 248 47.54 63.22 -61.05
C PRO C 248 47.65 64.73 -61.25
N ASN C 249 48.83 65.26 -61.55
CA ASN C 249 48.97 66.69 -61.81
C ASN C 249 48.73 67.02 -63.28
N GLY C 250 48.48 66.02 -64.12
CA GLY C 250 48.21 66.22 -65.53
C GLY C 250 49.06 65.32 -66.41
N SER C 251 48.82 65.42 -67.71
CA SER C 251 49.56 64.64 -68.69
C SER C 251 50.96 65.21 -68.92
N ILE C 252 51.93 64.33 -69.07
CA ILE C 252 53.32 64.73 -69.30
C ILE C 252 53.84 64.07 -70.58
N PRO C 253 54.81 64.67 -71.27
CA PRO C 253 55.42 63.99 -72.41
C PRO C 253 56.42 62.93 -71.95
N ASN C 254 56.57 61.90 -72.79
CA ASN C 254 57.38 60.73 -72.45
C ASN C 254 58.66 60.59 -73.29
N ASP C 255 59.35 61.69 -73.58
CA ASP C 255 60.62 61.57 -74.30
C ASP C 255 61.74 61.14 -73.36
N LYS C 256 61.95 61.89 -72.29
CA LYS C 256 63.01 61.58 -71.35
C LYS C 256 62.74 60.26 -70.63
N PRO C 257 63.79 59.53 -70.26
CA PRO C 257 63.61 58.28 -69.51
C PRO C 257 63.21 58.48 -68.06
N PHE C 258 63.27 59.71 -67.53
CA PHE C 258 62.96 59.97 -66.15
C PHE C 258 61.89 61.04 -66.04
N GLN C 259 61.22 61.09 -64.90
CA GLN C 259 60.22 62.10 -64.62
C GLN C 259 60.14 62.33 -63.11
N ASN C 260 59.83 63.56 -62.72
CA ASN C 260 59.69 63.90 -61.31
C ASN C 260 58.36 64.56 -60.97
N VAL C 261 57.36 64.49 -61.85
CA VAL C 261 56.09 65.17 -61.58
C VAL C 261 55.31 64.42 -60.51
N ASN C 262 55.23 63.10 -60.63
CA ASN C 262 54.51 62.26 -59.69
C ASN C 262 54.79 60.79 -60.01
N ARG C 263 54.81 59.96 -58.97
CA ARG C 263 55.11 58.54 -59.17
C ARG C 263 53.93 57.79 -59.77
N ILE C 264 52.70 58.18 -59.44
CA ILE C 264 51.53 57.46 -59.93
C ILE C 264 51.32 57.86 -61.38
N THR C 265 51.44 56.90 -62.28
CA THR C 265 51.35 57.14 -63.70
C THR C 265 50.46 56.08 -64.33
N TYR C 266 49.93 56.39 -65.51
CA TYR C 266 49.14 55.44 -66.27
C TYR C 266 49.60 55.49 -67.71
N GLY C 267 49.93 54.33 -68.27
CA GLY C 267 50.39 54.24 -69.64
C GLY C 267 51.91 54.15 -69.73
N ALA C 268 52.39 54.38 -70.95
CA ALA C 268 53.83 54.36 -71.24
C ALA C 268 54.43 55.67 -70.76
N CYS C 269 54.98 55.67 -69.55
CA CYS C 269 55.52 56.85 -68.90
C CYS C 269 57.00 56.68 -68.61
N PRO C 270 57.71 57.78 -68.40
CA PRO C 270 59.11 57.69 -67.94
C PRO C 270 59.21 57.24 -66.48
N ARG C 271 60.42 56.80 -66.13
CA ARG C 271 60.70 56.35 -64.77
C ARG C 271 60.64 57.54 -63.82
N TYR C 272 60.37 57.26 -62.55
CA TYR C 272 60.24 58.34 -61.57
C TYR C 272 61.56 58.56 -60.84
N VAL C 273 61.89 59.82 -60.60
CA VAL C 273 63.02 60.22 -59.77
C VAL C 273 62.55 61.35 -58.86
N LYS C 274 63.01 61.34 -57.61
CA LYS C 274 62.59 62.36 -56.66
C LYS C 274 62.99 63.75 -57.13
N GLN C 275 64.28 63.93 -57.43
CA GLN C 275 64.84 65.18 -57.94
C GLN C 275 64.43 66.36 -57.07
N SER C 276 63.78 67.36 -57.66
CA SER C 276 63.40 68.59 -56.99
C SER C 276 62.69 69.52 -57.95
N THR D 4 26.32 12.16 -91.29
CA THR D 4 27.39 13.00 -90.80
C THR D 4 28.22 13.58 -91.96
N GLU D 5 27.96 14.85 -92.28
CA GLU D 5 28.76 15.58 -93.25
C GLU D 5 29.21 16.95 -92.77
N LEU D 6 28.52 17.55 -91.80
CA LEU D 6 28.88 18.87 -91.29
C LEU D 6 29.29 18.81 -89.83
N VAL D 7 29.55 17.61 -89.30
CA VAL D 7 30.09 17.43 -87.96
C VAL D 7 31.38 16.63 -88.09
N GLN D 8 32.48 17.20 -87.57
CA GLN D 8 33.74 16.47 -87.58
C GLN D 8 33.68 15.37 -86.53
N ASN D 9 33.81 14.12 -86.97
CA ASN D 9 33.55 12.97 -86.10
C ASN D 9 34.78 12.14 -85.80
N SER D 10 35.97 12.54 -86.27
CA SER D 10 37.17 11.74 -86.07
C SER D 10 38.35 12.65 -85.79
N SER D 11 39.45 12.05 -85.36
CA SER D 11 40.71 12.74 -85.14
C SER D 11 41.85 11.81 -85.56
N ILE D 12 43.06 12.37 -85.61
CA ILE D 12 44.23 11.61 -86.02
C ILE D 12 44.88 10.86 -84.86
N GLY D 13 44.32 10.96 -83.66
CA GLY D 13 44.90 10.28 -82.51
C GLY D 13 46.20 10.87 -82.00
N GLU D 14 46.60 12.04 -82.51
CA GLU D 14 47.82 12.70 -82.09
C GLU D 14 47.57 14.19 -81.94
N ILE D 15 48.32 14.82 -81.03
CA ILE D 15 48.33 16.26 -80.90
C ILE D 15 49.51 16.78 -81.72
N CYS D 16 49.21 17.60 -82.73
CA CYS D 16 50.27 18.13 -83.59
C CYS D 16 51.06 19.19 -82.84
N ASP D 17 52.38 19.10 -82.90
CA ASP D 17 53.27 20.03 -82.23
C ASP D 17 53.36 21.39 -82.92
N SER D 18 52.48 21.66 -83.88
CA SER D 18 52.50 22.90 -84.65
C SER D 18 51.06 23.29 -84.94
N PRO D 19 50.74 24.59 -85.00
CA PRO D 19 51.68 25.72 -84.85
C PRO D 19 51.86 26.19 -83.41
N HIS D 20 51.11 25.60 -82.48
CA HIS D 20 51.18 25.99 -81.07
C HIS D 20 52.31 25.25 -80.38
N GLN D 21 53.05 25.96 -79.52
CA GLN D 21 54.13 25.34 -78.77
C GLN D 21 53.55 24.42 -77.70
N ILE D 22 53.78 23.11 -77.86
CA ILE D 22 53.25 22.11 -76.95
C ILE D 22 54.35 21.72 -75.97
N LEU D 23 53.98 21.64 -74.68
CA LEU D 23 54.89 21.19 -73.63
C LEU D 23 54.28 19.95 -72.98
N ASP D 24 54.82 18.77 -73.30
CA ASP D 24 54.34 17.55 -72.68
C ASP D 24 54.78 17.49 -71.23
N GLY D 25 53.89 17.01 -70.37
CA GLY D 25 54.18 16.94 -68.95
C GLY D 25 54.80 15.64 -68.51
N GLU D 26 54.63 14.59 -69.32
CA GLU D 26 55.09 13.25 -68.97
C GLU D 26 54.58 12.82 -67.60
N ASN D 27 55.50 12.64 -66.65
CA ASN D 27 55.14 12.20 -65.31
C ASN D 27 54.92 13.35 -64.35
N CYS D 28 54.79 14.58 -64.86
CA CYS D 28 54.67 15.76 -64.03
C CYS D 28 53.39 16.52 -64.35
N THR D 29 52.74 17.03 -63.31
CA THR D 29 51.68 18.00 -63.47
C THR D 29 52.30 19.40 -63.47
N LEU D 30 51.49 20.39 -63.84
CA LEU D 30 51.98 21.76 -63.90
C LEU D 30 52.34 22.27 -62.51
N ILE D 31 51.57 21.89 -61.49
CA ILE D 31 51.84 22.37 -60.14
C ILE D 31 53.14 21.75 -59.60
N ASP D 32 53.37 20.47 -59.87
CA ASP D 32 54.61 19.84 -59.44
C ASP D 32 55.82 20.47 -60.10
N ALA D 33 55.72 20.79 -61.40
CA ALA D 33 56.81 21.49 -62.07
C ALA D 33 56.93 22.92 -61.56
N LEU D 34 55.82 23.51 -61.12
CA LEU D 34 55.87 24.85 -60.54
C LEU D 34 56.60 24.86 -59.20
N LEU D 35 56.27 23.90 -58.32
CA LEU D 35 56.88 23.86 -57.01
C LEU D 35 58.35 23.46 -57.09
N GLY D 36 58.67 22.51 -57.95
CA GLY D 36 60.04 22.05 -58.10
C GLY D 36 60.26 20.62 -57.63
N ASP D 37 59.34 19.75 -57.98
CA ASP D 37 59.53 18.32 -57.74
C ASP D 37 60.79 17.85 -58.46
N PRO D 38 61.68 17.11 -57.80
CA PRO D 38 62.96 16.74 -58.43
C PRO D 38 62.83 16.06 -59.77
N GLN D 39 61.78 15.26 -59.99
CA GLN D 39 61.59 14.66 -61.31
C GLN D 39 61.14 15.67 -62.34
N CYS D 40 60.70 16.86 -61.92
CA CYS D 40 60.21 17.89 -62.82
C CYS D 40 61.19 19.05 -62.98
N ASP D 41 62.47 18.83 -62.66
CA ASP D 41 63.44 19.91 -62.75
C ASP D 41 63.81 20.25 -64.19
N GLY D 42 63.43 19.41 -65.15
CA GLY D 42 63.65 19.73 -66.55
C GLY D 42 62.73 20.79 -67.10
N PHE D 43 61.63 21.08 -66.40
CA PHE D 43 60.64 22.04 -66.85
C PHE D 43 60.91 23.46 -66.38
N GLN D 44 62.07 23.71 -65.76
CA GLN D 44 62.32 25.03 -65.19
C GLN D 44 62.45 26.09 -66.26
N ASN D 45 61.70 27.18 -66.09
CA ASN D 45 61.74 28.34 -66.98
C ASN D 45 61.33 27.99 -68.41
N LYS D 46 60.52 26.95 -68.57
CA LYS D 46 60.02 26.58 -69.89
C LYS D 46 58.76 27.36 -70.22
N LYS D 47 58.52 27.53 -71.51
CA LYS D 47 57.37 28.24 -72.04
C LYS D 47 56.47 27.27 -72.80
N TRP D 48 55.22 27.68 -73.01
CA TRP D 48 54.29 26.82 -73.73
C TRP D 48 53.08 27.64 -74.19
N ASP D 49 52.43 27.12 -75.22
CA ASP D 49 51.10 27.56 -75.60
C ASP D 49 50.01 26.64 -75.06
N LEU D 50 50.30 25.35 -74.96
CA LEU D 50 49.37 24.38 -74.38
C LEU D 50 50.19 23.37 -73.57
N PHE D 51 49.94 23.34 -72.27
CA PHE D 51 50.55 22.34 -71.39
C PHE D 51 49.67 21.09 -71.37
N VAL D 52 50.27 19.94 -71.64
CA VAL D 52 49.55 18.68 -71.73
C VAL D 52 49.86 17.86 -70.49
N GLU D 53 48.86 17.70 -69.63
CA GLU D 53 48.98 16.88 -68.43
C GLU D 53 48.52 15.45 -68.72
N ARG D 54 49.31 14.48 -68.25
CA ARG D 54 49.05 13.08 -68.49
C ARG D 54 48.37 12.45 -67.29
N SER D 55 47.58 11.39 -67.55
CA SER D 55 46.93 10.67 -66.47
C SER D 55 47.90 9.85 -65.65
N LYS D 56 49.08 9.57 -66.19
CA LYS D 56 50.13 8.83 -65.49
C LYS D 56 50.97 9.70 -64.57
N ALA D 57 50.71 11.00 -64.52
CA ALA D 57 51.50 11.90 -63.70
C ALA D 57 51.34 11.57 -62.22
N TYR D 58 52.41 11.76 -61.47
CA TYR D 58 52.41 11.46 -60.04
C TYR D 58 53.43 12.35 -59.35
N SER D 59 53.15 12.65 -58.08
CA SER D 59 54.07 13.42 -57.25
C SER D 59 55.07 12.48 -56.58
N ASN D 60 56.28 12.99 -56.35
CA ASN D 60 57.34 12.20 -55.75
C ASN D 60 58.20 13.06 -54.83
N CYS D 61 57.58 14.00 -54.13
CA CYS D 61 58.28 14.83 -53.16
C CYS D 61 57.51 14.81 -51.84
N TYR D 62 57.56 15.91 -51.09
CA TYR D 62 56.84 15.98 -49.83
C TYR D 62 55.34 16.06 -50.10
N PRO D 63 54.52 15.30 -49.40
CA PRO D 63 53.07 15.34 -49.64
C PRO D 63 52.48 16.71 -49.30
N TYR D 64 51.71 17.24 -50.24
CA TYR D 64 51.14 18.58 -50.11
C TYR D 64 49.73 18.60 -50.69
N ASP D 65 49.04 19.72 -50.48
CA ASP D 65 47.78 20.00 -51.14
C ASP D 65 47.71 21.49 -51.41
N VAL D 66 46.88 21.87 -52.37
CA VAL D 66 46.74 23.27 -52.72
C VAL D 66 45.30 23.68 -52.46
N PRO D 67 45.03 24.45 -51.41
CA PRO D 67 43.71 25.08 -51.29
C PRO D 67 43.45 25.94 -52.50
N ASP D 68 42.29 25.72 -53.12
CA ASP D 68 41.96 26.34 -54.41
C ASP D 68 43.00 25.91 -55.45
N TYR D 69 43.08 24.60 -55.65
CA TYR D 69 44.02 24.02 -56.59
C TYR D 69 43.71 24.44 -58.03
N ALA D 70 42.43 24.57 -58.37
CA ALA D 70 42.05 24.85 -59.75
C ALA D 70 42.50 26.24 -60.19
N SER D 71 42.43 27.21 -59.29
CA SER D 71 42.74 28.59 -59.68
C SER D 71 44.24 28.78 -59.91
N LEU D 72 45.08 28.16 -59.07
CA LEU D 72 46.51 28.27 -59.28
C LEU D 72 46.96 27.53 -60.53
N ARG D 73 46.42 26.33 -60.76
CA ARG D 73 46.75 25.60 -61.99
C ARG D 73 46.32 26.38 -63.22
N SER D 74 45.13 26.99 -63.18
CA SER D 74 44.63 27.74 -64.34
C SER D 74 45.40 29.05 -64.53
N LEU D 75 45.71 29.74 -63.42
CA LEU D 75 46.41 31.02 -63.54
C LEU D 75 47.81 30.84 -64.11
N VAL D 76 48.52 29.80 -63.67
CA VAL D 76 49.87 29.58 -64.16
C VAL D 76 49.83 29.05 -65.58
N ALA D 77 48.86 28.17 -65.88
CA ALA D 77 48.73 27.64 -67.22
C ALA D 77 48.37 28.73 -68.22
N SER D 78 47.51 29.66 -67.82
CA SER D 78 47.14 30.77 -68.70
C SER D 78 48.23 31.83 -68.79
N SER D 79 49.36 31.64 -68.13
CA SER D 79 50.53 32.49 -68.29
C SER D 79 51.56 31.93 -69.25
N GLY D 80 51.63 30.60 -69.37
CA GLY D 80 52.48 29.96 -70.35
C GLY D 80 53.96 30.00 -70.09
N THR D 81 54.36 30.08 -68.81
CA THR D 81 55.78 30.21 -68.51
C THR D 81 56.03 29.74 -67.08
N LEU D 82 57.28 29.30 -66.85
CA LEU D 82 57.77 28.94 -65.53
C LEU D 82 59.03 29.72 -65.18
N GLU D 83 59.21 30.89 -65.79
CA GLU D 83 60.40 31.69 -65.54
C GLU D 83 60.44 32.12 -64.09
N PHE D 84 61.58 31.89 -63.44
CA PHE D 84 61.71 32.09 -62.00
C PHE D 84 62.96 32.93 -61.74
N ASN D 85 62.81 33.95 -60.90
CA ASN D 85 63.91 34.82 -60.51
C ASN D 85 64.11 34.71 -59.00
N ASN D 86 65.33 34.40 -58.59
CA ASN D 86 65.64 34.28 -57.17
C ASN D 86 65.87 35.64 -56.55
N GLU D 87 65.33 35.83 -55.36
CA GLU D 87 65.45 37.09 -54.63
C GLU D 87 66.03 36.83 -53.25
N SER D 88 66.80 37.81 -52.77
CA SER D 88 67.54 37.68 -51.51
C SER D 88 66.58 37.95 -50.35
N PHE D 89 65.76 36.95 -50.04
CA PHE D 89 65.00 36.96 -48.80
C PHE D 89 65.94 36.73 -47.63
N ASN D 90 65.89 37.62 -46.64
CA ASN D 90 66.79 37.58 -45.48
C ASN D 90 66.02 37.04 -44.28
N TRP D 91 66.10 35.73 -44.07
CA TRP D 91 65.50 35.05 -42.94
C TRP D 91 66.53 34.99 -41.83
N ASN D 92 66.66 36.09 -41.09
CA ASN D 92 67.69 36.21 -40.06
C ASN D 92 67.22 35.53 -38.78
N GLY D 93 67.99 34.56 -38.30
CA GLY D 93 67.70 33.90 -37.04
C GLY D 93 67.13 32.50 -37.14
N VAL D 94 67.08 31.91 -38.34
CA VAL D 94 66.51 30.58 -38.52
C VAL D 94 67.44 29.76 -39.43
N THR D 95 67.19 28.45 -39.45
CA THR D 95 67.88 27.53 -40.35
C THR D 95 67.07 27.30 -41.63
N GLN D 96 67.77 27.29 -42.78
CA GLN D 96 67.19 27.15 -44.11
C GLN D 96 67.61 25.81 -44.74
N ASN D 97 67.22 25.66 -46.00
CA ASN D 97 67.51 24.46 -46.79
C ASN D 97 67.02 23.16 -46.17
N GLY D 98 65.81 23.17 -45.62
CA GLY D 98 65.24 21.96 -45.06
C GLY D 98 65.05 20.91 -46.14
N THR D 99 65.36 19.66 -45.79
CA THR D 99 65.29 18.56 -46.73
C THR D 99 64.41 17.46 -46.17
N SER D 100 64.13 16.46 -47.00
CA SER D 100 63.28 15.35 -46.61
C SER D 100 63.71 14.09 -47.35
N SER D 101 63.49 12.94 -46.72
CA SER D 101 63.76 11.66 -47.36
C SER D 101 62.66 11.25 -48.33
N ALA D 102 61.53 11.95 -48.33
CA ALA D 102 60.47 11.70 -49.30
C ALA D 102 60.66 12.50 -50.59
N CYS D 103 61.67 13.36 -50.64
CA CYS D 103 61.91 14.23 -51.79
C CYS D 103 63.35 14.04 -52.24
N ILE D 104 63.62 12.88 -52.85
CA ILE D 104 64.97 12.49 -53.21
C ILE D 104 65.39 13.19 -54.49
N ARG D 105 66.61 13.73 -54.50
CA ARG D 105 67.20 14.32 -55.70
C ARG D 105 68.66 13.91 -55.75
N ARG D 106 69.03 13.20 -56.81
CA ARG D 106 70.40 12.66 -56.95
C ARG D 106 70.75 11.77 -55.77
N SER D 107 69.80 10.91 -55.38
CA SER D 107 69.99 9.95 -54.29
C SER D 107 70.38 10.63 -52.97
N ASN D 108 69.89 11.85 -52.78
CA ASN D 108 70.20 12.61 -51.57
C ASN D 108 68.95 13.35 -51.10
N ASN D 109 68.79 13.53 -49.80
CA ASN D 109 67.66 14.27 -49.26
C ASN D 109 67.64 15.69 -49.83
N SER D 110 66.45 16.13 -50.23
CA SER D 110 66.30 17.44 -50.86
C SER D 110 64.89 17.94 -50.57
N PHE D 111 64.45 18.94 -51.34
CA PHE D 111 63.17 19.59 -51.13
C PHE D 111 62.75 20.24 -52.45
N PHE D 112 61.57 20.85 -52.45
CA PHE D 112 61.12 21.58 -53.63
C PHE D 112 62.12 22.67 -53.99
N SER D 113 62.47 22.75 -55.27
CA SER D 113 63.52 23.68 -55.71
C SER D 113 63.12 25.14 -55.54
N ARG D 114 61.82 25.45 -55.50
CA ARG D 114 61.36 26.83 -55.43
C ARG D 114 60.95 27.24 -54.03
N LEU D 115 60.99 26.33 -53.07
CA LEU D 115 60.57 26.59 -51.70
C LEU D 115 61.72 26.39 -50.73
N ASN D 116 61.61 27.04 -49.58
CA ASN D 116 62.66 27.06 -48.55
C ASN D 116 62.04 26.67 -47.22
N TRP D 117 62.36 25.47 -46.74
CA TRP D 117 61.84 24.97 -45.48
C TRP D 117 62.62 25.59 -44.33
N LEU D 118 61.98 26.48 -43.58
CA LEU D 118 62.61 27.18 -42.47
C LEU D 118 62.26 26.50 -41.15
N THR D 119 63.28 26.28 -40.32
CA THR D 119 63.11 25.69 -38.99
C THR D 119 63.87 26.53 -37.98
N HIS D 120 63.77 26.15 -36.71
CA HIS D 120 64.39 26.90 -35.63
C HIS D 120 65.90 26.79 -35.69
N LEU D 121 66.56 27.78 -35.08
CA LEU D 121 68.02 27.79 -34.91
C LEU D 121 68.31 27.69 -33.41
N ASN D 122 68.84 26.55 -32.99
CA ASN D 122 69.09 26.27 -31.58
C ASN D 122 67.82 26.43 -30.75
N PHE D 123 66.71 25.90 -31.27
CA PHE D 123 65.44 25.87 -30.57
C PHE D 123 64.92 27.27 -30.27
N LYS D 124 65.20 28.20 -31.17
CA LYS D 124 64.63 29.55 -31.13
C LYS D 124 64.18 29.93 -32.53
N TYR D 125 62.97 30.46 -32.66
CA TYR D 125 62.41 30.85 -33.95
C TYR D 125 61.84 32.26 -33.82
N PRO D 126 62.63 33.28 -34.17
CA PRO D 126 62.14 34.66 -34.05
C PRO D 126 61.06 34.98 -35.08
N ALA D 127 60.15 35.89 -34.69
CA ALA D 127 59.10 36.35 -35.59
C ALA D 127 59.68 37.01 -36.82
N LEU D 128 59.59 36.33 -37.97
CA LEU D 128 60.14 36.80 -39.22
C LEU D 128 59.21 37.80 -39.90
N ASN D 129 59.70 39.01 -40.17
CA ASN D 129 58.99 39.95 -41.04
C ASN D 129 59.95 40.44 -42.13
N VAL D 130 59.75 39.97 -43.35
CA VAL D 130 60.62 40.35 -44.45
C VAL D 130 59.76 41.15 -45.43
N THR D 131 60.38 42.08 -46.13
CA THR D 131 59.66 42.94 -47.06
C THR D 131 60.38 42.94 -48.39
N MET D 132 59.65 42.62 -49.46
CA MET D 132 60.24 42.48 -50.79
C MET D 132 59.49 43.38 -51.76
N PRO D 133 60.13 44.43 -52.27
CA PRO D 133 59.44 45.32 -53.21
C PRO D 133 59.48 44.82 -54.64
N ASN D 134 58.46 45.19 -55.40
CA ASN D 134 58.33 44.88 -56.82
C ASN D 134 58.57 46.17 -57.60
N ASN D 135 59.81 46.38 -58.06
CA ASN D 135 60.14 47.52 -58.89
C ASN D 135 60.24 47.14 -60.36
N GLU D 136 59.31 46.30 -60.83
CA GLU D 136 59.30 45.83 -62.21
C GLU D 136 58.06 46.41 -62.90
N GLN D 137 57.90 46.04 -64.17
CA GLN D 137 56.72 46.40 -64.95
C GLN D 137 55.72 45.26 -65.10
N PHE D 138 56.05 44.08 -64.60
CA PHE D 138 55.17 42.93 -64.67
C PHE D 138 54.70 42.56 -63.27
N ASP D 139 53.76 41.61 -63.21
CA ASP D 139 53.23 41.13 -61.95
C ASP D 139 54.05 39.93 -61.49
N LYS D 140 54.32 39.88 -60.19
CA LYS D 140 55.11 38.81 -59.60
C LYS D 140 54.17 37.79 -58.96
N LEU D 141 54.48 36.51 -59.14
CA LEU D 141 53.75 35.41 -58.51
C LEU D 141 54.65 34.73 -57.50
N TYR D 142 54.27 34.79 -56.23
CA TYR D 142 55.02 34.16 -55.15
C TYR D 142 54.29 32.91 -54.67
N ILE D 143 55.00 31.79 -54.62
CA ILE D 143 54.47 30.53 -54.14
C ILE D 143 55.10 30.22 -52.78
N TRP D 144 54.27 30.10 -51.75
CA TRP D 144 54.72 29.78 -50.41
C TRP D 144 53.82 28.71 -49.82
N GLY D 145 54.20 28.19 -48.66
CA GLY D 145 53.49 27.09 -48.05
C GLY D 145 53.45 27.20 -46.55
N VAL D 146 52.62 26.35 -45.96
CA VAL D 146 52.50 26.20 -44.51
C VAL D 146 52.59 24.71 -44.20
N HIS D 147 53.51 24.37 -43.31
CA HIS D 147 53.74 22.97 -42.96
C HIS D 147 52.86 22.57 -41.78
N HIS D 148 52.23 21.40 -41.89
CA HIS D 148 51.36 20.86 -40.86
C HIS D 148 52.02 19.65 -40.23
N PRO D 149 52.74 19.81 -39.11
CA PRO D 149 53.40 18.65 -38.49
C PRO D 149 52.37 17.69 -37.91
N VAL D 150 52.85 16.49 -37.60
CA VAL D 150 51.95 15.41 -37.21
C VAL D 150 51.52 15.58 -35.75
N THR D 151 52.49 15.79 -34.87
CA THR D 151 52.28 15.91 -33.44
C THR D 151 52.80 17.24 -32.94
N ASP D 152 52.57 17.51 -31.66
CA ASP D 152 53.19 18.66 -31.01
C ASP D 152 54.67 18.43 -30.77
N LYS D 153 55.10 17.17 -30.73
CA LYS D 153 56.54 16.87 -30.64
C LYS D 153 57.29 17.39 -31.85
N ASP D 154 56.73 17.21 -33.04
CA ASP D 154 57.37 17.71 -34.26
C ASP D 154 57.22 19.22 -34.37
N GLN D 155 56.05 19.75 -34.02
CA GLN D 155 55.85 21.20 -34.00
C GLN D 155 56.94 21.91 -33.20
N ILE D 156 57.26 21.37 -32.02
CA ILE D 156 58.30 21.98 -31.19
C ILE D 156 59.69 21.72 -31.77
N PHE D 157 59.95 20.50 -32.22
CA PHE D 157 61.27 20.17 -32.73
C PHE D 157 61.58 20.85 -34.05
N LEU D 158 60.56 21.28 -34.79
CA LEU D 158 60.77 22.03 -36.02
C LEU D 158 60.78 23.54 -35.81
N TYR D 159 59.90 24.08 -34.97
CA TYR D 159 59.73 25.52 -34.87
C TYR D 159 59.81 26.08 -33.46
N ALA D 160 60.01 25.23 -32.45
CA ALA D 160 60.24 25.67 -31.07
C ALA D 160 59.11 26.55 -30.54
N GLN D 161 57.89 26.34 -31.02
CA GLN D 161 56.71 27.08 -30.59
C GLN D 161 55.53 26.12 -30.68
N PRO D 162 54.59 26.18 -29.73
CA PRO D 162 53.44 25.25 -29.78
C PRO D 162 52.55 25.45 -31.00
N SER D 163 52.55 26.63 -31.62
CA SER D 163 51.75 26.87 -32.81
C SER D 163 52.28 28.09 -33.54
N GLY D 164 52.49 27.95 -34.85
CA GLY D 164 52.93 29.06 -35.67
C GLY D 164 51.77 29.87 -36.24
N ARG D 165 52.14 31.01 -36.83
CA ARG D 165 51.21 31.91 -37.49
C ARG D 165 51.90 32.51 -38.71
N ILE D 166 51.21 32.50 -39.85
CA ILE D 166 51.76 33.08 -41.07
C ILE D 166 50.73 34.04 -41.64
N THR D 167 51.17 35.25 -41.96
CA THR D 167 50.29 36.22 -42.62
C THR D 167 51.10 36.88 -43.73
N VAL D 168 50.64 36.68 -44.97
CA VAL D 168 51.25 37.26 -46.15
C VAL D 168 50.29 38.29 -46.71
N SER D 169 50.78 39.50 -46.90
CA SER D 169 49.90 40.61 -47.25
C SER D 169 50.51 41.45 -48.36
N THR D 170 49.65 42.19 -49.03
CA THR D 170 50.06 43.19 -50.01
C THR D 170 49.29 44.47 -49.69
N LYS D 171 49.24 45.38 -50.65
CA LYS D 171 48.40 46.56 -50.51
C LYS D 171 46.94 46.31 -50.85
N ARG D 172 46.55 45.05 -51.12
CA ARG D 172 45.19 44.84 -51.59
C ARG D 172 44.53 43.68 -50.87
N SER D 173 45.29 42.65 -50.52
CA SER D 173 44.76 41.46 -49.87
C SER D 173 45.65 41.08 -48.70
N GLN D 174 45.12 40.21 -47.84
CA GLN D 174 45.86 39.69 -46.71
C GLN D 174 45.40 38.26 -46.45
N GLN D 175 46.36 37.36 -46.26
CA GLN D 175 46.10 35.95 -46.07
C GLN D 175 46.83 35.48 -44.82
N ALA D 176 46.07 35.04 -43.81
CA ALA D 176 46.61 34.56 -42.55
C ALA D 176 46.19 33.11 -42.35
N VAL D 177 47.18 32.24 -42.11
CA VAL D 177 46.95 30.81 -41.95
C VAL D 177 47.60 30.34 -40.66
N ILE D 178 46.88 29.51 -39.91
CA ILE D 178 47.43 28.82 -38.74
C ILE D 178 47.52 27.34 -39.08
N PRO D 179 48.62 26.67 -38.78
CA PRO D 179 48.72 25.24 -39.07
C PRO D 179 47.75 24.43 -38.23
N ASN D 180 47.35 23.29 -38.78
CA ASN D 180 46.47 22.33 -38.11
C ASN D 180 47.27 21.07 -37.84
N ILE D 181 47.70 20.89 -36.60
CA ILE D 181 48.52 19.74 -36.23
C ILE D 181 47.62 18.52 -36.12
N GLY D 182 48.05 17.42 -36.71
CA GLY D 182 47.28 16.19 -36.65
C GLY D 182 47.85 15.15 -37.57
N PHE D 183 47.33 13.93 -37.41
CA PHE D 183 47.80 12.80 -38.18
C PHE D 183 47.05 12.71 -39.50
N ARG D 184 47.77 12.32 -40.55
CA ARG D 184 47.18 12.09 -41.86
C ARG D 184 47.80 10.82 -42.42
N PRO D 185 47.13 10.14 -43.35
CA PRO D 185 47.71 8.91 -43.91
C PRO D 185 49.07 9.18 -44.54
N ARG D 186 49.99 8.23 -44.35
CA ARG D 186 51.37 8.42 -44.79
C ARG D 186 51.48 8.29 -46.30
N ILE D 187 51.83 9.38 -46.95
CA ILE D 187 52.17 9.39 -48.37
C ILE D 187 53.69 9.39 -48.45
N ARG D 188 54.25 8.33 -49.02
CA ARG D 188 55.70 8.10 -49.00
C ARG D 188 56.22 8.09 -47.57
N ASN D 189 55.44 7.50 -46.67
CA ASN D 189 55.80 7.35 -45.25
C ASN D 189 55.94 8.71 -44.58
N ILE D 190 55.06 9.65 -44.96
CA ILE D 190 55.05 10.96 -44.32
C ILE D 190 53.61 11.29 -43.92
N PRO D 191 53.31 11.36 -42.63
CA PRO D 191 51.96 11.74 -42.20
C PRO D 191 51.76 13.24 -41.99
N SER D 192 52.76 14.07 -42.28
CA SER D 192 52.60 15.52 -42.29
C SER D 192 52.23 15.99 -43.69
N ARG D 193 51.83 17.26 -43.79
CA ARG D 193 51.41 17.81 -45.07
C ARG D 193 51.86 19.27 -45.16
N ILE D 194 51.79 19.79 -46.39
CA ILE D 194 52.07 21.19 -46.68
C ILE D 194 50.90 21.75 -47.48
N SER D 195 50.41 22.91 -47.10
CA SER D 195 49.38 23.60 -47.87
C SER D 195 50.02 24.76 -48.64
N ILE D 196 49.75 24.80 -49.95
CA ILE D 196 50.37 25.77 -50.85
C ILE D 196 49.44 26.95 -51.05
N TYR D 197 49.99 28.16 -51.00
CA TYR D 197 49.25 29.39 -51.25
C TYR D 197 50.06 30.25 -52.21
N TRP D 198 49.37 31.21 -52.85
CA TRP D 198 50.03 32.10 -53.80
C TRP D 198 49.56 33.54 -53.59
N THR D 199 50.43 34.48 -53.96
CA THR D 199 50.13 35.90 -53.89
C THR D 199 50.69 36.59 -55.12
N ILE D 200 49.90 37.49 -55.69
CA ILE D 200 50.30 38.28 -56.85
C ILE D 200 50.69 39.67 -56.39
N VAL D 201 51.86 40.14 -56.81
CA VAL D 201 52.35 41.48 -56.51
C VAL D 201 52.49 42.25 -57.81
N LYS D 202 51.92 43.45 -57.84
CA LYS D 202 51.84 44.33 -58.99
C LYS D 202 53.00 45.31 -58.97
N PRO D 203 53.31 45.94 -60.11
CA PRO D 203 54.37 46.96 -60.12
C PRO D 203 54.10 48.06 -59.10
N GLY D 204 55.15 48.43 -58.37
CA GLY D 204 55.02 49.42 -57.32
C GLY D 204 54.57 48.90 -55.99
N ASP D 205 54.19 47.62 -55.91
CA ASP D 205 53.65 47.03 -54.70
C ASP D 205 54.70 46.21 -53.96
N ILE D 206 54.41 45.91 -52.71
CA ILE D 206 55.33 45.25 -51.79
C ILE D 206 54.70 43.98 -51.24
N LEU D 207 55.51 42.93 -51.15
CA LEU D 207 55.11 41.68 -50.50
C LEU D 207 55.50 41.71 -49.03
N LEU D 208 54.52 41.47 -48.15
CA LEU D 208 54.72 41.52 -46.70
C LEU D 208 54.37 40.17 -46.10
N ILE D 209 55.32 39.57 -45.35
CA ILE D 209 55.15 38.27 -44.73
C ILE D 209 55.56 38.38 -43.26
N ASN D 210 54.64 38.08 -42.36
CA ASN D 210 54.93 37.95 -40.93
C ASN D 210 54.76 36.48 -40.56
N SER D 211 55.76 35.92 -39.89
CA SER D 211 55.72 34.51 -39.52
C SER D 211 56.43 34.27 -38.19
N THR D 212 55.80 33.44 -37.36
CA THR D 212 56.39 32.93 -36.14
C THR D 212 56.75 31.46 -36.22
N GLY D 213 56.50 30.82 -37.35
CA GLY D 213 56.84 29.42 -37.54
C GLY D 213 55.99 28.81 -38.62
N ASN D 214 56.39 27.60 -39.04
CA ASN D 214 55.68 26.75 -40.00
C ASN D 214 55.61 27.36 -41.40
N LEU D 215 56.49 28.29 -41.72
CA LEU D 215 56.48 28.95 -43.01
C LEU D 215 57.39 28.21 -43.99
N ILE D 216 56.82 27.78 -45.11
CA ILE D 216 57.60 27.27 -46.24
C ILE D 216 57.84 28.46 -47.16
N ALA D 217 59.00 29.08 -47.02
CA ALA D 217 59.23 30.37 -47.65
C ALA D 217 59.52 30.22 -49.14
N PRO D 218 59.16 31.21 -49.94
CA PRO D 218 59.53 31.18 -51.35
C PRO D 218 60.97 31.61 -51.55
N ARG D 219 61.56 31.14 -52.65
CA ARG D 219 62.92 31.50 -53.03
C ARG D 219 62.94 32.59 -54.09
N GLY D 220 61.79 33.14 -54.44
CA GLY D 220 61.70 34.15 -55.48
C GLY D 220 60.29 34.20 -56.04
N TYR D 221 60.19 34.68 -57.28
CA TYR D 221 58.91 34.89 -57.92
C TYR D 221 58.91 34.33 -59.32
N PHE D 222 57.72 33.94 -59.78
CA PHE D 222 57.47 33.57 -61.16
C PHE D 222 56.89 34.78 -61.90
N LYS D 223 57.35 35.00 -63.11
CA LYS D 223 56.78 36.08 -63.92
C LYS D 223 55.40 35.67 -64.44
N ILE D 224 54.44 36.58 -64.30
CA ILE D 224 53.07 36.36 -64.75
C ILE D 224 52.92 37.02 -66.13
N ARG D 225 52.35 36.28 -67.07
CA ARG D 225 52.16 36.78 -68.42
C ARG D 225 50.69 36.69 -68.82
N SER D 226 50.33 37.44 -69.85
CA SER D 226 48.99 37.43 -70.42
C SER D 226 49.05 36.87 -71.83
N GLY D 227 48.17 35.93 -72.13
CA GLY D 227 48.13 35.34 -73.45
C GLY D 227 47.08 34.25 -73.53
N LYS D 228 47.15 33.47 -74.61
CA LYS D 228 46.23 32.36 -74.82
C LYS D 228 46.80 31.02 -74.38
N SER D 229 47.78 31.04 -73.47
CA SER D 229 48.29 29.77 -72.98
C SER D 229 47.22 29.07 -72.17
N SER D 230 47.25 27.75 -72.17
CA SER D 230 46.24 26.96 -71.47
C SER D 230 46.83 25.59 -71.15
N ILE D 231 46.00 24.75 -70.53
CA ILE D 231 46.39 23.42 -70.10
C ILE D 231 45.29 22.46 -70.52
N MET D 232 45.68 21.22 -70.79
CA MET D 232 44.74 20.22 -71.25
C MET D 232 45.18 18.85 -70.75
N ARG D 233 44.21 18.06 -70.29
CA ARG D 233 44.47 16.69 -69.87
C ARG D 233 44.22 15.78 -71.05
N SER D 234 45.23 15.00 -71.42
CA SER D 234 45.11 14.10 -72.56
C SER D 234 46.23 13.07 -72.49
N ASP D 235 45.93 11.85 -72.94
CA ASP D 235 46.93 10.81 -73.09
C ASP D 235 47.26 10.56 -74.55
N ALA D 236 46.95 11.52 -75.42
CA ALA D 236 47.27 11.36 -76.83
C ALA D 236 48.74 11.65 -77.08
N PRO D 237 49.41 10.85 -77.91
CA PRO D 237 50.83 11.12 -78.21
C PRO D 237 50.99 12.41 -78.99
N ILE D 238 52.18 12.98 -78.87
CA ILE D 238 52.54 14.19 -79.62
C ILE D 238 53.19 13.75 -80.92
N GLY D 239 52.73 14.34 -82.04
CA GLY D 239 53.22 13.96 -83.34
C GLY D 239 53.75 15.16 -84.11
N LYS D 240 54.52 14.86 -85.15
CA LYS D 240 55.09 15.89 -86.03
C LYS D 240 54.10 16.20 -87.13
N CYS D 241 53.19 17.14 -86.85
CA CYS D 241 52.27 17.63 -87.87
C CYS D 241 51.92 19.07 -87.52
N LYS D 242 50.90 19.61 -88.20
CA LYS D 242 50.48 20.99 -88.02
C LYS D 242 48.96 21.03 -88.05
N SER D 243 48.36 21.56 -87.00
CA SER D 243 46.91 21.62 -86.90
C SER D 243 46.53 22.67 -85.86
N GLU D 244 45.59 23.55 -86.21
CA GLU D 244 45.18 24.63 -85.32
C GLU D 244 43.97 24.27 -84.46
N CYS D 245 43.76 22.99 -84.18
CA CYS D 245 42.67 22.59 -83.29
C CYS D 245 43.10 21.32 -82.56
N ILE D 246 43.17 21.41 -81.24
CA ILE D 246 43.61 20.32 -80.39
C ILE D 246 42.45 19.92 -79.49
N THR D 247 42.22 18.62 -79.36
CA THR D 247 41.26 18.04 -78.45
C THR D 247 41.96 16.95 -77.66
N PRO D 248 41.43 16.59 -76.48
CA PRO D 248 42.08 15.52 -75.70
C PRO D 248 42.27 14.23 -76.46
N ASN D 249 41.44 13.97 -77.48
CA ASN D 249 41.57 12.77 -78.30
C ASN D 249 42.54 12.95 -79.47
N GLY D 250 43.09 14.14 -79.66
CA GLY D 250 44.02 14.41 -80.73
C GLY D 250 43.61 15.63 -81.53
N SER D 251 44.43 15.96 -82.51
CA SER D 251 44.12 17.09 -83.37
C SER D 251 43.00 16.72 -84.35
N ILE D 252 42.11 17.67 -84.59
CA ILE D 252 41.00 17.45 -85.53
C ILE D 252 41.05 18.55 -86.58
N PRO D 253 40.57 18.30 -87.79
CA PRO D 253 40.45 19.38 -88.77
C PRO D 253 39.24 20.24 -88.46
N ASN D 254 39.35 21.52 -88.84
CA ASN D 254 38.32 22.52 -88.55
C ASN D 254 37.57 22.95 -89.81
N ASP D 255 37.26 22.00 -90.68
CA ASP D 255 36.51 22.31 -91.88
C ASP D 255 35.03 22.53 -91.58
N LYS D 256 34.39 21.51 -91.02
CA LYS D 256 32.98 21.58 -90.70
C LYS D 256 32.73 22.56 -89.54
N PRO D 257 31.56 23.18 -89.49
CA PRO D 257 31.25 24.09 -88.37
C PRO D 257 30.95 23.38 -87.07
N PHE D 258 30.80 22.06 -87.05
CA PHE D 258 30.47 21.33 -85.85
C PHE D 258 31.47 20.22 -85.60
N GLN D 259 31.49 19.73 -84.37
CA GLN D 259 32.38 18.64 -83.97
C GLN D 259 31.72 17.84 -82.86
N ASN D 260 32.00 16.54 -82.84
CA ASN D 260 31.46 15.64 -81.82
C ASN D 260 32.55 14.85 -81.09
N VAL D 261 33.81 15.25 -81.23
CA VAL D 261 34.90 14.47 -80.64
C VAL D 261 34.97 14.66 -79.13
N ASN D 262 34.94 15.91 -78.67
CA ASN D 262 35.09 16.19 -77.25
C ASN D 262 34.73 17.64 -76.97
N ARG D 263 34.31 17.90 -75.72
CA ARG D 263 33.87 19.22 -75.34
C ARG D 263 35.04 20.19 -75.21
N ILE D 264 36.18 19.71 -74.73
CA ILE D 264 37.35 20.53 -74.49
C ILE D 264 38.15 20.71 -75.78
N THR D 265 38.35 21.95 -76.20
CA THR D 265 39.11 22.25 -77.40
C THR D 265 40.09 23.39 -77.13
N TYR D 266 41.13 23.46 -77.96
CA TYR D 266 42.11 24.54 -77.89
C TYR D 266 42.40 25.05 -79.30
N GLY D 267 42.31 26.36 -79.47
CA GLY D 267 42.56 26.98 -80.76
C GLY D 267 41.29 27.26 -81.52
N ALA D 268 41.46 27.53 -82.81
CA ALA D 268 40.32 27.80 -83.70
C ALA D 268 39.67 26.48 -84.06
N CYS D 269 38.64 26.11 -83.33
CA CYS D 269 37.97 24.83 -83.48
C CYS D 269 36.50 25.02 -83.85
N PRO D 270 35.87 24.00 -84.44
CA PRO D 270 34.41 24.07 -84.63
C PRO D 270 33.70 23.88 -83.30
N ARG D 271 32.46 24.38 -83.25
CA ARG D 271 31.66 24.24 -82.05
C ARG D 271 31.21 22.80 -81.86
N TYR D 272 30.88 22.45 -80.62
CA TYR D 272 30.56 21.08 -80.25
C TYR D 272 29.07 20.76 -80.35
N VAL D 273 28.77 19.54 -80.79
CA VAL D 273 27.43 18.98 -80.81
C VAL D 273 27.52 17.56 -80.25
N LYS D 274 26.51 17.17 -79.48
CA LYS D 274 26.59 15.90 -78.74
C LYS D 274 26.74 14.70 -79.67
N GLN D 275 25.78 14.50 -80.59
CA GLN D 275 25.80 13.36 -81.50
C GLN D 275 26.13 12.08 -80.72
N SER D 276 27.23 11.41 -81.07
CA SER D 276 27.60 10.16 -80.44
C SER D 276 28.94 10.28 -79.73
N THR E 4 -47.87 -48.70 -6.57
CA THR E 4 -47.81 -49.09 -7.97
C THR E 4 -46.37 -49.13 -8.45
N GLU E 5 -46.15 -48.57 -9.65
CA GLU E 5 -44.82 -48.31 -10.18
C GLU E 5 -44.07 -47.24 -9.40
N LEU E 6 -44.72 -46.58 -8.44
CA LEU E 6 -44.17 -45.41 -7.78
C LEU E 6 -43.89 -45.62 -6.30
N VAL E 7 -43.75 -46.87 -5.86
CA VAL E 7 -43.35 -47.17 -4.48
C VAL E 7 -42.04 -47.95 -4.53
N GLN E 8 -41.03 -47.45 -3.80
CA GLN E 8 -39.74 -48.11 -3.75
C GLN E 8 -39.86 -49.42 -2.97
N ASN E 9 -39.54 -50.53 -3.63
CA ASN E 9 -39.81 -51.86 -3.11
C ASN E 9 -38.56 -52.64 -2.75
N SER E 10 -37.36 -52.08 -2.93
CA SER E 10 -36.14 -52.84 -2.73
C SER E 10 -35.06 -51.97 -2.12
N SER E 11 -33.98 -52.62 -1.70
CA SER E 11 -32.77 -51.95 -1.23
C SER E 11 -31.58 -52.74 -1.75
N ILE E 12 -30.39 -52.13 -1.64
CA ILE E 12 -29.17 -52.78 -2.12
C ILE E 12 -28.52 -53.64 -1.04
N GLY E 13 -29.09 -53.70 0.15
CA GLY E 13 -28.53 -54.47 1.25
C GLY E 13 -27.27 -53.90 1.84
N GLU E 14 -26.87 -52.70 1.44
CA GLU E 14 -25.67 -52.06 1.97
C GLU E 14 -25.94 -50.58 2.21
N ILE E 15 -25.26 -50.04 3.20
CA ILE E 15 -25.33 -48.60 3.50
C ILE E 15 -24.16 -47.91 2.82
N CYS E 16 -24.47 -46.99 1.91
CA CYS E 16 -23.42 -46.27 1.19
C CYS E 16 -22.78 -45.23 2.10
N ASP E 17 -21.45 -45.18 2.08
CA ASP E 17 -20.69 -44.25 2.91
C ASP E 17 -20.70 -42.81 2.39
N SER E 18 -21.55 -42.47 1.44
CA SER E 18 -21.57 -41.13 0.86
C SER E 18 -23.01 -40.79 0.52
N PRO E 19 -23.39 -39.50 0.63
CA PRO E 19 -22.57 -38.33 0.99
C PRO E 19 -22.47 -38.07 2.49
N HIS E 20 -23.20 -38.83 3.30
CA HIS E 20 -23.18 -38.65 4.74
C HIS E 20 -22.02 -39.44 5.35
N GLN E 21 -21.32 -38.82 6.30
CA GLN E 21 -20.22 -39.49 6.97
C GLN E 21 -20.78 -40.55 7.93
N ILE E 22 -20.53 -41.82 7.64
CA ILE E 22 -21.03 -42.93 8.42
C ILE E 22 -19.92 -43.39 9.36
N LEU E 23 -20.28 -43.62 10.62
CA LEU E 23 -19.36 -44.14 11.62
C LEU E 23 -19.91 -45.48 12.11
N ASP E 24 -19.29 -46.57 11.67
CA ASP E 24 -19.71 -47.89 12.09
C ASP E 24 -19.33 -48.13 13.55
N GLY E 25 -20.24 -48.77 14.29
CA GLY E 25 -20.01 -49.00 15.70
C GLY E 25 -19.36 -50.32 16.04
N GLU E 26 -19.46 -51.30 15.14
CA GLU E 26 -18.97 -52.66 15.39
C GLU E 26 -19.50 -53.22 16.70
N ASN E 27 -18.62 -53.45 17.66
CA ASN E 27 -19.01 -54.03 18.94
C ASN E 27 -19.31 -52.98 20.01
N CYS E 28 -19.47 -51.72 19.62
CA CYS E 28 -19.64 -50.63 20.58
C CYS E 28 -20.95 -49.90 20.33
N THR E 29 -21.63 -49.53 21.42
CA THR E 29 -22.73 -48.60 21.34
C THR E 29 -22.21 -47.18 21.44
N LEU E 30 -23.09 -46.21 21.14
CA LEU E 30 -22.67 -44.82 21.19
C LEU E 30 -22.33 -44.38 22.60
N ILE E 31 -23.09 -44.85 23.59
CA ILE E 31 -22.84 -44.45 24.97
C ILE E 31 -21.57 -45.10 25.50
N ASP E 32 -21.31 -46.36 25.14
CA ASP E 32 -20.05 -46.98 25.55
C ASP E 32 -18.85 -46.24 24.97
N ALA E 33 -18.97 -45.78 23.72
CA ALA E 33 -17.93 -44.93 23.15
C ALA E 33 -17.88 -43.58 23.86
N LEU E 34 -19.02 -43.12 24.36
CA LEU E 34 -19.05 -41.87 25.13
C LEU E 34 -18.34 -42.03 26.46
N LEU E 35 -18.65 -43.11 27.20
CA LEU E 35 -18.08 -43.30 28.52
C LEU E 35 -16.60 -43.65 28.45
N GLY E 36 -16.20 -44.47 27.48
CA GLY E 36 -14.81 -44.85 27.35
C GLY E 36 -14.53 -46.30 27.65
N ASP E 37 -15.39 -47.20 27.16
CA ASP E 37 -15.10 -48.63 27.24
C ASP E 37 -13.78 -48.91 26.52
N PRO E 38 -12.86 -49.66 27.14
CA PRO E 38 -11.54 -49.86 26.53
C PRO E 38 -11.57 -50.39 25.10
N GLN E 39 -12.56 -51.20 24.73
CA GLN E 39 -12.67 -51.65 23.35
C GLN E 39 -13.13 -50.54 22.42
N CYS E 40 -13.66 -49.44 22.95
CA CYS E 40 -14.19 -48.35 22.15
C CYS E 40 -13.28 -47.12 22.15
N ASP E 41 -12.00 -47.28 22.49
CA ASP E 41 -11.09 -46.14 22.54
C ASP E 41 -10.72 -45.63 21.16
N GLY E 42 -11.01 -46.40 20.09
CA GLY E 42 -10.78 -45.89 18.75
C GLY E 42 -11.76 -44.84 18.32
N PHE E 43 -12.88 -44.72 19.03
CA PHE E 43 -13.94 -43.77 18.68
C PHE E 43 -13.77 -42.41 19.34
N GLN E 44 -12.65 -42.17 20.01
CA GLN E 44 -12.49 -40.94 20.78
C GLN E 44 -12.43 -39.72 19.87
N ASN E 45 -13.27 -38.73 20.17
CA ASN E 45 -13.32 -37.45 19.46
C ASN E 45 -13.63 -37.63 17.97
N LYS E 46 -14.31 -38.71 17.62
CA LYS E 46 -14.72 -38.91 16.23
C LYS E 46 -16.03 -38.19 15.94
N LYS E 47 -16.22 -37.85 14.68
CA LYS E 47 -17.41 -37.13 14.21
C LYS E 47 -18.21 -38.04 13.28
N TRP E 48 -19.46 -37.68 13.07
CA TRP E 48 -20.31 -38.49 12.19
C TRP E 48 -21.54 -37.71 11.78
N ASP E 49 -22.14 -38.13 10.67
CA ASP E 49 -23.50 -37.74 10.31
C ASP E 49 -24.53 -38.78 10.68
N LEU E 50 -24.19 -40.07 10.64
CA LEU E 50 -25.08 -41.14 11.06
C LEU E 50 -24.26 -42.22 11.75
N PHE E 51 -24.54 -42.44 13.04
CA PHE E 51 -23.93 -43.51 13.80
C PHE E 51 -24.76 -44.79 13.61
N VAL E 52 -24.08 -45.87 13.22
CA VAL E 52 -24.74 -47.14 12.93
C VAL E 52 -24.42 -48.11 14.06
N GLU E 53 -25.43 -48.44 14.86
CA GLU E 53 -25.29 -49.40 15.95
C GLU E 53 -25.66 -50.80 15.48
N ARG E 54 -24.84 -51.79 15.84
CA ARG E 54 -25.06 -53.18 15.48
C ARG E 54 -25.69 -53.93 16.65
N SER E 55 -26.42 -55.00 16.31
CA SER E 55 -27.02 -55.85 17.32
C SER E 55 -25.99 -56.68 18.07
N LYS E 56 -24.78 -56.81 17.53
CA LYS E 56 -23.72 -57.56 18.18
C LYS E 56 -22.98 -56.75 19.24
N ALA E 57 -23.34 -55.48 19.43
CA ALA E 57 -22.62 -54.63 20.37
C ALA E 57 -22.80 -55.15 21.79
N TYR E 58 -21.75 -55.00 22.59
CA TYR E 58 -21.75 -55.48 23.96
C TYR E 58 -20.80 -54.61 24.79
N SER E 59 -21.13 -54.47 26.07
CA SER E 59 -20.28 -53.74 27.00
C SER E 59 -19.23 -54.68 27.59
N ASN E 60 -18.07 -54.12 27.92
CA ASN E 60 -16.98 -54.91 28.46
C ASN E 60 -16.20 -54.09 29.49
N CYS E 61 -16.91 -53.27 30.27
CA CYS E 61 -16.29 -52.49 31.33
C CYS E 61 -17.06 -52.69 32.64
N TYR E 62 -17.09 -51.68 33.50
CA TYR E 62 -17.80 -51.81 34.77
C TYR E 62 -19.30 -51.84 34.50
N PRO E 63 -20.05 -52.76 35.12
CA PRO E 63 -21.49 -52.82 34.86
C PRO E 63 -22.19 -51.56 35.33
N TYR E 64 -23.00 -50.98 34.45
CA TYR E 64 -23.66 -49.72 34.71
C TYR E 64 -25.06 -49.73 34.11
N ASP E 65 -25.83 -48.70 34.46
CA ASP E 65 -27.11 -48.44 33.83
C ASP E 65 -27.30 -46.93 33.74
N VAL E 66 -28.13 -46.51 32.79
CA VAL E 66 -28.34 -45.08 32.54
C VAL E 66 -29.81 -44.74 32.73
N PRO E 67 -30.18 -44.01 33.79
CA PRO E 67 -31.54 -43.45 33.83
C PRO E 67 -31.78 -42.55 32.63
N ASP E 68 -32.84 -42.86 31.90
CA ASP E 68 -33.14 -42.21 30.61
C ASP E 68 -32.00 -42.42 29.61
N TYR E 69 -31.76 -43.69 29.29
CA TYR E 69 -30.75 -44.07 28.32
C TYR E 69 -31.09 -43.52 26.93
N ALA E 70 -32.38 -43.49 26.60
CA ALA E 70 -32.79 -43.11 25.25
C ALA E 70 -32.50 -41.65 24.96
N SER E 71 -32.70 -40.77 25.94
CA SER E 71 -32.52 -39.34 25.71
C SER E 71 -31.04 -38.99 25.60
N LEU E 72 -30.20 -39.60 26.45
CA LEU E 72 -28.76 -39.34 26.36
C LEU E 72 -28.19 -39.91 25.06
N ARG E 73 -28.64 -41.10 24.68
CA ARG E 73 -28.24 -41.66 23.39
C ARG E 73 -28.69 -40.76 22.25
N SER E 74 -29.92 -40.23 22.35
CA SER E 74 -30.46 -39.36 21.31
C SER E 74 -29.78 -37.99 21.30
N LEU E 75 -29.52 -37.43 22.48
CA LEU E 75 -28.92 -36.09 22.54
C LEU E 75 -27.51 -36.09 21.98
N VAL E 76 -26.72 -37.12 22.30
CA VAL E 76 -25.34 -37.16 21.84
C VAL E 76 -25.29 -37.50 20.35
N ALA E 77 -26.19 -38.38 19.91
CA ALA E 77 -26.25 -38.73 18.49
C ALA E 77 -26.64 -37.55 17.62
N SER E 78 -27.57 -36.72 18.09
CA SER E 78 -27.98 -35.54 17.35
C SER E 78 -26.96 -34.42 17.42
N SER E 79 -25.84 -34.64 18.10
CA SER E 79 -24.72 -33.71 18.10
C SER E 79 -23.64 -34.09 17.10
N GLY E 80 -23.50 -35.39 16.81
CA GLY E 80 -22.59 -35.83 15.77
C GLY E 80 -21.12 -35.73 16.10
N THR E 81 -20.77 -35.81 17.38
CA THR E 81 -19.38 -35.62 17.77
C THR E 81 -19.13 -36.27 19.12
N LEU E 82 -17.88 -36.65 19.34
CA LEU E 82 -17.40 -37.15 20.63
C LEU E 82 -16.21 -36.33 21.11
N GLU E 83 -16.10 -35.08 20.65
CA GLU E 83 -14.97 -34.25 21.03
C GLU E 83 -14.96 -33.99 22.53
N PHE E 84 -13.82 -34.26 23.16
CA PHE E 84 -13.68 -34.19 24.61
C PHE E 84 -12.41 -33.42 24.95
N ASN E 85 -12.52 -32.48 25.87
CA ASN E 85 -11.39 -31.72 26.37
C ASN E 85 -11.22 -31.94 27.86
N ASN E 86 -10.01 -32.29 28.29
CA ASN E 86 -9.78 -32.52 29.70
C ASN E 86 -9.78 -31.19 30.44
N GLU E 87 -10.39 -31.17 31.62
CA GLU E 87 -10.43 -29.98 32.46
C GLU E 87 -9.84 -30.31 33.83
N SER E 88 -9.14 -29.34 34.41
CA SER E 88 -8.41 -29.57 35.65
C SER E 88 -9.37 -29.45 36.83
N PHE E 89 -10.15 -30.51 37.04
CA PHE E 89 -10.88 -30.65 38.29
C PHE E 89 -9.88 -31.01 39.38
N ASN E 90 -9.88 -30.23 40.47
CA ASN E 90 -8.93 -30.44 41.55
C ASN E 90 -9.67 -31.11 42.71
N TRP E 91 -9.59 -32.44 42.75
CA TRP E 91 -10.18 -33.25 43.82
C TRP E 91 -9.12 -33.42 44.89
N ASN E 92 -8.97 -32.39 45.71
CA ASN E 92 -7.93 -32.38 46.73
C ASN E 92 -8.44 -33.11 47.95
N GLY E 93 -7.71 -34.14 48.38
CA GLY E 93 -8.06 -34.88 49.57
C GLY E 93 -8.64 -36.26 49.36
N VAL E 94 -8.64 -36.77 48.13
CA VAL E 94 -9.20 -38.08 47.82
C VAL E 94 -8.24 -38.84 46.92
N THR E 95 -8.53 -40.14 46.75
CA THR E 95 -7.83 -40.97 45.78
C THR E 95 -8.60 -40.96 44.47
N GLN E 96 -7.87 -40.79 43.37
CA GLN E 96 -8.42 -40.72 42.02
C GLN E 96 -7.93 -41.91 41.20
N ASN E 97 -8.31 -41.90 39.92
CA ASN E 97 -7.84 -42.88 38.94
C ASN E 97 -8.13 -44.31 39.40
N GLY E 98 -9.36 -44.53 39.87
CA GLY E 98 -9.77 -45.85 40.30
C GLY E 98 -9.89 -46.81 39.11
N THR E 99 -9.50 -48.06 39.34
CA THR E 99 -9.51 -49.10 38.32
C THR E 99 -10.32 -50.30 38.79
N SER E 100 -10.56 -51.23 37.87
CA SER E 100 -11.36 -52.42 38.14
C SER E 100 -10.89 -53.57 37.26
N SER E 101 -11.08 -54.80 37.75
CA SER E 101 -10.74 -55.98 36.97
C SER E 101 -11.78 -56.31 35.90
N ALA E 102 -12.94 -55.67 35.92
CA ALA E 102 -13.94 -55.84 34.88
C ALA E 102 -13.77 -54.91 33.70
N CYS E 103 -12.83 -53.97 33.77
CA CYS E 103 -12.64 -52.96 32.73
C CYS E 103 -11.17 -53.01 32.32
N ILE E 104 -10.78 -54.08 31.62
CA ILE E 104 -9.38 -54.33 31.30
C ILE E 104 -8.96 -53.51 30.09
N ARG E 105 -7.79 -52.88 30.20
CA ARG E 105 -7.15 -52.16 29.10
C ARG E 105 -5.65 -52.45 29.16
N ARG E 106 -5.13 -52.98 28.04
CA ARG E 106 -3.72 -53.42 27.97
C ARG E 106 -3.41 -54.49 29.00
N SER E 107 -4.34 -55.44 29.14
CA SER E 107 -4.20 -56.57 30.05
C SER E 107 -3.93 -56.13 31.49
N ASN E 108 -4.47 -54.98 31.88
CA ASN E 108 -4.33 -54.44 33.23
C ASN E 108 -5.65 -53.78 33.63
N ASN E 109 -5.92 -53.76 34.92
CA ASN E 109 -7.13 -53.14 35.45
C ASN E 109 -7.23 -51.67 35.05
N SER E 110 -8.41 -51.26 34.64
CA SER E 110 -8.62 -49.90 34.14
C SER E 110 -10.07 -49.49 34.43
N PHE E 111 -10.52 -48.43 33.78
CA PHE E 111 -11.85 -47.86 34.02
C PHE E 111 -12.26 -47.08 32.77
N PHE E 112 -13.46 -46.51 32.81
CA PHE E 112 -13.90 -45.63 31.72
C PHE E 112 -12.91 -44.49 31.55
N SER E 113 -12.48 -44.26 30.31
CA SER E 113 -11.47 -43.25 30.04
C SER E 113 -11.95 -41.84 30.31
N ARG E 114 -13.27 -41.61 30.31
CA ARG E 114 -13.82 -40.28 30.50
C ARG E 114 -14.31 -40.04 31.93
N LEU E 115 -14.22 -41.06 32.79
CA LEU E 115 -14.70 -40.95 34.17
C LEU E 115 -13.54 -41.18 35.14
N ASN E 116 -13.72 -40.65 36.34
CA ASN E 116 -12.69 -40.67 37.39
C ASN E 116 -13.30 -41.24 38.66
N TRP E 117 -12.92 -42.46 39.01
CA TRP E 117 -13.43 -43.12 40.21
C TRP E 117 -12.69 -42.59 41.42
N LEU E 118 -13.39 -41.80 42.25
CA LEU E 118 -12.80 -41.20 43.44
C LEU E 118 -13.14 -42.03 44.67
N THR E 119 -12.13 -42.29 45.50
CA THR E 119 -12.31 -43.02 46.75
C THR E 119 -11.58 -42.26 47.86
N HIS E 120 -11.67 -42.79 49.08
CA HIS E 120 -11.06 -42.13 50.22
C HIS E 120 -9.54 -42.19 50.12
N LEU E 121 -8.89 -41.23 50.80
CA LEU E 121 -7.45 -41.20 50.96
C LEU E 121 -7.15 -41.39 52.44
N ASN E 122 -6.63 -42.56 52.80
CA ASN E 122 -6.38 -42.91 54.21
C ASN E 122 -7.65 -42.78 55.04
N PHE E 123 -8.75 -43.28 54.47
CA PHE E 123 -10.05 -43.38 55.16
C PHE E 123 -10.60 -42.01 55.57
N LYS E 124 -10.36 -41.01 54.73
CA LYS E 124 -11.03 -39.72 54.86
C LYS E 124 -11.48 -39.25 53.48
N TYR E 125 -12.72 -38.77 53.41
CA TYR E 125 -13.31 -38.27 52.18
C TYR E 125 -13.89 -36.90 52.50
N PRO E 126 -13.13 -35.83 52.28
CA PRO E 126 -13.65 -34.50 52.58
C PRO E 126 -14.76 -34.13 51.61
N ALA E 127 -15.69 -33.31 52.10
CA ALA E 127 -16.79 -32.85 51.26
C ALA E 127 -16.27 -32.10 50.05
N LEU E 128 -16.34 -32.71 48.88
CA LEU E 128 -15.85 -32.10 47.66
C LEU E 128 -16.89 -31.13 47.13
N ASN E 129 -16.50 -29.86 46.98
CA ASN E 129 -17.32 -28.86 46.32
C ASN E 129 -16.47 -28.19 45.25
N VAL E 130 -16.73 -28.51 43.98
CA VAL E 130 -15.91 -28.05 42.87
C VAL E 130 -16.73 -27.13 41.99
N THR E 131 -16.04 -26.15 41.39
CA THR E 131 -16.66 -25.13 40.56
C THR E 131 -15.91 -25.09 39.24
N MET E 132 -16.63 -25.26 38.14
CA MET E 132 -16.03 -25.27 36.80
C MET E 132 -16.77 -24.28 35.92
N PRO E 133 -16.11 -23.21 35.47
CA PRO E 133 -16.80 -22.24 34.63
C PRO E 133 -16.82 -22.61 33.16
N ASN E 134 -17.91 -22.21 32.50
CA ASN E 134 -18.06 -22.35 31.06
C ASN E 134 -18.04 -20.94 30.46
N ASN E 135 -16.85 -20.49 30.09
CA ASN E 135 -16.66 -19.21 29.39
C ASN E 135 -16.42 -19.43 27.90
N GLU E 136 -17.19 -20.34 27.31
CA GLU E 136 -17.11 -20.66 25.89
C GLU E 136 -18.39 -20.15 25.24
N GLN E 137 -18.52 -20.40 23.93
CA GLN E 137 -19.73 -20.00 23.21
C GLN E 137 -20.69 -21.16 22.94
N PHE E 138 -20.29 -22.39 23.25
CA PHE E 138 -21.12 -23.57 23.04
C PHE E 138 -21.51 -24.17 24.39
N ASP E 139 -22.39 -25.17 24.32
CA ASP E 139 -22.82 -25.86 25.53
C ASP E 139 -21.92 -27.05 25.82
N LYS E 140 -21.59 -27.21 27.10
CA LYS E 140 -20.73 -28.29 27.55
C LYS E 140 -21.58 -29.43 28.09
N LEU E 141 -21.18 -30.65 27.77
CA LEU E 141 -21.84 -31.86 28.25
C LEU E 141 -20.93 -32.58 29.23
N TYR E 142 -21.37 -32.67 30.48
CA TYR E 142 -20.64 -33.36 31.53
C TYR E 142 -21.32 -34.69 31.83
N ILE E 143 -20.55 -35.77 31.80
CA ILE E 143 -21.03 -37.11 32.11
C ILE E 143 -20.43 -37.50 33.44
N TRP E 144 -21.28 -37.79 34.42
CA TRP E 144 -20.82 -38.20 35.74
C TRP E 144 -21.67 -39.39 36.20
N GLY E 145 -21.27 -39.97 37.33
CA GLY E 145 -21.92 -41.18 37.80
C GLY E 145 -21.99 -41.22 39.31
N VAL E 146 -22.76 -42.20 39.79
CA VAL E 146 -22.87 -42.50 41.21
C VAL E 146 -22.68 -44.00 41.37
N HIS E 147 -21.72 -44.40 42.21
CA HIS E 147 -21.43 -45.80 42.42
C HIS E 147 -22.31 -46.35 43.53
N HIS E 148 -22.90 -47.52 43.29
CA HIS E 148 -23.77 -48.19 44.24
C HIS E 148 -23.04 -49.42 44.75
N PRO E 149 -22.32 -49.34 45.86
CA PRO E 149 -21.56 -50.49 46.35
C PRO E 149 -22.48 -51.62 46.79
N VAL E 150 -21.87 -52.80 46.94
CA VAL E 150 -22.64 -54.00 47.19
C VAL E 150 -23.12 -54.07 48.63
N THR E 151 -22.23 -53.84 49.59
CA THR E 151 -22.56 -53.90 51.02
C THR E 151 -22.20 -52.58 51.67
N ASP E 152 -22.56 -52.44 52.95
CA ASP E 152 -22.09 -51.28 53.71
C ASP E 152 -20.63 -51.39 54.06
N LYS E 153 -20.10 -52.61 54.16
CA LYS E 153 -18.68 -52.79 54.42
C LYS E 153 -17.85 -52.27 53.25
N ASP E 154 -18.30 -52.50 52.02
CA ASP E 154 -17.61 -51.94 50.86
C ASP E 154 -17.83 -50.44 50.78
N GLN E 155 -19.05 -49.97 51.07
CA GLN E 155 -19.32 -48.54 51.15
C GLN E 155 -18.33 -47.82 52.05
N ILE E 156 -18.02 -48.40 53.21
CA ILE E 156 -17.07 -47.75 54.12
C ILE E 156 -15.65 -47.84 53.58
N PHE E 157 -15.24 -49.00 53.08
CA PHE E 157 -13.88 -49.15 52.60
C PHE E 157 -13.63 -48.41 51.30
N LEU E 158 -14.69 -48.04 50.56
CA LEU E 158 -14.52 -47.23 49.37
C LEU E 158 -14.60 -45.73 49.65
N TYR E 159 -15.52 -45.30 50.53
CA TYR E 159 -15.77 -43.88 50.72
C TYR E 159 -15.73 -43.40 52.16
N ALA E 160 -15.47 -44.29 53.12
CA ALA E 160 -15.31 -43.92 54.53
C ALA E 160 -16.55 -43.21 55.08
N GLN E 161 -17.73 -43.54 54.56
CA GLN E 161 -19.00 -42.97 54.99
C GLN E 161 -20.08 -44.02 54.86
N PRO E 162 -21.04 -44.06 55.80
CA PRO E 162 -22.13 -45.05 55.68
C PRO E 162 -22.99 -44.83 54.46
N SER E 163 -23.05 -43.62 53.93
CA SER E 163 -23.82 -43.32 52.72
C SER E 163 -23.32 -42.01 52.15
N GLY E 164 -23.02 -41.99 50.85
CA GLY E 164 -22.59 -40.77 50.19
C GLY E 164 -23.75 -39.94 49.67
N ARG E 165 -23.41 -38.73 49.22
CA ARG E 165 -24.35 -37.79 48.66
C ARG E 165 -23.69 -37.06 47.50
N ILE E 166 -24.43 -36.90 46.40
CA ILE E 166 -23.92 -36.21 45.22
C ILE E 166 -24.96 -35.17 44.83
N THR E 167 -24.51 -33.93 44.60
CA THR E 167 -25.41 -32.87 44.13
C THR E 167 -24.70 -32.09 43.04
N VAL E 168 -25.22 -32.18 41.82
CA VAL E 168 -24.69 -31.44 40.67
C VAL E 168 -25.74 -30.46 40.20
N SER E 169 -25.37 -29.19 40.10
CA SER E 169 -26.33 -28.13 39.80
C SER E 169 -25.74 -27.16 38.78
N THR E 170 -26.64 -26.42 38.15
CA THR E 170 -26.28 -25.31 37.28
C THR E 170 -27.11 -24.12 37.74
N LYS E 171 -27.21 -23.10 36.90
CA LYS E 171 -28.15 -22.02 37.15
C LYS E 171 -29.56 -22.38 36.76
N ARG E 172 -29.81 -23.64 36.37
CA ARG E 172 -31.10 -24.01 35.81
C ARG E 172 -31.64 -25.29 36.42
N SER E 173 -30.75 -26.22 36.77
CA SER E 173 -31.16 -27.54 37.23
C SER E 173 -30.40 -27.93 38.49
N GLN E 174 -30.92 -28.95 39.15
CA GLN E 174 -30.31 -29.52 40.34
C GLN E 174 -30.62 -31.02 40.37
N GLN E 175 -29.59 -31.83 40.54
CA GLN E 175 -29.76 -33.27 40.64
C GLN E 175 -29.01 -33.79 41.85
N ALA E 176 -29.75 -34.36 42.80
CA ALA E 176 -29.20 -34.93 44.02
C ALA E 176 -29.50 -36.41 43.99
N VAL E 177 -28.48 -37.23 44.16
CA VAL E 177 -28.59 -38.68 44.04
C VAL E 177 -28.10 -39.32 45.32
N ILE E 178 -28.84 -40.32 45.77
CA ILE E 178 -28.46 -41.14 46.92
C ILE E 178 -28.08 -42.52 46.40
N PRO E 179 -26.94 -43.06 46.76
CA PRO E 179 -26.61 -44.42 46.33
C PRO E 179 -27.55 -45.42 46.98
N ASN E 180 -27.78 -46.51 46.28
CA ASN E 180 -28.64 -47.59 46.79
C ASN E 180 -27.75 -48.80 47.02
N ILE E 181 -27.39 -49.03 48.28
CA ILE E 181 -26.51 -50.13 48.62
C ILE E 181 -27.31 -51.42 48.60
N GLY E 182 -26.80 -52.43 47.91
CA GLY E 182 -27.48 -53.69 47.82
C GLY E 182 -26.85 -54.56 46.75
N PHE E 183 -27.31 -55.80 46.73
CA PHE E 183 -26.80 -56.79 45.79
C PHE E 183 -27.57 -56.73 44.47
N ARG E 184 -26.86 -56.97 43.39
CA ARG E 184 -27.42 -57.08 42.04
C ARG E 184 -26.78 -58.28 41.37
N PRO E 185 -27.43 -58.85 40.35
CA PRO E 185 -26.85 -60.00 39.65
C PRO E 185 -25.45 -59.69 39.12
N ARG E 186 -24.57 -60.69 39.20
CA ARG E 186 -23.15 -60.49 38.91
C ARG E 186 -22.96 -60.35 37.41
N ILE E 187 -22.58 -59.15 36.98
CA ILE E 187 -22.19 -58.90 35.59
C ILE E 187 -20.67 -58.82 35.57
N ARG E 188 -20.06 -59.80 34.92
CA ARG E 188 -18.62 -59.98 34.95
C ARG E 188 -18.09 -60.07 36.38
N ASN E 189 -18.88 -60.71 37.23
CA ASN E 189 -18.52 -60.96 38.64
C ASN E 189 -18.46 -59.66 39.46
N ILE E 190 -19.36 -58.71 39.18
CA ILE E 190 -19.51 -57.52 39.99
C ILE E 190 -20.98 -57.31 40.33
N PRO E 191 -21.36 -57.36 41.60
CA PRO E 191 -22.75 -57.11 41.99
C PRO E 191 -23.07 -55.65 42.30
N SER E 192 -22.11 -54.75 42.14
CA SER E 192 -22.37 -53.32 42.26
C SER E 192 -22.65 -52.71 40.89
N ARG E 193 -23.13 -51.47 40.90
CA ARG E 193 -23.52 -50.80 39.65
C ARG E 193 -23.16 -49.33 39.72
N ILE E 194 -23.20 -48.69 38.56
CA ILE E 194 -23.00 -47.26 38.41
C ILE E 194 -24.16 -46.69 37.62
N SER E 195 -24.75 -45.61 38.11
CA SER E 195 -25.79 -44.90 37.38
C SER E 195 -25.20 -43.66 36.73
N ILE E 196 -25.44 -43.50 35.44
CA ILE E 196 -24.85 -42.42 34.65
C ILE E 196 -25.85 -41.27 34.57
N TYR E 197 -25.37 -40.06 34.80
CA TYR E 197 -26.17 -38.86 34.66
C TYR E 197 -25.37 -37.84 33.85
N TRP E 198 -26.08 -36.88 33.28
CA TRP E 198 -25.44 -35.85 32.47
C TRP E 198 -26.02 -34.49 32.81
N THR E 199 -25.21 -33.46 32.60
CA THR E 199 -25.62 -32.08 32.82
C THR E 199 -25.04 -31.24 31.71
N ILE E 200 -25.85 -30.34 31.17
CA ILE E 200 -25.44 -29.43 30.11
C ILE E 200 -25.21 -28.05 30.72
N VAL E 201 -24.06 -27.46 30.44
CA VAL E 201 -23.71 -26.12 30.89
C VAL E 201 -23.55 -25.22 29.68
N LYS E 202 -24.25 -24.10 29.70
CA LYS E 202 -24.30 -23.14 28.61
C LYS E 202 -23.34 -21.99 28.86
N PRO E 203 -23.02 -21.20 27.84
CA PRO E 203 -22.12 -20.06 28.02
C PRO E 203 -22.56 -19.13 29.15
N GLY E 204 -21.57 -18.70 29.96
CA GLY E 204 -21.83 -17.85 31.10
C GLY E 204 -22.18 -18.57 32.37
N ASP E 205 -22.38 -19.88 32.31
CA ASP E 205 -22.79 -20.68 33.44
C ASP E 205 -21.58 -21.44 33.99
N ILE E 206 -21.76 -21.89 35.25
CA ILE E 206 -20.74 -22.57 36.05
C ILE E 206 -21.28 -23.95 36.40
N LEU E 207 -20.42 -24.97 36.33
CA LEU E 207 -20.84 -26.29 36.79
C LEU E 207 -20.48 -26.45 38.26
N LEU E 208 -21.47 -26.84 39.08
CA LEU E 208 -21.29 -26.97 40.52
C LEU E 208 -21.54 -28.41 40.95
N ILE E 209 -20.59 -28.98 41.67
CA ILE E 209 -20.67 -30.37 42.12
C ILE E 209 -20.39 -30.41 43.63
N ASN E 210 -21.31 -30.99 44.36
CA ASN E 210 -21.17 -31.20 45.80
C ASN E 210 -21.27 -32.70 46.00
N SER E 211 -20.25 -33.31 46.60
CA SER E 211 -20.23 -34.75 46.79
C SER E 211 -19.54 -35.10 48.10
N THR E 212 -20.13 -36.04 48.84
CA THR E 212 -19.49 -36.63 50.01
C THR E 212 -19.05 -38.06 49.78
N GLY E 213 -19.27 -38.60 48.59
CA GLY E 213 -18.85 -39.97 48.30
C GLY E 213 -19.66 -40.56 47.17
N ASN E 214 -19.17 -41.69 46.68
CA ASN E 214 -19.81 -42.47 45.62
C ASN E 214 -19.88 -41.72 44.30
N LEU E 215 -19.03 -40.71 44.11
CA LEU E 215 -19.05 -39.89 42.92
C LEU E 215 -18.11 -40.46 41.87
N ILE E 216 -18.65 -40.77 40.69
CA ILE E 216 -17.83 -41.11 39.53
C ILE E 216 -17.63 -39.82 38.76
N ALA E 217 -16.50 -39.15 39.00
CA ALA E 217 -16.29 -37.79 38.55
C ALA E 217 -15.99 -37.72 37.06
N PRO E 218 -16.37 -36.62 36.41
CA PRO E 218 -15.96 -36.41 35.02
C PRO E 218 -14.54 -35.87 34.92
N ARG E 219 -13.90 -36.15 33.79
CA ARG E 219 -12.57 -35.66 33.49
C ARG E 219 -12.59 -34.44 32.56
N GLY E 220 -13.78 -33.92 32.27
CA GLY E 220 -13.91 -32.82 31.34
C GLY E 220 -15.33 -32.80 30.78
N TYR E 221 -15.45 -32.21 29.59
CA TYR E 221 -16.74 -32.03 28.96
C TYR E 221 -16.70 -32.47 27.52
N PHE E 222 -17.85 -32.87 27.00
CA PHE E 222 -18.04 -33.10 25.58
C PHE E 222 -18.65 -31.84 24.97
N LYS E 223 -18.11 -31.42 23.84
CA LYS E 223 -18.65 -30.27 23.13
C LYS E 223 -19.93 -30.68 22.41
N ILE E 224 -20.98 -29.88 22.58
CA ILE E 224 -22.30 -30.15 21.99
C ILE E 224 -22.47 -29.29 20.75
N ARG E 225 -22.95 -29.90 19.67
CA ARG E 225 -23.22 -29.21 18.42
C ARG E 225 -24.68 -29.43 18.05
N SER E 226 -25.19 -28.57 17.18
CA SER E 226 -26.53 -28.69 16.63
C SER E 226 -26.39 -29.01 15.15
N GLY E 227 -27.14 -30.01 14.69
CA GLY E 227 -27.02 -30.39 13.29
C GLY E 227 -27.97 -31.50 12.93
N LYS E 228 -27.71 -32.09 11.77
CA LYS E 228 -28.55 -33.14 11.21
C LYS E 228 -28.02 -34.54 11.48
N SER E 229 -27.15 -34.68 12.47
CA SER E 229 -26.64 -36.00 12.84
C SER E 229 -27.73 -36.82 13.55
N SER E 230 -27.63 -38.13 13.42
CA SER E 230 -28.59 -39.04 14.03
C SER E 230 -27.91 -40.39 14.23
N ILE E 231 -28.67 -41.35 14.74
CA ILE E 231 -28.20 -42.70 15.03
C ILE E 231 -29.23 -43.68 14.48
N MET E 232 -28.76 -44.85 14.08
CA MET E 232 -29.63 -45.85 13.46
C MET E 232 -29.11 -47.24 13.81
N ARG E 233 -30.02 -48.14 14.16
CA ARG E 233 -29.67 -49.52 14.42
C ARG E 233 -29.84 -50.33 13.14
N SER E 234 -28.77 -51.00 12.73
CA SER E 234 -28.78 -51.77 11.50
C SER E 234 -27.61 -52.74 11.50
N ASP E 235 -27.82 -53.91 10.90
CA ASP E 235 -26.77 -54.89 10.69
C ASP E 235 -26.35 -54.96 9.22
N ALA E 236 -26.65 -53.92 8.45
CA ALA E 236 -26.26 -53.89 7.04
C ALA E 236 -24.80 -53.47 6.90
N PRO E 237 -24.04 -54.11 6.01
CA PRO E 237 -22.65 -53.71 5.80
C PRO E 237 -22.55 -52.32 5.19
N ILE E 238 -21.43 -51.67 5.45
CA ILE E 238 -21.14 -50.35 4.88
C ILE E 238 -20.39 -50.55 3.57
N GLY E 239 -20.82 -49.86 2.52
CA GLY E 239 -20.24 -50.04 1.21
C GLY E 239 -19.71 -48.78 0.55
N LYS E 240 -18.89 -48.95 -0.49
CA LYS E 240 -18.34 -47.81 -1.24
C LYS E 240 -19.33 -47.41 -2.34
N CYS E 241 -20.29 -46.58 -1.97
CA CYS E 241 -21.21 -46.03 -2.96
C CYS E 241 -21.67 -44.66 -2.48
N LYS E 242 -22.70 -44.13 -3.13
CA LYS E 242 -23.19 -42.78 -2.84
C LYS E 242 -24.71 -42.79 -2.93
N SER E 243 -25.37 -42.41 -1.84
CA SER E 243 -26.83 -42.45 -1.75
C SER E 243 -27.29 -41.54 -0.63
N GLU E 244 -28.31 -40.72 -0.92
CA GLU E 244 -28.86 -39.77 0.04
C GLU E 244 -30.03 -40.35 0.84
N CYS E 245 -30.12 -41.67 0.94
CA CYS E 245 -31.19 -42.27 1.73
C CYS E 245 -30.72 -43.59 2.31
N ILE E 246 -30.71 -43.71 3.63
CA ILE E 246 -30.28 -44.90 4.35
C ILE E 246 -31.48 -45.46 5.12
N THR E 247 -31.65 -46.77 5.05
CA THR E 247 -32.62 -47.50 5.84
C THR E 247 -31.93 -48.70 6.50
N PRO E 248 -32.47 -49.22 7.59
CA PRO E 248 -31.80 -50.34 8.26
C PRO E 248 -31.48 -51.55 7.38
N ASN E 249 -32.24 -51.81 6.31
CA ASN E 249 -31.93 -52.92 5.39
C ASN E 249 -30.97 -52.50 4.29
N GLY E 250 -30.56 -51.24 4.26
CA GLY E 250 -29.62 -50.74 3.27
C GLY E 250 -30.07 -49.45 2.61
N SER E 251 -29.23 -48.95 1.72
CA SER E 251 -29.52 -47.72 0.98
C SER E 251 -30.54 -47.98 -0.12
N ILE E 252 -31.46 -47.04 -0.29
CA ILE E 252 -32.49 -47.11 -1.33
C ILE E 252 -32.44 -45.85 -2.18
N PRO E 253 -32.85 -45.92 -3.45
CA PRO E 253 -32.96 -44.71 -4.27
C PRO E 253 -34.20 -43.91 -3.93
N ASN E 254 -34.13 -42.60 -4.19
CA ASN E 254 -35.20 -41.67 -3.86
C ASN E 254 -35.93 -41.22 -5.11
N ASP E 255 -36.17 -42.16 -6.02
CA ASP E 255 -36.93 -41.89 -7.24
C ASP E 255 -38.42 -41.82 -6.95
N LYS E 256 -38.95 -42.90 -6.37
CA LYS E 256 -40.37 -43.02 -6.09
C LYS E 256 -40.80 -42.03 -5.01
N PRO E 257 -42.06 -41.58 -5.04
CA PRO E 257 -42.56 -40.78 -3.92
C PRO E 257 -42.89 -41.61 -2.70
N PHE E 258 -42.90 -42.94 -2.83
CA PHE E 258 -43.21 -43.85 -1.75
C PHE E 258 -42.11 -44.90 -1.60
N GLN E 259 -42.09 -45.54 -0.44
CA GLN E 259 -41.18 -46.64 -0.17
C GLN E 259 -41.85 -47.54 0.86
N ASN E 260 -41.55 -48.83 0.77
CA ASN E 260 -42.06 -49.83 1.72
C ASN E 260 -40.92 -50.61 2.36
N VAL E 261 -39.69 -50.09 2.30
CA VAL E 261 -38.53 -50.82 2.80
C VAL E 261 -38.52 -50.88 4.32
N ASN E 262 -38.71 -49.73 4.97
CA ASN E 262 -38.67 -49.67 6.43
C ASN E 262 -39.12 -48.29 6.89
N ARG E 263 -39.66 -48.23 8.11
CA ARG E 263 -40.16 -46.98 8.67
C ARG E 263 -39.01 -46.02 9.00
N ILE E 264 -37.89 -46.55 9.46
CA ILE E 264 -36.75 -45.73 9.89
C ILE E 264 -35.93 -45.31 8.68
N THR E 265 -35.80 -44.01 8.46
CA THR E 265 -35.05 -43.48 7.33
C THR E 265 -34.12 -42.36 7.79
N TYR E 266 -33.09 -42.12 6.98
CA TYR E 266 -32.14 -41.04 7.21
C TYR E 266 -31.86 -40.32 5.90
N GLY E 267 -32.01 -39.01 5.89
CA GLY E 267 -31.79 -38.20 4.72
C GLY E 267 -33.08 -37.91 3.98
N ALA E 268 -32.92 -37.44 2.74
CA ALA E 268 -34.05 -37.14 1.87
C ALA E 268 -34.56 -38.45 1.27
N CYS E 269 -35.58 -39.03 1.89
CA CYS E 269 -36.10 -40.32 1.52
C CYS E 269 -37.56 -40.22 1.07
N PRO E 270 -38.05 -41.19 0.32
CA PRO E 270 -39.50 -41.24 0.04
C PRO E 270 -40.26 -41.63 1.29
N ARG E 271 -41.55 -41.28 1.29
CA ARG E 271 -42.41 -41.58 2.42
C ARG E 271 -42.71 -43.06 2.51
N TYR E 272 -43.03 -43.50 3.73
CA TYR E 272 -43.32 -44.90 3.98
C TYR E 272 -44.81 -45.15 3.84
N VAL E 273 -45.15 -46.30 3.26
CA VAL E 273 -46.52 -46.75 3.09
C VAL E 273 -46.57 -48.21 3.50
N LYS E 274 -47.73 -48.63 4.04
CA LYS E 274 -47.91 -49.95 4.62
C LYS E 274 -47.49 -51.01 3.62
N GLN E 275 -48.38 -51.33 2.68
CA GLN E 275 -48.15 -52.22 1.54
C GLN E 275 -49.28 -52.10 0.52
N SER E 276 -49.90 -53.24 0.21
CA SER E 276 -50.96 -53.35 -0.80
C SER E 276 -50.80 -52.36 -1.95
N ALA F 3 -8.91 -18.00 -47.07
CA ALA F 3 -10.12 -18.07 -47.87
C ALA F 3 -9.95 -17.31 -49.18
N THR F 4 -10.14 -15.99 -49.13
CA THR F 4 -9.95 -15.14 -50.28
C THR F 4 -8.47 -14.75 -50.40
N GLU F 5 -8.14 -14.03 -51.47
CA GLU F 5 -6.73 -13.69 -51.66
C GLU F 5 -6.53 -12.19 -51.43
N LEU F 6 -7.13 -11.71 -50.34
CA LEU F 6 -7.01 -10.32 -49.90
C LEU F 6 -6.43 -10.28 -48.49
N VAL F 7 -6.02 -11.43 -47.96
CA VAL F 7 -5.40 -11.58 -46.66
C VAL F 7 -4.09 -12.33 -46.84
N GLN F 8 -3.02 -11.81 -46.24
CA GLN F 8 -1.73 -12.47 -46.31
C GLN F 8 -1.80 -13.78 -45.53
N ASN F 9 -1.56 -14.89 -46.21
CA ASN F 9 -1.84 -16.22 -45.68
C ASN F 9 -0.59 -17.04 -45.37
N SER F 10 0.60 -16.51 -45.58
CA SER F 10 1.80 -17.30 -45.40
C SER F 10 2.92 -16.45 -44.80
N SER F 11 3.97 -17.15 -44.39
CA SER F 11 5.22 -16.53 -43.95
C SER F 11 6.35 -17.42 -44.44
N ILE F 12 7.58 -16.92 -44.35
CA ILE F 12 8.74 -17.68 -44.81
C ILE F 12 9.27 -18.61 -43.74
N GLY F 13 8.66 -18.64 -42.56
CA GLY F 13 9.13 -19.46 -41.46
C GLY F 13 10.42 -18.98 -40.83
N GLU F 14 10.92 -17.81 -41.22
CA GLU F 14 12.12 -17.22 -40.65
C GLU F 14 11.92 -15.72 -40.50
N ILE F 15 12.60 -15.16 -39.50
CA ILE F 15 12.58 -13.74 -39.23
C ILE F 15 13.79 -13.09 -39.92
N CYS F 16 13.53 -12.19 -40.87
CA CYS F 16 14.60 -11.53 -41.60
C CYS F 16 15.29 -10.48 -40.73
N ASP F 17 16.62 -10.50 -40.76
CA ASP F 17 17.51 -9.61 -40.00
C ASP F 17 17.58 -8.19 -40.55
N SER F 18 16.70 -7.80 -41.45
CA SER F 18 16.73 -6.47 -42.07
C SER F 18 15.30 -6.03 -42.31
N PRO F 19 15.01 -4.72 -42.20
CA PRO F 19 15.94 -3.63 -41.93
C PRO F 19 16.12 -3.30 -40.44
N HIS F 20 15.36 -3.98 -39.58
CA HIS F 20 15.43 -3.72 -38.15
C HIS F 20 16.54 -4.54 -37.51
N GLN F 21 17.28 -3.91 -36.60
CA GLN F 21 18.35 -4.60 -35.88
C GLN F 21 17.74 -5.58 -34.89
N ILE F 22 17.89 -6.86 -35.16
CA ILE F 22 17.31 -7.92 -34.33
C ILE F 22 18.37 -8.52 -33.44
N LEU F 23 18.02 -8.73 -32.17
CA LEU F 23 18.90 -9.36 -31.19
C LEU F 23 18.19 -10.60 -30.67
N ASP F 24 18.66 -11.78 -31.07
CA ASP F 24 18.09 -13.04 -30.60
C ASP F 24 18.41 -13.24 -29.12
N GLY F 25 17.45 -13.84 -28.41
CA GLY F 25 17.59 -14.05 -26.97
C GLY F 25 18.27 -15.36 -26.62
N GLU F 26 18.26 -16.31 -27.56
CA GLU F 26 18.80 -17.65 -27.37
C GLU F 26 18.26 -18.30 -26.11
N ASN F 27 19.14 -18.57 -25.15
CA ASN F 27 18.77 -19.17 -23.88
C ASN F 27 18.49 -18.14 -22.80
N CYS F 28 18.35 -16.86 -23.15
CA CYS F 28 18.19 -15.78 -22.20
C CYS F 28 16.92 -14.99 -22.49
N THR F 29 16.23 -14.60 -21.43
CA THR F 29 15.20 -13.58 -21.56
C THR F 29 15.84 -12.21 -21.42
N LEU F 30 15.07 -11.17 -21.75
CA LEU F 30 15.61 -9.82 -21.70
C LEU F 30 15.92 -9.39 -20.27
N ILE F 31 15.09 -9.80 -19.31
CA ILE F 31 15.31 -9.40 -17.92
C ILE F 31 16.54 -10.09 -17.34
N ASP F 32 16.75 -11.38 -17.67
CA ASP F 32 17.96 -12.06 -17.21
C ASP F 32 19.20 -11.39 -17.76
N ALA F 33 19.16 -10.95 -19.02
CA ALA F 33 20.27 -10.18 -19.58
C ALA F 33 20.40 -8.82 -18.91
N LEU F 34 19.28 -8.25 -18.47
CA LEU F 34 19.33 -6.97 -17.76
C LEU F 34 19.98 -7.13 -16.38
N LEU F 35 19.58 -8.16 -15.64
CA LEU F 35 20.12 -8.34 -14.29
C LEU F 35 21.58 -8.77 -14.34
N GLY F 36 21.95 -9.63 -15.28
CA GLY F 36 23.32 -10.07 -15.40
C GLY F 36 23.53 -11.55 -15.07
N ASP F 37 22.63 -12.40 -15.53
CA ASP F 37 22.83 -13.84 -15.44
C ASP F 37 24.13 -14.20 -16.14
N PRO F 38 25.00 -15.01 -15.53
CA PRO F 38 26.30 -15.32 -16.17
C PRO F 38 26.19 -15.87 -17.58
N GLN F 39 25.13 -16.61 -17.90
CA GLN F 39 24.94 -17.09 -19.26
C GLN F 39 24.57 -15.98 -20.23
N CYS F 40 24.13 -14.83 -19.72
CA CYS F 40 23.68 -13.72 -20.56
C CYS F 40 24.68 -12.56 -20.57
N ASP F 41 25.94 -12.82 -20.20
CA ASP F 41 26.94 -11.76 -20.11
C ASP F 41 27.41 -11.26 -21.47
N GLY F 42 27.09 -11.97 -22.55
CA GLY F 42 27.41 -11.47 -23.88
C GLY F 42 26.53 -10.33 -24.34
N PHE F 43 25.40 -10.10 -23.67
CA PHE F 43 24.42 -9.09 -24.08
C PHE F 43 24.69 -7.71 -23.47
N GLN F 44 25.83 -7.52 -22.81
CA GLN F 44 26.07 -6.26 -22.11
C GLN F 44 26.20 -5.11 -23.10
N ASN F 45 25.44 -4.04 -22.84
CA ASN F 45 25.47 -2.81 -23.65
C ASN F 45 25.06 -3.07 -25.10
N LYS F 46 24.26 -4.10 -25.34
CA LYS F 46 23.80 -4.40 -26.67
C LYS F 46 22.54 -3.60 -27.00
N LYS F 47 22.35 -3.31 -28.29
CA LYS F 47 21.20 -2.55 -28.76
C LYS F 47 20.37 -3.42 -29.68
N TRP F 48 19.13 -3.01 -29.91
CA TRP F 48 18.24 -3.79 -30.78
C TRP F 48 17.04 -2.94 -31.19
N ASP F 49 16.43 -3.34 -32.29
CA ASP F 49 15.10 -2.87 -32.65
C ASP F 49 14.00 -3.85 -32.26
N LEU F 50 14.29 -5.15 -32.28
CA LEU F 50 13.35 -6.17 -31.84
C LEU F 50 14.13 -7.27 -31.11
N PHE F 51 13.86 -7.43 -29.82
CA PHE F 51 14.42 -8.51 -29.04
C PHE F 51 13.52 -9.72 -29.18
N VAL F 52 14.10 -10.86 -29.56
CA VAL F 52 13.35 -12.09 -29.80
C VAL F 52 13.62 -13.03 -28.64
N GLU F 53 12.61 -13.25 -27.81
CA GLU F 53 12.71 -14.18 -26.69
C GLU F 53 12.24 -15.56 -27.14
N ARG F 54 13.02 -16.58 -26.81
CA ARG F 54 12.73 -17.95 -27.23
C ARG F 54 12.09 -18.71 -26.08
N SER F 55 11.30 -19.73 -26.43
CA SER F 55 10.65 -20.55 -25.40
C SER F 55 11.62 -21.44 -24.65
N LYS F 56 12.82 -21.67 -25.20
CA LYS F 56 13.82 -22.47 -24.53
C LYS F 56 14.62 -21.69 -23.49
N ALA F 57 14.35 -20.39 -23.34
CA ALA F 57 15.12 -19.57 -22.41
C ALA F 57 14.90 -20.04 -20.97
N TYR F 58 15.95 -19.92 -20.17
CA TYR F 58 15.89 -20.37 -18.78
C TYR F 58 16.85 -19.54 -17.95
N SER F 59 16.50 -19.35 -16.68
CA SER F 59 17.36 -18.68 -15.72
C SER F 59 18.28 -19.71 -15.07
N ASN F 60 19.48 -19.28 -14.70
CA ASN F 60 20.44 -20.16 -14.07
C ASN F 60 21.27 -19.40 -13.03
N CYS F 61 20.63 -18.49 -12.31
CA CYS F 61 21.31 -17.75 -11.25
C CYS F 61 20.51 -17.86 -9.96
N TYR F 62 20.54 -16.84 -9.12
CA TYR F 62 19.79 -16.88 -7.86
C TYR F 62 18.30 -16.83 -8.17
N PRO F 63 17.48 -17.68 -7.56
CA PRO F 63 16.05 -17.66 -7.86
C PRO F 63 15.42 -16.34 -7.46
N TYR F 64 14.68 -15.74 -8.37
CA TYR F 64 14.09 -14.43 -8.14
C TYR F 64 12.70 -14.37 -8.75
N ASP F 65 12.01 -13.28 -8.43
CA ASP F 65 10.73 -12.96 -9.03
C ASP F 65 10.64 -11.44 -9.19
N VAL F 66 9.79 -11.00 -10.10
CA VAL F 66 9.67 -9.57 -10.38
C VAL F 66 8.23 -9.12 -10.13
N PRO F 67 7.98 -8.37 -9.05
CA PRO F 67 6.70 -7.66 -8.94
C PRO F 67 6.57 -6.73 -10.12
N ASP F 68 5.47 -6.85 -10.85
CA ASP F 68 5.31 -6.15 -12.12
C ASP F 68 6.41 -6.58 -13.10
N TYR F 69 6.41 -7.88 -13.41
CA TYR F 69 7.37 -8.40 -14.37
C TYR F 69 7.10 -7.87 -15.78
N ALA F 70 5.84 -7.72 -16.15
CA ALA F 70 5.50 -7.37 -17.54
C ALA F 70 5.90 -5.93 -17.88
N SER F 71 5.72 -4.99 -16.95
CA SER F 71 6.01 -3.59 -17.28
C SER F 71 7.50 -3.33 -17.39
N LEU F 72 8.31 -3.97 -16.52
CA LEU F 72 9.75 -3.77 -16.60
C LEU F 72 10.30 -4.33 -17.89
N ARG F 73 9.81 -5.50 -18.30
CA ARG F 73 10.19 -6.05 -19.60
C ARG F 73 9.80 -5.11 -20.74
N SER F 74 8.60 -4.54 -20.67
CA SER F 74 8.14 -3.67 -21.75
C SER F 74 8.89 -2.35 -21.79
N LEU F 75 9.17 -1.77 -20.62
CA LEU F 75 9.84 -0.47 -20.58
C LEU F 75 11.26 -0.55 -21.13
N VAL F 76 12.01 -1.59 -20.75
CA VAL F 76 13.38 -1.71 -21.23
C VAL F 76 13.40 -2.15 -22.69
N ALA F 77 12.47 -3.02 -23.07
CA ALA F 77 12.37 -3.42 -24.48
C ALA F 77 11.97 -2.23 -25.35
N SER F 78 11.06 -1.38 -24.86
CA SER F 78 10.68 -0.20 -25.60
C SER F 78 11.75 0.89 -25.54
N SER F 79 12.86 0.62 -24.86
CA SER F 79 14.03 1.47 -24.92
C SER F 79 15.06 0.93 -25.89
N GLY F 80 15.11 -0.39 -26.07
CA GLY F 80 15.97 -0.99 -27.09
C GLY F 80 17.44 -1.00 -26.77
N THR F 81 17.81 -1.05 -25.49
CA THR F 81 19.21 -0.97 -25.12
C THR F 81 19.42 -1.60 -23.74
N LEU F 82 20.64 -2.10 -23.53
CA LEU F 82 21.08 -2.59 -22.23
C LEU F 82 22.36 -1.92 -21.77
N GLU F 83 22.64 -0.72 -22.30
CA GLU F 83 23.85 0.02 -21.95
C GLU F 83 23.85 0.42 -20.48
N PHE F 84 24.97 0.14 -19.80
CA PHE F 84 25.07 0.32 -18.36
C PHE F 84 26.33 1.12 -18.01
N ASN F 85 26.18 2.09 -17.12
CA ASN F 85 27.28 2.89 -16.61
C ASN F 85 27.41 2.67 -15.11
N ASN F 86 28.61 2.30 -14.68
CA ASN F 86 28.89 2.04 -13.28
C ASN F 86 29.07 3.35 -12.50
N GLU F 87 28.49 3.42 -11.31
CA GLU F 87 28.62 4.58 -10.45
C GLU F 87 29.15 4.17 -9.08
N SER F 88 29.93 5.07 -8.48
CA SER F 88 30.64 4.80 -7.23
C SER F 88 29.68 5.00 -6.04
N PHE F 89 28.84 4.00 -5.82
CA PHE F 89 28.06 3.93 -4.59
C PHE F 89 28.97 3.56 -3.43
N ASN F 90 28.93 4.35 -2.36
CA ASN F 90 29.79 4.14 -1.19
C ASN F 90 28.96 3.52 -0.07
N TRP F 91 28.98 2.20 0.00
CA TRP F 91 28.30 1.44 1.06
C TRP F 91 29.31 1.22 2.18
N ASN F 92 29.47 2.24 3.00
CA ASN F 92 30.47 2.24 4.07
C ASN F 92 29.91 1.49 5.28
N GLY F 93 30.63 0.45 5.71
CA GLY F 93 30.27 -0.30 6.88
C GLY F 93 29.61 -1.65 6.65
N VAL F 94 29.58 -2.13 5.41
CA VAL F 94 28.93 -3.39 5.07
C VAL F 94 29.84 -4.22 4.17
N THR F 95 29.46 -5.48 4.01
CA THR F 95 30.12 -6.39 3.07
C THR F 95 29.41 -6.38 1.72
N GLN F 96 30.19 -6.32 0.65
CA GLN F 96 29.71 -6.29 -0.73
C GLN F 96 30.14 -7.57 -1.45
N ASN F 97 29.86 -7.63 -2.75
CA ASN F 97 30.25 -8.77 -3.59
C ASN F 97 29.74 -10.10 -3.07
N GLY F 98 28.47 -10.14 -2.68
CA GLY F 98 27.88 -11.41 -2.27
C GLY F 98 27.77 -12.35 -3.46
N THR F 99 28.08 -13.63 -3.22
CA THR F 99 28.03 -14.64 -4.28
C THR F 99 27.17 -15.81 -3.82
N SER F 100 26.89 -16.72 -4.74
CA SER F 100 26.06 -17.87 -4.46
C SER F 100 26.50 -19.04 -5.33
N SER F 101 26.27 -20.26 -4.81
CA SER F 101 26.57 -21.46 -5.57
C SER F 101 25.50 -21.79 -6.60
N ALA F 102 24.37 -21.09 -6.58
CA ALA F 102 23.34 -21.26 -7.60
C ALA F 102 23.57 -20.35 -8.81
N CYS F 103 24.58 -19.49 -8.75
CA CYS F 103 24.87 -18.51 -9.80
C CYS F 103 26.34 -18.68 -10.20
N ILE F 104 26.63 -19.78 -10.88
CA ILE F 104 28.02 -20.13 -11.19
C ILE F 104 28.51 -19.31 -12.38
N ARG F 105 29.70 -18.71 -12.23
CA ARG F 105 30.35 -17.98 -13.31
C ARG F 105 31.84 -18.29 -13.24
N ARG F 106 32.41 -18.78 -14.33
CA ARG F 106 33.82 -19.21 -14.34
C ARG F 106 34.07 -20.31 -13.31
N SER F 107 33.13 -21.25 -13.23
CA SER F 107 33.23 -22.38 -12.29
C SER F 107 33.48 -21.88 -10.88
N ASN F 108 32.94 -20.70 -10.58
CA ASN F 108 33.11 -20.05 -9.29
C ASN F 108 31.81 -19.37 -8.90
N ASN F 109 31.58 -19.32 -7.58
CA ASN F 109 30.39 -18.65 -7.06
C ASN F 109 30.40 -17.19 -7.49
N SER F 110 29.24 -16.72 -7.92
CA SER F 110 29.14 -15.35 -8.43
C SER F 110 27.71 -14.87 -8.19
N PHE F 111 27.33 -13.79 -8.86
CA PHE F 111 26.04 -13.15 -8.67
C PHE F 111 25.72 -12.36 -9.94
N PHE F 112 24.56 -11.72 -9.94
CA PHE F 112 24.19 -10.84 -11.05
C PHE F 112 25.22 -9.74 -11.22
N SER F 113 25.66 -9.53 -12.47
CA SER F 113 26.73 -8.58 -12.74
C SER F 113 26.34 -7.13 -12.47
N ARG F 114 25.03 -6.82 -12.48
CA ARG F 114 24.57 -5.46 -12.23
C ARG F 114 24.04 -5.25 -10.83
N LEU F 115 24.03 -6.27 -9.98
CA LEU F 115 23.52 -6.16 -8.63
C LEU F 115 24.64 -6.43 -7.63
N ASN F 116 24.48 -5.89 -6.42
CA ASN F 116 25.48 -5.95 -5.37
C ASN F 116 24.82 -6.46 -4.10
N TRP F 117 25.10 -7.71 -3.72
CA TRP F 117 24.52 -8.32 -2.53
C TRP F 117 25.26 -7.81 -1.30
N LEU F 118 24.59 -6.98 -0.50
CA LEU F 118 25.18 -6.39 0.70
C LEU F 118 24.78 -7.19 1.93
N THR F 119 25.77 -7.47 2.79
CA THR F 119 25.56 -8.18 4.03
C THR F 119 26.26 -7.43 5.17
N HIS F 120 26.13 -7.96 6.38
CA HIS F 120 26.72 -7.31 7.53
C HIS F 120 28.24 -7.39 7.47
N LEU F 121 28.89 -6.45 8.16
CA LEU F 121 30.34 -6.44 8.35
C LEU F 121 30.60 -6.66 9.82
N ASN F 122 31.10 -7.83 10.18
CA ASN F 122 31.33 -8.23 11.57
C ASN F 122 30.04 -8.12 12.38
N PHE F 123 28.93 -8.59 11.80
CA PHE F 123 27.63 -8.66 12.46
C PHE F 123 27.10 -7.28 12.86
N LYS F 124 27.41 -6.27 12.08
CA LYS F 124 26.75 -4.97 12.21
C LYS F 124 26.44 -4.44 10.82
N TYR F 125 25.23 -3.92 10.67
CA TYR F 125 24.74 -3.40 9.39
C TYR F 125 24.22 -1.99 9.63
N PRO F 126 25.05 -0.98 9.38
CA PRO F 126 24.61 0.40 9.62
C PRO F 126 23.54 0.82 8.62
N ALA F 127 22.64 1.68 9.07
CA ALA F 127 21.59 2.20 8.21
C ALA F 127 22.21 3.00 7.06
N LEU F 128 22.13 2.41 5.86
CA LEU F 128 22.71 3.01 4.67
C LEU F 128 21.76 4.07 4.12
N ASN F 129 22.24 5.31 3.99
CA ASN F 129 21.51 6.38 3.32
C ASN F 129 22.45 6.96 2.27
N VAL F 130 22.23 6.62 1.01
CA VAL F 130 23.08 7.07 -0.08
C VAL F 130 22.27 7.95 -1.01
N THR F 131 22.93 8.93 -1.63
CA THR F 131 22.29 9.88 -2.52
C THR F 131 23.08 9.93 -3.82
N MET F 132 22.38 9.74 -4.94
CA MET F 132 23.01 9.71 -6.26
C MET F 132 22.31 10.68 -7.20
N PRO F 133 22.96 11.77 -7.59
CA PRO F 133 22.34 12.71 -8.52
C PRO F 133 22.50 12.32 -9.98
N ASN F 134 21.54 12.78 -10.78
CA ASN F 134 21.51 12.60 -12.23
C ASN F 134 21.85 13.93 -12.89
N ASN F 135 23.12 14.12 -13.24
CA ASN F 135 23.56 15.34 -13.93
C ASN F 135 23.71 15.14 -15.44
N GLU F 136 22.81 14.38 -16.05
CA GLU F 136 22.81 14.12 -17.48
C GLU F 136 21.57 14.71 -18.15
N GLN F 137 21.45 14.43 -19.45
CA GLN F 137 20.32 14.87 -20.25
C GLN F 137 19.30 13.76 -20.47
N PHE F 138 19.58 12.54 -20.03
CA PHE F 138 18.70 11.39 -20.21
C PHE F 138 18.20 10.90 -18.86
N ASP F 139 17.27 9.95 -18.91
CA ASP F 139 16.70 9.34 -17.72
C ASP F 139 17.50 8.09 -17.35
N LYS F 140 17.73 7.91 -16.05
CA LYS F 140 18.48 6.78 -15.53
C LYS F 140 17.52 5.72 -15.02
N LEU F 141 17.83 4.46 -15.30
CA LEU F 141 17.06 3.32 -14.81
C LEU F 141 17.91 2.56 -13.80
N TYR F 142 17.45 2.51 -12.56
CA TYR F 142 18.15 1.80 -11.49
C TYR F 142 17.40 0.51 -11.18
N ILE F 143 18.11 -0.60 -11.18
CA ILE F 143 17.56 -1.90 -10.85
C ILE F 143 18.13 -2.30 -9.49
N TRP F 144 17.24 -2.53 -8.52
CA TRP F 144 17.61 -2.94 -7.19
C TRP F 144 16.71 -4.08 -6.76
N GLY F 145 17.03 -4.70 -5.63
CA GLY F 145 16.32 -5.88 -5.20
C GLY F 145 16.14 -5.93 -3.70
N VAL F 146 15.29 -6.87 -3.28
CA VAL F 146 15.05 -7.15 -1.86
C VAL F 146 15.17 -8.65 -1.67
N HIS F 147 16.06 -9.06 -0.78
CA HIS F 147 16.31 -10.48 -0.54
C HIS F 147 15.39 -10.98 0.56
N HIS F 148 14.77 -12.14 0.33
CA HIS F 148 13.85 -12.75 1.28
C HIS F 148 14.48 -14.03 1.82
N PRO F 149 15.19 -13.98 2.95
CA PRO F 149 15.85 -15.18 3.47
C PRO F 149 14.83 -16.22 3.94
N VAL F 150 15.35 -17.43 4.16
CA VAL F 150 14.49 -18.57 4.43
C VAL F 150 14.00 -18.55 5.87
N THR F 151 14.92 -18.38 6.81
CA THR F 151 14.63 -18.39 8.23
C THR F 151 15.07 -17.08 8.87
N ASP F 152 14.75 -16.92 10.16
CA ASP F 152 15.28 -15.80 10.92
C ASP F 152 16.76 -16.02 11.25
N LYS F 153 17.20 -17.27 11.29
CA LYS F 153 18.62 -17.56 11.52
C LYS F 153 19.47 -17.01 10.40
N ASP F 154 19.01 -17.15 9.15
CA ASP F 154 19.74 -16.62 8.01
C ASP F 154 19.61 -15.11 7.94
N GLN F 155 18.41 -14.58 8.22
CA GLN F 155 18.21 -13.13 8.27
C GLN F 155 19.27 -12.45 9.14
N ILE F 156 19.56 -13.02 10.30
CA ILE F 156 20.58 -12.45 11.18
C ILE F 156 21.97 -12.68 10.61
N PHE F 157 22.23 -13.88 10.08
CA PHE F 157 23.57 -14.19 9.59
C PHE F 157 23.93 -13.40 8.33
N LEU F 158 22.94 -12.93 7.58
CA LEU F 158 23.22 -12.04 6.45
C LEU F 158 23.17 -10.56 6.84
N TYR F 159 22.23 -10.15 7.71
CA TYR F 159 22.02 -8.73 7.93
C TYR F 159 22.06 -8.30 9.39
N ALA F 160 22.25 -9.22 10.33
CA ALA F 160 22.42 -8.91 11.76
C ALA F 160 21.27 -8.08 12.31
N GLN F 161 20.07 -8.27 11.77
CA GLN F 161 18.86 -7.58 12.19
C GLN F 161 17.69 -8.52 11.99
N PRO F 162 16.71 -8.53 12.90
CA PRO F 162 15.57 -9.45 12.74
C PRO F 162 14.73 -9.17 11.50
N SER F 163 14.77 -7.96 10.98
CA SER F 163 14.05 -7.61 9.76
C SER F 163 14.68 -6.35 9.19
N GLY F 164 15.05 -6.37 7.90
CA GLY F 164 15.59 -5.21 7.24
C GLY F 164 14.51 -4.34 6.60
N ARG F 165 14.92 -3.17 6.13
CA ARG F 165 14.02 -2.24 5.48
C ARG F 165 14.73 -1.55 4.32
N ILE F 166 14.04 -1.40 3.20
CA ILE F 166 14.55 -0.73 2.02
C ILE F 166 13.52 0.33 1.62
N THR F 167 13.99 1.56 1.39
CA THR F 167 13.15 2.64 0.92
C THR F 167 13.93 3.39 -0.15
N VAL F 168 13.44 3.32 -1.38
CA VAL F 168 14.05 4.00 -2.53
C VAL F 168 13.08 5.06 -3.03
N SER F 169 13.52 6.31 -3.09
CA SER F 169 12.66 7.41 -3.46
C SER F 169 13.41 8.35 -4.37
N THR F 170 12.66 9.21 -5.04
CA THR F 170 13.20 10.27 -5.88
C THR F 170 12.54 11.58 -5.48
N LYS F 171 12.64 12.58 -6.35
CA LYS F 171 11.90 13.81 -6.18
C LYS F 171 10.46 13.68 -6.65
N ARG F 172 10.03 12.47 -7.03
CA ARG F 172 8.70 12.27 -7.60
C ARG F 172 7.97 11.05 -7.02
N SER F 173 8.71 10.01 -6.67
CA SER F 173 8.11 8.76 -6.22
C SER F 173 8.80 8.27 -4.96
N GLN F 174 8.17 7.28 -4.32
CA GLN F 174 8.73 6.65 -3.13
C GLN F 174 8.34 5.18 -3.10
N GLN F 175 9.32 4.32 -2.87
CA GLN F 175 9.15 2.87 -2.88
C GLN F 175 9.76 2.27 -1.63
N ALA F 176 8.93 1.65 -0.79
CA ALA F 176 9.36 1.01 0.45
C ALA F 176 9.00 -0.47 0.42
N VAL F 177 9.99 -1.33 0.67
CA VAL F 177 9.81 -2.78 0.61
C VAL F 177 10.28 -3.40 1.92
N ILE F 178 9.50 -4.33 2.44
CA ILE F 178 9.86 -5.12 3.61
C ILE F 178 10.03 -6.57 3.17
N PRO F 179 11.12 -7.25 3.56
CA PRO F 179 11.27 -8.66 3.21
C PRO F 179 10.23 -9.53 3.89
N ASN F 180 9.92 -10.65 3.26
CA ASN F 180 9.01 -11.65 3.80
C ASN F 180 9.83 -12.90 4.06
N ILE F 181 10.17 -13.13 5.32
CA ILE F 181 11.01 -14.27 5.69
C ILE F 181 10.15 -15.52 5.70
N GLY F 182 10.64 -16.57 5.07
CA GLY F 182 9.90 -17.82 5.03
C GLY F 182 10.49 -18.78 4.03
N PHE F 183 9.95 -20.00 4.07
CA PHE F 183 10.38 -21.08 3.19
C PHE F 183 9.70 -20.98 1.83
N ARG F 184 10.45 -21.33 0.79
CA ARG F 184 9.94 -21.41 -0.57
C ARG F 184 10.52 -22.65 -1.22
N PRO F 185 9.87 -23.19 -2.26
CA PRO F 185 10.40 -24.37 -2.93
C PRO F 185 11.81 -24.13 -3.44
N ARG F 186 12.65 -25.16 -3.32
CA ARG F 186 14.08 -25.01 -3.60
C ARG F 186 14.27 -24.95 -5.10
N ILE F 187 14.66 -23.78 -5.61
CA ILE F 187 15.04 -23.59 -7.00
C ILE F 187 16.55 -23.56 -7.07
N ARG F 188 17.14 -24.53 -7.76
CA ARG F 188 18.59 -24.73 -7.78
C ARG F 188 19.12 -24.89 -6.35
N ASN F 189 18.32 -25.57 -5.51
CA ASN F 189 18.66 -25.87 -4.12
C ASN F 189 18.77 -24.60 -3.28
N ILE F 190 17.93 -23.62 -3.57
CA ILE F 190 17.86 -22.39 -2.79
C ILE F 190 16.40 -22.12 -2.45
N PRO F 191 16.01 -22.15 -1.18
CA PRO F 191 14.63 -21.83 -0.79
C PRO F 191 14.36 -20.36 -0.49
N SER F 192 15.33 -19.48 -0.65
CA SER F 192 15.12 -18.04 -0.56
C SER F 192 14.90 -17.44 -1.95
N ARG F 193 14.46 -16.19 -1.99
CA ARG F 193 14.17 -15.52 -3.26
C ARG F 193 14.57 -14.06 -3.21
N ILE F 194 14.54 -13.44 -4.38
CA ILE F 194 14.86 -12.03 -4.57
C ILE F 194 13.72 -11.38 -5.33
N SER F 195 13.25 -10.22 -4.85
CA SER F 195 12.24 -9.43 -5.55
C SER F 195 12.91 -8.25 -6.24
N ILE F 196 12.62 -8.09 -7.52
CA ILE F 196 13.26 -7.07 -8.36
C ILE F 196 12.36 -5.85 -8.43
N TYR F 197 12.96 -4.67 -8.26
CA TYR F 197 12.27 -3.40 -8.39
C TYR F 197 13.12 -2.48 -9.24
N TRP F 198 12.47 -1.46 -9.82
CA TRP F 198 13.19 -0.51 -10.65
C TRP F 198 12.75 0.92 -10.32
N THR F 199 13.64 1.86 -10.57
CA THR F 199 13.37 3.28 -10.35
C THR F 199 13.98 4.10 -11.48
N ILE F 200 13.20 5.05 -11.98
CA ILE F 200 13.62 5.97 -13.03
C ILE F 200 13.89 7.33 -12.41
N VAL F 201 15.05 7.90 -12.71
CA VAL F 201 15.43 9.23 -12.26
C VAL F 201 15.63 10.13 -13.48
N LYS F 202 15.03 11.31 -13.44
CA LYS F 202 15.01 12.28 -14.53
C LYS F 202 16.14 13.29 -14.32
N PRO F 203 16.57 13.98 -15.38
CA PRO F 203 17.58 15.03 -15.21
C PRO F 203 17.15 16.08 -14.19
N GLY F 204 18.09 16.47 -13.34
CA GLY F 204 17.81 17.37 -12.25
C GLY F 204 17.32 16.71 -10.98
N ASP F 205 17.03 15.41 -11.05
CA ASP F 205 16.49 14.65 -9.93
C ASP F 205 17.60 13.81 -9.29
N ILE F 206 17.36 13.41 -8.05
CA ILE F 206 18.35 12.72 -7.23
C ILE F 206 17.75 11.41 -6.73
N LEU F 207 18.55 10.35 -6.74
CA LEU F 207 18.15 9.06 -6.20
C LEU F 207 18.53 8.92 -4.74
N LEU F 208 17.57 8.57 -3.90
CA LEU F 208 17.76 8.36 -2.46
C LEU F 208 17.39 6.93 -2.10
N ILE F 209 18.31 6.26 -1.40
CA ILE F 209 18.13 4.87 -0.98
C ILE F 209 18.37 4.82 0.51
N ASN F 210 17.37 4.35 1.25
CA ASN F 210 17.47 4.17 2.69
C ASN F 210 17.30 2.68 2.94
N SER F 211 18.27 2.04 3.58
CA SER F 211 18.20 0.61 3.82
C SER F 211 18.84 0.27 5.16
N THR F 212 18.18 -0.61 5.91
CA THR F 212 18.75 -1.19 7.12
C THR F 212 19.10 -2.67 6.92
N GLY F 213 18.90 -3.21 5.74
CA GLY F 213 19.23 -4.59 5.48
C GLY F 213 18.43 -5.15 4.32
N ASN F 214 18.88 -6.32 3.85
CA ASN F 214 18.22 -7.08 2.80
C ASN F 214 18.22 -6.34 1.46
N LEU F 215 19.09 -5.36 1.28
CA LEU F 215 19.12 -4.57 0.05
C LEU F 215 20.09 -5.19 -0.93
N ILE F 216 19.60 -5.51 -2.12
CA ILE F 216 20.44 -5.90 -3.25
C ILE F 216 20.65 -4.64 -4.08
N ALA F 217 21.79 -4.00 -3.86
CA ALA F 217 22.04 -2.65 -4.33
C ALA F 217 22.34 -2.63 -5.82
N PRO F 218 22.02 -1.53 -6.49
CA PRO F 218 22.43 -1.38 -7.88
C PRO F 218 23.89 -0.96 -7.96
N ARG F 219 24.51 -1.31 -9.08
CA ARG F 219 25.90 -0.93 -9.32
C ARG F 219 26.01 0.26 -10.27
N GLY F 220 24.89 0.86 -10.63
CA GLY F 220 24.84 1.97 -11.57
C GLY F 220 23.45 2.06 -12.19
N TYR F 221 23.40 2.62 -13.39
CA TYR F 221 22.13 2.88 -14.07
C TYR F 221 22.19 2.42 -15.52
N PHE F 222 21.03 2.07 -16.05
CA PHE F 222 20.86 1.84 -17.48
C PHE F 222 20.29 3.09 -18.13
N LYS F 223 20.81 3.44 -19.30
CA LYS F 223 20.29 4.59 -20.03
C LYS F 223 18.94 4.28 -20.66
N ILE F 224 17.97 5.17 -20.47
CA ILE F 224 16.63 5.01 -21.03
C ILE F 224 16.55 5.91 -22.26
N ARG F 225 16.07 5.36 -23.36
CA ARG F 225 15.96 6.07 -24.63
C ARG F 225 14.53 5.97 -25.16
N SER F 226 14.22 6.81 -26.15
CA SER F 226 12.90 6.85 -26.76
C SER F 226 12.95 6.31 -28.19
N GLY F 227 12.03 5.41 -28.49
CA GLY F 227 11.93 4.85 -29.83
C GLY F 227 10.81 3.84 -29.89
N LYS F 228 10.73 3.13 -31.03
CA LYS F 228 9.72 2.11 -31.24
C LYS F 228 10.28 0.69 -31.08
N SER F 229 11.36 0.53 -30.33
CA SER F 229 11.87 -0.81 -30.09
C SER F 229 10.86 -1.60 -29.27
N SER F 230 10.89 -2.93 -29.43
CA SER F 230 9.87 -3.76 -28.79
C SER F 230 10.44 -5.15 -28.52
N ILE F 231 9.58 -6.02 -28.01
CA ILE F 231 9.92 -7.36 -27.59
C ILE F 231 8.91 -8.33 -28.21
N MET F 232 9.39 -9.54 -28.53
CA MET F 232 8.56 -10.52 -29.21
C MET F 232 9.01 -11.92 -28.86
N ARG F 233 8.06 -12.79 -28.55
CA ARG F 233 8.33 -14.20 -28.27
C ARG F 233 8.11 -15.02 -29.55
N SER F 234 9.13 -15.75 -29.97
CA SER F 234 9.03 -16.56 -31.17
C SER F 234 10.18 -17.57 -31.19
N ASP F 235 9.91 -18.75 -31.74
CA ASP F 235 10.96 -19.74 -31.94
C ASP F 235 11.34 -19.90 -33.40
N ALA F 236 11.02 -18.92 -34.25
CA ALA F 236 11.40 -19.03 -35.64
C ALA F 236 12.87 -18.63 -35.80
N PRO F 237 13.63 -19.34 -36.63
CA PRO F 237 15.03 -18.98 -36.84
C PRO F 237 15.15 -17.64 -37.55
N ILE F 238 16.27 -16.97 -37.31
CA ILE F 238 16.58 -15.70 -37.97
C ILE F 238 17.38 -15.98 -39.23
N GLY F 239 16.99 -15.34 -40.33
CA GLY F 239 17.64 -15.57 -41.60
C GLY F 239 18.17 -14.29 -42.20
N LYS F 240 19.09 -14.40 -43.15
CA LYS F 240 19.71 -13.25 -43.81
C LYS F 240 18.85 -12.86 -45.01
N CYS F 241 17.85 -12.02 -44.76
CA CYS F 241 16.98 -11.48 -45.80
C CYS F 241 16.53 -10.08 -45.38
N LYS F 242 15.50 -9.57 -46.05
CA LYS F 242 15.01 -8.21 -45.88
C LYS F 242 13.48 -8.22 -45.85
N SER F 243 12.89 -7.70 -44.78
CA SER F 243 11.44 -7.69 -44.64
C SER F 243 11.04 -6.67 -43.58
N GLU F 244 10.05 -5.83 -43.92
CA GLU F 244 9.57 -4.77 -43.03
C GLU F 244 8.38 -5.23 -42.18
N CYS F 245 8.20 -6.52 -41.99
CA CYS F 245 7.10 -7.01 -41.15
C CYS F 245 7.49 -8.35 -40.55
N ILE F 246 7.49 -8.43 -39.22
CA ILE F 246 7.87 -9.62 -38.49
C ILE F 246 6.66 -10.15 -37.73
N THR F 247 6.45 -11.46 -37.81
CA THR F 247 5.41 -12.20 -37.11
C THR F 247 6.06 -13.39 -36.40
N PRO F 248 5.46 -13.92 -35.33
CA PRO F 248 6.13 -14.99 -34.57
C PRO F 248 6.52 -16.23 -35.35
N ASN F 249 5.80 -16.60 -36.42
CA ASN F 249 6.16 -17.73 -37.27
C ASN F 249 7.12 -17.34 -38.37
N GLY F 250 7.53 -16.08 -38.44
CA GLY F 250 8.45 -15.60 -39.44
C GLY F 250 7.97 -14.32 -40.09
N SER F 251 8.82 -13.80 -40.97
CA SER F 251 8.53 -12.55 -41.68
C SER F 251 7.46 -12.79 -42.74
N ILE F 252 6.58 -11.80 -42.90
CA ILE F 252 5.51 -11.88 -43.89
C ILE F 252 5.59 -10.70 -44.85
N PRO F 253 5.15 -10.85 -46.09
CA PRO F 253 5.06 -9.70 -46.99
C PRO F 253 3.85 -8.83 -46.66
N ASN F 254 3.96 -7.56 -47.02
CA ASN F 254 2.94 -6.56 -46.73
C ASN F 254 2.20 -6.14 -48.00
N ASP F 255 1.86 -7.12 -48.86
CA ASP F 255 1.14 -6.80 -50.08
C ASP F 255 -0.34 -6.51 -49.81
N LYS F 256 -1.04 -7.50 -49.26
CA LYS F 256 -2.45 -7.29 -48.94
C LYS F 256 -2.62 -6.37 -47.73
N PRO F 257 -3.74 -5.65 -47.64
CA PRO F 257 -4.00 -4.84 -46.45
C PRO F 257 -4.34 -5.66 -45.21
N PHE F 258 -4.51 -6.97 -45.35
CA PHE F 258 -4.82 -7.88 -44.27
C PHE F 258 -3.79 -8.98 -44.15
N GLN F 259 -3.79 -9.62 -42.99
CA GLN F 259 -2.94 -10.77 -42.71
C GLN F 259 -3.67 -11.65 -41.70
N ASN F 260 -3.48 -12.96 -41.83
CA ASN F 260 -4.10 -13.90 -40.90
C ASN F 260 -3.08 -14.84 -40.28
N VAL F 261 -1.79 -14.53 -40.37
CA VAL F 261 -0.76 -15.43 -39.85
C VAL F 261 -0.73 -15.38 -38.32
N ASN F 262 -0.75 -14.17 -37.75
CA ASN F 262 -0.68 -14.02 -36.30
C ASN F 262 -0.99 -12.56 -35.94
N ARG F 263 -1.56 -12.38 -34.75
CA ARG F 263 -2.01 -11.06 -34.32
C ARG F 263 -0.86 -10.13 -33.99
N ILE F 264 0.22 -10.67 -33.43
CA ILE F 264 1.36 -9.89 -32.97
C ILE F 264 2.24 -9.52 -34.15
N THR F 265 2.45 -8.22 -34.36
CA THR F 265 3.21 -7.71 -35.50
C THR F 265 4.24 -6.69 -35.03
N TYR F 266 5.27 -6.51 -35.86
CA TYR F 266 6.28 -5.48 -35.63
C TYR F 266 6.59 -4.80 -36.95
N GLY F 267 6.53 -3.47 -36.95
CA GLY F 267 6.81 -2.68 -38.13
C GLY F 267 5.56 -2.31 -38.90
N ALA F 268 5.77 -1.87 -40.14
CA ALA F 268 4.68 -1.51 -41.03
C ALA F 268 4.10 -2.81 -41.60
N CYS F 269 3.04 -3.30 -40.96
CA CYS F 269 2.42 -4.57 -41.28
C CYS F 269 0.97 -4.39 -41.71
N PRO F 270 0.42 -5.37 -42.42
CA PRO F 270 -1.02 -5.37 -42.69
C PRO F 270 -1.81 -5.70 -41.44
N ARG F 271 -3.09 -5.32 -41.46
CA ARG F 271 -3.96 -5.57 -40.33
C ARG F 271 -4.31 -7.06 -40.22
N TYR F 272 -4.68 -7.48 -39.01
CA TYR F 272 -5.01 -8.87 -38.77
C TYR F 272 -6.51 -9.11 -38.91
N VAL F 273 -6.85 -10.28 -39.42
CA VAL F 273 -8.22 -10.75 -39.51
C VAL F 273 -8.24 -12.16 -38.94
N LYS F 274 -9.30 -12.49 -38.19
CA LYS F 274 -9.33 -13.75 -37.45
C LYS F 274 -9.20 -14.94 -38.39
N GLN F 275 -10.03 -15.02 -39.43
CA GLN F 275 -10.00 -16.18 -40.30
C GLN F 275 -9.66 -15.71 -41.72
N SER F 276 -10.52 -16.01 -42.70
CA SER F 276 -10.28 -15.73 -44.11
C SER F 276 -8.90 -16.23 -44.56
N GLU G 1 -38.11 10.35 11.24
CA GLU G 1 -39.49 10.35 10.74
C GLU G 1 -39.73 11.63 9.93
N VAL G 2 -40.08 11.49 8.66
CA VAL G 2 -40.35 12.65 7.81
C VAL G 2 -41.83 12.97 7.96
N GLN G 3 -42.14 14.25 8.14
CA GLN G 3 -43.51 14.66 8.41
C GLN G 3 -43.86 15.91 7.63
N LEU G 4 -45.08 15.93 7.07
CA LEU G 4 -45.62 17.08 6.35
C LEU G 4 -46.96 17.41 6.98
N VAL G 5 -46.98 18.43 7.83
CA VAL G 5 -48.19 18.84 8.53
C VAL G 5 -48.79 20.03 7.79
N GLN G 6 -50.01 19.89 7.30
CA GLN G 6 -50.68 20.92 6.54
C GLN G 6 -51.62 21.72 7.44
N SER G 7 -52.10 22.85 6.91
CA SER G 7 -52.96 23.75 7.65
C SER G 7 -54.40 23.20 7.69
N GLY G 8 -55.27 23.94 8.37
CA GLY G 8 -56.62 23.45 8.63
C GLY G 8 -57.55 23.56 7.44
N ALA G 9 -58.73 22.97 7.60
CA ALA G 9 -59.74 22.96 6.56
C ALA G 9 -60.23 24.38 6.28
N GLU G 10 -60.53 24.65 5.01
CA GLU G 10 -60.92 25.97 4.55
C GLU G 10 -62.31 25.92 3.92
N VAL G 11 -63.12 26.93 4.22
CA VAL G 11 -64.42 27.12 3.58
C VAL G 11 -64.46 28.54 3.00
N LYS G 12 -64.35 28.63 1.69
CA LYS G 12 -64.28 29.91 1.00
C LYS G 12 -65.45 30.08 0.03
N LYS G 13 -65.71 31.33 -0.32
CA LYS G 13 -66.72 31.65 -1.30
C LYS G 13 -66.08 31.87 -2.66
N PRO G 14 -66.80 31.62 -3.75
CA PRO G 14 -66.20 31.73 -5.08
C PRO G 14 -65.68 33.13 -5.35
N GLY G 15 -64.54 33.19 -6.04
CA GLY G 15 -63.88 34.44 -6.33
C GLY G 15 -62.82 34.87 -5.35
N ALA G 16 -62.81 34.28 -4.15
CA ALA G 16 -61.83 34.62 -3.14
C ALA G 16 -60.54 33.85 -3.42
N SER G 17 -59.60 33.91 -2.49
CA SER G 17 -58.34 33.20 -2.61
C SER G 17 -58.07 32.41 -1.33
N VAL G 18 -57.41 31.28 -1.49
CA VAL G 18 -57.05 30.41 -0.37
C VAL G 18 -55.54 30.18 -0.41
N LYS G 19 -54.94 30.07 0.77
CA LYS G 19 -53.51 29.83 0.90
C LYS G 19 -53.30 28.74 1.93
N VAL G 20 -52.69 27.64 1.51
CA VAL G 20 -52.47 26.46 2.36
C VAL G 20 -50.99 26.36 2.68
N SER G 21 -50.68 26.10 3.95
CA SER G 21 -49.31 25.93 4.40
C SER G 21 -48.98 24.45 4.57
N CYS G 22 -47.68 24.15 4.55
CA CYS G 22 -47.21 22.77 4.63
C CYS G 22 -45.87 22.79 5.38
N LYS G 23 -45.91 22.46 6.67
CA LYS G 23 -44.70 22.48 7.49
C LYS G 23 -44.04 21.11 7.45
N THR G 24 -42.78 21.08 7.03
CA THR G 24 -42.01 19.86 6.91
C THR G 24 -41.13 19.67 8.14
N SER G 25 -40.73 18.42 8.36
CA SER G 25 -39.81 18.08 9.44
C SER G 25 -39.24 16.70 9.17
N GLY G 26 -38.05 16.45 9.73
CA GLY G 26 -37.42 15.14 9.62
C GLY G 26 -36.48 14.97 8.46
N TYR G 27 -36.25 16.01 7.66
CA TYR G 27 -35.32 15.93 6.54
C TYR G 27 -34.91 17.34 6.15
N THR G 28 -33.89 17.43 5.29
CA THR G 28 -33.38 18.71 4.81
C THR G 28 -34.39 19.33 3.85
N PHE G 29 -35.05 20.41 4.30
CA PHE G 29 -36.14 21.00 3.53
C PHE G 29 -35.69 21.42 2.14
N THR G 30 -34.51 22.02 2.03
CA THR G 30 -34.01 22.57 0.78
C THR G 30 -33.35 21.54 -0.13
N ALA G 31 -33.40 20.26 0.21
CA ALA G 31 -32.71 19.23 -0.58
C ALA G 31 -33.62 18.44 -1.51
N TYR G 32 -34.94 18.60 -1.40
CA TYR G 32 -35.88 17.85 -2.22
C TYR G 32 -36.94 18.78 -2.78
N TYR G 33 -37.42 18.45 -3.98
CA TYR G 33 -38.56 19.17 -4.54
C TYR G 33 -39.81 18.89 -3.70
N LEU G 34 -40.73 19.84 -3.70
CA LEU G 34 -41.98 19.71 -2.97
C LEU G 34 -43.13 19.90 -3.94
N HIS G 35 -44.00 18.91 -4.04
CA HIS G 35 -45.12 18.92 -4.98
C HIS G 35 -46.41 19.34 -4.30
N TRP G 36 -47.35 19.81 -5.14
CA TRP G 36 -48.71 20.11 -4.70
C TRP G 36 -49.67 19.44 -5.67
N VAL G 37 -50.50 18.55 -5.16
CA VAL G 37 -51.45 17.78 -5.96
C VAL G 37 -52.80 17.76 -5.23
N ARG G 38 -53.87 17.95 -5.98
CA ARG G 38 -55.22 17.98 -5.43
C ARG G 38 -56.05 16.79 -5.91
N GLN G 39 -57.12 16.51 -5.19
CA GLN G 39 -58.01 15.39 -5.49
C GLN G 39 -59.45 15.85 -5.26
N ALA G 40 -60.21 15.98 -6.35
CA ALA G 40 -61.60 16.39 -6.23
C ALA G 40 -62.43 15.27 -5.61
N PRO G 41 -63.51 15.62 -4.89
CA PRO G 41 -64.35 14.58 -4.26
C PRO G 41 -64.85 13.54 -5.26
N GLY G 42 -64.36 12.31 -5.12
CA GLY G 42 -64.74 11.23 -6.00
C GLY G 42 -63.93 11.08 -7.26
N GLN G 43 -62.87 11.86 -7.43
CA GLN G 43 -62.02 11.82 -8.61
C GLN G 43 -60.60 11.42 -8.22
N GLY G 44 -59.73 11.36 -9.23
CA GLY G 44 -58.34 10.98 -9.03
C GLY G 44 -57.49 12.17 -8.66
N PHE G 45 -56.17 11.96 -8.72
CA PHE G 45 -55.21 12.99 -8.37
C PHE G 45 -54.79 13.77 -9.60
N GLU G 46 -54.49 15.05 -9.39
CA GLU G 46 -54.10 15.95 -10.47
C GLU G 46 -52.96 16.81 -9.98
N TRP G 47 -51.78 16.65 -10.58
CA TRP G 47 -50.61 17.39 -10.15
C TRP G 47 -50.74 18.86 -10.55
N MET G 48 -50.46 19.75 -9.58
CA MET G 48 -50.61 21.19 -9.79
C MET G 48 -49.29 21.87 -10.09
N ALA G 49 -48.29 21.72 -9.22
CA ALA G 49 -47.01 22.39 -9.37
C ALA G 49 -46.02 21.81 -8.38
N TRP G 50 -44.73 22.07 -8.62
CA TRP G 50 -43.69 21.79 -7.65
C TRP G 50 -42.84 23.03 -7.46
N ILE G 51 -42.05 23.02 -6.38
CA ILE G 51 -41.16 24.13 -6.05
C ILE G 51 -39.84 23.56 -5.56
N ASN G 52 -38.76 24.27 -5.90
CA ASN G 52 -37.42 23.98 -5.38
C ASN G 52 -37.20 24.82 -4.13
N PRO G 53 -37.26 24.23 -2.94
CA PRO G 53 -37.11 25.03 -1.71
C PRO G 53 -35.74 25.67 -1.57
N ASN G 54 -34.73 25.20 -2.31
CA ASN G 54 -33.41 25.81 -2.25
C ASN G 54 -33.40 27.15 -2.98
N THR G 55 -33.76 27.14 -4.26
CA THR G 55 -33.66 28.32 -5.11
C THR G 55 -34.95 29.11 -5.23
N GLY G 56 -36.10 28.50 -4.97
CA GLY G 56 -37.37 29.16 -5.16
C GLY G 56 -38.00 28.97 -6.52
N ASP G 57 -37.36 28.19 -7.39
CA ASP G 57 -37.92 27.96 -8.72
C ASP G 57 -39.18 27.11 -8.63
N THR G 58 -40.12 27.40 -9.53
CA THR G 58 -41.43 26.76 -9.53
C THR G 58 -41.72 26.21 -10.92
N ASN G 59 -42.73 25.35 -10.99
CA ASN G 59 -43.19 24.80 -12.27
C ASN G 59 -44.67 24.49 -12.14
N TYR G 60 -45.50 25.40 -12.60
CA TYR G 60 -46.94 25.23 -12.52
C TYR G 60 -47.47 24.51 -13.77
N ALA G 61 -48.63 23.87 -13.60
CA ALA G 61 -49.31 23.20 -14.71
C ALA G 61 -50.07 24.21 -15.56
N GLN G 62 -50.08 23.96 -16.87
CA GLN G 62 -50.67 24.90 -17.83
C GLN G 62 -52.08 25.30 -17.42
N LYS G 63 -52.84 24.34 -16.88
CA LYS G 63 -54.20 24.63 -16.42
C LYS G 63 -54.20 25.53 -15.19
N PHE G 64 -53.18 25.42 -14.33
CA PHE G 64 -53.10 26.22 -13.11
C PHE G 64 -52.21 27.46 -13.24
N GLN G 65 -51.42 27.57 -14.31
CA GLN G 65 -50.53 28.72 -14.46
C GLN G 65 -51.34 30.00 -14.59
N GLY G 66 -50.93 31.02 -13.84
CA GLY G 66 -51.64 32.27 -13.78
C GLY G 66 -52.60 32.40 -12.63
N ARG G 67 -52.95 31.30 -11.97
CA ARG G 67 -53.89 31.34 -10.86
C ARG G 67 -53.32 30.81 -9.55
N VAL G 68 -52.24 30.02 -9.58
CA VAL G 68 -51.66 29.44 -8.37
C VAL G 68 -50.24 29.97 -8.23
N THR G 69 -49.81 30.20 -6.99
CA THR G 69 -48.46 30.67 -6.69
C THR G 69 -47.87 29.85 -5.55
N LEU G 70 -46.65 29.35 -5.76
CA LEU G 70 -45.93 28.58 -4.75
C LEU G 70 -44.85 29.43 -4.11
N SER G 71 -44.63 29.23 -2.81
CA SER G 71 -43.58 29.93 -2.08
C SER G 71 -43.14 29.05 -0.91
N ARG G 72 -42.06 29.45 -0.25
CA ARG G 72 -41.50 28.70 0.85
C ARG G 72 -41.00 29.67 1.91
N ASP G 73 -40.76 29.14 3.11
CA ASP G 73 -40.12 29.88 4.19
C ASP G 73 -39.08 28.95 4.81
N THR G 74 -37.81 29.14 4.42
CA THR G 74 -36.75 28.19 4.78
C THR G 74 -36.53 28.14 6.29
N SER G 75 -36.75 29.26 6.99
CA SER G 75 -36.48 29.31 8.41
C SER G 75 -37.37 28.35 9.19
N ILE G 76 -38.65 28.28 8.83
CA ILE G 76 -39.59 27.37 9.49
C ILE G 76 -39.86 26.12 8.64
N THR G 77 -39.13 25.94 7.54
CA THR G 77 -39.27 24.78 6.64
C THR G 77 -40.73 24.56 6.27
N THR G 78 -41.40 25.64 5.88
CA THR G 78 -42.81 25.61 5.51
C THR G 78 -42.97 26.13 4.09
N ALA G 79 -43.78 25.44 3.30
CA ALA G 79 -44.11 25.86 1.95
C ALA G 79 -45.58 26.25 1.88
N TYR G 80 -45.88 27.15 0.93
CA TYR G 80 -47.22 27.69 0.79
C TYR G 80 -47.69 27.51 -0.64
N MET G 81 -49.00 27.29 -0.78
CA MET G 81 -49.67 27.26 -2.07
C MET G 81 -50.90 28.15 -1.98
N GLU G 82 -50.98 29.12 -2.88
CA GLU G 82 -52.12 30.05 -2.92
C GLU G 82 -52.85 29.90 -4.25
N LEU G 83 -54.15 29.66 -4.17
CA LEU G 83 -55.02 29.61 -5.34
C LEU G 83 -55.92 30.85 -5.33
N THR G 84 -55.96 31.55 -6.45
CA THR G 84 -56.76 32.76 -6.59
C THR G 84 -57.97 32.48 -7.46
N ARG G 85 -58.94 33.40 -7.41
CA ARG G 85 -60.16 33.32 -8.22
C ARG G 85 -60.77 31.93 -8.13
N LEU G 86 -61.16 31.57 -6.91
CA LEU G 86 -61.63 30.22 -6.62
C LEU G 86 -62.94 29.91 -7.35
N ARG G 87 -63.06 28.65 -7.76
CA ARG G 87 -64.22 28.09 -8.43
C ARG G 87 -64.88 27.04 -7.54
N SER G 88 -66.14 26.75 -7.85
CA SER G 88 -66.80 25.61 -7.22
C SER G 88 -66.12 24.33 -7.65
N ASP G 89 -65.48 24.37 -8.84
CA ASP G 89 -64.71 23.28 -9.40
C ASP G 89 -63.31 23.20 -8.79
N ASP G 90 -62.99 24.10 -7.86
CA ASP G 90 -61.75 24.03 -7.10
C ASP G 90 -61.93 23.28 -5.79
N THR G 91 -63.15 22.84 -5.48
CA THR G 91 -63.39 22.07 -4.27
C THR G 91 -62.69 20.72 -4.37
N ALA G 92 -61.75 20.49 -3.45
CA ALA G 92 -60.93 19.29 -3.46
C ALA G 92 -60.17 19.25 -2.15
N VAL G 93 -59.46 18.13 -1.93
CA VAL G 93 -58.46 18.03 -0.88
C VAL G 93 -57.10 18.32 -1.52
N TYR G 94 -56.37 19.27 -0.94
CA TYR G 94 -55.08 19.69 -1.48
C TYR G 94 -53.96 19.09 -0.65
N TYR G 95 -53.03 18.42 -1.32
CA TYR G 95 -51.91 17.72 -0.69
C TYR G 95 -50.59 18.35 -1.09
N CYS G 96 -49.70 18.52 -0.12
CA CYS G 96 -48.29 18.72 -0.39
C CYS G 96 -47.58 17.38 -0.24
N ALA G 97 -46.64 17.09 -1.14
CA ALA G 97 -45.94 15.83 -1.15
C ALA G 97 -44.46 16.06 -1.43
N LYS G 98 -43.61 15.35 -0.70
CA LYS G 98 -42.18 15.46 -0.89
C LYS G 98 -41.74 14.55 -2.04
N ASP G 99 -40.84 15.08 -2.88
CA ASP G 99 -40.32 14.33 -4.00
C ASP G 99 -39.29 13.31 -3.53
N LEU G 100 -39.11 12.27 -4.35
CA LEU G 100 -38.18 11.19 -4.02
C LEU G 100 -36.72 11.56 -4.27
N THR G 101 -36.45 12.38 -5.28
CA THR G 101 -35.10 12.61 -5.78
C THR G 101 -34.36 13.63 -4.91
N LEU G 102 -33.22 13.23 -4.35
CA LEU G 102 -32.34 14.14 -3.64
C LEU G 102 -31.54 14.97 -4.64
N MET G 103 -31.54 16.28 -4.45
CA MET G 103 -30.95 17.18 -5.44
C MET G 103 -29.80 18.03 -4.92
N TYR G 104 -29.55 18.08 -3.61
CA TYR G 104 -28.46 18.89 -3.09
C TYR G 104 -27.83 18.20 -1.88
N VAL G 105 -26.51 18.31 -1.80
CA VAL G 105 -25.72 17.96 -0.61
C VAL G 105 -24.81 19.14 -0.37
N PHE G 106 -25.17 20.00 0.59
CA PHE G 106 -24.63 21.36 0.63
C PHE G 106 -23.16 21.40 1.05
N ASP G 107 -22.79 20.66 2.10
CA ASP G 107 -21.44 20.79 2.65
C ASP G 107 -20.37 20.24 1.70
N SER G 108 -20.72 19.29 0.84
CA SER G 108 -19.80 18.82 -0.17
C SER G 108 -19.96 19.54 -1.49
N GLY G 109 -20.88 20.51 -1.56
CA GLY G 109 -21.10 21.28 -2.77
C GLY G 109 -21.52 20.45 -3.96
N TRP G 110 -22.56 19.65 -3.79
CA TRP G 110 -23.08 18.82 -4.86
C TRP G 110 -24.50 19.23 -5.21
N ALA G 111 -24.77 19.32 -6.51
CA ALA G 111 -26.10 19.60 -7.01
C ALA G 111 -26.37 18.63 -8.15
N ARG G 112 -27.54 18.01 -8.13
CA ARG G 112 -27.86 17.03 -9.16
C ARG G 112 -27.95 17.71 -10.52
N GLY G 113 -27.44 17.03 -11.55
CA GLY G 113 -27.40 17.62 -12.88
C GLY G 113 -28.77 18.01 -13.39
N ALA G 114 -29.73 17.10 -13.26
CA ALA G 114 -31.10 17.36 -13.67
C ALA G 114 -32.04 16.66 -12.70
N HIS G 115 -33.29 17.14 -12.68
CA HIS G 115 -34.32 16.52 -11.85
C HIS G 115 -35.01 15.41 -12.64
N ASP G 116 -35.12 14.25 -12.01
CA ASP G 116 -35.91 13.14 -12.55
C ASP G 116 -36.98 12.79 -11.53
N TYR G 117 -38.19 12.56 -12.02
CA TYR G 117 -39.34 12.31 -11.16
C TYR G 117 -39.53 10.82 -10.95
N TYR G 118 -39.27 10.34 -9.74
CA TYR G 118 -39.45 8.93 -9.41
C TYR G 118 -40.66 8.66 -8.55
N GLY G 119 -41.29 9.69 -8.01
CA GLY G 119 -42.47 9.51 -7.21
C GLY G 119 -42.50 10.49 -6.06
N MET G 120 -43.49 10.34 -5.20
CA MET G 120 -43.65 11.16 -4.00
C MET G 120 -43.76 10.22 -2.81
N ASP G 121 -42.72 10.19 -1.98
CA ASP G 121 -42.60 9.19 -0.93
C ASP G 121 -43.29 9.59 0.38
N VAL G 122 -43.51 10.88 0.61
CA VAL G 122 -44.15 11.33 1.85
C VAL G 122 -45.19 12.38 1.50
N TRP G 123 -46.41 12.20 2.00
CA TRP G 123 -47.53 13.09 1.73
C TRP G 123 -47.98 13.75 3.02
N GLY G 124 -48.61 14.92 2.86
CA GLY G 124 -49.26 15.55 3.99
C GLY G 124 -50.65 14.95 4.22
N GLN G 125 -51.20 15.24 5.40
CA GLN G 125 -52.51 14.68 5.73
C GLN G 125 -53.61 15.25 4.83
N GLY G 126 -53.36 16.35 4.16
CA GLY G 126 -54.31 16.95 3.25
C GLY G 126 -55.06 18.11 3.88
N THR G 127 -55.42 19.08 3.05
CA THR G 127 -56.20 20.23 3.48
C THR G 127 -57.47 20.28 2.62
N THR G 128 -58.62 20.20 3.27
CA THR G 128 -59.89 20.20 2.58
C THR G 128 -60.33 21.65 2.40
N VAL G 129 -60.59 22.05 1.16
CA VAL G 129 -61.09 23.39 0.88
C VAL G 129 -62.41 23.24 0.13
N ALA G 130 -63.47 23.82 0.69
CA ALA G 130 -64.79 23.83 0.08
C ALA G 130 -65.06 25.24 -0.41
N VAL G 131 -65.46 25.35 -1.67
CA VAL G 131 -65.74 26.64 -2.30
C VAL G 131 -67.20 26.59 -2.71
N SER G 132 -68.06 27.25 -1.93
CA SER G 132 -69.48 27.29 -2.22
C SER G 132 -70.00 28.71 -2.20
N GLY G 133 -70.83 29.04 -3.19
CA GLY G 133 -71.55 30.29 -3.22
C GLY G 133 -72.97 30.20 -2.72
N ALA G 134 -73.36 29.09 -2.12
CA ALA G 134 -74.74 28.89 -1.68
C ALA G 134 -74.94 29.43 -0.28
N SER G 135 -76.17 29.88 -0.01
CA SER G 135 -76.60 30.32 1.30
C SER G 135 -77.55 29.26 1.87
N THR G 136 -78.51 29.68 2.67
CA THR G 136 -79.40 28.76 3.37
C THR G 136 -80.73 28.76 2.65
N LYS G 137 -81.01 27.66 1.95
CA LYS G 137 -82.19 27.54 1.10
C LYS G 137 -82.93 26.26 1.45
N GLY G 138 -84.25 26.36 1.58
CA GLY G 138 -85.08 25.20 1.79
C GLY G 138 -85.25 24.42 0.50
N PRO G 139 -85.62 23.15 0.62
CA PRO G 139 -85.70 22.30 -0.56
C PRO G 139 -87.03 22.42 -1.29
N SER G 140 -87.00 22.11 -2.57
CA SER G 140 -88.20 21.93 -3.38
C SER G 140 -88.46 20.43 -3.51
N VAL G 141 -89.71 20.03 -3.26
CA VAL G 141 -90.09 18.62 -3.24
C VAL G 141 -91.05 18.36 -4.38
N PHE G 142 -90.73 17.37 -5.21
CA PHE G 142 -91.56 16.95 -6.33
C PHE G 142 -91.87 15.46 -6.23
N PRO G 143 -93.07 15.04 -6.61
CA PRO G 143 -93.43 13.62 -6.52
C PRO G 143 -92.85 12.81 -7.68
N LEU G 144 -92.41 11.60 -7.35
CA LEU G 144 -91.99 10.61 -8.35
C LEU G 144 -93.10 9.57 -8.43
N ALA G 145 -93.96 9.71 -9.42
CA ALA G 145 -95.17 8.91 -9.49
C ALA G 145 -94.84 7.44 -9.76
N PRO G 146 -95.59 6.51 -9.18
CA PRO G 146 -95.36 5.09 -9.48
C PRO G 146 -95.80 4.75 -10.90
N SER G 147 -95.35 3.60 -11.37
CA SER G 147 -95.68 3.18 -12.73
C SER G 147 -97.16 2.80 -12.79
N SER G 148 -97.83 3.26 -13.86
CA SER G 148 -99.25 2.94 -13.99
C SER G 148 -99.44 1.47 -14.37
N LYS G 149 -98.56 0.93 -15.20
CA LYS G 149 -98.63 -0.48 -15.54
C LYS G 149 -98.19 -1.31 -14.35
N SER G 150 -98.98 -2.34 -14.03
CA SER G 150 -98.76 -3.13 -12.83
C SER G 150 -98.95 -4.61 -13.14
N THR G 151 -98.22 -5.44 -12.41
CA THR G 151 -98.33 -6.88 -12.51
C THR G 151 -99.18 -7.39 -11.35
N SER G 152 -99.67 -8.62 -11.47
CA SER G 152 -100.49 -9.24 -10.44
C SER G 152 -99.58 -9.81 -9.36
N GLY G 153 -99.57 -9.19 -8.19
CA GLY G 153 -98.65 -9.63 -7.17
C GLY G 153 -97.49 -8.67 -6.97
N GLY G 154 -96.89 -8.23 -8.08
CA GLY G 154 -95.67 -7.44 -8.05
C GLY G 154 -95.74 -6.12 -7.30
N THR G 155 -94.70 -5.31 -7.46
CA THR G 155 -94.50 -4.13 -6.64
C THR G 155 -94.40 -2.89 -7.52
N ALA G 156 -94.56 -1.73 -6.90
CA ALA G 156 -94.35 -0.46 -7.56
C ALA G 156 -93.33 0.35 -6.78
N ALA G 157 -92.70 1.31 -7.46
CA ALA G 157 -91.66 2.15 -6.88
C ALA G 157 -92.08 3.59 -7.05
N LEU G 158 -92.33 4.26 -5.93
CA LEU G 158 -92.68 5.67 -5.91
C LEU G 158 -91.77 6.40 -4.95
N GLY G 159 -91.57 7.68 -5.20
CA GLY G 159 -90.69 8.44 -4.36
C GLY G 159 -90.93 9.93 -4.48
N CYS G 160 -90.07 10.70 -3.84
CA CYS G 160 -90.16 12.15 -3.93
C CYS G 160 -88.75 12.71 -4.09
N LEU G 161 -88.63 13.73 -4.94
CA LEU G 161 -87.36 14.36 -5.28
C LEU G 161 -87.18 15.65 -4.49
N VAL G 162 -86.17 15.66 -3.63
CA VAL G 162 -85.86 16.79 -2.76
C VAL G 162 -84.78 17.61 -3.48
N LYS G 163 -85.19 18.73 -4.09
CA LYS G 163 -84.32 19.47 -4.99
C LYS G 163 -83.80 20.76 -4.35
N ASP G 164 -82.53 21.06 -4.64
CA ASP G 164 -81.91 22.35 -4.37
C ASP G 164 -82.07 22.83 -2.93
N TYR G 165 -81.30 22.25 -2.01
CA TYR G 165 -81.29 22.70 -0.63
C TYR G 165 -79.86 22.87 -0.16
N PHE G 166 -79.69 23.65 0.91
CA PHE G 166 -78.36 23.89 1.48
C PHE G 166 -78.53 24.39 2.89
N PRO G 167 -77.76 23.88 3.87
CA PRO G 167 -76.84 22.77 3.66
C PRO G 167 -77.44 21.43 4.08
N GLU G 168 -76.60 20.40 4.10
CA GLU G 168 -76.99 19.11 4.65
C GLU G 168 -77.20 19.23 6.16
N PRO G 169 -78.02 18.35 6.75
CA PRO G 169 -78.77 17.25 6.13
C PRO G 169 -80.24 17.56 5.98
N VAL G 170 -80.97 16.68 5.30
CA VAL G 170 -82.42 16.73 5.25
C VAL G 170 -82.93 15.34 5.62
N THR G 171 -84.02 15.29 6.38
CA THR G 171 -84.63 14.04 6.80
C THR G 171 -85.90 13.80 6.00
N VAL G 172 -86.09 12.56 5.55
CA VAL G 172 -87.28 12.17 4.79
C VAL G 172 -87.91 10.98 5.49
N SER G 173 -89.21 11.09 5.75
CA SER G 173 -90.00 9.99 6.30
C SER G 173 -91.25 9.81 5.46
N TRP G 174 -91.85 8.63 5.55
CA TRP G 174 -93.03 8.27 4.77
C TRP G 174 -94.19 7.97 5.69
N ASN G 175 -95.31 8.68 5.47
CA ASN G 175 -96.52 8.53 6.27
C ASN G 175 -96.21 8.69 7.76
N SER G 176 -95.42 9.72 8.06
CA SER G 176 -95.05 10.08 9.44
C SER G 176 -94.36 8.93 10.15
N GLY G 177 -93.54 8.18 9.42
CA GLY G 177 -92.78 7.08 9.98
C GLY G 177 -93.50 5.76 10.08
N ALA G 178 -94.79 5.71 9.74
CA ALA G 178 -95.51 4.43 9.79
C ALA G 178 -95.08 3.48 8.69
N LEU G 179 -94.37 3.98 7.67
CA LEU G 179 -93.90 3.17 6.55
C LEU G 179 -92.38 3.18 6.57
N THR G 180 -91.78 2.04 6.93
CA THR G 180 -90.33 1.89 6.93
C THR G 180 -89.84 0.78 6.02
N SER G 181 -90.63 -0.28 5.83
CA SER G 181 -90.22 -1.37 4.96
C SER G 181 -90.17 -0.90 3.51
N GLY G 182 -89.09 -1.22 2.83
CA GLY G 182 -88.93 -0.83 1.44
C GLY G 182 -88.49 0.59 1.20
N VAL G 183 -88.19 1.35 2.25
CA VAL G 183 -87.78 2.74 2.10
C VAL G 183 -86.28 2.79 1.82
N HIS G 184 -85.89 3.52 0.77
CA HIS G 184 -84.49 3.64 0.39
C HIS G 184 -84.24 5.10 0.02
N THR G 185 -83.63 5.84 0.93
CA THR G 185 -83.29 7.24 0.71
C THR G 185 -81.82 7.32 0.26
N PHE G 186 -81.60 7.86 -0.92
CA PHE G 186 -80.27 7.85 -1.51
C PHE G 186 -79.43 9.02 -0.99
N PRO G 187 -78.12 8.82 -0.84
CA PRO G 187 -77.25 9.93 -0.44
C PRO G 187 -77.30 11.07 -1.46
N ALA G 188 -77.22 12.29 -0.96
CA ALA G 188 -77.39 13.46 -1.81
C ALA G 188 -76.22 13.65 -2.76
N VAL G 189 -76.47 14.42 -3.80
CA VAL G 189 -75.45 14.84 -4.76
C VAL G 189 -75.27 16.34 -4.65
N LEU G 190 -74.02 16.79 -4.66
CA LEU G 190 -73.71 18.21 -4.58
C LEU G 190 -73.57 18.77 -5.99
N GLN G 191 -74.46 19.70 -6.34
CA GLN G 191 -74.48 20.25 -7.69
C GLN G 191 -73.45 21.39 -7.82
N SER G 192 -73.21 21.82 -9.05
CA SER G 192 -72.24 22.89 -9.29
C SER G 192 -72.66 24.19 -8.64
N SER G 193 -73.97 24.40 -8.49
CA SER G 193 -74.45 25.64 -7.89
C SER G 193 -74.16 25.69 -6.40
N GLY G 194 -73.72 24.58 -5.81
CA GLY G 194 -73.47 24.47 -4.39
C GLY G 194 -74.64 23.91 -3.60
N LEU G 195 -75.76 23.66 -4.25
CA LEU G 195 -76.94 23.11 -3.60
C LEU G 195 -76.96 21.58 -3.71
N TYR G 196 -77.66 20.95 -2.78
CA TYR G 196 -77.77 19.51 -2.71
C TYR G 196 -79.12 19.05 -3.25
N SER G 197 -79.16 17.76 -3.63
CA SER G 197 -80.39 17.12 -4.08
C SER G 197 -80.30 15.62 -3.81
N LEU G 198 -81.38 15.05 -3.30
CA LEU G 198 -81.47 13.61 -3.11
C LEU G 198 -82.86 13.12 -3.47
N SER G 199 -82.99 11.81 -3.54
CA SER G 199 -84.28 11.16 -3.81
C SER G 199 -84.51 10.06 -2.79
N SER G 200 -85.77 9.89 -2.40
CA SER G 200 -86.17 8.86 -1.45
C SER G 200 -87.30 8.07 -2.08
N VAL G 201 -87.10 6.77 -2.26
CA VAL G 201 -88.06 5.90 -2.93
C VAL G 201 -88.45 4.78 -1.98
N VAL G 202 -89.73 4.44 -1.98
CA VAL G 202 -90.26 3.30 -1.24
C VAL G 202 -90.96 2.38 -2.22
N THR G 203 -90.74 1.08 -2.08
CA THR G 203 -91.38 0.08 -2.92
C THR G 203 -92.58 -0.49 -2.19
N VAL G 204 -93.74 -0.45 -2.85
CA VAL G 204 -95.02 -0.83 -2.24
C VAL G 204 -95.72 -1.81 -3.15
N PRO G 205 -96.64 -2.61 -2.62
CA PRO G 205 -97.43 -3.49 -3.50
C PRO G 205 -98.28 -2.68 -4.46
N SER G 206 -98.37 -3.18 -5.71
CA SER G 206 -99.11 -2.47 -6.74
C SER G 206 -100.60 -2.44 -6.44
N SER G 207 -101.11 -3.44 -5.73
CA SER G 207 -102.53 -3.45 -5.39
C SER G 207 -102.87 -2.30 -4.46
N SER G 208 -101.90 -1.82 -3.69
CA SER G 208 -102.14 -0.74 -2.73
C SER G 208 -102.01 0.66 -3.34
N LEU G 209 -101.75 0.78 -4.64
CA LEU G 209 -101.59 2.11 -5.24
C LEU G 209 -102.88 2.90 -5.19
N GLY G 210 -104.02 2.25 -5.46
CA GLY G 210 -105.30 2.94 -5.51
C GLY G 210 -106.14 3.08 -4.23
N THR G 211 -105.66 2.60 -3.09
CA THR G 211 -106.32 2.61 -1.78
C THR G 211 -105.44 3.27 -0.72
N GLN G 212 -104.18 2.88 -0.61
CA GLN G 212 -103.31 3.43 0.44
C GLN G 212 -102.69 4.74 -0.02
N THR G 213 -102.74 5.74 0.87
CA THR G 213 -102.10 7.04 0.64
C THR G 213 -100.65 7.02 1.10
N TYR G 214 -99.78 7.56 0.25
CA TYR G 214 -98.34 7.62 0.53
C TYR G 214 -97.90 9.07 0.52
N ILE G 215 -97.37 9.54 1.64
CA ILE G 215 -96.92 10.92 1.80
C ILE G 215 -95.50 10.90 2.36
N CYS G 216 -94.59 11.62 1.70
CA CYS G 216 -93.22 11.73 2.16
C CYS G 216 -93.08 13.04 2.93
N ASN G 217 -92.49 12.96 4.12
CA ASN G 217 -92.34 14.11 5.00
C ASN G 217 -90.90 14.57 4.96
N VAL G 218 -90.65 15.74 4.39
CA VAL G 218 -89.32 16.30 4.24
C VAL G 218 -89.13 17.36 5.32
N ASN G 219 -88.00 17.30 6.01
CA ASN G 219 -87.67 18.23 7.08
C ASN G 219 -86.23 18.71 6.89
N HIS G 220 -86.06 20.01 6.71
CA HIS G 220 -84.74 20.64 6.57
C HIS G 220 -84.57 21.61 7.73
N LYS G 221 -83.85 21.18 8.75
CA LYS G 221 -83.69 21.94 9.99
C LYS G 221 -82.87 23.22 9.81
N PRO G 222 -81.83 23.24 8.96
CA PRO G 222 -81.11 24.51 8.76
C PRO G 222 -81.98 25.67 8.33
N SER G 223 -82.98 25.44 7.48
CA SER G 223 -83.91 26.49 7.09
C SER G 223 -85.26 26.39 7.78
N ASN G 224 -85.50 25.33 8.55
CA ASN G 224 -86.79 25.08 9.18
C ASN G 224 -87.92 25.07 8.15
N THR G 225 -87.74 24.23 7.14
CA THR G 225 -88.75 23.98 6.12
C THR G 225 -89.27 22.57 6.30
N LYS G 226 -90.59 22.43 6.37
CA LYS G 226 -91.23 21.13 6.44
C LYS G 226 -92.22 21.01 5.29
N VAL G 227 -92.15 19.90 4.56
CA VAL G 227 -93.01 19.63 3.43
C VAL G 227 -93.62 18.25 3.59
N ASP G 228 -94.94 18.17 3.42
CA ASP G 228 -95.67 16.90 3.32
C ASP G 228 -96.26 16.85 1.92
N LYS G 229 -95.64 16.08 1.04
CA LYS G 229 -96.09 15.93 -0.33
C LYS G 229 -96.69 14.54 -0.51
N ARG G 230 -97.86 14.49 -1.13
CA ARG G 230 -98.53 13.23 -1.40
C ARG G 230 -98.10 12.74 -2.78
N VAL G 231 -97.74 11.46 -2.85
CA VAL G 231 -97.28 10.85 -4.09
C VAL G 231 -98.35 9.86 -4.52
N GLU G 232 -98.98 10.12 -5.66
CA GLU G 232 -100.10 9.35 -6.15
C GLU G 232 -99.83 8.87 -7.57
N PRO G 233 -100.56 7.85 -8.03
CA PRO G 233 -100.38 7.38 -9.41
C PRO G 233 -100.63 8.47 -10.43
N LYS G 234 -99.96 8.34 -11.59
CA LYS G 234 -100.06 9.33 -12.64
C LYS G 234 -101.51 9.47 -13.12
N SER G 235 -101.79 10.61 -13.76
CA SER G 235 -103.16 10.94 -14.15
C SER G 235 -103.78 9.87 -15.04
N CYS G 236 -103.04 9.38 -16.03
CA CYS G 236 -103.56 8.35 -16.91
C CYS G 236 -103.59 6.98 -16.23
N SER H 2 -50.89 12.78 -23.00
CA SER H 2 -50.47 13.18 -21.66
C SER H 2 -51.43 12.65 -20.60
N ALA H 3 -51.58 11.33 -20.54
CA ALA H 3 -52.43 10.71 -19.53
C ALA H 3 -52.07 9.25 -19.39
N LEU H 4 -52.46 8.68 -18.26
CA LEU H 4 -52.31 7.25 -17.98
C LEU H 4 -53.70 6.67 -17.73
N THR H 5 -53.95 5.49 -18.28
CA THR H 5 -55.24 4.84 -18.16
C THR H 5 -55.11 3.59 -17.32
N GLN H 6 -56.04 3.42 -16.38
CA GLN H 6 -56.11 2.26 -15.52
C GLN H 6 -57.51 1.68 -15.62
N PRO H 7 -57.67 0.39 -15.30
CA PRO H 7 -59.03 -0.14 -15.20
C PRO H 7 -59.76 0.52 -14.04
N ALA H 8 -61.05 0.77 -14.23
CA ALA H 8 -61.82 1.45 -13.20
C ALA H 8 -61.94 0.60 -11.94
N SER H 9 -62.03 -0.71 -12.11
CA SER H 9 -62.28 -1.61 -10.99
C SER H 9 -61.61 -2.95 -11.25
N VAL H 10 -61.10 -3.55 -10.17
CA VAL H 10 -60.58 -4.92 -10.19
C VAL H 10 -61.05 -5.61 -8.92
N SER H 11 -61.18 -6.93 -9.00
CA SER H 11 -61.70 -7.68 -7.87
C SER H 11 -61.03 -9.04 -7.79
N GLY H 12 -61.04 -9.61 -6.60
CA GLY H 12 -60.52 -10.95 -6.38
C GLY H 12 -60.95 -11.45 -5.02
N SER H 13 -60.81 -12.75 -4.85
CA SER H 13 -61.15 -13.38 -3.58
C SER H 13 -59.91 -13.46 -2.69
N PRO H 14 -60.09 -13.59 -1.38
CA PRO H 14 -58.92 -13.71 -0.49
C PRO H 14 -58.05 -14.90 -0.89
N GLY H 15 -56.74 -14.64 -0.99
CA GLY H 15 -55.79 -15.65 -1.37
C GLY H 15 -55.41 -15.65 -2.85
N GLN H 16 -56.10 -14.88 -3.67
CA GLN H 16 -55.82 -14.85 -5.10
C GLN H 16 -54.88 -13.70 -5.44
N SER H 17 -54.66 -13.49 -6.73
CA SER H 17 -53.77 -12.45 -7.24
C SER H 17 -54.52 -11.59 -8.25
N VAL H 18 -54.27 -10.28 -8.17
CA VAL H 18 -54.86 -9.28 -9.05
C VAL H 18 -53.75 -8.46 -9.68
N THR H 19 -54.02 -7.99 -10.90
CA THR H 19 -53.10 -7.12 -11.63
C THR H 19 -53.84 -5.88 -12.10
N ILE H 20 -53.24 -4.71 -11.85
CA ILE H 20 -53.77 -3.42 -12.26
C ILE H 20 -52.84 -2.86 -13.32
N SER H 21 -53.35 -2.69 -14.53
CA SER H 21 -52.55 -2.19 -15.64
C SER H 21 -52.55 -0.65 -15.63
N CYS H 22 -51.58 -0.09 -16.37
CA CYS H 22 -51.42 1.37 -16.43
C CYS H 22 -50.72 1.66 -17.76
N THR H 23 -51.50 2.12 -18.73
CA THR H 23 -51.04 2.31 -20.11
C THR H 23 -50.93 3.79 -20.42
N GLY H 24 -49.96 4.12 -21.27
CA GLY H 24 -49.73 5.49 -21.68
C GLY H 24 -49.70 5.68 -23.18
N THR H 25 -48.63 6.28 -23.68
CA THR H 25 -48.47 6.58 -25.10
C THR H 25 -47.05 6.20 -25.52
N ASN H 26 -46.12 7.11 -25.28
CA ASN H 26 -44.70 6.93 -25.54
C ASN H 26 -44.01 8.10 -24.85
N SER H 27 -42.70 7.92 -24.60
CA SER H 27 -41.85 8.89 -23.90
C SER H 27 -42.15 8.92 -22.40
N ASP H 28 -42.89 7.93 -21.92
CA ASP H 28 -43.19 7.73 -20.51
C ASP H 28 -43.07 6.26 -20.12
N VAL H 29 -44.21 5.65 -19.75
CA VAL H 29 -44.24 4.27 -19.30
C VAL H 29 -43.58 3.33 -20.28
N GLY H 30 -43.37 3.75 -21.52
CA GLY H 30 -42.73 2.89 -22.50
C GLY H 30 -41.40 3.40 -23.00
N THR H 31 -40.83 4.39 -22.29
CA THR H 31 -39.43 4.72 -22.47
C THR H 31 -38.72 4.81 -21.13
N PHE H 32 -39.29 5.57 -20.20
CA PHE H 32 -38.74 5.73 -18.86
C PHE H 32 -39.60 5.00 -17.85
N ASP H 33 -38.97 4.26 -16.94
CA ASP H 33 -39.68 3.41 -15.98
C ASP H 33 -39.94 4.13 -14.66
N LEU H 34 -39.81 5.45 -14.65
CA LEU H 34 -40.14 6.34 -13.53
C LEU H 34 -41.58 6.15 -13.01
N VAL H 35 -42.10 4.92 -13.12
CA VAL H 35 -43.47 4.62 -12.73
C VAL H 35 -43.53 4.34 -11.24
N SER H 36 -44.44 5.02 -10.54
CA SER H 36 -44.68 4.80 -9.13
C SER H 36 -46.15 4.43 -8.91
N TRP H 37 -46.38 3.56 -7.93
CA TRP H 37 -47.72 3.11 -7.56
C TRP H 37 -48.04 3.57 -6.14
N TYR H 38 -49.30 3.92 -5.90
CA TYR H 38 -49.74 4.45 -4.63
C TYR H 38 -51.03 3.77 -4.19
N GLN H 39 -51.14 3.50 -2.90
CA GLN H 39 -52.34 2.95 -2.29
C GLN H 39 -53.00 4.01 -1.44
N GLN H 40 -54.32 4.16 -1.58
CA GLN H 40 -55.07 5.19 -0.86
C GLN H 40 -56.32 4.58 -0.26
N TYR H 41 -56.45 4.70 1.05
CA TYR H 41 -57.65 4.33 1.80
C TYR H 41 -58.61 5.52 1.84
N PRO H 42 -59.91 5.26 1.97
CA PRO H 42 -60.90 6.36 1.96
C PRO H 42 -60.61 7.37 3.06
N GLY H 43 -60.46 8.63 2.66
CA GLY H 43 -60.17 9.69 3.59
C GLY H 43 -58.74 9.74 4.10
N LYS H 44 -57.82 9.04 3.45
CA LYS H 44 -56.43 9.01 3.88
C LYS H 44 -55.50 9.45 2.76
N ALA H 45 -54.29 9.87 3.16
CA ALA H 45 -53.30 10.30 2.20
C ALA H 45 -52.68 9.09 1.50
N PRO H 46 -52.24 9.25 0.25
CA PRO H 46 -51.65 8.11 -0.45
C PRO H 46 -50.36 7.65 0.21
N LYS H 47 -49.96 6.44 -0.15
CA LYS H 47 -48.73 5.84 0.35
C LYS H 47 -48.00 5.21 -0.82
N LEU H 48 -46.72 5.55 -0.98
CA LEU H 48 -45.93 4.97 -2.06
C LEU H 48 -45.63 3.52 -1.76
N ILE H 49 -45.96 2.64 -2.71
CA ILE H 49 -45.78 1.21 -2.54
C ILE H 49 -44.84 0.64 -3.58
N ILE H 50 -44.70 1.26 -4.73
CA ILE H 50 -43.81 0.81 -5.80
C ILE H 50 -43.19 2.05 -6.44
N TYR H 51 -41.86 2.07 -6.53
CA TYR H 51 -41.17 3.10 -7.29
C TYR H 51 -40.17 2.42 -8.21
N GLU H 52 -39.70 3.18 -9.21
CA GLU H 52 -38.81 2.65 -10.24
C GLU H 52 -39.39 1.43 -10.95
N GLY H 53 -40.71 1.36 -11.04
CA GLY H 53 -41.38 0.25 -11.73
C GLY H 53 -41.52 -1.04 -10.96
N SER H 54 -40.45 -1.50 -10.31
CA SER H 54 -40.48 -2.77 -9.61
C SER H 54 -39.90 -2.73 -8.21
N ARG H 55 -39.42 -1.59 -7.74
CA ARG H 55 -38.82 -1.50 -6.41
C ARG H 55 -39.86 -1.12 -5.38
N ARG H 56 -39.64 -1.61 -4.17
CA ARG H 56 -40.60 -1.53 -3.09
C ARG H 56 -39.96 -0.78 -1.92
N PRO H 57 -40.58 0.27 -1.39
CA PRO H 57 -40.01 0.94 -0.22
C PRO H 57 -39.94 0.00 0.97
N SER H 58 -39.02 0.31 1.88
CA SER H 58 -38.86 -0.51 3.08
C SER H 58 -40.15 -0.47 3.90
N GLY H 59 -40.69 -1.65 4.18
CA GLY H 59 -41.90 -1.77 4.97
C GLY H 59 -43.13 -2.18 4.19
N VAL H 60 -43.10 -2.15 2.86
CA VAL H 60 -44.22 -2.57 2.05
C VAL H 60 -44.12 -4.07 1.81
N SER H 61 -45.25 -4.76 1.90
CA SER H 61 -45.25 -6.22 1.84
C SER H 61 -44.76 -6.70 0.48
N ASP H 62 -44.03 -7.81 0.48
CA ASP H 62 -43.54 -8.41 -0.76
C ASP H 62 -44.66 -8.91 -1.65
N ARG H 63 -45.90 -8.98 -1.14
CA ARG H 63 -47.02 -9.39 -1.97
C ARG H 63 -47.29 -8.41 -3.10
N PHE H 64 -46.84 -7.16 -2.97
CA PHE H 64 -46.95 -6.18 -4.04
C PHE H 64 -45.72 -6.25 -4.96
N SER H 65 -45.97 -6.19 -6.27
CA SER H 65 -44.89 -6.25 -7.23
C SER H 65 -45.29 -5.49 -8.50
N GLY H 66 -44.29 -4.97 -9.20
CA GLY H 66 -44.53 -4.25 -10.43
C GLY H 66 -43.73 -4.82 -11.59
N SER H 67 -44.31 -4.73 -12.78
CA SER H 67 -43.69 -5.21 -14.01
C SER H 67 -44.20 -4.38 -15.17
N LYS H 68 -43.33 -4.17 -16.16
CA LYS H 68 -43.72 -3.46 -17.37
C LYS H 68 -43.91 -4.45 -18.52
N SER H 69 -44.37 -3.92 -19.65
CA SER H 69 -44.43 -4.67 -20.91
C SER H 69 -43.87 -3.77 -22.01
N GLY H 70 -44.75 -3.17 -22.80
CA GLY H 70 -44.40 -2.22 -23.82
C GLY H 70 -44.69 -0.82 -23.34
N ASN H 71 -45.92 -0.36 -23.53
CA ASN H 71 -46.38 0.94 -23.03
C ASN H 71 -47.33 0.79 -21.85
N THR H 72 -47.36 -0.38 -21.23
CA THR H 72 -48.18 -0.60 -20.05
C THR H 72 -47.32 -0.91 -18.85
N ALA H 73 -47.79 -0.47 -17.68
CA ALA H 73 -47.23 -0.85 -16.39
C ALA H 73 -48.26 -1.71 -15.68
N SER H 74 -47.80 -2.45 -14.67
CA SER H 74 -48.69 -3.38 -13.99
C SER H 74 -48.29 -3.51 -12.53
N LEU H 75 -49.31 -3.55 -11.67
CA LEU H 75 -49.16 -3.77 -10.24
C LEU H 75 -49.87 -5.05 -9.88
N THR H 76 -49.17 -5.99 -9.28
CA THR H 76 -49.73 -7.29 -8.93
C THR H 76 -49.76 -7.42 -7.41
N ILE H 77 -50.92 -7.86 -6.89
CA ILE H 77 -51.11 -8.11 -5.47
C ILE H 77 -51.44 -9.59 -5.31
N SER H 78 -50.51 -10.36 -4.76
CA SER H 78 -50.72 -11.78 -4.51
C SER H 78 -51.13 -12.00 -3.05
N GLY H 79 -51.74 -13.15 -2.80
CA GLY H 79 -52.23 -13.50 -1.47
C GLY H 79 -53.15 -12.43 -0.95
N LEU H 80 -54.18 -12.12 -1.73
CA LEU H 80 -55.04 -10.98 -1.47
C LEU H 80 -55.72 -11.11 -0.11
N GLN H 81 -55.74 -10.02 0.65
CA GLN H 81 -56.32 -10.00 1.98
C GLN H 81 -57.48 -9.00 2.04
N ALA H 82 -58.23 -9.07 3.15
CA ALA H 82 -59.34 -8.13 3.33
C ALA H 82 -58.85 -6.70 3.46
N GLU H 83 -57.64 -6.50 3.99
CA GLU H 83 -57.10 -5.17 4.20
C GLU H 83 -56.48 -4.56 2.96
N ASP H 84 -56.40 -5.31 1.86
CA ASP H 84 -55.84 -4.80 0.61
C ASP H 84 -56.82 -3.91 -0.16
N GLU H 85 -58.05 -3.77 0.31
CA GLU H 85 -59.05 -3.00 -0.42
C GLU H 85 -58.73 -1.51 -0.32
N ALA H 86 -58.45 -0.88 -1.45
CA ALA H 86 -58.12 0.53 -1.52
C ALA H 86 -58.15 0.94 -2.98
N ASP H 87 -57.94 2.23 -3.23
CA ASP H 87 -57.77 2.77 -4.57
C ASP H 87 -56.29 2.87 -4.88
N TYR H 88 -55.90 2.41 -6.07
CA TYR H 88 -54.51 2.34 -6.47
C TYR H 88 -54.27 3.23 -7.69
N TYR H 89 -53.23 4.05 -7.61
CA TYR H 89 -52.90 5.00 -8.66
C TYR H 89 -51.48 4.76 -9.15
N CYS H 90 -51.29 4.84 -10.46
CA CYS H 90 -49.96 4.90 -11.05
C CYS H 90 -49.65 6.34 -11.43
N SER H 91 -48.36 6.67 -11.43
CA SER H 91 -47.93 8.00 -11.81
C SER H 91 -46.59 7.90 -12.50
N SER H 92 -46.31 8.89 -13.35
CA SER H 92 -45.09 8.90 -14.13
C SER H 92 -44.90 10.32 -14.66
N TYR H 93 -44.02 10.48 -15.66
CA TYR H 93 -43.70 11.80 -16.19
C TYR H 93 -43.77 11.76 -17.72
N ALA H 94 -44.72 12.51 -18.28
CA ALA H 94 -44.91 12.61 -19.72
C ALA H 94 -45.10 14.09 -20.06
N GLY H 95 -44.01 14.85 -19.99
CA GLY H 95 -44.03 16.28 -20.08
C GLY H 95 -44.27 16.98 -18.76
N SER H 96 -45.08 16.37 -17.89
CA SER H 96 -45.24 16.82 -16.51
C SER H 96 -45.61 15.60 -15.68
N VAL H 97 -45.81 15.81 -14.39
CA VAL H 97 -46.21 14.71 -13.52
C VAL H 97 -47.65 14.35 -13.82
N VAL H 98 -47.87 13.13 -14.31
CA VAL H 98 -49.19 12.64 -14.65
C VAL H 98 -49.60 11.54 -13.68
N PHE H 99 -50.90 11.43 -13.44
CA PHE H 99 -51.46 10.39 -12.59
C PHE H 99 -52.46 9.57 -13.37
N GLY H 100 -52.60 8.30 -12.99
CA GLY H 100 -53.65 7.47 -13.55
C GLY H 100 -54.99 7.80 -12.95
N GLY H 101 -56.04 7.28 -13.59
CA GLY H 101 -57.39 7.59 -13.12
C GLY H 101 -57.73 6.98 -11.78
N GLY H 102 -57.02 5.94 -11.35
CA GLY H 102 -57.33 5.30 -10.10
C GLY H 102 -58.12 4.01 -10.27
N THR H 103 -57.68 2.95 -9.61
CA THR H 103 -58.35 1.66 -9.68
C THR H 103 -58.86 1.26 -8.31
N LYS H 104 -60.17 1.03 -8.20
CA LYS H 104 -60.79 0.56 -6.98
C LYS H 104 -60.70 -0.96 -6.95
N LEU H 105 -59.91 -1.49 -6.02
CA LEU H 105 -59.74 -2.94 -5.88
C LEU H 105 -60.63 -3.45 -4.75
N THR H 106 -61.48 -4.43 -5.07
CA THR H 106 -62.37 -5.04 -4.11
C THR H 106 -61.92 -6.48 -3.84
N VAL H 107 -61.93 -6.87 -2.58
CA VAL H 107 -61.62 -8.23 -2.17
C VAL H 107 -62.97 -8.89 -1.91
N LEU H 108 -63.39 -9.76 -2.83
CA LEU H 108 -64.77 -10.26 -2.86
C LEU H 108 -65.14 -11.06 -1.61
N GLY H 109 -66.00 -10.48 -0.78
CA GLY H 109 -66.55 -11.17 0.38
C GLY H 109 -68.01 -11.57 0.26
N GLN H 110 -68.62 -11.41 -0.91
CA GLN H 110 -70.01 -11.77 -1.14
C GLN H 110 -70.23 -11.93 -2.63
N PRO H 111 -71.28 -12.65 -3.05
CA PRO H 111 -71.50 -12.87 -4.48
C PRO H 111 -71.74 -11.57 -5.24
N LYS H 112 -70.97 -11.37 -6.31
CA LYS H 112 -71.21 -10.31 -7.27
C LYS H 112 -72.69 -10.16 -7.60
N GLY H 113 -73.22 -8.96 -7.42
CA GLY H 113 -74.62 -8.68 -7.71
C GLY H 113 -74.75 -7.59 -8.74
N ALA H 114 -75.69 -7.76 -9.66
CA ALA H 114 -75.97 -6.77 -10.69
C ALA H 114 -76.80 -5.62 -10.10
N PRO H 115 -76.69 -4.42 -10.67
CA PRO H 115 -77.41 -3.28 -10.09
C PRO H 115 -78.87 -3.23 -10.56
N SER H 116 -79.74 -2.81 -9.65
CA SER H 116 -81.13 -2.52 -9.97
C SER H 116 -81.26 -1.04 -10.30
N VAL H 117 -81.87 -0.74 -11.43
CA VAL H 117 -81.92 0.62 -11.96
C VAL H 117 -83.37 1.04 -12.08
N THR H 118 -83.71 2.17 -11.47
CA THR H 118 -85.04 2.77 -11.58
C THR H 118 -84.89 4.18 -12.11
N LEU H 119 -85.55 4.47 -13.22
CA LEU H 119 -85.46 5.77 -13.88
C LEU H 119 -86.84 6.42 -13.87
N PHE H 120 -86.91 7.63 -13.30
CA PHE H 120 -88.15 8.37 -13.19
C PHE H 120 -88.16 9.51 -14.19
N PRO H 121 -89.25 9.72 -14.92
CA PRO H 121 -89.34 10.88 -15.81
C PRO H 121 -89.60 12.14 -15.01
N PRO H 122 -89.43 13.32 -15.61
CA PRO H 122 -89.75 14.55 -14.88
C PRO H 122 -91.25 14.65 -14.59
N SER H 123 -91.57 15.05 -13.37
CA SER H 123 -92.95 15.14 -12.96
C SER H 123 -93.64 16.33 -13.64
N SER H 124 -94.97 16.24 -13.72
CA SER H 124 -95.74 17.35 -14.28
C SER H 124 -95.60 18.61 -13.44
N GLU H 125 -95.37 18.47 -12.14
CA GLU H 125 -95.17 19.63 -11.29
C GLU H 125 -93.87 20.36 -11.65
N GLU H 126 -92.79 19.60 -11.85
CA GLU H 126 -91.51 20.22 -12.15
C GLU H 126 -91.51 20.86 -13.55
N LEU H 127 -92.15 20.22 -14.52
CA LEU H 127 -92.20 20.77 -15.87
C LEU H 127 -92.90 22.13 -15.91
N GLN H 128 -93.90 22.35 -15.05
CA GLN H 128 -94.57 23.64 -15.00
C GLN H 128 -93.74 24.70 -14.31
N ALA H 129 -92.74 24.31 -13.52
CA ALA H 129 -91.75 25.25 -13.02
C ALA H 129 -90.63 25.50 -14.03
N ASN H 130 -90.84 25.07 -15.28
CA ASN H 130 -89.85 25.20 -16.36
C ASN H 130 -88.54 24.51 -16.00
N LYS H 131 -88.63 23.33 -15.39
CA LYS H 131 -87.45 22.53 -15.09
C LYS H 131 -87.79 21.07 -15.36
N ALA H 132 -86.74 20.28 -15.61
CA ALA H 132 -86.92 18.86 -15.92
C ALA H 132 -85.71 18.09 -15.42
N THR H 133 -85.96 17.10 -14.56
CA THR H 133 -84.90 16.28 -14.01
C THR H 133 -85.27 14.81 -14.17
N LEU H 134 -84.38 14.06 -14.80
CA LEU H 134 -84.50 12.60 -14.84
C LEU H 134 -83.68 12.01 -13.71
N VAL H 135 -84.29 11.13 -12.94
CA VAL H 135 -83.67 10.54 -11.76
C VAL H 135 -83.41 9.07 -12.06
N CYS H 136 -82.13 8.68 -12.04
CA CYS H 136 -81.71 7.31 -12.29
C CYS H 136 -81.10 6.78 -10.99
N LEU H 137 -81.78 5.85 -10.36
CA LEU H 137 -81.40 5.33 -9.05
C LEU H 137 -80.86 3.92 -9.19
N ILE H 138 -79.66 3.69 -8.66
CA ILE H 138 -78.92 2.45 -8.83
C ILE H 138 -78.67 1.87 -7.44
N SER H 139 -78.94 0.58 -7.27
CA SER H 139 -78.83 -0.03 -5.96
C SER H 139 -78.48 -1.50 -6.07
N ASP H 140 -77.99 -2.04 -4.96
CA ASP H 140 -77.77 -3.48 -4.79
C ASP H 140 -76.75 -4.03 -5.78
N PHE H 141 -75.64 -3.33 -5.96
CA PHE H 141 -74.55 -3.81 -6.80
C PHE H 141 -73.29 -3.97 -5.96
N TYR H 142 -72.49 -4.97 -6.34
CA TYR H 142 -71.27 -5.34 -5.68
C TYR H 142 -70.40 -5.98 -6.76
N PRO H 143 -69.14 -5.54 -6.93
CA PRO H 143 -68.47 -4.49 -6.17
C PRO H 143 -69.03 -3.09 -6.44
N GLY H 144 -68.62 -2.11 -5.64
CA GLY H 144 -69.19 -0.79 -5.73
C GLY H 144 -68.49 0.12 -6.73
N ALA H 145 -68.54 -0.26 -8.01
CA ALA H 145 -67.97 0.55 -9.08
C ALA H 145 -68.93 0.50 -10.27
N VAL H 146 -69.36 1.65 -10.74
CA VAL H 146 -70.37 1.72 -11.80
C VAL H 146 -70.10 2.94 -12.64
N THR H 147 -70.31 2.81 -13.96
CA THR H 147 -70.23 3.93 -14.89
C THR H 147 -71.62 4.19 -15.45
N VAL H 148 -72.03 5.46 -15.46
CA VAL H 148 -73.37 5.86 -15.87
C VAL H 148 -73.26 6.71 -17.12
N ALA H 149 -74.06 6.37 -18.15
CA ALA H 149 -74.13 7.13 -19.38
C ALA H 149 -75.59 7.42 -19.72
N TRP H 150 -75.86 8.66 -20.12
CA TRP H 150 -77.19 9.09 -20.51
C TRP H 150 -77.28 9.21 -22.03
N LYS H 151 -78.50 9.11 -22.55
CA LYS H 151 -78.69 9.12 -23.99
C LYS H 151 -79.98 9.87 -24.32
N ALA H 152 -79.91 10.73 -25.33
CA ALA H 152 -81.08 11.38 -25.91
C ALA H 152 -81.42 10.64 -27.20
N ASP H 153 -82.55 9.94 -27.20
CA ASP H 153 -82.85 8.93 -28.21
C ASP H 153 -81.74 7.88 -28.23
N SER H 154 -80.85 7.94 -29.21
CA SER H 154 -79.70 7.06 -29.26
C SER H 154 -78.37 7.79 -29.23
N SER H 155 -78.38 9.12 -29.06
CA SER H 155 -77.20 9.98 -29.01
C SER H 155 -76.77 10.23 -27.57
N PRO H 156 -75.47 10.22 -27.30
CA PRO H 156 -74.99 10.44 -25.93
C PRO H 156 -75.23 11.86 -25.45
N VAL H 157 -75.47 11.97 -24.14
CA VAL H 157 -75.65 13.25 -23.46
C VAL H 157 -74.58 13.37 -22.38
N LYS H 158 -73.82 14.44 -22.37
CA LYS H 158 -72.82 14.56 -21.32
C LYS H 158 -73.03 15.80 -20.47
N ALA H 159 -73.79 16.74 -20.98
CA ALA H 159 -74.04 17.95 -20.25
C ALA H 159 -75.34 17.89 -19.52
N GLY H 160 -75.27 18.15 -18.24
CA GLY H 160 -76.41 18.17 -17.36
C GLY H 160 -76.44 16.98 -16.45
N VAL H 161 -75.37 16.24 -16.44
CA VAL H 161 -75.29 15.06 -15.68
C VAL H 161 -74.61 15.25 -14.40
N GLU H 162 -75.18 14.69 -13.39
CA GLU H 162 -74.63 14.75 -12.04
C GLU H 162 -74.79 13.37 -11.43
N THR H 163 -73.68 12.75 -11.03
CA THR H 163 -73.71 11.37 -10.56
C THR H 163 -72.95 11.27 -9.23
N THR H 164 -73.54 10.54 -8.29
CA THR H 164 -72.91 10.35 -6.99
C THR H 164 -71.85 9.25 -7.04
N THR H 165 -70.93 9.32 -6.09
CA THR H 165 -70.05 8.21 -5.80
C THR H 165 -70.81 7.11 -5.05
N PRO H 166 -70.45 5.84 -5.27
CA PRO H 166 -71.19 4.75 -4.64
C PRO H 166 -71.16 4.84 -3.11
N SER H 167 -72.26 4.41 -2.49
CA SER H 167 -72.41 4.41 -1.05
C SER H 167 -72.86 3.04 -0.56
N LYS H 168 -72.52 2.73 0.68
CA LYS H 168 -72.79 1.42 1.24
C LYS H 168 -74.22 1.38 1.79
N GLN H 169 -74.95 0.33 1.43
CA GLN H 169 -76.27 0.09 1.99
C GLN H 169 -76.16 -0.73 3.28
N SER H 170 -77.31 -0.96 3.92
CA SER H 170 -77.30 -1.74 5.15
C SER H 170 -77.03 -3.21 4.88
N ASN H 171 -77.24 -3.67 3.64
CA ASN H 171 -76.92 -5.04 3.26
C ASN H 171 -75.47 -5.22 2.84
N ASN H 172 -74.64 -4.19 2.95
CA ASN H 172 -73.23 -4.19 2.54
C ASN H 172 -73.04 -4.27 1.04
N LYS H 173 -74.08 -3.98 0.27
CA LYS H 173 -73.93 -3.68 -1.15
C LYS H 173 -73.97 -2.18 -1.35
N TYR H 174 -73.85 -1.74 -2.60
CA TYR H 174 -73.69 -0.33 -2.90
C TYR H 174 -74.90 0.25 -3.63
N ALA H 175 -75.06 1.56 -3.48
CA ALA H 175 -76.12 2.32 -4.12
C ALA H 175 -75.55 3.61 -4.68
N ALA H 176 -76.14 4.08 -5.77
CA ALA H 176 -75.73 5.32 -6.39
C ALA H 176 -76.92 5.93 -7.13
N SER H 177 -76.78 7.20 -7.49
CA SER H 177 -77.84 7.91 -8.19
C SER H 177 -77.22 8.85 -9.21
N SER H 178 -77.94 9.08 -10.31
CA SER H 178 -77.52 9.99 -11.36
C SER H 178 -78.69 10.84 -11.79
N TYR H 179 -78.44 12.13 -12.00
CA TYR H 179 -79.47 13.10 -12.35
C TYR H 179 -79.10 13.77 -13.67
N LEU H 180 -80.05 13.84 -14.58
CA LEU H 180 -79.88 14.56 -15.84
C LEU H 180 -80.86 15.74 -15.84
N SER H 181 -80.31 16.95 -15.96
CA SER H 181 -81.11 18.17 -15.98
C SER H 181 -81.33 18.61 -17.42
N LEU H 182 -82.59 18.86 -17.76
CA LEU H 182 -82.98 19.27 -19.10
C LEU H 182 -83.93 20.46 -19.02
N THR H 183 -84.11 21.12 -20.15
CA THR H 183 -85.22 22.04 -20.24
C THR H 183 -86.48 21.29 -20.65
N PRO H 184 -87.66 21.78 -20.30
CA PRO H 184 -88.90 21.11 -20.74
C PRO H 184 -88.97 20.93 -22.25
N GLU H 185 -88.34 21.82 -23.02
CA GLU H 185 -88.35 21.69 -24.47
C GLU H 185 -87.51 20.49 -24.92
N GLN H 186 -86.30 20.35 -24.38
CA GLN H 186 -85.47 19.20 -24.71
C GLN H 186 -86.18 17.88 -24.36
N TRP H 187 -86.90 17.88 -23.24
CA TRP H 187 -87.60 16.66 -22.82
C TRP H 187 -88.73 16.33 -23.79
N LYS H 188 -89.44 17.34 -24.27
CA LYS H 188 -90.59 17.16 -25.14
C LYS H 188 -90.24 17.12 -26.61
N SER H 189 -89.01 17.49 -26.98
CA SER H 189 -88.58 17.48 -28.38
C SER H 189 -88.03 16.12 -28.79
N HIS H 190 -87.46 15.37 -27.87
CA HIS H 190 -86.91 14.05 -28.19
C HIS H 190 -88.00 12.99 -28.02
N ARG H 191 -87.78 11.84 -28.65
CA ARG H 191 -88.73 10.75 -28.50
C ARG H 191 -88.50 9.97 -27.21
N SER H 192 -87.27 9.87 -26.73
CA SER H 192 -87.00 9.13 -25.51
C SER H 192 -85.63 9.50 -24.96
N TYR H 193 -85.47 9.30 -23.65
CA TYR H 193 -84.20 9.43 -22.96
C TYR H 193 -83.89 8.13 -22.20
N SER H 194 -82.61 7.79 -22.13
CA SER H 194 -82.18 6.52 -21.55
C SER H 194 -81.08 6.73 -20.53
N CYS H 195 -81.11 5.94 -19.47
CA CYS H 195 -80.05 5.87 -18.48
C CYS H 195 -79.35 4.53 -18.58
N GLN H 196 -78.06 4.56 -18.90
CA GLN H 196 -77.27 3.35 -19.09
C GLN H 196 -76.31 3.18 -17.91
N VAL H 197 -76.37 2.00 -17.30
CA VAL H 197 -75.60 1.68 -16.10
C VAL H 197 -74.73 0.46 -16.40
N THR H 198 -73.42 0.63 -16.35
CA THR H 198 -72.47 -0.43 -16.66
C THR H 198 -71.78 -0.88 -15.38
N HIS H 199 -71.82 -2.18 -15.11
CA HIS H 199 -71.24 -2.75 -13.90
C HIS H 199 -70.60 -4.08 -14.25
N GLU H 200 -69.28 -4.15 -14.11
CA GLU H 200 -68.51 -5.37 -14.37
C GLU H 200 -68.73 -5.87 -15.79
N GLY H 201 -68.69 -4.94 -16.75
CA GLY H 201 -68.85 -5.26 -18.16
C GLY H 201 -70.26 -5.42 -18.66
N SER H 202 -71.25 -5.57 -17.77
CA SER H 202 -72.64 -5.75 -18.16
C SER H 202 -73.41 -4.45 -17.97
N THR H 203 -74.25 -4.12 -18.93
CA THR H 203 -74.98 -2.86 -18.94
C THR H 203 -76.47 -3.10 -18.71
N VAL H 204 -77.06 -2.30 -17.83
CA VAL H 204 -78.50 -2.27 -17.62
C VAL H 204 -79.00 -0.90 -18.09
N GLU H 205 -80.06 -0.90 -18.90
CA GLU H 205 -80.56 0.34 -19.48
C GLU H 205 -82.05 0.47 -19.20
N LYS H 206 -82.46 1.69 -18.86
CA LYS H 206 -83.86 2.05 -18.70
C LYS H 206 -84.15 3.28 -19.55
N THR H 207 -85.37 3.33 -20.09
CA THR H 207 -85.76 4.38 -21.04
C THR H 207 -87.05 5.03 -20.60
N VAL H 208 -87.13 6.36 -20.81
CA VAL H 208 -88.36 7.11 -20.56
C VAL H 208 -88.56 8.05 -21.74
N ALA H 209 -89.80 8.45 -21.95
CA ALA H 209 -90.20 9.26 -23.08
C ALA H 209 -91.21 10.31 -22.63
N PRO H 210 -91.31 11.44 -23.33
CA PRO H 210 -92.37 12.41 -23.02
C PRO H 210 -93.76 11.91 -23.32
N THR H 211 -93.90 10.79 -24.05
CA THR H 211 -95.20 10.31 -24.49
C THR H 211 -95.75 9.14 -23.68
N GLU H 212 -94.92 8.20 -23.23
CA GLU H 212 -95.49 7.05 -22.54
C GLU H 212 -96.10 7.44 -21.21
N CYS H 213 -97.03 6.61 -20.75
CA CYS H 213 -97.61 6.74 -19.42
C CYS H 213 -97.62 5.39 -18.70
N GLU I 1 -74.77 -23.33 50.30
CA GLU I 1 -75.36 -23.53 48.98
C GLU I 1 -75.81 -22.21 48.34
N VAL I 2 -76.05 -22.28 47.03
CA VAL I 2 -76.41 -21.14 46.22
C VAL I 2 -77.92 -20.96 46.32
N GLN I 3 -78.35 -19.72 46.55
CA GLN I 3 -79.76 -19.43 46.78
C GLN I 3 -80.12 -18.14 46.06
N LEU I 4 -81.30 -18.12 45.44
CA LEU I 4 -81.83 -16.93 44.76
C LEU I 4 -83.18 -16.62 45.38
N VAL I 5 -83.22 -15.64 46.27
CA VAL I 5 -84.44 -15.24 46.96
C VAL I 5 -85.03 -14.03 46.22
N GLN I 6 -86.25 -14.18 45.73
CA GLN I 6 -86.92 -13.13 44.98
C GLN I 6 -87.86 -12.35 45.90
N SER I 7 -88.34 -11.22 45.39
CA SER I 7 -89.19 -10.34 46.17
C SER I 7 -90.62 -10.88 46.24
N GLY I 8 -91.48 -10.15 46.96
CA GLY I 8 -92.81 -10.61 47.26
C GLY I 8 -93.78 -10.48 46.10
N ALA I 9 -94.97 -11.05 46.31
CA ALA I 9 -96.00 -11.02 45.29
C ALA I 9 -96.45 -9.59 45.01
N GLU I 10 -96.73 -9.32 43.73
CA GLU I 10 -97.11 -7.99 43.29
C GLU I 10 -98.48 -8.06 42.64
N VAL I 11 -99.32 -7.09 42.95
CA VAL I 11 -100.63 -6.93 42.32
C VAL I 11 -100.65 -5.50 41.77
N LYS I 12 -100.51 -5.37 40.46
CA LYS I 12 -100.43 -4.08 39.80
C LYS I 12 -101.60 -3.92 38.82
N LYS I 13 -101.91 -2.66 38.48
CA LYS I 13 -102.96 -2.34 37.52
C LYS I 13 -102.38 -2.08 36.14
N PRO I 14 -103.16 -2.30 35.09
CA PRO I 14 -102.63 -2.14 33.73
C PRO I 14 -102.12 -0.73 33.50
N GLY I 15 -101.01 -0.62 32.78
CA GLY I 15 -100.36 0.64 32.54
C GLY I 15 -99.28 1.01 33.55
N ALA I 16 -99.25 0.35 34.70
CA ALA I 16 -98.28 0.64 35.74
C ALA I 16 -96.97 -0.07 35.44
N SER I 17 -96.05 -0.03 36.41
CA SER I 17 -94.75 -0.68 36.30
C SER I 17 -94.49 -1.52 37.53
N VAL I 18 -93.76 -2.62 37.35
CA VAL I 18 -93.38 -3.51 38.44
C VAL I 18 -91.87 -3.70 38.39
N LYS I 19 -91.26 -3.85 39.57
CA LYS I 19 -89.82 -4.10 39.69
C LYS I 19 -89.59 -5.22 40.68
N VAL I 20 -88.98 -6.30 40.22
CA VAL I 20 -88.74 -7.50 41.04
C VAL I 20 -87.25 -7.60 41.34
N SER I 21 -86.92 -7.86 42.60
CA SER I 21 -85.54 -8.02 43.04
C SER I 21 -85.21 -9.49 43.20
N CYS I 22 -83.90 -9.79 43.16
CA CYS I 22 -83.42 -11.16 43.23
C CYS I 22 -82.07 -11.14 43.95
N LYS I 23 -82.07 -11.47 45.25
CA LYS I 23 -80.84 -11.47 46.04
C LYS I 23 -80.18 -12.84 45.97
N THR I 24 -78.93 -12.85 45.53
CA THR I 24 -78.16 -14.07 45.39
C THR I 24 -77.25 -14.28 46.61
N SER I 25 -76.85 -15.53 46.81
CA SER I 25 -75.91 -15.89 47.86
C SER I 25 -75.35 -17.27 47.56
N GLY I 26 -74.16 -17.52 48.08
CA GLY I 26 -73.51 -18.82 47.95
C GLY I 26 -72.60 -18.98 46.76
N TYR I 27 -72.37 -17.93 45.97
CA TYR I 27 -71.46 -17.98 44.84
C TYR I 27 -71.05 -16.56 44.46
N THR I 28 -70.05 -16.46 43.60
CA THR I 28 -69.56 -15.17 43.14
C THR I 28 -70.58 -14.52 42.22
N PHE I 29 -71.24 -13.46 42.71
CA PHE I 29 -72.34 -12.84 41.98
C PHE I 29 -71.89 -12.34 40.61
N THR I 30 -70.71 -11.72 40.54
CA THR I 30 -70.25 -11.10 39.31
C THR I 30 -69.58 -12.09 38.35
N ALA I 31 -69.60 -13.39 38.65
CA ALA I 31 -68.90 -14.37 37.83
C ALA I 31 -69.81 -15.17 36.92
N TYR I 32 -71.14 -15.06 37.06
CA TYR I 32 -72.07 -15.82 36.25
C TYR I 32 -73.16 -14.89 35.72
N TYR I 33 -73.65 -15.21 34.52
CA TYR I 33 -74.81 -14.51 33.99
C TYR I 33 -76.05 -14.82 34.83
N LEU I 34 -77.00 -13.89 34.82
CA LEU I 34 -78.27 -14.05 35.52
C LEU I 34 -79.40 -13.90 34.51
N HIS I 35 -80.23 -14.93 34.41
CA HIS I 35 -81.34 -14.92 33.47
C HIS I 35 -82.63 -14.52 34.17
N TRP I 36 -83.58 -14.04 33.38
CA TRP I 36 -84.93 -13.75 33.84
C TRP I 36 -85.90 -14.41 32.88
N VAL I 37 -86.74 -15.29 33.42
CA VAL I 37 -87.70 -16.06 32.62
C VAL I 37 -89.03 -16.02 33.34
N ARG I 38 -90.11 -15.85 32.58
CA ARG I 38 -91.45 -15.83 33.13
C ARG I 38 -92.25 -17.02 32.60
N GLN I 39 -93.33 -17.34 33.33
CA GLN I 39 -94.19 -18.46 32.99
C GLN I 39 -95.64 -18.04 33.26
N ALA I 40 -96.42 -17.86 32.19
CA ALA I 40 -97.81 -17.49 32.34
C ALA I 40 -98.61 -18.66 32.93
N PRO I 41 -99.68 -18.38 33.68
CA PRO I 41 -100.48 -19.45 34.29
C PRO I 41 -100.98 -20.50 33.32
N GLY I 42 -100.45 -21.72 33.44
CA GLY I 42 -100.85 -22.83 32.60
C GLY I 42 -100.07 -22.99 31.31
N GLN I 43 -99.03 -22.20 31.10
CA GLN I 43 -98.21 -22.26 29.90
C GLN I 43 -96.77 -22.62 30.25
N GLY I 44 -95.93 -22.63 29.22
CA GLY I 44 -94.52 -22.96 29.38
C GLY I 44 -93.68 -21.76 29.76
N PHE I 45 -92.36 -21.94 29.68
CA PHE I 45 -91.42 -20.91 30.06
C PHE I 45 -91.01 -20.05 28.87
N GLU I 46 -90.70 -18.79 29.16
CA GLU I 46 -90.38 -17.81 28.14
C GLU I 46 -89.20 -16.98 28.63
N TRP I 47 -88.07 -17.09 27.94
CA TRP I 47 -86.87 -16.36 28.33
C TRP I 47 -87.04 -14.88 27.99
N MET I 48 -86.74 -14.01 28.95
CA MET I 48 -86.89 -12.57 28.77
C MET I 48 -85.56 -11.88 28.45
N ALA I 49 -84.57 -12.05 29.31
CA ALA I 49 -83.28 -11.37 29.15
C ALA I 49 -82.28 -11.95 30.14
N TRP I 50 -81.00 -11.69 29.90
CA TRP I 50 -79.96 -11.93 30.89
C TRP I 50 -79.12 -10.67 31.06
N ILE I 51 -78.34 -10.66 32.14
CA ILE I 51 -77.46 -9.55 32.46
C ILE I 51 -76.12 -10.10 32.95
N ASN I 52 -75.04 -9.41 32.61
CA ASN I 52 -73.71 -9.70 33.11
C ASN I 52 -73.48 -8.85 34.35
N PRO I 53 -73.56 -9.44 35.55
CA PRO I 53 -73.40 -8.62 36.77
C PRO I 53 -72.03 -7.99 36.91
N ASN I 54 -71.03 -8.49 36.19
CA ASN I 54 -69.70 -7.89 36.25
C ASN I 54 -69.68 -6.55 35.52
N THR I 55 -70.04 -6.56 34.24
CA THR I 55 -69.93 -5.38 33.39
C THR I 55 -71.23 -4.59 33.30
N GLY I 56 -72.37 -5.22 33.56
CA GLY I 56 -73.64 -4.56 33.42
C GLY I 56 -74.28 -4.72 32.05
N ASP I 57 -73.63 -5.43 31.13
CA ASP I 57 -74.20 -5.63 29.81
C ASP I 57 -75.42 -6.53 29.89
N THR I 58 -76.39 -6.25 29.02
CA THR I 58 -77.67 -6.94 29.01
C THR I 58 -77.94 -7.48 27.62
N ASN I 59 -78.93 -8.37 27.53
CA ASN I 59 -79.35 -8.93 26.25
C ASN I 59 -80.85 -9.23 26.37
N TYR I 60 -81.68 -8.32 25.89
CA TYR I 60 -83.13 -8.49 25.97
C TYR I 60 -83.66 -9.18 24.73
N ALA I 61 -84.82 -9.81 24.89
CA ALA I 61 -85.52 -10.42 23.76
C ALA I 61 -86.29 -9.35 23.01
N GLN I 62 -86.30 -9.46 21.68
CA GLN I 62 -86.93 -8.44 20.84
C GLN I 62 -88.35 -8.12 21.29
N LYS I 63 -89.09 -9.15 21.73
CA LYS I 63 -90.45 -8.91 22.18
C LYS I 63 -90.49 -8.09 23.45
N PHE I 64 -89.47 -8.21 24.30
CA PHE I 64 -89.39 -7.45 25.55
C PHE I 64 -88.54 -6.19 25.44
N GLN I 65 -87.80 -6.02 24.36
CA GLN I 65 -86.94 -4.85 24.22
C GLN I 65 -87.79 -3.59 24.21
N GLY I 66 -87.39 -2.60 25.02
CA GLY I 66 -88.14 -1.38 25.16
C GLY I 66 -89.07 -1.33 26.35
N ARG I 67 -89.37 -2.48 26.96
CA ARG I 67 -90.26 -2.52 28.12
C ARG I 67 -89.61 -3.08 29.37
N VAL I 68 -88.51 -3.82 29.25
CA VAL I 68 -87.84 -4.41 30.39
C VAL I 68 -86.45 -3.81 30.51
N THR I 69 -86.02 -3.59 31.74
CA THR I 69 -84.69 -3.06 32.03
C THR I 69 -84.09 -3.91 33.13
N LEU I 70 -82.88 -4.40 32.92
CA LEU I 70 -82.18 -5.19 33.91
C LEU I 70 -81.10 -4.36 34.57
N SER I 71 -80.90 -4.59 35.87
CA SER I 71 -79.87 -3.91 36.63
C SER I 71 -79.44 -4.82 37.77
N ARG I 72 -78.35 -4.42 38.43
CA ARG I 72 -77.78 -5.19 39.52
C ARG I 72 -77.27 -4.22 40.58
N ASP I 73 -77.03 -4.74 41.77
CA ASP I 73 -76.38 -3.99 42.83
C ASP I 73 -75.34 -4.91 43.46
N THR I 74 -74.07 -4.73 43.06
CA THR I 74 -73.02 -5.68 43.43
C THR I 74 -72.79 -5.72 44.94
N SER I 75 -73.02 -4.60 45.62
CA SER I 75 -72.75 -4.56 47.06
C SER I 75 -73.64 -5.54 47.81
N ILE I 76 -74.91 -5.63 47.44
CA ILE I 76 -75.84 -6.57 48.07
C ILE I 76 -76.09 -7.80 47.21
N THR I 77 -75.35 -7.96 46.10
CA THR I 77 -75.48 -9.11 45.20
C THR I 77 -76.94 -9.37 44.83
N THR I 78 -77.62 -8.31 44.44
CA THR I 78 -79.04 -8.37 44.08
C THR I 78 -79.22 -7.84 42.67
N ALA I 79 -80.03 -8.54 41.88
CA ALA I 79 -80.38 -8.12 40.53
C ALA I 79 -81.85 -7.72 40.49
N TYR I 80 -82.18 -6.83 39.57
CA TYR I 80 -83.52 -6.28 39.46
C TYR I 80 -84.03 -6.42 38.03
N MET I 81 -85.34 -6.61 37.91
CA MET I 81 -86.02 -6.59 36.62
C MET I 81 -87.21 -5.66 36.73
N GLU I 82 -87.27 -4.67 35.83
CA GLU I 82 -88.36 -3.71 35.83
C GLU I 82 -89.13 -3.83 34.52
N LEU I 83 -90.43 -4.07 34.62
CA LEU I 83 -91.32 -4.11 33.48
C LEU I 83 -92.25 -2.89 33.51
N THR I 84 -92.31 -2.17 32.39
CA THR I 84 -93.15 -0.99 32.30
C THR I 84 -94.36 -1.25 31.38
N ARG I 85 -95.35 -0.37 31.49
CA ARG I 85 -96.57 -0.42 30.69
C ARG I 85 -97.17 -1.83 30.66
N LEU I 86 -97.54 -2.31 31.84
CA LEU I 86 -98.00 -3.68 32.00
C LEU I 86 -99.32 -3.90 31.26
N ARG I 87 -99.46 -5.06 30.64
CA ARG I 87 -100.67 -5.49 29.97
C ARG I 87 -101.24 -6.69 30.72
N SER I 88 -102.51 -7.00 30.43
CA SER I 88 -103.15 -8.13 31.10
C SER I 88 -102.45 -9.45 30.76
N ASP I 89 -101.80 -9.54 29.61
CA ASP I 89 -101.06 -10.74 29.24
C ASP I 89 -99.69 -10.83 29.91
N ASP I 90 -99.34 -9.89 30.78
CA ASP I 90 -98.11 -9.97 31.55
C ASP I 90 -98.28 -10.70 32.87
N THR I 91 -99.49 -11.18 33.19
CA THR I 91 -99.70 -11.96 34.39
C THR I 91 -98.94 -13.27 34.27
N ALA I 92 -97.99 -13.50 35.18
CA ALA I 92 -97.14 -14.69 35.15
C ALA I 92 -96.36 -14.75 36.44
N VAL I 93 -95.65 -15.86 36.62
CA VAL I 93 -94.63 -15.99 37.66
C VAL I 93 -93.29 -15.68 37.02
N TYR I 94 -92.56 -14.74 37.62
CA TYR I 94 -91.29 -14.29 37.06
C TYR I 94 -90.14 -14.89 37.87
N TYR I 95 -89.21 -15.53 37.17
CA TYR I 95 -88.09 -16.22 37.78
C TYR I 95 -86.77 -15.55 37.42
N CYS I 96 -85.90 -15.41 38.41
CA CYS I 96 -84.48 -15.18 38.15
C CYS I 96 -83.75 -16.51 38.25
N ALA I 97 -82.82 -16.74 37.34
CA ALA I 97 -82.10 -18.01 37.28
C ALA I 97 -80.63 -17.76 36.98
N LYS I 98 -79.76 -18.46 37.69
CA LYS I 98 -78.32 -18.35 37.51
C LYS I 98 -77.85 -19.26 36.39
N ASP I 99 -76.96 -18.73 35.54
CA ASP I 99 -76.42 -19.46 34.41
C ASP I 99 -75.35 -20.46 34.87
N LEU I 100 -75.16 -21.51 34.07
CA LEU I 100 -74.22 -22.56 34.42
C LEU I 100 -72.77 -22.16 34.16
N THR I 101 -72.53 -21.38 33.12
CA THR I 101 -71.18 -21.13 32.62
C THR I 101 -70.46 -20.08 33.46
N LEU I 102 -69.30 -20.45 34.01
CA LEU I 102 -68.44 -19.52 34.72
C LEU I 102 -67.68 -18.67 33.71
N MET I 103 -67.70 -17.36 33.90
CA MET I 103 -67.16 -16.42 32.92
C MET I 103 -65.99 -15.58 33.42
N TYR I 104 -65.73 -15.54 34.72
CA TYR I 104 -64.63 -14.74 35.25
C TYR I 104 -64.01 -15.43 36.44
N VAL I 105 -62.69 -15.33 36.53
CA VAL I 105 -61.92 -15.72 37.72
C VAL I 105 -61.01 -14.53 37.99
N PHE I 106 -61.40 -13.70 38.95
CA PHE I 106 -60.87 -12.33 39.04
C PHE I 106 -59.43 -12.30 39.50
N ASP I 107 -59.08 -13.10 40.51
CA ASP I 107 -57.76 -12.98 41.12
C ASP I 107 -56.65 -13.41 40.18
N SER I 108 -56.93 -14.31 39.24
CA SER I 108 -55.96 -14.69 38.22
C SER I 108 -56.16 -13.94 36.91
N GLY I 109 -57.13 -13.03 36.85
CA GLY I 109 -57.38 -12.24 35.65
C GLY I 109 -57.77 -13.06 34.45
N TRP I 110 -58.80 -13.90 34.59
CA TRP I 110 -59.28 -14.72 33.50
C TRP I 110 -60.69 -14.33 33.12
N ALA I 111 -60.94 -14.27 31.81
CA ALA I 111 -62.27 -14.00 31.27
C ALA I 111 -62.53 -14.97 30.15
N ARG I 112 -63.71 -15.59 30.16
CA ARG I 112 -64.05 -16.57 29.14
C ARG I 112 -64.13 -15.90 27.78
N GLY I 113 -63.61 -16.58 26.75
CA GLY I 113 -63.58 -15.99 25.43
C GLY I 113 -64.96 -15.63 24.92
N ALA I 114 -65.91 -16.55 25.06
CA ALA I 114 -67.29 -16.31 24.65
C ALA I 114 -68.22 -17.00 25.65
N HIS I 115 -69.46 -16.52 25.67
CA HIS I 115 -70.48 -17.14 26.50
C HIS I 115 -71.18 -18.23 25.71
N ASP I 116 -71.31 -19.40 26.32
CA ASP I 116 -72.09 -20.51 25.78
C ASP I 116 -73.18 -20.86 26.77
N TYR I 117 -74.38 -21.11 26.26
CA TYR I 117 -75.54 -21.39 27.10
C TYR I 117 -75.67 -22.90 27.26
N TYR I 118 -75.41 -23.39 28.47
CA TYR I 118 -75.57 -24.81 28.78
C TYR I 118 -76.76 -25.10 29.69
N GLY I 119 -77.37 -24.07 30.28
CA GLY I 119 -78.52 -24.29 31.14
C GLY I 119 -78.54 -23.36 32.32
N MET I 120 -79.51 -23.56 33.20
CA MET I 120 -79.67 -22.75 34.40
C MET I 120 -79.74 -23.71 35.59
N ASP I 121 -78.71 -23.70 36.43
CA ASP I 121 -78.57 -24.70 37.48
C ASP I 121 -79.29 -24.33 38.76
N VAL I 122 -79.57 -23.05 38.99
CA VAL I 122 -80.25 -22.61 40.20
C VAL I 122 -81.30 -21.57 39.84
N TRP I 123 -82.52 -21.77 40.33
CA TRP I 123 -83.64 -20.88 40.08
C TRP I 123 -84.10 -20.24 41.38
N GLY I 124 -84.73 -19.07 41.26
CA GLY I 124 -85.38 -18.46 42.40
C GLY I 124 -86.74 -19.08 42.64
N GLN I 125 -87.29 -18.83 43.83
CA GLN I 125 -88.58 -19.40 44.17
C GLN I 125 -89.71 -18.85 43.30
N GLY I 126 -89.48 -17.74 42.63
CA GLY I 126 -90.45 -17.16 41.73
C GLY I 126 -91.24 -16.03 42.38
N THR I 127 -91.62 -15.06 41.56
CA THR I 127 -92.44 -13.92 41.99
C THR I 127 -93.67 -13.88 41.10
N THR I 128 -94.85 -13.97 41.72
CA THR I 128 -96.09 -13.95 40.98
C THR I 128 -96.50 -12.50 40.79
N VAL I 129 -96.76 -12.11 39.55
CA VAL I 129 -97.19 -10.77 39.22
C VAL I 129 -98.56 -10.88 38.55
N ALA I 130 -99.58 -10.34 39.20
CA ALA I 130 -100.93 -10.31 38.68
C ALA I 130 -101.27 -8.89 38.30
N VAL I 131 -101.74 -8.69 37.07
CA VAL I 131 -102.11 -7.38 36.57
C VAL I 131 -103.57 -7.47 36.17
N SER I 132 -104.45 -6.95 37.03
CA SER I 132 -105.88 -6.95 36.78
C SER I 132 -106.42 -5.55 37.03
N GLY I 133 -107.32 -5.11 36.15
CA GLY I 133 -108.05 -3.88 36.35
C GLY I 133 -109.39 -4.07 37.01
N ALA I 134 -109.66 -5.26 37.55
CA ALA I 134 -110.97 -5.55 38.10
C ALA I 134 -111.07 -5.13 39.57
N SER I 135 -112.27 -4.69 39.95
CA SER I 135 -112.63 -4.40 41.32
C SER I 135 -113.63 -5.44 41.81
N THR I 136 -114.30 -5.14 42.92
CA THR I 136 -115.18 -6.11 43.56
C THR I 136 -116.53 -6.09 42.86
N LYS I 137 -116.83 -7.15 42.11
CA LYS I 137 -118.02 -7.22 41.28
C LYS I 137 -118.78 -8.51 41.55
N GLY I 138 -120.10 -8.39 41.70
CA GLY I 138 -120.96 -9.53 41.84
C GLY I 138 -121.19 -10.25 40.52
N PRO I 139 -121.56 -11.52 40.59
CA PRO I 139 -121.67 -12.32 39.37
C PRO I 139 -123.03 -12.16 38.69
N SER I 140 -123.02 -12.42 37.39
CA SER I 140 -124.24 -12.58 36.60
C SER I 140 -124.49 -14.07 36.41
N VAL I 141 -125.72 -14.51 36.68
CA VAL I 141 -126.08 -15.92 36.64
C VAL I 141 -127.08 -16.13 35.51
N PHE I 142 -126.77 -17.07 34.61
CA PHE I 142 -127.64 -17.42 33.51
C PHE I 142 -127.95 -18.91 33.53
N PRO I 143 -129.16 -19.31 33.17
CA PRO I 143 -129.52 -20.72 33.20
C PRO I 143 -128.99 -21.47 31.99
N LEU I 144 -128.54 -22.71 32.23
CA LEU I 144 -128.14 -23.64 31.19
C LEU I 144 -129.24 -24.67 31.05
N ALA I 145 -130.12 -24.47 30.06
CA ALA I 145 -131.31 -25.30 29.96
C ALA I 145 -130.94 -26.74 29.65
N PRO I 146 -131.65 -27.72 30.23
CA PRO I 146 -131.39 -29.11 29.90
C PRO I 146 -131.84 -29.45 28.49
N SER I 147 -131.39 -30.61 28.01
CA SER I 147 -131.69 -31.03 26.66
C SER I 147 -133.18 -31.34 26.51
N SER I 148 -133.76 -30.87 25.41
CA SER I 148 -135.19 -31.08 25.18
C SER I 148 -135.48 -32.53 24.81
N LYS I 149 -134.69 -33.08 23.90
CA LYS I 149 -134.86 -34.47 23.50
C LYS I 149 -134.38 -35.40 24.60
N SER I 150 -135.16 -36.43 24.88
CA SER I 150 -134.86 -37.28 26.02
C SER I 150 -135.03 -38.76 25.66
N THR I 151 -134.34 -39.59 26.44
CA THR I 151 -134.43 -41.04 26.37
C THR I 151 -135.30 -41.54 27.52
N SER I 152 -135.77 -42.79 27.39
CA SER I 152 -136.59 -43.42 28.42
C SER I 152 -135.67 -44.05 29.46
N GLY I 153 -135.64 -43.48 30.66
CA GLY I 153 -134.71 -43.97 31.66
C GLY I 153 -133.54 -43.06 31.90
N GLY I 154 -132.93 -42.56 30.82
CA GLY I 154 -131.72 -41.75 30.89
C GLY I 154 -131.80 -40.48 31.70
N THR I 155 -130.77 -39.65 31.57
CA THR I 155 -130.58 -38.48 32.42
C THR I 155 -130.48 -37.23 31.57
N ALA I 156 -130.66 -36.07 32.21
CA ALA I 156 -130.46 -34.78 31.57
C ALA I 156 -129.43 -33.98 32.37
N ALA I 157 -128.84 -32.99 31.71
CA ALA I 157 -127.79 -32.16 32.31
C ALA I 157 -128.20 -30.70 32.20
N LEU I 158 -128.43 -30.06 33.35
CA LEU I 158 -128.76 -28.66 33.43
C LEU I 158 -127.81 -27.98 34.40
N GLY I 159 -127.62 -26.68 34.23
CA GLY I 159 -126.67 -26.00 35.07
C GLY I 159 -126.88 -24.50 35.14
N CYS I 160 -125.89 -23.83 35.74
CA CYS I 160 -125.87 -22.38 35.89
C CYS I 160 -124.52 -21.84 35.47
N LEU I 161 -124.54 -20.72 34.75
CA LEU I 161 -123.33 -20.04 34.31
C LEU I 161 -123.13 -18.82 35.21
N VAL I 162 -122.09 -18.85 36.03
CA VAL I 162 -121.77 -17.78 36.96
C VAL I 162 -120.73 -16.91 36.29
N LYS I 163 -121.16 -15.76 35.76
CA LYS I 163 -120.34 -14.94 34.88
C LYS I 163 -119.84 -13.68 35.57
N ASP I 164 -118.59 -13.33 35.26
CA ASP I 164 -117.99 -12.03 35.56
C ASP I 164 -118.11 -11.62 37.02
N TYR I 165 -117.32 -12.23 37.89
CA TYR I 165 -117.26 -11.85 39.30
C TYR I 165 -115.82 -11.68 39.73
N PHE I 166 -115.65 -10.94 40.84
CA PHE I 166 -114.33 -10.71 41.41
C PHE I 166 -114.50 -10.26 42.85
N PRO I 167 -113.72 -10.80 43.80
CA PRO I 167 -112.77 -11.88 43.53
C PRO I 167 -113.33 -13.26 43.87
N GLU I 168 -112.47 -14.28 43.86
CA GLU I 168 -112.86 -15.59 44.33
C GLU I 168 -113.13 -15.53 45.83
N PRO I 169 -113.96 -16.45 46.36
CA PRO I 169 -114.70 -17.53 45.71
C PRO I 169 -116.21 -17.24 45.59
N VAL I 170 -116.92 -18.14 44.90
CA VAL I 170 -118.38 -18.13 44.86
C VAL I 170 -118.85 -19.51 45.26
N THR I 171 -119.95 -19.56 46.01
CA THR I 171 -120.55 -20.83 46.43
C THR I 171 -121.81 -21.06 45.61
N VAL I 172 -121.98 -22.29 45.14
CA VAL I 172 -123.14 -22.70 44.36
C VAL I 172 -123.77 -23.92 45.02
N SER I 173 -125.07 -23.84 45.30
CA SER I 173 -125.83 -24.97 45.79
C SER I 173 -127.08 -25.13 44.95
N TRP I 174 -127.67 -26.32 45.00
CA TRP I 174 -128.85 -26.65 44.22
C TRP I 174 -130.00 -27.00 45.16
N ASN I 175 -131.13 -26.32 44.97
CA ASN I 175 -132.33 -26.50 45.79
C ASN I 175 -132.02 -26.38 47.27
N SER I 176 -131.27 -25.32 47.62
CA SER I 176 -130.93 -25.00 48.99
C SER I 176 -130.20 -26.14 49.68
N GLY I 177 -129.35 -26.84 48.93
CA GLY I 177 -128.58 -27.94 49.44
C GLY I 177 -129.28 -29.27 49.48
N ALA I 178 -130.58 -29.31 49.15
CA ALA I 178 -131.31 -30.57 49.11
C ALA I 178 -130.91 -31.43 47.91
N LEU I 179 -130.22 -30.86 46.93
CA LEU I 179 -129.78 -31.59 45.75
C LEU I 179 -128.26 -31.62 45.79
N THR I 180 -127.70 -32.80 46.08
CA THR I 180 -126.26 -33.00 46.12
C THR I 180 -125.78 -34.07 45.15
N SER I 181 -126.58 -35.10 44.87
CA SER I 181 -126.18 -36.14 43.95
C SER I 181 -126.14 -35.59 42.52
N GLY I 182 -125.05 -35.90 41.81
CA GLY I 182 -124.91 -35.47 40.44
C GLY I 182 -124.47 -34.04 40.24
N VAL I 183 -124.14 -33.32 41.31
CA VAL I 183 -123.71 -31.92 41.23
C VAL I 183 -122.22 -31.89 40.95
N HIS I 184 -121.82 -31.11 39.94
CA HIS I 184 -120.42 -30.98 39.54
C HIS I 184 -120.17 -29.50 39.25
N THR I 185 -119.54 -28.80 40.19
CA THR I 185 -119.18 -27.40 40.03
C THR I 185 -117.74 -27.32 39.57
N PHE I 186 -117.52 -26.73 38.41
CA PHE I 186 -116.19 -26.72 37.81
C PHE I 186 -115.37 -25.55 38.34
N PRO I 187 -114.06 -25.72 38.47
CA PRO I 187 -113.20 -24.61 38.90
C PRO I 187 -113.32 -23.44 37.93
N ALA I 188 -113.26 -22.23 38.49
CA ALA I 188 -113.49 -21.03 37.70
C ALA I 188 -112.33 -20.79 36.74
N VAL I 189 -112.59 -19.96 35.74
CA VAL I 189 -111.58 -19.52 34.79
C VAL I 189 -111.35 -18.03 34.98
N LEU I 190 -110.08 -17.63 34.98
CA LEU I 190 -109.71 -16.23 35.13
C LEU I 190 -109.55 -15.63 33.73
N GLN I 191 -110.40 -14.65 33.42
CA GLN I 191 -110.41 -14.06 32.10
C GLN I 191 -109.35 -12.96 31.98
N SER I 192 -109.15 -12.49 30.75
CA SER I 192 -108.17 -11.44 30.49
C SER I 192 -108.58 -10.14 31.16
N SER I 193 -109.87 -9.94 31.41
CA SER I 193 -110.35 -8.73 32.08
C SER I 193 -110.06 -8.75 33.58
N GLY I 194 -109.66 -9.89 34.13
CA GLY I 194 -109.43 -10.03 35.55
C GLY I 194 -110.61 -10.60 36.32
N LEU I 195 -111.73 -10.83 35.66
CA LEU I 195 -112.91 -11.39 36.31
C LEU I 195 -112.94 -12.90 36.15
N TYR I 196 -113.65 -13.55 37.08
CA TYR I 196 -113.77 -15.00 37.09
C TYR I 196 -115.13 -15.43 36.55
N SER I 197 -115.19 -16.70 36.12
CA SER I 197 -116.42 -17.31 35.64
C SER I 197 -116.33 -18.82 35.82
N LEU I 198 -117.41 -19.43 36.31
CA LEU I 198 -117.48 -20.87 36.44
C LEU I 198 -118.86 -21.36 36.05
N SER I 199 -118.99 -22.68 35.94
CA SER I 199 -120.26 -23.33 35.65
C SER I 199 -120.49 -24.45 36.65
N SER I 200 -121.74 -24.63 37.05
CA SER I 200 -122.14 -25.70 37.95
C SER I 200 -123.30 -26.44 37.32
N VAL I 201 -123.12 -27.74 37.09
CA VAL I 201 -124.10 -28.56 36.40
C VAL I 201 -124.50 -29.73 37.30
N VAL I 202 -125.79 -30.06 37.29
CA VAL I 202 -126.30 -31.24 37.97
C VAL I 202 -127.00 -32.11 36.93
N THR I 203 -126.77 -33.42 37.00
CA THR I 203 -127.41 -34.37 36.10
C THR I 203 -128.60 -35.00 36.82
N VAL I 204 -129.76 -34.93 36.18
CA VAL I 204 -131.02 -35.33 36.80
C VAL I 204 -131.76 -36.27 35.86
N PRO I 205 -132.69 -37.08 36.38
CA PRO I 205 -133.51 -37.92 35.50
C PRO I 205 -134.38 -37.07 34.59
N SER I 206 -134.52 -37.53 33.35
CA SER I 206 -135.29 -36.79 32.36
C SER I 206 -136.77 -36.73 32.72
N SER I 207 -137.29 -37.74 33.43
CA SER I 207 -138.70 -37.76 33.79
C SER I 207 -139.04 -36.66 34.79
N SER I 208 -138.07 -36.22 35.58
CA SER I 208 -138.30 -35.20 36.60
C SER I 208 -138.18 -33.79 36.04
N LEU I 209 -137.84 -33.64 34.76
CA LEU I 209 -137.64 -32.31 34.20
C LEU I 209 -138.92 -31.48 34.23
N GLY I 210 -140.05 -32.11 33.91
CA GLY I 210 -141.33 -31.44 33.91
C GLY I 210 -142.06 -31.44 35.23
N THR I 211 -141.45 -31.99 36.29
CA THR I 211 -142.08 -32.10 37.59
C THR I 211 -141.28 -31.43 38.69
N GLN I 212 -140.00 -31.74 38.81
CA GLN I 212 -139.15 -31.19 39.86
C GLN I 212 -138.59 -29.84 39.45
N THR I 213 -138.65 -28.88 40.38
CA THR I 213 -138.05 -27.57 40.19
C THR I 213 -136.59 -27.62 40.62
N TYR I 214 -135.72 -27.03 39.80
CA TYR I 214 -134.29 -26.98 40.07
C TYR I 214 -133.88 -25.52 40.14
N ILE I 215 -133.35 -25.12 41.29
CA ILE I 215 -132.91 -23.75 41.52
C ILE I 215 -131.48 -23.79 42.03
N CYS I 216 -130.61 -23.03 41.39
CA CYS I 216 -129.22 -22.93 41.76
C CYS I 216 -129.04 -21.67 42.60
N ASN I 217 -128.39 -21.82 43.76
CA ASN I 217 -128.23 -20.73 44.71
C ASN I 217 -126.77 -20.28 44.65
N VAL I 218 -126.54 -19.09 44.13
CA VAL I 218 -125.19 -18.54 43.99
C VAL I 218 -124.97 -17.51 45.09
N ASN I 219 -123.82 -17.59 45.74
CA ASN I 219 -123.47 -16.68 46.83
C ASN I 219 -122.04 -16.19 46.61
N HIS I 220 -121.89 -14.88 46.46
CA HIS I 220 -120.58 -14.24 46.31
C HIS I 220 -120.41 -13.33 47.52
N LYS I 221 -119.70 -13.82 48.54
CA LYS I 221 -119.55 -13.13 49.81
C LYS I 221 -118.68 -11.87 49.73
N PRO I 222 -117.62 -11.83 48.90
CA PRO I 222 -116.87 -10.58 48.78
C PRO I 222 -117.72 -9.37 48.41
N SER I 223 -118.73 -9.56 47.56
CA SER I 223 -119.64 -8.48 47.18
C SER I 223 -120.98 -8.56 47.89
N ASN I 224 -121.22 -9.62 48.68
CA ASN I 224 -122.50 -9.83 49.36
C ASN I 224 -123.65 -9.85 48.36
N THR I 225 -123.51 -10.69 47.34
CA THR I 225 -124.54 -10.92 46.33
C THR I 225 -125.04 -12.35 46.44
N LYS I 226 -126.36 -12.52 46.52
CA LYS I 226 -126.98 -13.84 46.53
C LYS I 226 -128.02 -13.88 45.42
N VAL I 227 -127.99 -14.94 44.61
CA VAL I 227 -128.92 -15.10 43.50
C VAL I 227 -129.52 -16.49 43.57
N ASP I 228 -130.84 -16.58 43.42
CA ASP I 228 -131.54 -17.85 43.28
C ASP I 228 -132.18 -17.89 41.89
N LYS I 229 -131.57 -18.63 40.98
CA LYS I 229 -132.06 -18.75 39.61
C LYS I 229 -132.65 -20.13 39.37
N ARG I 230 -133.83 -20.15 38.73
CA ARG I 230 -134.51 -21.40 38.38
C ARG I 230 -134.09 -21.81 36.97
N VAL I 231 -133.78 -23.09 36.80
CA VAL I 231 -133.33 -23.65 35.53
C VAL I 231 -134.46 -24.54 35.01
N GLU I 232 -135.00 -24.19 33.85
CA GLU I 232 -136.16 -24.84 33.28
C GLU I 232 -135.86 -25.38 31.89
N PRO I 233 -136.67 -26.33 31.41
CA PRO I 233 -136.50 -26.81 30.04
C PRO I 233 -136.64 -25.69 29.03
N LYS I 234 -135.96 -25.85 27.90
CA LYS I 234 -135.91 -24.81 26.89
C LYS I 234 -137.32 -24.47 26.40
N SER I 235 -137.45 -23.32 25.75
CA SER I 235 -138.77 -22.81 25.41
C SER I 235 -139.39 -23.57 24.25
N CYS I 236 -138.55 -24.17 23.40
CA CYS I 236 -138.99 -24.92 22.24
C CYS I 236 -139.96 -26.06 22.58
N ASP I 237 -139.47 -27.10 23.26
CA ASP I 237 -140.11 -28.40 23.25
C ASP I 237 -140.67 -28.71 24.60
N LYS I 238 -140.04 -29.57 25.41
CA LYS I 238 -140.61 -30.18 26.62
C LYS I 238 -141.88 -30.96 26.29
N PRO J 1 -85.20 -17.57 18.67
CA PRO J 1 -86.66 -17.58 18.94
C PRO J 1 -87.40 -18.61 18.10
N SER J 2 -86.69 -19.60 17.57
CA SER J 2 -87.30 -20.60 16.71
C SER J 2 -88.14 -21.61 17.48
N ALA J 3 -87.96 -21.68 18.80
CA ALA J 3 -88.72 -22.53 19.71
C ALA J 3 -88.45 -24.02 19.49
N LEU J 4 -88.73 -24.82 20.52
CA LEU J 4 -88.61 -26.26 20.49
C LEU J 4 -89.97 -26.89 20.80
N THR J 5 -90.27 -28.00 20.14
CA THR J 5 -91.56 -28.66 20.29
C THR J 5 -91.38 -29.95 21.08
N GLN J 6 -92.26 -30.18 22.04
CA GLN J 6 -92.28 -31.39 22.86
C GLN J 6 -93.66 -32.01 22.79
N PRO J 7 -93.76 -33.30 23.08
CA PRO J 7 -95.10 -33.89 23.23
C PRO J 7 -95.80 -33.29 24.44
N ALA J 8 -97.11 -33.11 24.33
CA ALA J 8 -97.86 -32.49 25.42
C ALA J 8 -97.88 -33.40 26.65
N SER J 9 -97.93 -34.72 26.45
CA SER J 9 -98.13 -35.63 27.56
C SER J 9 -97.43 -36.96 27.29
N VAL J 10 -96.92 -37.55 28.36
CA VAL J 10 -96.36 -38.90 28.32
C VAL J 10 -96.84 -39.62 29.57
N SER J 11 -96.98 -40.94 29.47
CA SER J 11 -97.52 -41.71 30.58
C SER J 11 -96.88 -43.08 30.64
N GLY J 12 -96.90 -43.66 31.84
CA GLY J 12 -96.40 -45.00 32.05
C GLY J 12 -96.79 -45.49 33.43
N SER J 13 -96.68 -46.80 33.60
CA SER J 13 -96.97 -47.41 34.89
C SER J 13 -95.69 -47.52 35.72
N PRO J 14 -95.81 -47.66 37.04
CA PRO J 14 -94.60 -47.75 37.89
C PRO J 14 -93.71 -48.89 37.44
N GLY J 15 -92.42 -48.59 37.32
CA GLY J 15 -91.42 -49.56 36.91
C GLY J 15 -91.09 -49.54 35.44
N GLN J 16 -91.82 -48.79 34.62
CA GLN J 16 -91.58 -48.76 33.19
C GLN J 16 -90.65 -47.60 32.83
N SER J 17 -90.46 -47.39 31.53
CA SER J 17 -89.60 -46.34 31.01
C SER J 17 -90.38 -45.51 29.99
N VAL J 18 -90.20 -44.19 30.06
CA VAL J 18 -90.83 -43.27 29.13
C VAL J 18 -89.75 -42.36 28.55
N THR J 19 -89.98 -41.89 27.34
CA THR J 19 -89.06 -40.98 26.66
C THR J 19 -89.80 -39.73 26.19
N ILE J 20 -89.22 -38.57 26.48
CA ILE J 20 -89.77 -37.28 26.12
C ILE J 20 -88.87 -36.66 25.06
N SER J 21 -89.40 -36.48 23.85
CA SER J 21 -88.64 -35.95 22.74
C SER J 21 -88.64 -34.43 22.75
N CYS J 22 -87.71 -33.85 21.99
CA CYS J 22 -87.55 -32.39 21.93
C CYS J 22 -86.86 -32.09 20.60
N THR J 23 -87.66 -31.69 19.60
CA THR J 23 -87.19 -31.50 18.24
C THR J 23 -87.19 -30.02 17.87
N GLY J 24 -86.21 -29.61 17.07
CA GLY J 24 -86.11 -28.25 16.62
C GLY J 24 -85.93 -28.11 15.11
N THR J 25 -84.88 -27.38 14.73
CA THR J 25 -84.54 -27.09 13.34
C THR J 25 -83.05 -27.24 13.10
N ASN J 26 -82.41 -26.19 12.60
CA ASN J 26 -81.01 -26.19 12.25
C ASN J 26 -80.29 -25.15 13.09
N SER J 27 -79.06 -25.48 13.52
CA SER J 27 -78.19 -24.64 14.35
C SER J 27 -78.61 -24.58 15.82
N ASP J 28 -79.42 -25.53 16.28
CA ASP J 28 -79.81 -25.65 17.69
C ASP J 28 -79.66 -27.08 18.18
N VAL J 29 -80.79 -27.72 18.53
CA VAL J 29 -80.78 -29.07 19.05
C VAL J 29 -80.05 -30.02 18.11
N GLY J 30 -79.85 -29.64 16.84
CA GLY J 30 -79.17 -30.54 15.94
C GLY J 30 -77.85 -30.07 15.34
N THR J 31 -77.25 -29.00 15.86
CA THR J 31 -75.83 -28.74 15.60
C THR J 31 -75.08 -28.38 16.87
N PHE J 32 -75.56 -27.37 17.58
CA PHE J 32 -75.03 -26.96 18.88
C PHE J 32 -76.06 -27.34 19.94
N ASP J 33 -76.16 -28.64 20.21
CA ASP J 33 -77.17 -29.18 21.13
C ASP J 33 -77.41 -28.30 22.34
N LEU J 34 -76.45 -28.21 23.27
CA LEU J 34 -76.58 -27.30 24.41
C LEU J 34 -77.91 -27.50 25.13
N VAL J 35 -78.44 -28.72 25.08
CA VAL J 35 -79.77 -29.04 25.57
C VAL J 35 -79.75 -29.30 27.07
N SER J 36 -80.63 -28.62 27.79
CA SER J 36 -80.83 -28.82 29.21
C SER J 36 -82.28 -29.23 29.45
N TRP J 37 -82.49 -30.11 30.43
CA TRP J 37 -83.81 -30.59 30.80
C TRP J 37 -84.13 -30.15 32.23
N TYR J 38 -85.40 -29.85 32.47
CA TYR J 38 -85.84 -29.33 33.76
C TYR J 38 -87.09 -30.06 34.21
N GLN J 39 -87.16 -30.35 35.52
CA GLN J 39 -88.32 -30.94 36.15
C GLN J 39 -88.99 -29.89 37.04
N GLN J 40 -90.30 -29.76 36.91
CA GLN J 40 -91.06 -28.75 37.64
C GLN J 40 -92.29 -29.39 38.26
N TYR J 41 -92.40 -29.30 39.56
CA TYR J 41 -93.57 -29.69 40.32
C TYR J 41 -94.56 -28.54 40.40
N PRO J 42 -95.86 -28.84 40.55
CA PRO J 42 -96.87 -27.77 40.56
C PRO J 42 -96.62 -26.75 41.65
N GLY J 43 -96.52 -25.48 41.25
CA GLY J 43 -96.28 -24.39 42.17
C GLY J 43 -94.86 -24.29 42.69
N LYS J 44 -93.91 -24.96 42.04
CA LYS J 44 -92.52 -24.97 42.48
C LYS J 44 -91.61 -24.50 41.35
N ALA J 45 -90.41 -24.08 41.74
CA ALA J 45 -89.43 -23.62 40.76
C ALA J 45 -88.81 -24.81 40.02
N PRO J 46 -88.39 -24.61 38.78
CA PRO J 46 -87.80 -25.71 38.01
C PRO J 46 -86.51 -26.22 38.66
N LYS J 47 -86.10 -27.40 38.23
CA LYS J 47 -84.88 -28.02 38.71
C LYS J 47 -84.13 -28.62 37.52
N LEU J 48 -82.86 -28.26 37.38
CA LEU J 48 -82.06 -28.80 36.29
C LEU J 48 -81.71 -30.26 36.56
N ILE J 49 -82.02 -31.12 35.58
CA ILE J 49 -81.77 -32.55 35.72
C ILE J 49 -80.82 -33.08 34.68
N ILE J 50 -80.69 -32.43 33.53
CA ILE J 50 -79.79 -32.86 32.46
C ILE J 50 -79.17 -31.61 31.83
N TYR J 51 -77.86 -31.59 31.71
CA TYR J 51 -77.16 -30.55 30.97
C TYR J 51 -76.20 -31.21 29.99
N GLU J 52 -75.74 -30.44 29.01
CA GLU J 52 -74.88 -30.95 27.95
C GLU J 52 -75.49 -32.15 27.22
N GLY J 53 -76.82 -32.20 27.16
CA GLY J 53 -77.49 -33.32 26.49
C GLY J 53 -77.60 -34.61 27.27
N SER J 54 -76.51 -35.05 27.90
CA SER J 54 -76.50 -36.33 28.59
C SER J 54 -75.90 -36.29 29.99
N ARG J 55 -75.44 -35.14 30.46
CA ARG J 55 -74.82 -35.06 31.78
C ARG J 55 -75.84 -34.72 32.85
N ARG J 56 -75.58 -35.23 34.05
CA ARG J 56 -76.53 -35.19 35.13
C ARG J 56 -75.91 -34.45 36.30
N PRO J 57 -76.55 -33.41 36.82
CA PRO J 57 -76.02 -32.73 38.01
C PRO J 57 -75.96 -33.66 39.22
N SER J 58 -75.08 -33.31 40.15
CA SER J 58 -74.91 -34.10 41.37
C SER J 58 -76.21 -34.14 42.15
N GLY J 59 -76.68 -35.36 42.44
CA GLY J 59 -77.89 -35.56 43.22
C GLY J 59 -79.08 -36.04 42.42
N VAL J 60 -79.00 -36.01 41.10
CA VAL J 60 -80.10 -36.46 40.24
C VAL J 60 -79.96 -37.96 40.01
N SER J 61 -81.10 -38.65 40.05
CA SER J 61 -81.12 -40.10 39.98
C SER J 61 -80.60 -40.59 38.62
N ASP J 62 -79.91 -41.74 38.65
CA ASP J 62 -79.43 -42.36 37.42
C ASP J 62 -80.57 -42.81 36.52
N ARG J 63 -81.80 -42.82 37.02
CA ARG J 63 -82.96 -43.18 36.20
C ARG J 63 -83.22 -42.16 35.10
N PHE J 64 -82.73 -40.93 35.24
CA PHE J 64 -82.84 -39.92 34.19
C PHE J 64 -81.63 -39.99 33.27
N SER J 65 -81.88 -39.92 31.97
CA SER J 65 -80.81 -39.96 30.97
C SER J 65 -81.24 -39.21 29.73
N GLY J 66 -80.27 -38.68 29.00
CA GLY J 66 -80.54 -37.96 27.77
C GLY J 66 -79.74 -38.52 26.61
N SER J 67 -80.33 -38.44 25.42
CA SER J 67 -79.69 -38.93 24.20
C SER J 67 -80.19 -38.13 23.02
N LYS J 68 -79.28 -37.84 22.09
CA LYS J 68 -79.57 -37.14 20.84
C LYS J 68 -79.53 -38.09 19.64
N SER J 69 -80.50 -37.93 18.73
CA SER J 69 -80.51 -38.60 17.44
C SER J 69 -80.87 -37.55 16.39
N GLY J 70 -79.87 -36.88 15.83
CA GLY J 70 -80.21 -35.91 14.82
C GLY J 70 -80.73 -34.62 15.46
N ASN J 71 -81.56 -33.92 14.69
CA ASN J 71 -82.19 -32.68 15.15
C ASN J 71 -83.19 -32.85 16.31
N THR J 72 -83.24 -34.01 16.95
CA THR J 72 -84.08 -34.15 18.14
C THR J 72 -83.25 -34.61 19.34
N ALA J 73 -83.69 -34.18 20.52
CA ALA J 73 -83.15 -34.69 21.77
C ALA J 73 -84.24 -35.49 22.49
N SER J 74 -83.81 -36.25 23.49
CA SER J 74 -84.72 -37.15 24.18
C SER J 74 -84.30 -37.32 25.64
N LEU J 75 -85.28 -37.36 26.52
CA LEU J 75 -85.08 -37.59 27.95
C LEU J 75 -85.80 -38.87 28.33
N THR J 76 -85.08 -39.81 28.92
CA THR J 76 -85.62 -41.11 29.31
C THR J 76 -85.62 -41.25 30.83
N ILE J 77 -86.75 -41.69 31.37
CA ILE J 77 -86.91 -41.97 32.79
C ILE J 77 -87.22 -43.45 32.95
N SER J 78 -86.26 -44.21 33.48
CA SER J 78 -86.45 -45.63 33.73
C SER J 78 -86.85 -45.86 35.18
N GLY J 79 -87.42 -47.04 35.44
CA GLY J 79 -87.88 -47.40 36.76
C GLY J 79 -88.83 -46.35 37.29
N LEU J 80 -89.87 -46.07 36.51
CA LEU J 80 -90.75 -44.94 36.79
C LEU J 80 -91.42 -45.08 38.15
N GLN J 81 -91.43 -43.98 38.91
CA GLN J 81 -92.00 -43.96 40.24
C GLN J 81 -93.13 -42.93 40.31
N ALA J 82 -93.84 -42.92 41.44
CA ALA J 82 -94.92 -41.96 41.63
C ALA J 82 -94.40 -40.53 41.58
N GLU J 83 -93.54 -40.16 42.53
CA GLU J 83 -92.97 -38.82 42.61
C GLU J 83 -92.29 -38.36 41.33
N ASP J 84 -92.22 -39.21 40.30
CA ASP J 84 -91.66 -38.78 39.02
C ASP J 84 -92.63 -37.94 38.21
N GLU J 85 -93.88 -37.79 38.68
CA GLU J 85 -94.88 -37.03 37.97
C GLU J 85 -94.60 -35.55 38.10
N ALA J 86 -94.35 -34.88 36.98
CA ALA J 86 -94.05 -33.45 36.94
C ALA J 86 -94.12 -33.00 35.49
N ASP J 87 -93.92 -31.70 35.27
CA ASP J 87 -93.79 -31.15 33.93
C ASP J 87 -92.33 -31.03 33.59
N TYR J 88 -91.97 -31.48 32.38
CA TYR J 88 -90.57 -31.53 31.94
C TYR J 88 -90.39 -30.63 30.74
N TYR J 89 -89.35 -29.80 30.80
CA TYR J 89 -89.05 -28.83 29.75
C TYR J 89 -87.63 -29.07 29.23
N CYS J 90 -87.45 -28.97 27.92
CA CYS J 90 -86.13 -28.93 27.31
C CYS J 90 -85.78 -27.48 26.98
N SER J 91 -84.47 -27.20 26.92
CA SER J 91 -84.02 -25.84 26.63
C SER J 91 -82.75 -25.90 25.80
N SER J 92 -82.52 -24.84 25.01
CA SER J 92 -81.35 -24.75 24.14
C SER J 92 -81.18 -23.29 23.72
N TYR J 93 -80.34 -23.06 22.70
CA TYR J 93 -80.04 -21.72 22.20
C TYR J 93 -80.14 -21.72 20.69
N ALA J 94 -81.14 -20.98 20.15
CA ALA J 94 -81.36 -20.88 18.71
C ALA J 94 -81.60 -19.42 18.37
N GLY J 95 -80.52 -18.63 18.43
CA GLY J 95 -80.58 -17.19 18.33
C GLY J 95 -80.79 -16.53 19.68
N SER J 96 -81.55 -17.18 20.55
CA SER J 96 -81.69 -16.77 21.94
C SER J 96 -81.98 -18.02 22.76
N VAL J 97 -82.17 -17.83 24.07
CA VAL J 97 -82.50 -18.95 24.93
C VAL J 97 -83.94 -19.37 24.63
N VAL J 98 -84.11 -20.60 24.15
CA VAL J 98 -85.42 -21.13 23.81
C VAL J 98 -85.79 -22.23 24.78
N PHE J 99 -87.11 -22.34 25.03
CA PHE J 99 -87.67 -23.37 25.89
C PHE J 99 -88.67 -24.20 25.10
N GLY J 100 -88.81 -25.47 25.48
CA GLY J 100 -89.87 -26.28 24.93
C GLY J 100 -91.19 -25.93 25.57
N GLY J 101 -92.27 -26.41 24.95
CA GLY J 101 -93.60 -26.11 25.46
C GLY J 101 -93.92 -26.79 26.78
N GLY J 102 -93.18 -27.83 27.14
CA GLY J 102 -93.47 -28.55 28.36
C GLY J 102 -94.24 -29.83 28.15
N THR J 103 -93.79 -30.91 28.77
CA THR J 103 -94.41 -32.22 28.67
C THR J 103 -94.87 -32.64 30.06
N LYS J 104 -96.16 -32.93 30.19
CA LYS J 104 -96.75 -33.42 31.44
C LYS J 104 -96.61 -34.92 31.52
N LEU J 105 -95.84 -35.40 32.51
CA LEU J 105 -95.64 -36.83 32.72
C LEU J 105 -96.61 -37.35 33.78
N THR J 106 -97.41 -38.35 33.41
CA THR J 106 -98.34 -39.00 34.31
C THR J 106 -97.86 -40.41 34.57
N VAL J 107 -97.88 -40.83 35.82
CA VAL J 107 -97.54 -42.20 36.19
C VAL J 107 -98.86 -42.91 36.44
N LEU J 108 -99.24 -43.80 35.53
CA LEU J 108 -100.60 -44.34 35.52
C LEU J 108 -100.92 -45.12 36.80
N GLY J 109 -101.80 -44.55 37.62
CA GLY J 109 -102.31 -45.23 38.80
C GLY J 109 -103.75 -45.68 38.69
N GLN J 110 -104.40 -45.54 37.53
CA GLN J 110 -105.77 -45.96 37.34
C GLN J 110 -106.04 -46.10 35.85
N PRO J 111 -107.09 -46.83 35.47
CA PRO J 111 -107.40 -47.04 34.03
C PRO J 111 -107.71 -45.73 33.32
N LYS J 112 -106.93 -45.44 32.28
CA LYS J 112 -107.21 -44.37 31.34
C LYS J 112 -108.68 -44.29 30.97
N GLY J 113 -109.28 -43.13 31.18
CA GLY J 113 -110.68 -42.91 30.85
C GLY J 113 -110.83 -41.77 29.87
N ALA J 114 -111.76 -41.93 28.93
CA ALA J 114 -112.04 -40.89 27.94
C ALA J 114 -112.87 -39.77 28.58
N PRO J 115 -112.77 -38.56 28.05
CA PRO J 115 -113.49 -37.44 28.69
C PRO J 115 -114.94 -37.38 28.27
N SER J 116 -115.80 -37.00 29.22
CA SER J 116 -117.20 -36.72 28.94
C SER J 116 -117.36 -35.23 28.68
N VAL J 117 -118.01 -34.88 27.58
CA VAL J 117 -118.08 -33.51 27.09
C VAL J 117 -119.53 -33.10 27.01
N THR J 118 -119.88 -31.99 27.67
CA THR J 118 -121.20 -31.40 27.60
C THR J 118 -121.05 -29.96 27.11
N LEU J 119 -121.73 -29.64 26.02
CA LEU J 119 -121.64 -28.33 25.39
C LEU J 119 -123.01 -27.66 25.47
N PHE J 120 -123.04 -26.46 26.06
CA PHE J 120 -124.28 -25.70 26.21
C PHE J 120 -124.31 -24.53 25.24
N PRO J 121 -125.42 -24.31 24.55
CA PRO J 121 -125.55 -23.12 23.71
C PRO J 121 -125.81 -21.89 24.57
N PRO J 122 -125.68 -20.69 24.02
CA PRO J 122 -125.99 -19.49 24.80
C PRO J 122 -127.47 -19.43 25.13
N SER J 123 -127.77 -19.05 26.37
CA SER J 123 -129.15 -18.96 26.80
C SER J 123 -129.84 -17.76 26.14
N SER J 124 -131.17 -17.84 26.07
CA SER J 124 -131.93 -16.72 25.54
C SER J 124 -131.80 -15.48 26.41
N GLU J 125 -131.58 -15.67 27.71
CA GLU J 125 -131.41 -14.53 28.62
C GLU J 125 -130.12 -13.77 28.30
N GLU J 126 -129.02 -14.49 28.10
CA GLU J 126 -127.75 -13.81 27.82
C GLU J 126 -127.77 -13.15 26.45
N LEU J 127 -128.41 -13.80 25.47
CA LEU J 127 -128.50 -13.21 24.13
C LEU J 127 -129.25 -11.88 24.16
N GLN J 128 -130.22 -11.74 25.06
CA GLN J 128 -130.92 -10.47 25.19
C GLN J 128 -130.08 -9.42 25.90
N ALA J 129 -129.05 -9.83 26.63
CA ALA J 129 -128.04 -8.91 27.15
C ALA J 129 -126.95 -8.59 26.13
N ASN J 130 -127.17 -8.93 24.86
CA ASN J 130 -126.20 -8.73 23.79
C ASN J 130 -124.88 -9.42 24.08
N LYS J 131 -124.94 -10.64 24.61
CA LYS J 131 -123.75 -11.44 24.86
C LYS J 131 -124.06 -12.89 24.48
N ALA J 132 -123.01 -13.64 24.21
CA ALA J 132 -123.17 -15.04 23.83
C ALA J 132 -121.95 -15.81 24.33
N THR J 133 -122.21 -16.82 25.17
CA THR J 133 -121.15 -17.66 25.71
C THR J 133 -121.54 -19.12 25.49
N LEU J 134 -120.66 -19.86 24.85
CA LEU J 134 -120.80 -21.31 24.73
C LEU J 134 -119.97 -21.97 25.83
N VAL J 135 -120.58 -22.90 26.55
CA VAL J 135 -119.95 -23.56 27.69
C VAL J 135 -119.67 -25.00 27.32
N CYS J 136 -118.39 -25.37 27.33
CA CYS J 136 -117.94 -26.72 27.01
C CYS J 136 -117.30 -27.31 28.27
N LEU J 137 -117.97 -28.29 28.87
CA LEU J 137 -117.55 -28.86 30.14
C LEU J 137 -117.00 -30.26 29.92
N ILE J 138 -115.79 -30.50 30.41
CA ILE J 138 -115.05 -31.73 30.19
C ILE J 138 -114.73 -32.35 31.54
N SER J 139 -115.01 -33.65 31.69
CA SER J 139 -114.86 -34.30 32.98
C SER J 139 -114.55 -35.78 32.82
N ASP J 140 -114.00 -36.36 33.90
CA ASP J 140 -113.76 -37.80 34.02
C ASP J 140 -112.76 -38.31 32.99
N PHE J 141 -111.65 -37.59 32.83
CA PHE J 141 -110.58 -38.05 31.96
C PHE J 141 -109.29 -38.25 32.74
N TYR J 142 -108.50 -39.22 32.30
CA TYR J 142 -107.26 -39.61 32.93
C TYR J 142 -106.37 -40.16 31.81
N PRO J 143 -105.13 -39.67 31.66
CA PRO J 143 -104.46 -38.63 32.45
C PRO J 143 -105.07 -37.23 32.27
N GLY J 144 -104.64 -36.28 33.09
CA GLY J 144 -105.23 -34.95 33.08
C GLY J 144 -104.59 -34.01 32.09
N ALA J 145 -104.69 -34.35 30.81
CA ALA J 145 -104.17 -33.50 29.74
C ALA J 145 -105.15 -33.53 28.58
N VAL J 146 -105.58 -32.35 28.15
CA VAL J 146 -106.63 -32.23 27.14
C VAL J 146 -106.33 -31.02 26.25
N THR J 147 -106.61 -31.17 24.96
CA THR J 147 -106.53 -30.08 24.00
C THR J 147 -107.94 -29.76 23.51
N VAL J 148 -108.29 -28.47 23.52
CA VAL J 148 -109.63 -28.02 23.15
C VAL J 148 -109.54 -27.16 21.90
N ALA J 149 -110.36 -27.47 20.91
CA ALA J 149 -110.44 -26.70 19.68
C ALA J 149 -111.90 -26.38 19.39
N TRP J 150 -112.17 -25.13 19.02
CA TRP J 150 -113.51 -24.69 18.67
C TRP J 150 -113.63 -24.52 17.17
N LYS J 151 -114.88 -24.56 16.70
CA LYS J 151 -115.21 -24.55 15.29
C LYS J 151 -116.44 -23.70 15.02
N ALA J 152 -116.35 -22.82 14.02
CA ALA J 152 -117.50 -22.11 13.48
C ALA J 152 -117.82 -22.79 12.15
N ASP J 153 -118.93 -23.51 12.11
CA ASP J 153 -119.23 -24.46 11.04
C ASP J 153 -118.12 -25.49 10.93
N SER J 154 -117.24 -25.35 9.93
CA SER J 154 -116.08 -26.24 9.82
C SER J 154 -114.75 -25.50 9.88
N SER J 155 -114.77 -24.17 10.05
CA SER J 155 -113.52 -23.43 10.13
C SER J 155 -113.14 -23.20 11.58
N PRO J 156 -111.86 -23.33 11.93
CA PRO J 156 -111.47 -23.16 13.34
C PRO J 156 -111.61 -21.73 13.80
N VAL J 157 -112.02 -21.56 15.06
CA VAL J 157 -112.08 -20.26 15.71
C VAL J 157 -111.19 -20.32 16.94
N LYS J 158 -110.23 -19.40 17.02
CA LYS J 158 -109.30 -19.29 18.14
C LYS J 158 -109.54 -18.08 19.01
N ALA J 159 -110.02 -16.99 18.45
CA ALA J 159 -110.22 -15.78 19.23
C ALA J 159 -111.46 -15.93 20.10
N GLY J 160 -111.39 -15.41 21.31
CA GLY J 160 -112.49 -15.50 22.25
C GLY J 160 -112.63 -16.84 22.94
N VAL J 161 -111.62 -17.71 22.84
CA VAL J 161 -111.60 -19.01 23.49
C VAL J 161 -110.82 -18.89 24.79
N GLU J 162 -111.36 -19.46 25.86
CA GLU J 162 -110.69 -19.46 27.16
C GLU J 162 -110.90 -20.80 27.84
N THR J 163 -109.80 -21.45 28.22
CA THR J 163 -109.83 -22.82 28.72
C THR J 163 -109.09 -22.90 30.05
N THR J 164 -109.66 -23.64 30.99
CA THR J 164 -109.05 -23.84 32.30
C THR J 164 -107.98 -24.93 32.24
N THR J 165 -107.05 -24.88 33.19
CA THR J 165 -106.17 -26.02 33.38
C THR J 165 -106.91 -27.15 34.07
N PRO J 166 -106.60 -28.40 33.73
CA PRO J 166 -107.30 -29.53 34.35
C PRO J 166 -107.04 -29.58 35.84
N SER J 167 -108.07 -29.94 36.60
CA SER J 167 -107.97 -30.11 38.03
C SER J 167 -108.61 -31.43 38.43
N LYS J 168 -108.19 -31.95 39.58
CA LYS J 168 -108.61 -33.28 40.01
C LYS J 168 -109.98 -33.24 40.68
N GLN J 169 -110.83 -34.19 40.30
CA GLN J 169 -112.13 -34.41 40.91
C GLN J 169 -111.97 -35.33 42.13
N SER J 170 -113.09 -35.58 42.81
CA SER J 170 -113.03 -36.46 43.97
C SER J 170 -112.79 -37.91 43.59
N ASN J 171 -113.08 -38.29 42.34
CA ASN J 171 -112.80 -39.64 41.87
C ASN J 171 -111.36 -39.80 41.37
N ASN J 172 -110.54 -38.76 41.52
CA ASN J 172 -109.15 -38.70 41.09
C ASN J 172 -109.00 -38.72 39.57
N LYS J 173 -110.08 -38.43 38.84
CA LYS J 173 -109.97 -38.08 37.43
C LYS J 173 -110.02 -36.57 37.31
N TYR J 174 -109.89 -36.08 36.10
CA TYR J 174 -109.72 -34.65 35.89
C TYR J 174 -110.92 -34.03 35.20
N ALA J 175 -111.08 -32.73 35.42
CA ALA J 175 -112.14 -31.93 34.83
C ALA J 175 -111.55 -30.64 34.30
N ALA J 176 -112.18 -30.11 33.26
CA ALA J 176 -111.73 -28.87 32.66
C ALA J 176 -112.92 -28.16 32.03
N SER J 177 -112.72 -26.90 31.67
CA SER J 177 -113.77 -26.09 31.08
C SER J 177 -113.18 -25.23 29.98
N SER J 178 -114.00 -24.98 28.96
CA SER J 178 -113.62 -24.09 27.86
C SER J 178 -114.80 -23.21 27.53
N TYR J 179 -114.54 -21.92 27.33
CA TYR J 179 -115.59 -20.94 27.06
C TYR J 179 -115.27 -20.22 25.75
N LEU J 180 -116.27 -20.14 24.88
CA LEU J 180 -116.17 -19.36 23.64
C LEU J 180 -117.14 -18.20 23.72
N SER J 181 -116.61 -16.98 23.64
CA SER J 181 -117.43 -15.77 23.68
C SER J 181 -117.66 -15.27 22.27
N LEU J 182 -118.93 -15.03 21.94
CA LEU J 182 -119.33 -14.56 20.63
C LEU J 182 -120.26 -13.37 20.77
N THR J 183 -120.43 -12.67 19.69
CA THR J 183 -121.53 -11.73 19.63
C THR J 183 -122.80 -12.44 19.17
N PRO J 184 -123.98 -11.95 19.55
CA PRO J 184 -125.22 -12.56 19.06
C PRO J 184 -125.28 -12.65 17.55
N GLU J 185 -124.60 -11.75 16.84
CA GLU J 185 -124.58 -11.81 15.38
C GLU J 185 -123.78 -13.02 14.91
N GLN J 186 -122.59 -13.21 15.47
CA GLN J 186 -121.78 -14.38 15.12
C GLN J 186 -122.52 -15.67 15.46
N TRP J 187 -123.26 -15.68 16.57
CA TRP J 187 -123.96 -16.91 16.98
C TRP J 187 -125.06 -17.28 16.00
N LYS J 188 -125.84 -16.30 15.53
CA LYS J 188 -126.94 -16.60 14.62
C LYS J 188 -126.54 -16.54 13.14
N SER J 189 -125.33 -16.09 12.82
CA SER J 189 -124.92 -16.03 11.42
C SER J 189 -124.38 -17.36 10.93
N HIS J 190 -123.79 -18.16 11.81
CA HIS J 190 -123.21 -19.44 11.44
C HIS J 190 -124.24 -20.56 11.52
N ARG J 191 -123.92 -21.67 10.86
CA ARG J 191 -124.80 -22.83 10.82
C ARG J 191 -124.70 -23.66 12.10
N SER J 192 -123.51 -23.74 12.69
CA SER J 192 -123.29 -24.51 13.91
C SER J 192 -121.94 -24.12 14.50
N TYR J 193 -121.80 -24.36 15.79
CA TYR J 193 -120.52 -24.22 16.50
C TYR J 193 -120.20 -25.54 17.20
N SER J 194 -118.92 -25.88 17.25
CA SER J 194 -118.47 -27.17 17.76
C SER J 194 -117.35 -26.99 18.77
N CYS J 195 -117.36 -27.83 19.80
CA CYS J 195 -116.27 -27.93 20.77
C CYS J 195 -115.59 -29.28 20.59
N GLN J 196 -114.32 -29.26 20.22
CA GLN J 196 -113.54 -30.47 19.96
C GLN J 196 -112.53 -30.68 21.08
N VAL J 197 -112.57 -31.86 21.69
CA VAL J 197 -111.76 -32.19 22.86
C VAL J 197 -110.91 -33.39 22.52
N THR J 198 -109.59 -33.22 22.55
CA THR J 198 -108.64 -34.27 22.18
C THR J 198 -107.93 -34.78 23.42
N HIS J 199 -107.96 -36.10 23.61
CA HIS J 199 -107.37 -36.73 24.79
C HIS J 199 -106.75 -38.05 24.37
N GLU J 200 -105.42 -38.14 24.46
CA GLU J 200 -104.68 -39.37 24.11
C GLU J 200 -104.93 -39.77 22.65
N GLY J 201 -104.89 -38.80 21.75
CA GLY J 201 -105.05 -39.06 20.34
C GLY J 201 -106.47 -39.21 19.86
N SER J 202 -107.42 -39.43 20.75
CA SER J 202 -108.83 -39.59 20.39
C SER J 202 -109.58 -38.30 20.69
N THR J 203 -110.42 -37.89 19.75
CA THR J 203 -111.14 -36.63 19.84
C THR J 203 -112.63 -36.88 20.03
N VAL J 204 -113.23 -36.14 20.97
CA VAL J 204 -114.67 -36.14 21.18
C VAL J 204 -115.20 -34.78 20.76
N GLU J 205 -116.29 -34.79 19.99
CA GLU J 205 -116.84 -33.56 19.43
C GLU J 205 -118.30 -33.42 19.81
N LYS J 206 -118.68 -32.20 20.17
CA LYS J 206 -120.07 -31.83 20.41
C LYS J 206 -120.41 -30.59 19.61
N THR J 207 -121.64 -30.53 19.10
CA THR J 207 -122.07 -29.44 18.22
C THR J 207 -123.39 -28.88 18.72
N VAL J 208 -123.55 -27.56 18.56
CA VAL J 208 -124.78 -26.85 18.87
C VAL J 208 -125.09 -25.91 17.72
N ALA J 209 -126.37 -25.56 17.59
CA ALA J 209 -126.83 -24.71 16.50
C ALA J 209 -127.84 -23.70 17.03
N PRO J 210 -128.01 -22.56 16.36
CA PRO J 210 -129.07 -21.63 16.77
C PRO J 210 -130.46 -22.19 16.55
N THR J 211 -130.57 -23.22 15.73
CA THR J 211 -131.84 -23.89 15.44
C THR J 211 -131.81 -25.21 16.20
N GLU J 212 -132.60 -25.29 17.28
CA GLU J 212 -132.57 -26.44 18.15
C GLU J 212 -133.99 -26.83 18.55
N CYS J 213 -134.16 -28.12 18.88
CA CYS J 213 -135.43 -28.70 19.30
C CYS J 213 -136.65 -28.18 18.54
N GLU K 1 -2.39 43.96 -28.48
CA GLU K 1 -3.69 44.57 -28.23
C GLU K 1 -4.28 45.05 -29.56
N VAL K 2 -3.92 46.29 -29.92
CA VAL K 2 -4.38 46.98 -31.12
C VAL K 2 -5.89 47.16 -31.04
N GLN K 3 -6.33 48.41 -30.93
CA GLN K 3 -7.73 48.74 -30.77
C GLN K 3 -8.06 49.97 -31.58
N LEU K 4 -9.24 49.97 -32.22
CA LEU K 4 -9.72 51.11 -32.99
C LEU K 4 -11.07 51.51 -32.44
N VAL K 5 -11.10 52.54 -31.61
CA VAL K 5 -12.33 53.01 -30.98
C VAL K 5 -12.84 54.20 -31.79
N GLN K 6 -14.05 54.06 -32.33
CA GLN K 6 -14.68 55.09 -33.15
C GLN K 6 -15.63 55.91 -32.29
N SER K 7 -16.11 57.01 -32.88
CA SER K 7 -17.00 57.90 -32.15
C SER K 7 -18.40 57.30 -32.10
N GLY K 8 -19.30 58.00 -31.41
CA GLY K 8 -20.63 57.48 -31.17
C GLY K 8 -21.55 57.59 -32.37
N ALA K 9 -22.71 56.96 -32.25
CA ALA K 9 -23.70 56.99 -33.32
C ALA K 9 -24.24 58.39 -33.51
N GLU K 10 -24.41 58.80 -34.76
CA GLU K 10 -24.91 60.13 -35.07
C GLU K 10 -26.09 60.07 -36.03
N VAL K 11 -27.01 61.01 -35.83
CA VAL K 11 -28.18 61.21 -36.67
C VAL K 11 -28.09 62.62 -37.23
N LYS K 12 -27.82 62.73 -38.52
CA LYS K 12 -27.62 64.00 -39.21
C LYS K 12 -28.73 64.23 -40.22
N LYS K 13 -28.90 65.48 -40.61
CA LYS K 13 -29.95 65.79 -41.56
C LYS K 13 -29.41 65.90 -42.97
N PRO K 14 -30.24 65.62 -43.99
CA PRO K 14 -29.76 65.65 -45.37
C PRO K 14 -29.24 67.03 -45.74
N GLY K 15 -28.15 67.05 -46.50
CA GLY K 15 -27.49 68.28 -46.90
C GLY K 15 -26.40 68.74 -45.96
N ALA K 16 -26.37 68.23 -44.74
CA ALA K 16 -25.38 68.63 -43.76
C ALA K 16 -24.09 67.83 -43.97
N SER K 17 -23.16 67.93 -43.02
CA SER K 17 -21.90 67.20 -43.08
C SER K 17 -21.67 66.47 -41.77
N VAL K 18 -21.00 65.34 -41.86
CA VAL K 18 -20.67 64.51 -40.70
C VAL K 18 -19.18 64.26 -40.68
N LYS K 19 -18.62 64.16 -39.47
CA LYS K 19 -17.20 63.87 -39.29
C LYS K 19 -17.05 62.79 -38.22
N VAL K 20 -16.44 61.67 -38.59
CA VAL K 20 -16.28 60.51 -37.72
C VAL K 20 -14.82 60.40 -37.31
N SER K 21 -14.57 60.18 -36.03
CA SER K 21 -13.22 60.02 -35.51
C SER K 21 -12.92 58.54 -35.25
N CYS K 22 -11.63 58.21 -35.23
CA CYS K 22 -11.18 56.83 -35.06
C CYS K 22 -9.87 56.87 -34.29
N LYS K 23 -9.92 56.58 -32.99
CA LYS K 23 -8.76 56.62 -32.12
C LYS K 23 -8.07 55.26 -32.12
N THR K 24 -6.79 55.23 -32.48
CA THR K 24 -6.01 54.01 -32.55
C THR K 24 -5.15 53.86 -31.29
N SER K 25 -4.78 52.61 -31.02
CA SER K 25 -3.89 52.29 -29.90
C SER K 25 -3.33 50.90 -30.11
N GLY K 26 -2.17 50.65 -29.51
CA GLY K 26 -1.55 49.34 -29.54
C GLY K 26 -0.59 49.09 -30.68
N TYR K 27 -0.32 50.08 -31.51
CA TYR K 27 0.63 49.93 -32.61
C TYR K 27 1.06 51.31 -33.08
N THR K 28 2.08 51.33 -33.94
CA THR K 28 2.60 52.58 -34.49
C THR K 28 1.58 53.16 -35.48
N PHE K 29 0.94 54.26 -35.08
CA PHE K 29 -0.14 54.84 -35.88
C PHE K 29 0.34 55.19 -37.29
N THR K 30 1.54 55.77 -37.41
CA THR K 30 2.05 56.25 -38.69
C THR K 30 2.72 55.17 -39.53
N ALA K 31 2.68 53.91 -39.11
CA ALA K 31 3.39 52.85 -39.82
C ALA K 31 2.48 51.98 -40.70
N TYR K 32 1.16 52.16 -40.62
CA TYR K 32 0.21 51.38 -41.40
C TYR K 32 -0.81 52.30 -42.02
N TYR K 33 -1.28 51.94 -43.22
CA TYR K 33 -2.39 52.67 -43.83
C TYR K 33 -3.66 52.46 -43.02
N LEU K 34 -4.57 53.43 -43.11
CA LEU K 34 -5.86 53.37 -42.43
C LEU K 34 -6.95 53.52 -43.47
N HIS K 35 -7.83 52.52 -43.54
CA HIS K 35 -8.92 52.49 -44.51
C HIS K 35 -10.22 52.96 -43.85
N TRP K 36 -11.15 53.38 -44.71
CA TRP K 36 -12.51 53.72 -44.28
C TRP K 36 -13.48 52.99 -45.20
N VAL K 37 -14.35 52.18 -44.61
CA VAL K 37 -15.31 51.38 -45.34
C VAL K 37 -16.68 51.52 -44.69
N ARG K 38 -17.72 51.63 -45.51
CA ARG K 38 -19.08 51.71 -45.00
C ARG K 38 -19.88 50.50 -45.45
N GLN K 39 -20.98 50.24 -44.74
CA GLN K 39 -21.84 49.10 -45.01
C GLN K 39 -23.28 49.56 -44.86
N ALA K 40 -24.01 49.66 -45.97
CA ALA K 40 -25.39 50.07 -45.91
C ALA K 40 -26.24 48.98 -45.25
N PRO K 41 -27.33 49.37 -44.55
CA PRO K 41 -28.18 48.37 -43.90
C PRO K 41 -28.69 47.32 -44.88
N GLY K 42 -28.23 46.08 -44.72
CA GLY K 42 -28.64 44.97 -45.56
C GLY K 42 -27.80 44.76 -46.80
N GLN K 43 -26.72 45.51 -46.99
CA GLN K 43 -25.84 45.37 -48.13
C GLN K 43 -24.44 44.98 -47.69
N GLY K 44 -23.54 44.85 -48.65
CA GLY K 44 -22.17 44.48 -48.40
C GLY K 44 -21.30 45.68 -48.07
N PHE K 45 -20.00 45.45 -48.10
CA PHE K 45 -19.02 46.47 -47.76
C PHE K 45 -18.60 47.26 -48.99
N GLU K 46 -18.27 48.53 -48.77
CA GLU K 46 -17.91 49.44 -49.85
C GLU K 46 -16.72 50.25 -49.39
N TRP K 47 -15.56 50.05 -50.03
CA TRP K 47 -14.35 50.77 -49.65
C TRP K 47 -14.45 52.22 -50.11
N MET K 48 -14.14 53.15 -49.20
CA MET K 48 -14.22 54.57 -49.50
C MET K 48 -12.86 55.18 -49.80
N ALA K 49 -11.91 55.06 -48.87
CA ALA K 49 -10.60 55.68 -49.05
C ALA K 49 -9.65 55.16 -47.98
N TRP K 50 -8.36 55.37 -48.22
CA TRP K 50 -7.34 55.15 -47.20
C TRP K 50 -6.47 56.39 -47.09
N ILE K 51 -5.72 56.45 -45.99
CA ILE K 51 -4.84 57.58 -45.70
C ILE K 51 -3.52 57.05 -45.16
N ASN K 52 -2.42 57.73 -45.51
CA ASN K 52 -1.12 57.43 -44.96
C ASN K 52 -0.90 58.29 -43.73
N PRO K 53 -0.97 57.74 -42.51
CA PRO K 53 -0.81 58.59 -41.32
C PRO K 53 0.56 59.22 -41.21
N ASN K 54 1.56 58.69 -41.92
CA ASN K 54 2.89 59.28 -41.89
C ASN K 54 2.92 60.58 -42.69
N THR K 55 2.57 60.50 -43.98
CA THR K 55 2.70 61.63 -44.89
C THR K 55 1.41 62.43 -45.05
N GLY K 56 0.25 61.83 -44.80
CA GLY K 56 -1.02 62.51 -44.98
C GLY K 56 -1.64 62.37 -46.34
N ASP K 57 -1.00 61.67 -47.27
CA ASP K 57 -1.57 61.49 -48.60
C ASP K 57 -2.77 60.55 -48.53
N THR K 58 -3.74 60.81 -49.40
CA THR K 58 -5.00 60.08 -49.38
C THR K 58 -5.28 59.51 -50.76
N ASN K 59 -6.25 58.60 -50.81
CA ASN K 59 -6.67 57.99 -52.08
C ASN K 59 -8.16 57.66 -51.94
N TYR K 60 -9.01 58.54 -52.46
CA TYR K 60 -10.44 58.37 -52.37
C TYR K 60 -10.98 57.61 -53.58
N ALA K 61 -12.11 56.95 -53.39
CA ALA K 61 -12.79 56.31 -54.51
C ALA K 61 -13.62 57.35 -55.25
N GLN K 62 -13.61 57.27 -56.58
CA GLN K 62 -14.22 58.31 -57.40
C GLN K 62 -15.67 58.59 -57.01
N LYS K 63 -16.42 57.58 -56.60
CA LYS K 63 -17.80 57.82 -56.17
C LYS K 63 -17.84 58.69 -54.92
N PHE K 64 -16.82 58.60 -54.08
CA PHE K 64 -16.71 59.41 -52.87
C PHE K 64 -15.77 60.61 -53.04
N GLN K 65 -14.96 60.65 -54.09
CA GLN K 65 -14.00 61.73 -54.25
C GLN K 65 -14.72 63.05 -54.52
N GLY K 66 -14.30 64.10 -53.81
CA GLY K 66 -14.94 65.38 -53.88
C GLY K 66 -15.93 65.63 -52.78
N ARG K 67 -16.35 64.57 -52.07
CA ARG K 67 -17.28 64.66 -50.97
C ARG K 67 -16.70 64.14 -49.66
N VAL K 68 -15.62 63.37 -49.71
CA VAL K 68 -15.00 62.79 -48.52
C VAL K 68 -13.62 63.40 -48.36
N THR K 69 -13.26 63.69 -47.11
CA THR K 69 -11.95 64.24 -46.76
C THR K 69 -11.41 63.44 -45.58
N LEU K 70 -10.19 62.95 -45.72
CA LEU K 70 -9.51 62.22 -44.66
C LEU K 70 -8.46 63.11 -44.02
N SER K 71 -8.29 62.93 -42.71
CA SER K 71 -7.30 63.70 -41.98
C SER K 71 -6.78 62.86 -40.83
N ARG K 72 -5.74 63.37 -40.18
CA ARG K 72 -5.06 62.66 -39.10
C ARG K 72 -4.68 63.63 -38.00
N ASP K 73 -4.45 63.07 -36.82
CA ASP K 73 -3.94 63.81 -35.67
C ASP K 73 -2.86 62.94 -35.04
N THR K 74 -1.60 63.22 -35.36
CA THR K 74 -0.52 62.33 -34.96
C THR K 74 -0.36 62.29 -33.45
N SER K 75 -0.65 63.40 -32.77
CA SER K 75 -0.44 63.49 -31.33
C SER K 75 -1.33 62.53 -30.57
N ILE K 76 -2.62 62.44 -30.95
CA ILE K 76 -3.55 61.54 -30.29
C ILE K 76 -3.81 60.27 -31.10
N THR K 77 -3.07 60.07 -32.18
CA THR K 77 -3.19 58.87 -33.02
C THR K 77 -4.64 58.61 -33.41
N THR K 78 -5.30 59.66 -33.88
CA THR K 78 -6.71 59.59 -34.28
C THR K 78 -6.84 60.03 -35.72
N ALA K 79 -7.64 59.28 -36.49
CA ALA K 79 -7.94 59.64 -37.87
C ALA K 79 -9.40 60.05 -37.96
N TYR K 80 -9.68 60.93 -38.92
CA TYR K 80 -11.01 61.50 -39.09
C TYR K 80 -11.48 61.30 -40.52
N MET K 81 -12.79 61.13 -40.67
CA MET K 81 -13.43 61.05 -41.97
C MET K 81 -14.57 62.05 -42.02
N GLU K 82 -14.56 62.91 -43.03
CA GLU K 82 -15.60 63.93 -43.18
C GLU K 82 -16.37 63.66 -44.46
N LEU K 83 -17.68 63.50 -44.33
CA LEU K 83 -18.58 63.40 -45.46
C LEU K 83 -19.46 64.65 -45.49
N THR K 84 -19.51 65.30 -46.65
CA THR K 84 -20.29 66.52 -46.80
C THR K 84 -21.52 66.25 -47.67
N ARG K 85 -22.46 67.19 -47.63
CA ARG K 85 -23.68 67.15 -48.45
C ARG K 85 -24.34 65.77 -48.41
N LEU K 86 -24.73 65.38 -47.20
CA LEU K 86 -25.25 64.03 -46.99
C LEU K 86 -26.59 63.84 -47.67
N ARG K 87 -26.76 62.68 -48.29
CA ARG K 87 -28.03 62.25 -48.87
C ARG K 87 -28.50 60.99 -48.16
N SER K 88 -29.78 60.66 -48.36
CA SER K 88 -30.39 59.55 -47.64
C SER K 88 -29.73 58.21 -47.96
N ASP K 89 -29.13 58.08 -49.15
CA ASP K 89 -28.46 56.83 -49.47
C ASP K 89 -27.07 56.71 -48.85
N ASP K 90 -26.67 57.67 -48.03
CA ASP K 90 -25.43 57.58 -47.26
C ASP K 90 -25.61 56.93 -45.89
N THR K 91 -26.84 56.54 -45.55
CA THR K 91 -27.09 55.86 -44.29
C THR K 91 -26.40 54.50 -44.28
N ALA K 92 -25.48 54.31 -43.34
CA ALA K 92 -24.70 53.09 -43.25
C ALA K 92 -23.95 53.08 -41.93
N VAL K 93 -23.29 51.96 -41.66
CA VAL K 93 -22.30 51.88 -40.59
C VAL K 93 -20.93 52.12 -41.21
N TYR K 94 -20.19 53.07 -40.65
CA TYR K 94 -18.90 53.46 -41.20
C TYR K 94 -17.80 52.87 -40.32
N TYR K 95 -16.88 52.15 -40.95
CA TYR K 95 -15.79 51.49 -40.26
C TYR K 95 -14.45 52.10 -40.65
N CYS K 96 -13.59 52.31 -39.66
CA CYS K 96 -12.18 52.51 -39.89
C CYS K 96 -11.47 51.18 -39.67
N ALA K 97 -10.51 50.87 -40.54
CA ALA K 97 -9.82 49.59 -40.48
C ALA K 97 -8.33 49.79 -40.74
N LYS K 98 -7.51 49.12 -39.95
CA LYS K 98 -6.06 49.19 -40.13
C LYS K 98 -5.62 48.21 -41.21
N ASP K 99 -4.73 48.67 -42.08
CA ASP K 99 -4.21 47.85 -43.15
C ASP K 99 -3.18 46.86 -42.60
N LEU K 100 -2.99 45.75 -43.30
CA LEU K 100 -2.07 44.73 -42.83
C LEU K 100 -0.61 45.07 -43.10
N THR K 101 -0.33 45.77 -44.19
CA THR K 101 1.02 45.94 -44.68
C THR K 101 1.75 47.04 -43.90
N LEU K 102 2.89 46.70 -43.31
CA LEU K 102 3.75 47.66 -42.64
C LEU K 102 4.53 48.45 -43.69
N MET K 103 4.53 49.78 -43.55
CA MET K 103 5.08 50.66 -44.57
C MET K 103 6.29 51.47 -44.12
N TYR K 104 6.57 51.53 -42.82
CA TYR K 104 7.70 52.32 -42.35
C TYR K 104 8.29 51.63 -41.13
N VAL K 105 9.62 51.69 -41.02
CA VAL K 105 10.34 51.33 -39.81
C VAL K 105 11.27 52.52 -39.55
N PHE K 106 10.87 53.39 -38.63
CA PHE K 106 11.43 54.74 -38.59
C PHE K 106 12.86 54.75 -38.08
N ASP K 107 13.15 53.97 -37.03
CA ASP K 107 14.45 54.09 -36.37
C ASP K 107 15.59 53.63 -37.28
N SER K 108 15.32 52.71 -38.20
CA SER K 108 16.30 52.29 -39.19
C SER K 108 16.13 53.00 -40.53
N GLY K 109 15.18 53.93 -40.64
CA GLY K 109 14.97 54.67 -41.86
C GLY K 109 14.58 53.81 -43.05
N TRP K 110 13.55 52.99 -42.88
CA TRP K 110 13.08 52.10 -43.93
C TRP K 110 11.67 52.49 -44.35
N ALA K 111 11.44 52.49 -45.66
CA ALA K 111 10.13 52.76 -46.23
C ALA K 111 9.85 51.72 -47.31
N ARG K 112 8.65 51.15 -47.28
CA ARG K 112 8.31 50.11 -48.25
C ARG K 112 8.27 50.70 -49.65
N GLY K 113 8.80 49.95 -50.62
CA GLY K 113 8.87 50.46 -51.99
C GLY K 113 7.52 50.81 -52.56
N ALA K 114 6.55 49.91 -52.40
CA ALA K 114 5.20 50.15 -52.87
C ALA K 114 4.23 49.54 -51.88
N HIS K 115 2.99 50.03 -51.90
CA HIS K 115 1.95 49.48 -51.07
C HIS K 115 1.24 48.34 -51.79
N ASP K 116 1.10 47.22 -51.10
CA ASP K 116 0.29 46.09 -51.57
C ASP K 116 -0.81 45.83 -50.56
N TYR K 117 -2.02 45.61 -51.06
CA TYR K 117 -3.19 45.43 -50.20
C TYR K 117 -3.42 43.95 -49.96
N TYR K 118 -3.18 43.51 -48.72
CA TYR K 118 -3.41 42.12 -48.35
C TYR K 118 -4.63 41.92 -47.47
N GLY K 119 -5.20 42.98 -46.94
CA GLY K 119 -6.39 42.86 -46.12
C GLY K 119 -6.37 43.87 -44.99
N MET K 120 -7.39 43.77 -44.13
CA MET K 120 -7.55 44.65 -42.98
C MET K 120 -7.70 43.77 -41.74
N ASP K 121 -6.68 43.76 -40.88
CA ASP K 121 -6.63 42.81 -39.78
C ASP K 121 -7.36 43.29 -38.53
N VAL K 122 -7.55 44.60 -38.37
CA VAL K 122 -8.22 45.14 -37.18
C VAL K 122 -9.22 46.19 -37.63
N TRP K 123 -10.46 46.05 -37.14
CA TRP K 123 -11.55 46.93 -37.49
C TRP K 123 -12.04 47.66 -36.25
N GLY K 124 -12.67 48.82 -36.48
CA GLY K 124 -13.33 49.52 -35.41
C GLY K 124 -14.71 48.95 -35.16
N GLN K 125 -15.29 49.33 -34.00
CA GLN K 125 -16.62 48.83 -33.67
C GLN K 125 -17.69 49.37 -34.61
N GLY K 126 -17.40 50.43 -35.33
CA GLY K 126 -18.32 51.00 -36.31
C GLY K 126 -19.09 52.17 -35.74
N THR K 127 -19.40 53.12 -36.62
CA THR K 127 -20.22 54.28 -36.28
C THR K 127 -21.38 54.32 -37.25
N THR K 128 -22.60 54.21 -36.74
CA THR K 128 -23.77 54.24 -37.60
C THR K 128 -24.21 55.70 -37.78
N VAL K 129 -24.40 56.09 -39.03
CA VAL K 129 -24.84 57.42 -39.38
C VAL K 129 -26.16 57.28 -40.12
N ALA K 130 -27.22 57.84 -39.55
CA ALA K 130 -28.54 57.85 -40.17
C ALA K 130 -28.83 59.27 -40.63
N VAL K 131 -29.17 59.41 -41.91
CA VAL K 131 -29.47 60.71 -42.49
C VAL K 131 -30.88 60.65 -43.06
N SER K 132 -31.83 61.23 -42.34
CA SER K 132 -33.21 61.30 -42.78
C SER K 132 -33.70 62.73 -42.62
N GLY K 133 -34.45 63.20 -43.61
CA GLY K 133 -35.10 64.48 -43.55
C GLY K 133 -36.51 64.45 -43.02
N ALA K 134 -36.92 63.33 -42.44
CA ALA K 134 -38.27 63.15 -41.97
C ALA K 134 -38.45 63.67 -40.55
N SER K 135 -39.68 64.13 -40.26
CA SER K 135 -40.11 64.53 -38.94
C SER K 135 -41.08 63.46 -38.43
N THR K 136 -42.06 63.86 -37.62
CA THR K 136 -42.96 62.92 -36.98
C THR K 136 -44.30 62.97 -37.70
N LYS K 137 -44.61 61.91 -38.44
CA LYS K 137 -45.77 61.86 -39.32
C LYS K 137 -46.59 60.61 -39.03
N GLY K 138 -47.91 60.79 -38.97
CA GLY K 138 -48.81 59.68 -38.82
C GLY K 138 -48.96 58.88 -40.10
N PRO K 139 -49.37 57.63 -39.97
CA PRO K 139 -49.44 56.75 -41.15
C PRO K 139 -50.74 56.87 -41.92
N SER K 140 -50.66 56.54 -43.22
CA SER K 140 -51.83 56.36 -44.06
C SER K 140 -52.10 54.87 -44.19
N VAL K 141 -53.34 54.47 -43.96
CA VAL K 141 -53.72 53.06 -43.93
C VAL K 141 -54.67 52.77 -45.08
N PHE K 142 -54.33 51.77 -45.88
CA PHE K 142 -55.13 51.34 -47.01
C PHE K 142 -55.48 49.86 -46.90
N PRO K 143 -56.68 49.47 -47.31
CA PRO K 143 -57.08 48.07 -47.18
C PRO K 143 -56.49 47.19 -48.28
N LEU K 144 -56.10 45.99 -47.89
CA LEU K 144 -55.66 44.94 -48.82
C LEU K 144 -56.78 43.92 -48.92
N ALA K 145 -57.59 44.04 -49.98
CA ALA K 145 -58.80 43.24 -50.10
C ALA K 145 -58.47 41.76 -50.27
N PRO K 146 -59.26 40.86 -49.68
CA PRO K 146 -59.03 39.43 -49.90
C PRO K 146 -59.37 39.01 -51.32
N SER K 147 -58.89 37.84 -51.69
CA SER K 147 -59.12 37.33 -53.04
C SER K 147 -60.59 36.98 -53.21
N SER K 148 -61.17 37.37 -54.34
CA SER K 148 -62.59 37.09 -54.58
C SER K 148 -62.83 35.61 -54.88
N LYS K 149 -61.92 35.00 -55.64
CA LYS K 149 -62.05 33.57 -55.93
C LYS K 149 -61.73 32.76 -54.69
N SER K 150 -62.59 31.78 -54.38
CA SER K 150 -62.46 31.01 -53.15
C SER K 150 -62.72 29.54 -53.41
N THR K 151 -62.01 28.70 -52.66
CA THR K 151 -62.17 27.25 -52.70
C THR K 151 -63.00 26.81 -51.49
N SER K 152 -63.49 25.58 -51.54
CA SER K 152 -64.31 25.02 -50.46
C SER K 152 -63.41 24.51 -49.35
N GLY K 153 -63.43 25.19 -48.20
CA GLY K 153 -62.56 24.82 -47.12
C GLY K 153 -61.38 25.75 -46.90
N GLY K 154 -60.69 26.11 -47.99
CA GLY K 154 -59.47 26.88 -47.89
C GLY K 154 -59.58 28.25 -47.25
N THR K 155 -58.52 29.05 -47.36
CA THR K 155 -58.40 30.30 -46.63
C THR K 155 -58.20 31.47 -47.58
N ALA K 156 -58.43 32.67 -47.07
CA ALA K 156 -58.17 33.90 -47.78
C ALA K 156 -57.21 34.76 -46.97
N ALA K 157 -56.56 35.71 -47.65
CA ALA K 157 -55.55 36.56 -47.04
C ALA K 157 -55.92 38.02 -47.29
N LEU K 158 -56.23 38.74 -46.21
CA LEU K 158 -56.54 40.16 -46.27
C LEU K 158 -55.65 40.92 -45.29
N GLY K 159 -55.43 42.19 -45.56
CA GLY K 159 -54.52 42.94 -44.72
C GLY K 159 -54.69 44.44 -44.80
N CYS K 160 -53.74 45.13 -44.17
CA CYS K 160 -53.70 46.58 -44.13
C CYS K 160 -52.30 47.05 -44.47
N LEU K 161 -52.22 48.12 -45.26
CA LEU K 161 -50.95 48.73 -45.65
C LEU K 161 -50.78 50.01 -44.84
N VAL K 162 -49.80 50.01 -43.96
CA VAL K 162 -49.51 51.15 -43.08
C VAL K 162 -48.39 51.94 -43.75
N LYS K 163 -48.74 53.05 -44.41
CA LYS K 163 -47.82 53.76 -45.29
C LYS K 163 -47.33 55.06 -44.66
N ASP K 164 -46.04 55.36 -44.89
CA ASP K 164 -45.45 56.67 -44.63
C ASP K 164 -45.68 57.17 -43.21
N TYR K 165 -44.95 56.61 -42.24
CA TYR K 165 -45.00 57.08 -40.87
C TYR K 165 -43.59 57.20 -40.32
N PHE K 166 -43.45 57.97 -39.23
CA PHE K 166 -42.17 58.15 -38.57
C PHE K 166 -42.42 58.66 -37.16
N PRO K 167 -41.72 58.12 -36.14
CA PRO K 167 -40.82 56.98 -36.31
C PRO K 167 -41.48 55.66 -35.91
N GLU K 168 -40.68 54.59 -35.84
CA GLU K 168 -41.15 53.33 -35.30
C GLU K 168 -41.44 53.48 -33.81
N PRO K 169 -42.33 52.64 -33.25
CA PRO K 169 -43.09 51.59 -33.92
C PRO K 169 -44.56 51.93 -34.14
N VAL K 170 -45.25 51.05 -34.86
CA VAL K 170 -46.71 51.11 -35.00
C VAL K 170 -47.24 49.74 -34.63
N THR K 171 -48.36 49.72 -33.91
CA THR K 171 -49.01 48.49 -33.50
C THR K 171 -50.27 48.28 -34.33
N VAL K 172 -50.47 47.04 -34.78
CA VAL K 172 -51.63 46.67 -35.59
C VAL K 172 -52.34 45.53 -34.89
N SER K 173 -53.65 45.69 -34.69
CA SER K 173 -54.49 44.64 -34.16
C SER K 173 -55.71 44.49 -35.07
N TRP K 174 -56.34 43.33 -34.99
CA TRP K 174 -57.50 43.02 -35.82
C TRP K 174 -58.70 42.78 -34.92
N ASN K 175 -59.79 43.49 -35.19
CA ASN K 175 -61.03 43.41 -34.42
C ASN K 175 -60.76 43.63 -32.93
N SER K 176 -59.98 44.67 -32.64
CA SER K 176 -59.69 45.10 -31.27
C SER K 176 -59.05 43.98 -30.45
N GLY K 177 -58.21 43.18 -31.10
CA GLY K 177 -57.51 42.11 -30.44
C GLY K 177 -58.28 40.81 -30.32
N ALA K 178 -59.54 40.78 -30.74
CA ALA K 178 -60.30 39.54 -30.70
C ALA K 178 -59.86 38.56 -31.76
N LEU K 179 -59.11 39.01 -32.76
CA LEU K 179 -58.60 38.16 -33.83
C LEU K 179 -57.09 38.12 -33.72
N THR K 180 -56.55 36.98 -33.30
CA THR K 180 -55.11 36.77 -33.19
C THR K 180 -54.61 35.61 -34.04
N SER K 181 -55.43 34.59 -34.27
CA SER K 181 -55.01 33.46 -35.08
C SER K 181 -54.84 33.88 -36.53
N GLY K 182 -53.71 33.50 -37.12
CA GLY K 182 -53.42 33.80 -38.51
C GLY K 182 -52.93 35.20 -38.79
N VAL K 183 -52.72 36.03 -37.76
CA VAL K 183 -52.25 37.39 -37.96
C VAL K 183 -50.74 37.39 -38.09
N HIS K 184 -50.23 38.05 -39.12
CA HIS K 184 -48.79 38.12 -39.38
C HIS K 184 -48.47 39.54 -39.80
N THR K 185 -47.91 40.32 -38.89
CA THR K 185 -47.51 41.70 -39.15
C THR K 185 -46.04 41.71 -39.51
N PHE K 186 -45.72 42.18 -40.72
CA PHE K 186 -44.35 42.13 -41.21
C PHE K 186 -43.56 43.34 -40.71
N PRO K 187 -42.26 43.15 -40.46
CA PRO K 187 -41.43 44.29 -40.06
C PRO K 187 -41.42 45.37 -41.12
N ALA K 188 -41.34 46.62 -40.66
CA ALA K 188 -41.45 47.76 -41.56
C ALA K 188 -40.23 47.85 -42.47
N VAL K 189 -40.39 48.61 -43.56
CA VAL K 189 -39.30 48.91 -44.49
C VAL K 189 -39.00 50.40 -44.38
N LEU K 190 -37.70 50.73 -44.34
CA LEU K 190 -37.27 52.11 -44.26
C LEU K 190 -36.99 52.60 -45.67
N GLN K 191 -37.79 53.57 -46.13
CA GLN K 191 -37.64 54.08 -47.48
C GLN K 191 -36.56 55.17 -47.51
N SER K 192 -36.20 55.57 -48.73
CA SER K 192 -35.20 56.61 -48.91
C SER K 192 -35.69 57.95 -48.36
N SER K 193 -37.01 58.15 -48.32
CA SER K 193 -37.55 59.39 -47.79
C SER K 193 -37.43 59.49 -46.27
N GLY K 194 -37.08 58.40 -45.60
CA GLY K 194 -36.97 58.37 -44.15
C GLY K 194 -38.20 57.87 -43.43
N LEU K 195 -39.29 57.63 -44.13
CA LEU K 195 -40.49 57.10 -43.50
C LEU K 195 -40.53 55.58 -43.59
N TYR K 196 -41.27 54.98 -42.67
CA TYR K 196 -41.44 53.54 -42.60
C TYR K 196 -42.78 53.13 -43.19
N SER K 197 -42.86 51.86 -43.57
CA SER K 197 -44.09 51.27 -44.06
C SER K 197 -44.06 49.78 -43.78
N LEU K 198 -45.18 49.26 -43.29
CA LEU K 198 -45.30 47.82 -43.06
C LEU K 198 -46.70 47.37 -43.48
N SER K 199 -46.86 46.06 -43.51
CA SER K 199 -48.13 45.44 -43.85
C SER K 199 -48.46 44.38 -42.81
N SER K 200 -49.74 44.26 -42.49
CA SER K 200 -50.23 43.27 -41.54
C SER K 200 -51.32 42.47 -42.23
N VAL K 201 -51.14 41.15 -42.31
CA VAL K 201 -52.05 40.28 -43.02
C VAL K 201 -52.58 39.23 -42.05
N VAL K 202 -53.87 38.93 -42.16
CA VAL K 202 -54.50 37.85 -41.41
C VAL K 202 -55.15 36.90 -42.40
N THR K 203 -54.97 35.59 -42.15
CA THR K 203 -55.56 34.55 -42.98
C THR K 203 -56.85 34.05 -42.33
N VAL K 204 -57.93 34.07 -43.08
CA VAL K 204 -59.26 33.75 -42.53
C VAL K 204 -59.93 32.73 -43.45
N PRO K 205 -60.90 31.99 -42.92
CA PRO K 205 -61.67 31.08 -43.78
C PRO K 205 -62.45 31.85 -44.84
N SER K 206 -62.48 31.29 -46.05
CA SER K 206 -63.14 31.95 -47.17
C SER K 206 -64.65 32.06 -46.97
N SER K 207 -65.25 31.13 -46.23
CA SER K 207 -66.69 31.15 -46.02
C SER K 207 -67.12 32.34 -45.18
N SER K 208 -66.24 32.85 -44.32
CA SER K 208 -66.55 33.95 -43.42
C SER K 208 -66.35 35.30 -44.06
N LEU K 209 -65.89 35.36 -45.30
CA LEU K 209 -65.67 36.65 -45.93
C LEU K 209 -66.96 37.45 -46.07
N GLY K 210 -68.04 36.78 -46.41
CA GLY K 210 -69.22 37.61 -46.58
C GLY K 210 -70.08 37.83 -45.36
N THR K 211 -69.67 37.31 -44.19
CA THR K 211 -70.41 37.46 -42.95
C THR K 211 -69.58 38.12 -41.86
N GLN K 212 -68.33 37.69 -41.66
CA GLN K 212 -67.50 38.21 -40.57
C GLN K 212 -66.86 39.53 -40.95
N THR K 213 -66.92 40.50 -40.03
CA THR K 213 -66.30 41.80 -40.23
C THR K 213 -64.86 41.76 -39.74
N TYR K 214 -63.96 42.32 -40.56
CA TYR K 214 -62.54 42.40 -40.23
C TYR K 214 -62.12 43.85 -40.26
N ILE K 215 -61.66 44.36 -39.12
CA ILE K 215 -61.23 45.74 -38.97
C ILE K 215 -59.85 45.75 -38.34
N CYS K 216 -58.91 46.45 -38.97
CA CYS K 216 -57.54 46.55 -38.50
C CYS K 216 -57.37 47.86 -37.74
N ASN K 217 -56.81 47.79 -36.54
CA ASN K 217 -56.67 48.93 -35.66
C ASN K 217 -55.20 49.34 -35.64
N VAL K 218 -54.91 50.50 -36.23
CA VAL K 218 -53.56 51.02 -36.31
C VAL K 218 -53.39 52.11 -35.27
N ASN K 219 -52.30 52.05 -34.51
CA ASN K 219 -52.02 53.05 -33.48
C ASN K 219 -50.57 53.45 -33.57
N HIS K 220 -50.32 54.72 -33.86
CA HIS K 220 -48.99 55.30 -33.92
C HIS K 220 -48.94 56.43 -32.88
N LYS K 221 -48.41 56.11 -31.70
CA LYS K 221 -48.41 57.04 -30.57
C LYS K 221 -47.44 58.22 -30.77
N PRO K 222 -46.28 58.05 -31.42
CA PRO K 222 -45.43 59.23 -31.68
C PRO K 222 -46.15 60.37 -32.36
N SER K 223 -47.08 60.07 -33.27
CA SER K 223 -47.91 61.07 -33.90
C SER K 223 -49.31 61.12 -33.30
N ASN K 224 -49.63 60.21 -32.39
CA ASN K 224 -50.95 60.12 -31.75
C ASN K 224 -52.06 60.01 -32.79
N THR K 225 -51.91 59.07 -33.71
CA THR K 225 -52.92 58.77 -34.72
C THR K 225 -53.44 57.36 -34.51
N LYS K 226 -54.76 57.23 -34.46
CA LYS K 226 -55.43 55.92 -34.39
C LYS K 226 -56.41 55.82 -35.54
N VAL K 227 -56.33 54.71 -36.28
CA VAL K 227 -57.25 54.47 -37.38
C VAL K 227 -57.80 53.04 -37.26
N ASP K 228 -59.10 52.90 -37.45
CA ASP K 228 -59.77 51.61 -37.56
C ASP K 228 -60.32 51.54 -38.99
N LYS K 229 -59.65 50.78 -39.83
CA LYS K 229 -60.03 50.64 -41.23
C LYS K 229 -60.66 49.28 -41.45
N ARG K 230 -61.80 49.25 -42.15
CA ARG K 230 -62.49 48.00 -42.43
C ARG K 230 -61.99 47.44 -43.76
N VAL K 231 -61.70 46.14 -43.78
CA VAL K 231 -61.20 45.46 -44.97
C VAL K 231 -62.28 44.50 -45.43
N GLU K 232 -62.80 44.73 -46.63
CA GLU K 232 -63.89 43.94 -47.19
C GLU K 232 -63.49 43.41 -48.55
N PRO K 233 -64.14 42.34 -49.01
CA PRO K 233 -63.83 41.83 -50.36
C PRO K 233 -64.11 42.88 -51.42
N LYS K 234 -63.32 42.83 -52.49
CA LYS K 234 -63.45 43.79 -53.55
C LYS K 234 -64.83 43.69 -54.21
N SER K 235 -65.24 44.75 -54.89
CA SER K 235 -66.58 44.85 -55.47
C SER K 235 -66.66 44.24 -56.86
N SER L 2 -14.29 44.93 -62.91
CA SER L 2 -13.55 45.11 -61.67
C SER L 2 -14.49 45.05 -60.47
N ALA L 3 -14.97 43.85 -60.16
CA ALA L 3 -15.84 43.59 -59.03
C ALA L 3 -15.77 42.11 -58.71
N LEU L 4 -16.20 41.75 -57.50
CA LEU L 4 -16.22 40.36 -57.08
C LEU L 4 -17.65 39.91 -56.78
N THR L 5 -17.96 38.69 -57.21
CA THR L 5 -19.27 38.08 -57.02
C THR L 5 -19.13 36.88 -56.11
N GLN L 6 -20.05 36.75 -55.16
CA GLN L 6 -20.10 35.61 -54.25
C GLN L 6 -21.50 35.02 -54.30
N PRO L 7 -21.65 33.75 -53.92
CA PRO L 7 -22.99 33.20 -53.79
C PRO L 7 -23.75 33.91 -52.68
N ALA L 8 -25.05 34.12 -52.90
CA ALA L 8 -25.84 34.84 -51.91
C ALA L 8 -25.98 34.05 -50.62
N SER L 9 -26.07 32.72 -50.73
CA SER L 9 -26.35 31.88 -49.59
C SER L 9 -25.66 30.54 -49.75
N VAL L 10 -25.21 29.99 -48.63
CA VAL L 10 -24.64 28.64 -48.57
C VAL L 10 -25.19 27.98 -47.31
N SER L 11 -25.37 26.67 -47.36
CA SER L 11 -25.98 25.98 -46.24
C SER L 11 -25.38 24.59 -46.06
N GLY L 12 -25.45 24.08 -44.84
CA GLY L 12 -24.99 22.75 -44.52
C GLY L 12 -25.44 22.36 -43.12
N SER L 13 -25.34 21.06 -42.84
CA SER L 13 -25.68 20.56 -41.53
C SER L 13 -24.44 20.50 -40.65
N PRO L 14 -24.59 20.48 -39.33
CA PRO L 14 -23.42 20.39 -38.44
C PRO L 14 -22.59 19.16 -38.76
N GLY L 15 -21.28 19.37 -38.89
CA GLY L 15 -20.36 18.30 -39.21
C GLY L 15 -20.00 18.19 -40.68
N GLN L 16 -20.65 18.96 -41.55
CA GLN L 16 -20.38 18.88 -42.97
C GLN L 16 -19.36 19.94 -43.37
N SER L 17 -19.09 20.05 -44.67
CA SER L 17 -18.14 21.01 -45.20
C SER L 17 -18.79 21.81 -46.32
N VAL L 18 -18.55 23.12 -46.32
CA VAL L 18 -19.10 24.03 -47.32
C VAL L 18 -17.97 24.87 -47.88
N THR L 19 -18.13 25.31 -49.13
CA THR L 19 -17.15 26.16 -49.79
C THR L 19 -17.84 27.39 -50.38
N ILE L 20 -17.26 28.56 -50.13
CA ILE L 20 -17.78 29.83 -50.62
C ILE L 20 -16.81 30.36 -51.68
N SER L 21 -17.28 30.49 -52.91
CA SER L 21 -16.45 30.95 -54.03
C SER L 21 -16.45 32.47 -54.13
N CYS L 22 -15.47 32.99 -54.87
CA CYS L 22 -15.30 34.44 -55.02
C CYS L 22 -14.53 34.68 -56.32
N THR L 23 -15.25 35.10 -57.37
CA THR L 23 -14.68 35.24 -58.71
C THR L 23 -14.57 36.71 -59.09
N GLY L 24 -13.52 37.06 -59.84
CA GLY L 24 -13.34 38.42 -60.33
C GLY L 24 -13.04 38.45 -61.82
N THR L 25 -12.09 39.30 -62.20
CA THR L 25 -11.69 39.50 -63.59
C THR L 25 -10.33 40.17 -63.63
N ASN L 26 -9.56 39.83 -64.69
CA ASN L 26 -8.23 40.31 -65.03
C ASN L 26 -7.43 41.13 -64.02
N SER L 27 -6.30 40.58 -63.57
CA SER L 27 -5.30 41.27 -62.75
C SER L 27 -5.78 41.50 -61.31
N ASP L 28 -6.42 40.48 -60.75
CA ASP L 28 -6.81 40.54 -59.35
C ASP L 28 -6.74 39.17 -58.68
N VAL L 29 -7.91 38.66 -58.30
CA VAL L 29 -8.05 37.41 -57.57
C VAL L 29 -7.46 36.20 -58.29
N GLY L 30 -7.35 36.24 -59.61
CA GLY L 30 -6.88 35.06 -60.33
C GLY L 30 -5.62 35.37 -61.10
N THR L 31 -4.99 36.46 -60.70
CA THR L 31 -3.67 36.84 -61.15
C THR L 31 -2.75 37.04 -59.94
N PHE L 32 -3.24 37.81 -58.97
CA PHE L 32 -2.58 38.03 -57.69
C PHE L 32 -3.40 37.40 -56.57
N ASP L 33 -2.77 36.75 -55.60
CA ASP L 33 -3.57 36.07 -54.58
C ASP L 33 -3.77 36.94 -53.32
N LEU L 34 -3.96 38.25 -53.50
CA LEU L 34 -4.22 39.18 -52.39
C LEU L 34 -5.64 39.04 -51.83
N VAL L 35 -6.17 37.82 -51.82
CA VAL L 35 -7.54 37.56 -51.38
C VAL L 35 -7.59 37.44 -49.87
N SER L 36 -8.48 38.21 -49.25
CA SER L 36 -8.74 38.13 -47.81
C SER L 36 -10.21 37.79 -47.57
N TRP L 37 -10.47 37.01 -46.53
CA TRP L 37 -11.81 36.62 -46.13
C TRP L 37 -12.15 37.17 -44.76
N TYR L 38 -13.42 37.55 -44.57
CA TYR L 38 -13.86 38.17 -43.33
C TYR L 38 -15.16 37.54 -42.86
N GLN L 39 -15.27 37.32 -41.55
CA GLN L 39 -16.48 36.81 -40.92
C GLN L 39 -17.11 37.92 -40.10
N GLN L 40 -18.42 38.11 -40.27
CA GLN L 40 -19.16 39.17 -39.61
C GLN L 40 -20.44 38.62 -39.02
N TYR L 41 -20.62 38.80 -37.73
CA TYR L 41 -21.85 38.49 -37.02
C TYR L 41 -22.79 39.70 -37.09
N PRO L 42 -24.11 39.48 -36.99
CA PRO L 42 -25.05 40.60 -37.12
C PRO L 42 -24.78 41.70 -36.10
N GLY L 43 -24.59 42.93 -36.60
CA GLY L 43 -24.32 44.05 -35.72
C GLY L 43 -22.93 44.07 -35.14
N LYS L 44 -22.00 43.32 -35.70
CA LYS L 44 -20.65 43.18 -35.20
C LYS L 44 -19.66 43.61 -36.27
N ALA L 45 -18.44 43.94 -35.82
CA ALA L 45 -17.40 44.32 -36.76
C ALA L 45 -16.84 43.08 -37.45
N PRO L 46 -16.36 43.23 -38.69
CA PRO L 46 -15.77 42.08 -39.38
C PRO L 46 -14.51 41.59 -38.67
N LYS L 47 -14.12 40.37 -39.02
CA LYS L 47 -12.92 39.75 -38.48
C LYS L 47 -12.16 39.08 -39.61
N LEU L 48 -10.88 39.38 -39.73
CA LEU L 48 -10.06 38.75 -40.75
C LEU L 48 -9.80 37.30 -40.37
N ILE L 49 -10.11 36.38 -41.27
CA ILE L 49 -9.98 34.95 -40.98
C ILE L 49 -9.00 34.30 -41.95
N ILE L 50 -8.85 34.88 -43.13
CA ILE L 50 -7.94 34.36 -44.16
C ILE L 50 -7.30 35.55 -44.86
N TYR L 51 -5.96 35.55 -44.93
CA TYR L 51 -5.25 36.52 -45.73
C TYR L 51 -4.25 35.78 -46.61
N GLU L 52 -3.78 36.47 -47.66
CA GLU L 52 -2.88 35.87 -48.65
C GLU L 52 -3.46 34.60 -49.25
N GLY L 53 -4.79 34.52 -49.32
CA GLY L 53 -5.44 33.34 -49.92
C GLY L 53 -5.57 32.11 -49.05
N SER L 54 -4.50 31.72 -48.37
CA SER L 54 -4.50 30.50 -47.57
C SER L 54 -3.92 30.66 -46.17
N ARG L 55 -3.51 31.87 -45.79
CA ARG L 55 -2.89 32.05 -44.49
C ARG L 55 -3.92 32.41 -43.45
N ARG L 56 -3.64 32.02 -42.20
CA ARG L 56 -4.57 32.14 -41.09
C ARG L 56 -3.97 32.98 -39.98
N PRO L 57 -4.65 34.03 -39.54
CA PRO L 57 -4.19 34.80 -38.37
C PRO L 57 -4.20 33.92 -37.13
N SER L 58 -3.36 34.29 -36.18
CA SER L 58 -3.26 33.54 -34.93
C SER L 58 -4.58 33.57 -34.17
N GLY L 59 -5.10 32.39 -33.85
CA GLY L 59 -6.33 32.27 -33.10
C GLY L 59 -7.53 31.79 -33.89
N VAL L 60 -7.44 31.76 -35.20
CA VAL L 60 -8.55 31.30 -36.04
C VAL L 60 -8.46 29.78 -36.20
N SER L 61 -9.63 29.13 -36.16
CA SER L 61 -9.69 27.68 -36.19
C SER L 61 -9.16 27.13 -37.52
N ASP L 62 -8.52 25.95 -37.43
CA ASP L 62 -8.04 25.29 -38.64
C ASP L 62 -9.17 24.86 -39.56
N ARG L 63 -10.42 24.88 -39.07
CA ARG L 63 -11.57 24.52 -39.89
C ARG L 63 -11.77 25.46 -41.07
N PHE L 64 -11.21 26.66 -41.01
CA PHE L 64 -11.22 27.59 -42.14
C PHE L 64 -9.99 27.36 -43.02
N SER L 65 -10.21 27.37 -44.32
CA SER L 65 -9.13 27.15 -45.28
C SER L 65 -9.43 27.91 -46.56
N GLY L 66 -8.36 28.24 -47.29
CA GLY L 66 -8.48 28.95 -48.55
C GLY L 66 -7.81 28.18 -49.67
N SER L 67 -8.35 28.34 -50.88
CA SER L 67 -7.81 27.62 -52.03
C SER L 67 -8.00 28.44 -53.30
N LYS L 68 -7.01 28.35 -54.19
CA LYS L 68 -7.08 28.97 -55.50
C LYS L 68 -7.38 27.92 -56.56
N SER L 69 -8.15 28.34 -57.58
CA SER L 69 -8.38 27.51 -58.75
C SER L 69 -8.86 28.44 -59.87
N GLY L 70 -7.92 28.87 -60.71
CA GLY L 70 -8.30 29.77 -61.78
C GLY L 70 -8.63 31.14 -61.21
N ASN L 71 -9.44 31.88 -61.96
CA ASN L 71 -9.94 33.19 -61.51
C ASN L 71 -10.88 33.10 -60.31
N THR L 72 -10.96 31.99 -59.57
CA THR L 72 -11.78 31.90 -58.39
C THR L 72 -10.93 31.66 -57.15
N ALA L 73 -11.38 32.24 -56.04
CA ALA L 73 -10.89 31.94 -54.71
C ALA L 73 -12.01 31.25 -53.94
N SER L 74 -11.64 30.55 -52.88
CA SER L 74 -12.64 29.75 -52.17
C SER L 74 -12.30 29.68 -50.70
N LEU L 75 -13.34 29.75 -49.87
CA LEU L 75 -13.21 29.59 -48.43
C LEU L 75 -14.01 28.36 -48.03
N THR L 76 -13.34 27.41 -47.39
CA THR L 76 -13.95 26.14 -47.00
C THR L 76 -13.99 26.05 -45.47
N ILE L 77 -15.14 25.68 -44.94
CA ILE L 77 -15.33 25.50 -43.50
C ILE L 77 -15.70 24.04 -43.29
N SER L 78 -14.79 23.28 -42.69
CA SER L 78 -15.02 21.89 -42.38
C SER L 78 -15.51 21.75 -40.94
N GLY L 79 -16.18 20.63 -40.67
CA GLY L 79 -16.75 20.40 -39.35
C GLY L 79 -17.68 21.51 -38.93
N LEU L 80 -18.69 21.80 -39.76
CA LEU L 80 -19.53 22.96 -39.56
C LEU L 80 -20.23 22.92 -38.20
N GLN L 81 -20.22 24.05 -37.50
CA GLN L 81 -20.83 24.17 -36.20
C GLN L 81 -21.89 25.27 -36.23
N ALA L 82 -22.62 25.40 -35.11
CA ALA L 82 -23.62 26.44 -35.00
C ALA L 82 -22.99 27.82 -35.11
N GLU L 83 -22.10 28.17 -34.15
CA GLU L 83 -21.44 29.48 -34.16
C GLU L 83 -20.74 29.87 -35.46
N ASP L 84 -20.69 28.98 -36.45
CA ASP L 84 -20.09 29.34 -37.74
C ASP L 84 -21.04 30.11 -38.65
N GLU L 85 -22.31 30.26 -38.29
CA GLU L 85 -23.28 30.94 -39.15
C GLU L 85 -23.05 32.44 -39.09
N ALA L 86 -22.70 33.04 -40.23
CA ALA L 86 -22.39 34.47 -40.30
C ALA L 86 -22.33 34.87 -41.77
N ASP L 87 -22.09 36.16 -42.00
CA ASP L 87 -21.86 36.69 -43.34
C ASP L 87 -20.37 36.71 -43.63
N TYR L 88 -19.99 36.18 -44.80
CA TYR L 88 -18.59 36.04 -45.19
C TYR L 88 -18.33 36.87 -46.43
N TYR L 89 -17.27 37.68 -46.39
CA TYR L 89 -16.92 38.59 -47.46
C TYR L 89 -15.50 38.31 -47.94
N CYS L 90 -15.31 38.35 -49.26
CA CYS L 90 -13.97 38.34 -49.84
C CYS L 90 -13.58 39.75 -50.27
N SER L 91 -12.26 40.00 -50.31
CA SER L 91 -11.74 41.30 -50.67
C SER L 91 -10.44 41.16 -51.43
N SER L 92 -10.14 42.17 -52.24
CA SER L 92 -8.93 42.19 -53.06
C SER L 92 -8.69 43.62 -53.55
N TYR L 93 -7.76 43.79 -54.49
CA TYR L 93 -7.37 45.10 -55.03
C TYR L 93 -7.20 45.06 -56.55
N ALA L 94 -8.12 45.71 -57.26
CA ALA L 94 -8.05 45.78 -58.72
C ALA L 94 -8.29 47.21 -59.13
N GLY L 95 -7.27 48.05 -58.92
CA GLY L 95 -7.36 49.48 -59.04
C GLY L 95 -7.74 50.16 -57.74
N SER L 96 -8.60 49.52 -56.95
CA SER L 96 -8.90 49.95 -55.59
C SER L 96 -9.28 48.72 -54.79
N VAL L 97 -9.60 48.93 -53.52
CA VAL L 97 -10.03 47.83 -52.66
C VAL L 97 -11.44 47.41 -53.05
N VAL L 98 -11.59 46.15 -53.45
CA VAL L 98 -12.89 45.62 -53.83
C VAL L 98 -13.33 44.62 -52.78
N PHE L 99 -14.64 44.55 -52.58
CA PHE L 99 -15.25 43.60 -51.66
C PHE L 99 -16.27 42.76 -52.41
N GLY L 100 -16.47 41.54 -51.93
CA GLY L 100 -17.53 40.71 -52.46
C GLY L 100 -18.88 41.17 -51.93
N GLY L 101 -19.94 40.64 -52.57
CA GLY L 101 -21.28 41.02 -52.18
C GLY L 101 -21.69 40.52 -50.81
N GLY L 102 -21.01 39.50 -50.30
CA GLY L 102 -21.37 38.92 -49.03
C GLY L 102 -22.16 37.64 -49.18
N THR L 103 -21.74 36.60 -48.46
CA THR L 103 -22.39 35.30 -48.51
C THR L 103 -22.95 34.96 -47.14
N LYS L 104 -24.25 34.73 -47.06
CA LYS L 104 -24.90 34.29 -45.83
C LYS L 104 -24.79 32.78 -45.76
N LEU L 105 -23.99 32.28 -44.83
CA LEU L 105 -23.81 30.84 -44.64
C LEU L 105 -24.68 30.41 -43.47
N THR L 106 -25.59 29.47 -43.71
CA THR L 106 -26.49 28.95 -42.69
C THR L 106 -26.15 27.50 -42.36
N VAL L 107 -26.19 27.17 -41.08
CA VAL L 107 -26.00 25.79 -40.62
C VAL L 107 -27.39 25.23 -40.35
N LEU L 108 -27.83 24.32 -41.22
CA LEU L 108 -29.21 23.85 -41.26
C LEU L 108 -29.64 23.17 -39.97
N GLY L 109 -30.53 23.82 -39.23
CA GLY L 109 -31.13 23.27 -38.03
C GLY L 109 -32.58 22.85 -38.15
N GLN L 110 -33.16 22.83 -39.35
CA GLN L 110 -34.55 22.46 -39.55
C GLN L 110 -34.72 22.00 -41.00
N PRO L 111 -35.84 21.29 -41.32
CA PRO L 111 -35.97 20.66 -42.64
C PRO L 111 -35.91 21.54 -43.88
N LYS L 112 -35.83 22.87 -43.74
CA LYS L 112 -35.61 23.79 -44.85
C LYS L 112 -36.82 23.81 -45.78
N GLY L 113 -37.52 24.93 -45.82
CA GLY L 113 -38.77 25.05 -46.55
C GLY L 113 -38.79 26.18 -47.56
N ALA L 114 -39.54 25.97 -48.65
CA ALA L 114 -39.70 26.99 -49.67
C ALA L 114 -40.67 28.08 -49.20
N PRO L 115 -40.53 29.30 -49.73
CA PRO L 115 -41.35 30.42 -49.23
C PRO L 115 -42.74 30.50 -49.82
N SER L 116 -43.67 30.97 -48.98
CA SER L 116 -45.04 31.31 -49.41
C SER L 116 -45.11 32.79 -49.75
N VAL L 117 -45.67 33.11 -50.91
CA VAL L 117 -45.67 34.46 -51.46
C VAL L 117 -47.12 34.91 -51.68
N THR L 118 -47.47 36.06 -51.12
CA THR L 118 -48.77 36.69 -51.33
C THR L 118 -48.57 38.09 -51.91
N LEU L 119 -49.19 38.35 -53.05
CA LEU L 119 -49.04 39.61 -53.77
C LEU L 119 -50.39 40.33 -53.81
N PHE L 120 -50.42 41.56 -53.30
CA PHE L 120 -51.61 42.39 -53.26
C PHE L 120 -51.53 43.50 -54.30
N PRO L 121 -52.59 43.75 -55.04
CA PRO L 121 -52.61 44.88 -55.98
C PRO L 121 -52.80 46.19 -55.25
N PRO L 122 -52.56 47.32 -55.90
CA PRO L 122 -52.87 48.61 -55.26
C PRO L 122 -54.37 48.75 -55.07
N SER L 123 -54.75 49.23 -53.89
CA SER L 123 -56.16 49.39 -53.57
C SER L 123 -56.77 50.54 -54.36
N SER L 124 -58.10 50.50 -54.51
CA SER L 124 -58.79 51.59 -55.18
C SER L 124 -58.65 52.90 -54.41
N GLU L 125 -58.53 52.83 -53.08
CA GLU L 125 -58.34 54.04 -52.30
C GLU L 125 -56.99 54.69 -52.58
N GLU L 126 -55.93 53.90 -52.67
CA GLU L 126 -54.61 54.47 -52.91
C GLU L 126 -54.51 55.02 -54.32
N LEU L 127 -55.13 54.36 -55.30
CA LEU L 127 -55.10 54.86 -56.67
C LEU L 127 -55.75 56.23 -56.78
N GLN L 128 -56.77 56.50 -55.96
CA GLN L 128 -57.40 57.80 -55.95
C GLN L 128 -56.56 58.86 -55.24
N ALA L 129 -55.60 58.45 -54.42
CA ALA L 129 -54.61 59.36 -53.87
C ALA L 129 -53.44 59.56 -54.83
N ASN L 130 -53.61 59.17 -56.09
CA ASN L 130 -52.58 59.28 -57.13
C ASN L 130 -51.30 58.56 -56.72
N LYS L 131 -51.45 57.39 -56.11
CA LYS L 131 -50.32 56.55 -55.73
C LYS L 131 -50.68 55.10 -56.01
N ALA L 132 -49.64 54.27 -56.16
CA ALA L 132 -49.83 52.86 -56.45
C ALA L 132 -48.69 52.08 -55.82
N THR L 133 -49.03 51.13 -54.94
CA THR L 133 -48.04 50.30 -54.27
C THR L 133 -48.46 48.85 -54.42
N LEU L 134 -47.56 48.02 -54.95
CA LEU L 134 -47.75 46.58 -54.96
C LEU L 134 -47.01 45.99 -53.78
N VAL L 135 -47.69 45.15 -53.01
CA VAL L 135 -47.16 44.58 -51.78
C VAL L 135 -46.92 43.09 -52.02
N CYS L 136 -45.66 42.67 -51.91
CA CYS L 136 -45.28 41.28 -52.08
C CYS L 136 -44.77 40.77 -50.73
N LEU L 137 -45.53 39.88 -50.11
CA LEU L 137 -45.24 39.39 -48.77
C LEU L 137 -44.73 37.95 -48.87
N ILE L 138 -43.57 37.72 -48.26
CA ILE L 138 -42.85 36.45 -48.34
C ILE L 138 -42.69 35.92 -46.93
N SER L 139 -43.00 34.65 -46.71
CA SER L 139 -42.96 34.09 -45.37
C SER L 139 -42.65 32.61 -45.42
N ASP L 140 -42.22 32.10 -44.27
CA ASP L 140 -42.04 30.66 -44.04
C ASP L 140 -40.96 30.06 -44.94
N PHE L 141 -39.82 30.74 -45.04
CA PHE L 141 -38.68 30.21 -45.77
C PHE L 141 -37.48 30.07 -44.85
N TYR L 142 -36.66 29.04 -45.15
CA TYR L 142 -35.48 28.70 -44.40
C TYR L 142 -34.55 28.00 -45.38
N PRO L 143 -33.28 28.42 -45.50
CA PRO L 143 -32.64 29.53 -44.79
C PRO L 143 -33.17 30.90 -45.18
N GLY L 144 -32.77 31.94 -44.44
CA GLY L 144 -33.30 33.27 -44.66
C GLY L 144 -32.56 34.07 -45.71
N ALA L 145 -32.59 33.59 -46.95
CA ALA L 145 -31.98 34.29 -48.08
C ALA L 145 -32.90 34.18 -49.28
N VAL L 146 -33.30 35.32 -49.83
CA VAL L 146 -34.26 35.37 -50.93
C VAL L 146 -33.89 36.53 -51.84
N THR L 147 -34.07 36.35 -53.14
CA THR L 147 -33.86 37.40 -54.13
C THR L 147 -35.21 37.75 -54.74
N VAL L 148 -35.51 39.04 -54.83
CA VAL L 148 -36.78 39.52 -55.33
C VAL L 148 -36.54 40.30 -56.61
N ALA L 149 -37.30 39.97 -57.65
CA ALA L 149 -37.27 40.67 -58.93
C ALA L 149 -38.70 41.00 -59.33
N TRP L 150 -38.91 42.23 -59.79
CA TRP L 150 -40.23 42.67 -60.23
C TRP L 150 -40.30 42.72 -61.75
N LYS L 151 -41.53 42.69 -62.25
CA LYS L 151 -41.78 42.59 -63.68
C LYS L 151 -42.94 43.45 -64.10
N ALA L 152 -42.77 44.20 -65.19
CA ALA L 152 -43.85 44.87 -65.88
C ALA L 152 -44.14 44.06 -67.14
N ASP L 153 -45.28 43.38 -67.16
CA ASP L 153 -45.56 42.34 -68.14
C ASP L 153 -44.46 41.27 -68.07
N SER L 154 -43.52 41.29 -69.02
CA SER L 154 -42.37 40.39 -68.98
C SER L 154 -41.04 41.11 -68.91
N SER L 155 -41.04 42.44 -68.81
CA SER L 155 -39.82 43.23 -68.75
C SER L 155 -39.45 43.54 -67.31
N PRO L 156 -38.16 43.48 -66.97
CA PRO L 156 -37.76 43.72 -65.59
C PRO L 156 -37.99 45.17 -65.20
N VAL L 157 -38.38 45.37 -63.94
CA VAL L 157 -38.60 46.69 -63.38
C VAL L 157 -37.62 46.87 -62.23
N LYS L 158 -36.85 47.96 -62.29
CA LYS L 158 -35.80 48.22 -61.31
C LYS L 158 -36.08 49.41 -60.41
N ALA L 159 -36.76 50.44 -60.92
CA ALA L 159 -37.04 51.63 -60.14
C ALA L 159 -38.23 51.43 -59.20
N GLY L 160 -38.16 52.04 -58.03
CA GLY L 160 -39.24 52.00 -57.06
C GLY L 160 -39.38 50.73 -56.26
N VAL L 161 -38.38 49.85 -56.28
CA VAL L 161 -38.43 48.60 -55.54
C VAL L 161 -37.66 48.76 -54.22
N GLU L 162 -38.26 48.32 -53.12
CA GLU L 162 -37.64 48.32 -51.80
C GLU L 162 -38.02 47.04 -51.06
N THR L 163 -37.00 46.32 -50.62
CA THR L 163 -37.17 45.00 -50.03
C THR L 163 -36.48 44.96 -48.68
N THR L 164 -37.14 44.35 -47.70
CA THR L 164 -36.58 44.23 -46.37
C THR L 164 -35.62 43.04 -46.30
N THR L 165 -34.70 43.12 -45.34
CA THR L 165 -33.91 41.96 -44.98
C THR L 165 -34.76 40.97 -44.18
N PRO L 166 -34.50 39.67 -44.31
CA PRO L 166 -35.34 38.67 -43.63
C PRO L 166 -35.29 38.84 -42.11
N SER L 167 -36.44 38.61 -41.47
CA SER L 167 -36.58 38.64 -40.03
C SER L 167 -37.30 37.38 -39.57
N LYS L 168 -37.07 37.00 -38.33
CA LYS L 168 -37.57 35.74 -37.81
C LYS L 168 -39.00 35.86 -37.30
N GLN L 169 -39.83 34.89 -37.67
CA GLN L 169 -41.19 34.71 -37.21
C GLN L 169 -41.20 33.93 -35.90
N SER L 170 -42.39 33.67 -35.37
CA SER L 170 -42.47 32.94 -34.11
C SER L 170 -42.12 31.46 -34.26
N ASN L 171 -42.20 30.89 -35.47
CA ASN L 171 -41.86 29.49 -35.71
C ASN L 171 -40.39 29.24 -36.03
N ASN L 172 -39.54 30.25 -35.93
CA ASN L 172 -38.10 30.19 -36.19
C ASN L 172 -37.74 30.06 -37.68
N LYS L 173 -38.67 30.37 -38.59
CA LYS L 173 -38.34 30.63 -39.99
C LYS L 173 -38.38 32.14 -40.24
N TYR L 174 -38.13 32.53 -41.50
CA TYR L 174 -37.98 33.94 -41.85
C TYR L 174 -39.13 34.44 -42.71
N ALA L 175 -39.31 35.76 -42.67
CA ALA L 175 -40.31 36.47 -43.45
C ALA L 175 -39.67 37.73 -44.02
N ALA L 176 -40.18 38.18 -45.17
CA ALA L 176 -39.65 39.37 -45.81
C ALA L 176 -40.77 40.05 -46.60
N SER L 177 -40.52 41.29 -47.02
CA SER L 177 -41.49 42.07 -47.76
C SER L 177 -40.79 42.86 -48.85
N SER L 178 -41.50 43.06 -49.96
CA SER L 178 -41.01 43.87 -51.07
C SER L 178 -42.14 44.74 -51.58
N TYR L 179 -41.83 45.99 -51.86
CA TYR L 179 -42.81 46.98 -52.29
C TYR L 179 -42.37 47.58 -53.62
N LEU L 180 -43.31 47.65 -54.56
CA LEU L 180 -43.09 48.31 -55.85
C LEU L 180 -43.99 49.53 -55.92
N SER L 181 -43.38 50.71 -56.09
CA SER L 181 -44.11 51.96 -56.17
C SER L 181 -44.29 52.34 -57.64
N LEU L 182 -45.54 52.62 -58.02
CA LEU L 182 -45.87 52.99 -59.39
C LEU L 182 -46.77 54.21 -59.38
N THR L 183 -46.88 54.83 -60.55
CA THR L 183 -47.95 55.80 -60.73
C THR L 183 -49.22 55.08 -61.16
N PRO L 184 -50.40 55.65 -60.89
CA PRO L 184 -51.64 55.00 -61.34
C PRO L 184 -51.69 54.73 -62.84
N GLU L 185 -51.03 55.56 -63.65
CA GLU L 185 -50.98 55.31 -65.09
C GLU L 185 -50.12 54.10 -65.42
N GLN L 186 -48.92 54.00 -64.82
CA GLN L 186 -48.09 52.83 -65.05
C GLN L 186 -48.83 51.55 -64.65
N TRP L 187 -49.62 51.62 -63.58
CA TRP L 187 -50.40 50.45 -63.17
C TRP L 187 -51.48 50.13 -64.19
N LYS L 188 -52.10 51.15 -64.78
CA LYS L 188 -53.15 50.95 -65.77
C LYS L 188 -52.62 50.84 -67.20
N SER L 189 -51.35 51.14 -67.43
CA SER L 189 -50.81 51.07 -68.79
C SER L 189 -50.31 49.68 -69.14
N HIS L 190 -49.86 48.91 -68.17
CA HIS L 190 -49.33 47.59 -68.43
C HIS L 190 -50.41 46.53 -68.32
N ARG L 191 -50.12 45.36 -68.91
CA ARG L 191 -51.09 44.28 -68.82
C ARG L 191 -51.06 43.60 -67.47
N SER L 192 -49.88 43.46 -66.84
CA SER L 192 -49.78 42.78 -65.56
C SER L 192 -48.42 43.09 -64.94
N TYR L 193 -48.35 42.95 -63.61
CA TYR L 193 -47.10 43.07 -62.87
C TYR L 193 -46.86 41.80 -62.06
N SER L 194 -45.59 41.42 -61.91
CA SER L 194 -45.23 40.16 -61.29
C SER L 194 -44.17 40.37 -60.22
N CYS L 195 -44.28 39.60 -59.13
CA CYS L 195 -43.28 39.55 -58.08
C CYS L 195 -42.65 38.17 -58.07
N GLN L 196 -41.35 38.11 -58.32
CA GLN L 196 -40.60 36.85 -58.34
C GLN L 196 -39.68 36.73 -57.14
N VAL L 197 -39.83 35.63 -56.41
CA VAL L 197 -39.07 35.37 -55.20
C VAL L 197 -38.31 34.06 -55.43
N THR L 198 -36.99 34.13 -55.42
CA THR L 198 -36.14 32.97 -55.68
C THR L 198 -35.47 32.54 -54.38
N HIS L 199 -35.61 31.25 -54.06
CA HIS L 199 -35.11 30.69 -52.81
C HIS L 199 -34.55 29.32 -53.09
N GLU L 200 -33.24 29.16 -52.87
CA GLU L 200 -32.53 27.90 -53.10
C GLU L 200 -32.66 27.45 -54.56
N GLY L 201 -32.49 28.39 -55.48
CA GLY L 201 -32.54 28.10 -56.90
C GLY L 201 -33.93 27.99 -57.50
N SER L 202 -34.96 27.84 -56.66
CA SER L 202 -36.33 27.69 -57.13
C SER L 202 -37.06 29.02 -56.99
N THR L 203 -37.80 29.39 -58.03
CA THR L 203 -38.46 30.68 -58.09
C THR L 203 -39.97 30.50 -57.97
N VAL L 204 -40.59 31.35 -57.15
CA VAL L 204 -42.04 31.42 -57.02
C VAL L 204 -42.47 32.78 -57.55
N GLU L 205 -43.51 32.78 -58.39
CA GLU L 205 -43.98 34.02 -59.01
C GLU L 205 -45.48 34.17 -58.75
N LYS L 206 -45.89 35.41 -58.47
CA LYS L 206 -47.30 35.78 -58.39
C LYS L 206 -47.53 36.98 -59.30
N THR L 207 -48.70 37.03 -59.94
CA THR L 207 -49.01 38.06 -60.91
C THR L 207 -50.35 38.69 -60.62
N VAL L 208 -50.44 40.00 -60.82
CA VAL L 208 -51.67 40.76 -60.69
C VAL L 208 -51.72 41.76 -61.83
N ALA L 209 -52.92 42.18 -62.18
CA ALA L 209 -53.08 43.14 -63.24
C ALA L 209 -54.22 44.09 -62.90
N PRO L 210 -54.26 45.29 -63.49
CA PRO L 210 -55.35 46.25 -63.17
C PRO L 210 -56.77 45.84 -63.57
N THR L 211 -56.96 44.82 -64.40
CA THR L 211 -58.31 44.48 -64.86
C THR L 211 -58.96 43.31 -64.13
N GLU L 212 -58.20 42.38 -63.57
CA GLU L 212 -58.83 41.22 -62.91
C GLU L 212 -58.74 41.34 -61.40
N GLU M 1 27.97 -20.59 23.31
CA GLU M 1 29.30 -20.75 23.87
C GLU M 1 30.23 -21.37 22.81
N VAL M 2 31.11 -20.57 22.23
CA VAL M 2 32.03 -21.08 21.23
C VAL M 2 33.28 -21.57 21.95
N GLN M 3 33.72 -22.77 21.63
CA GLN M 3 34.85 -23.37 22.33
C GLN M 3 35.75 -24.10 21.34
N LEU M 4 37.05 -23.97 21.56
CA LEU M 4 38.07 -24.66 20.78
C LEU M 4 38.93 -25.45 21.77
N VAL M 5 38.67 -26.75 21.86
CA VAL M 5 39.41 -27.63 22.76
C VAL M 5 40.48 -28.35 21.94
N GLN M 6 41.73 -28.17 22.32
CA GLN M 6 42.86 -28.76 21.62
C GLN M 6 43.30 -30.05 22.30
N SER M 7 44.17 -30.79 21.62
CA SER M 7 44.66 -32.06 22.13
C SER M 7 45.70 -31.83 23.22
N GLY M 8 46.20 -32.92 23.78
CA GLY M 8 47.09 -32.83 24.92
C GLY M 8 48.51 -32.43 24.57
N ALA M 9 49.28 -32.18 25.62
CA ALA M 9 50.68 -31.77 25.45
C ALA M 9 51.48 -32.91 24.82
N GLU M 10 52.43 -32.53 23.97
CA GLU M 10 53.22 -33.48 23.20
C GLU M 10 54.69 -33.30 23.57
N VAL M 11 55.41 -34.41 23.74
CA VAL M 11 56.85 -34.37 23.95
C VAL M 11 57.46 -35.30 22.90
N LYS M 12 58.06 -34.71 21.88
CA LYS M 12 58.62 -35.48 20.77
C LYS M 12 60.11 -35.19 20.65
N LYS M 13 60.81 -36.09 19.96
CA LYS M 13 62.25 -36.01 19.69
C LYS M 13 62.48 -35.40 18.32
N PRO M 14 63.62 -34.73 18.12
CA PRO M 14 63.85 -34.04 16.83
C PRO M 14 63.79 -34.99 15.64
N GLY M 15 63.22 -34.50 14.55
CA GLY M 15 63.02 -35.28 13.36
C GLY M 15 61.67 -35.96 13.25
N ALA M 16 60.93 -36.07 14.35
CA ALA M 16 59.64 -36.74 14.33
C ALA M 16 58.56 -35.80 13.82
N SER M 17 57.30 -36.22 13.91
CA SER M 17 56.17 -35.42 13.48
C SER M 17 55.12 -35.38 14.58
N VAL M 18 54.42 -34.25 14.65
CA VAL M 18 53.36 -34.05 15.62
C VAL M 18 52.11 -33.60 14.87
N LYS M 19 50.95 -34.02 15.38
CA LYS M 19 49.67 -33.61 14.81
C LYS M 19 48.74 -33.21 15.94
N VAL M 20 48.29 -31.96 15.93
CA VAL M 20 47.47 -31.39 16.98
C VAL M 20 46.05 -31.24 16.46
N SER M 21 45.08 -31.67 17.25
CA SER M 21 43.67 -31.57 16.89
C SER M 21 43.02 -30.40 17.62
N CYS M 22 41.91 -29.93 17.06
CA CYS M 22 41.20 -28.77 17.58
C CYS M 22 39.71 -29.01 17.33
N LYS M 23 38.99 -29.42 18.37
CA LYS M 23 37.56 -29.71 18.26
C LYS M 23 36.76 -28.45 18.58
N THR M 24 35.92 -28.03 17.65
CA THR M 24 35.11 -26.84 17.80
C THR M 24 33.71 -27.21 18.26
N SER M 25 33.02 -26.23 18.85
CA SER M 25 31.63 -26.39 19.27
C SER M 25 31.05 -25.01 19.48
N GLY M 26 29.73 -24.92 19.31
CA GLY M 26 29.02 -23.68 19.54
C GLY M 26 28.86 -22.78 18.33
N TYR M 27 29.31 -23.22 17.15
CA TYR M 27 29.12 -22.45 15.93
C TYR M 27 29.27 -23.37 14.73
N THR M 28 28.90 -22.87 13.56
CA THR M 28 29.00 -23.64 12.33
C THR M 28 30.46 -23.75 11.93
N PHE M 29 31.01 -24.96 12.05
CA PHE M 29 32.43 -25.19 11.81
C PHE M 29 32.84 -24.74 10.42
N THR M 30 32.02 -25.05 9.41
CA THR M 30 32.35 -24.78 8.01
C THR M 30 32.08 -23.36 7.56
N ALA M 31 31.67 -22.45 8.46
CA ALA M 31 31.31 -21.09 8.06
C ALA M 31 32.39 -20.06 8.34
N TYR M 32 33.45 -20.41 9.07
CA TYR M 32 34.52 -19.49 9.41
C TYR M 32 35.87 -20.14 9.14
N TYR M 33 36.83 -19.31 8.74
CA TYR M 33 38.21 -19.78 8.61
C TYR M 33 38.76 -20.15 9.98
N LEU M 34 39.72 -21.08 9.98
CA LEU M 34 40.37 -21.53 11.20
C LEU M 34 41.88 -21.36 11.06
N HIS M 35 42.47 -20.59 11.98
CA HIS M 35 43.89 -20.27 11.96
C HIS M 35 44.67 -21.16 12.90
N TRP M 36 45.98 -21.23 12.65
CA TRP M 36 46.93 -21.89 13.56
C TRP M 36 48.07 -20.93 13.81
N VAL M 37 48.30 -20.62 15.08
CA VAL M 37 49.34 -19.67 15.50
C VAL M 37 50.11 -20.29 16.64
N ARG M 38 51.43 -20.17 16.60
CA ARG M 38 52.28 -20.69 17.67
C ARG M 38 52.98 -19.53 18.37
N GLN M 39 53.43 -19.81 19.59
CA GLN M 39 54.08 -18.79 20.41
C GLN M 39 55.25 -19.46 21.12
N ALA M 40 56.46 -19.09 20.73
CA ALA M 40 57.64 -19.66 21.37
C ALA M 40 57.75 -19.16 22.80
N PRO M 41 58.31 -19.96 23.72
CA PRO M 41 58.44 -19.53 25.11
C PRO M 41 59.17 -18.20 25.25
N GLY M 42 58.45 -17.17 25.68
CA GLY M 42 59.02 -15.86 25.88
C GLY M 42 59.01 -14.94 24.67
N GLN M 43 58.39 -15.36 23.57
CA GLN M 43 58.31 -14.55 22.36
C GLN M 43 56.86 -14.21 22.04
N GLY M 44 56.66 -13.52 20.93
CA GLY M 44 55.34 -13.13 20.49
C GLY M 44 54.65 -14.21 19.70
N PHE M 45 53.56 -13.82 19.04
CA PHE M 45 52.76 -14.76 18.27
C PHE M 45 53.22 -14.81 16.83
N GLU M 46 53.07 -15.99 16.22
CA GLU M 46 53.55 -16.24 14.87
C GLU M 46 52.49 -17.03 14.12
N TRP M 47 51.88 -16.40 13.11
CA TRP M 47 50.84 -17.04 12.34
C TRP M 47 51.44 -18.07 11.39
N MET M 48 50.86 -19.27 11.37
CA MET M 48 51.37 -20.38 10.57
C MET M 48 50.58 -20.57 9.29
N ALA M 49 49.26 -20.77 9.42
CA ALA M 49 48.41 -21.06 8.27
C ALA M 49 46.96 -20.98 8.71
N TRP M 50 46.06 -20.89 7.73
CA TRP M 50 44.63 -21.07 7.96
C TRP M 50 44.09 -22.08 6.99
N ILE M 51 42.87 -22.56 7.27
CA ILE M 51 42.19 -23.55 6.45
C ILE M 51 40.73 -23.16 6.33
N ASN M 52 40.15 -23.42 5.16
CA ASN M 52 38.72 -23.24 4.94
C ASN M 52 38.02 -24.55 5.24
N PRO M 53 37.33 -24.67 6.38
CA PRO M 53 36.70 -25.96 6.73
C PRO M 53 35.59 -26.36 5.76
N ASN M 54 35.05 -25.41 4.98
CA ASN M 54 34.03 -25.75 4.00
C ASN M 54 34.64 -26.50 2.83
N THR M 55 35.64 -25.89 2.18
CA THR M 55 36.22 -26.43 0.96
C THR M 55 37.48 -27.26 1.20
N GLY M 56 38.18 -27.02 2.29
CA GLY M 56 39.44 -27.69 2.55
C GLY M 56 40.65 -26.97 2.04
N ASP M 57 40.48 -25.82 1.41
CA ASP M 57 41.61 -25.06 0.89
C ASP M 57 42.43 -24.46 2.03
N THR M 58 43.73 -24.33 1.79
CA THR M 58 44.68 -23.92 2.81
C THR M 58 45.52 -22.75 2.31
N ASN M 59 46.23 -22.11 3.26
CA ASN M 59 47.14 -21.01 2.95
C ASN M 59 48.25 -21.03 4.00
N TYR M 60 49.38 -21.65 3.66
CA TYR M 60 50.50 -21.75 4.59
C TYR M 60 51.44 -20.56 4.45
N ALA M 61 52.18 -20.30 5.53
CA ALA M 61 53.20 -19.27 5.52
C ALA M 61 54.48 -19.81 4.89
N GLN M 62 55.17 -18.95 4.14
CA GLN M 62 56.33 -19.38 3.37
C GLN M 62 57.36 -20.11 4.24
N LYS M 63 57.51 -19.66 5.49
CA LYS M 63 58.44 -20.30 6.41
C LYS M 63 58.01 -21.72 6.76
N PHE M 64 56.70 -21.98 6.82
CA PHE M 64 56.20 -23.28 7.18
C PHE M 64 55.71 -24.12 5.99
N GLN M 65 55.52 -23.54 4.81
CA GLN M 65 55.01 -24.31 3.68
C GLN M 65 56.01 -25.38 3.26
N GLY M 66 55.50 -26.59 3.07
CA GLY M 66 56.30 -27.76 2.81
C GLY M 66 56.58 -28.58 4.04
N ARG M 67 56.33 -28.02 5.24
CA ARG M 67 56.58 -28.67 6.50
C ARG M 67 55.35 -28.84 7.39
N VAL M 68 54.29 -28.05 7.17
CA VAL M 68 53.07 -28.13 7.96
C VAL M 68 51.93 -28.49 7.02
N THR M 69 50.99 -29.30 7.52
CA THR M 69 49.83 -29.70 6.74
C THR M 69 48.57 -29.52 7.57
N LEU M 70 47.58 -28.83 6.99
CA LEU M 70 46.30 -28.61 7.65
C LEU M 70 45.22 -29.53 7.07
N SER M 71 44.33 -29.99 7.93
CA SER M 71 43.20 -30.81 7.51
C SER M 71 42.05 -30.59 8.50
N ARG M 72 40.88 -31.11 8.14
CA ARG M 72 39.69 -30.93 8.94
C ARG M 72 38.87 -32.21 8.88
N ASP M 73 37.93 -32.33 9.81
CA ASP M 73 36.93 -33.40 9.77
C ASP M 73 35.58 -32.76 10.10
N THR M 74 34.81 -32.45 9.07
CA THR M 74 33.58 -31.68 9.25
C THR M 74 32.56 -32.45 10.09
N SER M 75 32.59 -33.79 10.03
CA SER M 75 31.62 -34.58 10.76
C SER M 75 31.75 -34.37 12.26
N ILE M 76 32.98 -34.35 12.77
CA ILE M 76 33.24 -34.13 14.19
C ILE M 76 33.68 -32.70 14.48
N THR M 77 33.61 -31.82 13.47
CA THR M 77 33.98 -30.40 13.60
C THR M 77 35.34 -30.24 14.26
N THR M 78 36.31 -31.03 13.78
CA THR M 78 37.67 -31.02 14.31
C THR M 78 38.65 -30.74 13.18
N ALA M 79 39.61 -29.86 13.45
CA ALA M 79 40.68 -29.56 12.52
C ALA M 79 42.01 -30.05 13.09
N TYR M 80 42.93 -30.36 12.19
CA TYR M 80 44.22 -30.92 12.56
C TYR M 80 45.35 -30.10 11.94
N MET M 81 46.46 -30.03 12.66
CA MET M 81 47.68 -29.41 12.16
C MET M 81 48.82 -30.39 12.38
N GLU M 82 49.53 -30.75 11.32
CA GLU M 82 50.62 -31.71 11.41
C GLU M 82 51.91 -31.02 11.01
N LEU M 83 52.91 -31.05 11.90
CA LEU M 83 54.23 -30.51 11.63
C LEU M 83 55.22 -31.65 11.52
N THR M 84 55.99 -31.68 10.44
CA THR M 84 56.97 -32.72 10.19
C THR M 84 58.39 -32.19 10.37
N ARG M 85 59.32 -33.14 10.47
CA ARG M 85 60.76 -32.86 10.64
C ARG M 85 60.99 -31.83 11.73
N LEU M 86 60.56 -32.18 12.94
CA LEU M 86 60.62 -31.24 14.05
C LEU M 86 62.06 -30.94 14.42
N ARG M 87 62.34 -29.66 14.69
CA ARG M 87 63.62 -29.22 15.20
C ARG M 87 63.42 -28.57 16.55
N SER M 88 64.52 -28.36 17.26
CA SER M 88 64.45 -27.84 18.63
C SER M 88 63.81 -26.45 18.71
N ASP M 89 63.91 -25.65 17.64
CA ASP M 89 63.30 -24.33 17.69
C ASP M 89 61.80 -24.35 17.41
N ASP M 90 61.21 -25.53 17.26
CA ASP M 90 59.76 -25.66 17.11
C ASP M 90 59.03 -25.78 18.44
N THR M 91 59.76 -25.77 19.56
CA THR M 91 59.13 -25.80 20.88
C THR M 91 58.33 -24.53 21.09
N ALA M 92 57.02 -24.69 21.31
CA ALA M 92 56.11 -23.57 21.48
C ALA M 92 54.78 -24.12 21.95
N VAL M 93 53.87 -23.22 22.30
CA VAL M 93 52.46 -23.54 22.48
C VAL M 93 51.74 -23.21 21.19
N TYR M 94 51.02 -24.18 20.65
CA TYR M 94 50.33 -24.03 19.38
C TYR M 94 48.85 -23.80 19.62
N TYR M 95 48.31 -22.74 19.02
CA TYR M 95 46.92 -22.34 19.20
C TYR M 95 46.16 -22.47 17.89
N CYS M 96 44.94 -23.00 17.97
CA CYS M 96 43.97 -22.83 16.90
C CYS M 96 43.03 -21.69 17.28
N ALA M 97 42.71 -20.86 16.30
CA ALA M 97 41.86 -19.70 16.52
C ALA M 97 40.92 -19.55 15.34
N LYS M 98 39.64 -19.30 15.65
CA LYS M 98 38.62 -19.11 14.63
C LYS M 98 38.60 -17.67 14.16
N ASP M 99 38.46 -17.49 12.85
CA ASP M 99 38.47 -16.16 12.26
C ASP M 99 37.16 -15.42 12.53
N LEU M 100 37.24 -14.09 12.46
CA LEU M 100 36.09 -13.23 12.75
C LEU M 100 35.10 -13.18 11.60
N THR M 101 35.58 -13.28 10.36
CA THR M 101 34.76 -13.01 9.18
C THR M 101 33.91 -14.23 8.84
N LEU M 102 32.59 -14.04 8.79
CA LEU M 102 31.69 -15.10 8.34
C LEU M 102 31.74 -15.18 6.82
N MET M 103 31.90 -16.40 6.31
CA MET M 103 32.13 -16.61 4.88
C MET M 103 31.05 -17.42 4.19
N TYR M 104 30.15 -18.08 4.92
CA TYR M 104 29.09 -18.87 4.30
C TYR M 104 27.83 -18.80 5.14
N VAL M 105 26.69 -18.74 4.46
CA VAL M 105 25.37 -18.93 5.06
C VAL M 105 24.66 -19.92 4.16
N PHE M 106 24.62 -21.19 4.57
CA PHE M 106 24.36 -22.29 3.63
C PHE M 106 22.91 -22.32 3.17
N ASP M 107 21.96 -22.13 4.09
CA ASP M 107 20.56 -22.36 3.74
C ASP M 107 20.05 -21.32 2.75
N SER M 108 20.62 -20.12 2.75
CA SER M 108 20.29 -19.11 1.76
C SER M 108 21.28 -19.09 0.60
N GLY M 109 22.27 -19.98 0.60
CA GLY M 109 23.24 -20.06 -0.48
C GLY M 109 24.05 -18.80 -0.65
N TRP M 110 24.68 -18.31 0.42
CA TRP M 110 25.50 -17.11 0.36
C TRP M 110 26.95 -17.47 0.67
N ALA M 111 27.86 -16.89 -0.11
CA ALA M 111 29.29 -17.04 0.10
C ALA M 111 29.94 -15.67 -0.05
N ARG M 112 30.81 -15.33 0.89
CA ARG M 112 31.45 -14.02 0.86
C ARG M 112 32.36 -13.90 -0.35
N GLY M 113 32.33 -12.72 -0.99
CA GLY M 113 33.10 -12.53 -2.20
C GLY M 113 34.59 -12.74 -1.99
N ALA M 114 35.13 -12.16 -0.93
CA ALA M 114 36.54 -12.32 -0.59
C ALA M 114 36.66 -12.39 0.92
N HIS M 115 37.76 -12.99 1.38
CA HIS M 115 38.05 -13.06 2.80
C HIS M 115 38.85 -11.84 3.22
N ASP M 116 38.41 -11.19 4.29
CA ASP M 116 39.14 -10.10 4.92
C ASP M 116 39.45 -10.51 6.35
N TYR M 117 40.67 -10.21 6.78
CA TYR M 117 41.14 -10.61 8.11
C TYR M 117 40.86 -9.47 9.08
N TYR M 118 39.94 -9.66 10.01
CA TYR M 118 39.67 -8.65 11.02
C TYR M 118 40.16 -9.02 12.40
N GLY M 119 40.56 -10.27 12.61
CA GLY M 119 41.08 -10.70 13.89
C GLY M 119 40.64 -12.12 14.18
N MET M 120 40.98 -12.62 15.37
CA MET M 120 40.60 -13.97 15.79
C MET M 120 39.91 -13.85 17.14
N ASP M 121 38.61 -14.08 17.16
CA ASP M 121 37.81 -13.79 18.34
C ASP M 121 37.78 -14.92 19.37
N VAL M 122 38.07 -16.16 18.97
CA VAL M 122 38.06 -17.29 19.90
C VAL M 122 39.29 -18.13 19.67
N TRP M 123 40.03 -18.40 20.75
CA TRP M 123 41.26 -19.17 20.71
C TRP M 123 41.10 -20.45 21.50
N GLY M 124 41.91 -21.45 21.16
CA GLY M 124 41.97 -22.67 21.94
C GLY M 124 42.88 -22.52 23.15
N GLN M 125 42.77 -23.48 24.07
CA GLN M 125 43.58 -23.42 25.28
C GLN M 125 45.07 -23.58 24.98
N GLY M 126 45.42 -24.09 23.81
CA GLY M 126 46.81 -24.23 23.43
C GLY M 126 47.33 -25.63 23.66
N THR M 127 48.27 -26.04 22.82
CA THR M 127 48.93 -27.33 22.94
C THR M 127 50.43 -27.11 23.03
N THR M 128 51.03 -27.54 24.14
CA THR M 128 52.45 -27.37 24.37
C THR M 128 53.18 -28.56 23.77
N VAL M 129 54.14 -28.29 22.90
CA VAL M 129 54.97 -29.33 22.30
C VAL M 129 56.44 -29.00 22.58
N ALA M 130 57.11 -29.93 23.26
CA ALA M 130 58.54 -29.79 23.55
C ALA M 130 59.33 -30.78 22.72
N VAL M 131 60.32 -30.28 22.00
CA VAL M 131 61.18 -31.10 21.13
C VAL M 131 62.63 -30.90 21.58
N SER M 132 63.18 -31.90 22.25
CA SER M 132 64.56 -31.88 22.72
C SER M 132 65.26 -33.16 22.29
N GLY M 133 66.52 -33.04 21.89
CA GLY M 133 67.34 -34.19 21.58
C GLY M 133 68.19 -34.70 22.72
N ALA M 134 67.99 -34.19 23.93
CA ALA M 134 68.77 -34.58 25.09
C ALA M 134 68.15 -35.80 25.75
N SER M 135 68.99 -36.59 26.42
CA SER M 135 68.54 -37.73 27.20
C SER M 135 68.60 -37.38 28.68
N THR M 136 68.89 -38.36 29.53
CA THR M 136 68.82 -38.16 30.98
C THR M 136 70.24 -38.06 31.53
N LYS M 137 70.62 -36.86 31.97
CA LYS M 137 71.96 -36.58 32.42
C LYS M 137 71.92 -35.91 33.79
N GLY M 138 72.75 -36.38 34.71
CA GLY M 138 72.90 -35.77 36.00
C GLY M 138 73.71 -34.49 35.93
N PRO M 139 73.55 -33.63 36.91
CA PRO M 139 74.22 -32.32 36.87
C PRO M 139 75.65 -32.37 37.39
N SER M 140 76.44 -31.40 36.93
CA SER M 140 77.75 -31.11 37.50
C SER M 140 77.60 -29.90 38.41
N VAL M 141 78.11 -30.01 39.64
CA VAL M 141 77.93 -28.99 40.66
C VAL M 141 79.29 -28.36 40.95
N PHE M 142 79.36 -27.04 40.84
CA PHE M 142 80.58 -26.31 41.12
C PHE M 142 80.33 -25.24 42.18
N PRO M 143 81.28 -25.01 43.08
CA PRO M 143 81.06 -24.00 44.13
C PRO M 143 81.30 -22.59 43.62
N LEU M 144 80.47 -21.66 44.09
CA LEU M 144 80.65 -20.24 43.84
C LEU M 144 81.19 -19.65 45.13
N ALA M 145 82.50 -19.47 45.21
CA ALA M 145 83.12 -19.08 46.46
C ALA M 145 82.68 -17.68 46.85
N PRO M 146 82.47 -17.41 48.13
CA PRO M 146 82.12 -16.06 48.54
C PRO M 146 83.32 -15.14 48.32
N SER M 147 83.03 -13.84 48.23
CA SER M 147 84.07 -12.86 47.98
C SER M 147 84.95 -12.69 49.21
N SER M 148 86.26 -12.56 48.98
CA SER M 148 87.22 -12.35 50.05
C SER M 148 87.03 -10.99 50.71
N LYS M 149 86.49 -9.99 49.99
CA LYS M 149 86.24 -8.69 50.60
C LYS M 149 85.21 -8.81 51.71
N SER M 150 85.48 -8.16 52.82
CA SER M 150 84.60 -8.28 53.97
C SER M 150 84.38 -6.93 54.61
N THR M 151 83.15 -6.66 55.03
CA THR M 151 82.85 -5.50 55.83
C THR M 151 82.63 -6.00 57.25
N SER M 152 82.76 -5.12 58.23
CA SER M 152 82.49 -5.50 59.62
C SER M 152 81.00 -5.33 59.85
N GLY M 153 80.28 -6.44 59.97
CA GLY M 153 78.84 -6.36 60.06
C GLY M 153 78.12 -6.85 58.82
N GLY M 154 78.60 -6.43 57.64
CA GLY M 154 77.94 -6.74 56.37
C GLY M 154 77.79 -8.21 56.03
N THR M 155 77.44 -8.51 54.78
CA THR M 155 77.05 -9.85 54.38
C THR M 155 77.93 -10.34 53.23
N ALA M 156 77.95 -11.66 53.05
CA ALA M 156 78.63 -12.29 51.93
C ALA M 156 77.67 -13.17 51.16
N ALA M 157 78.01 -13.45 49.91
CA ALA M 157 77.17 -14.24 49.01
C ALA M 157 77.97 -15.40 48.45
N LEU M 158 77.58 -16.63 48.79
CA LEU M 158 78.18 -17.83 48.26
C LEU M 158 77.07 -18.73 47.72
N GLY M 159 77.42 -19.58 46.75
CA GLY M 159 76.39 -20.39 46.13
C GLY M 159 76.92 -21.61 45.42
N CYS M 160 76.01 -22.26 44.69
CA CYS M 160 76.32 -23.46 43.91
C CYS M 160 75.77 -23.32 42.50
N LEU M 161 76.57 -23.74 41.53
CA LEU M 161 76.20 -23.73 40.12
C LEU M 161 75.89 -25.17 39.72
N VAL M 162 74.62 -25.44 39.41
CA VAL M 162 74.16 -26.77 39.03
C VAL M 162 74.09 -26.78 37.51
N LYS M 163 75.08 -27.39 36.86
CA LYS M 163 75.29 -27.28 35.43
C LYS M 163 74.87 -28.53 34.68
N ASP M 164 74.27 -28.32 33.50
CA ASP M 164 74.02 -29.35 32.50
C ASP M 164 73.31 -30.58 33.04
N TYR M 165 72.00 -30.47 33.26
CA TYR M 165 71.18 -31.60 33.65
C TYR M 165 69.93 -31.66 32.79
N PHE M 166 69.31 -32.84 32.75
CA PHE M 166 68.08 -33.02 31.99
C PHE M 166 67.38 -34.27 32.51
N PRO M 167 66.05 -34.22 32.71
CA PRO M 167 65.29 -32.98 32.54
C PRO M 167 65.09 -32.24 33.86
N GLU M 168 64.24 -31.22 33.83
CA GLU M 168 63.84 -30.54 35.05
C GLU M 168 63.03 -31.48 35.93
N PRO M 169 63.03 -31.27 37.26
CA PRO M 169 63.71 -30.25 38.07
C PRO M 169 64.91 -30.78 38.85
N VAL M 170 65.61 -29.88 39.55
CA VAL M 170 66.66 -30.25 40.49
C VAL M 170 66.34 -29.58 41.82
N THR M 171 66.62 -30.27 42.92
CA THR M 171 66.39 -29.74 44.26
C THR M 171 67.71 -29.31 44.88
N VAL M 172 67.71 -28.13 45.49
CA VAL M 172 68.89 -27.59 46.15
C VAL M 172 68.54 -27.25 47.59
N SER M 173 69.32 -27.78 48.53
CA SER M 173 69.20 -27.43 49.94
C SER M 173 70.59 -27.09 50.47
N TRP M 174 70.62 -26.36 51.57
CA TRP M 174 71.86 -25.92 52.19
C TRP M 174 71.95 -26.48 53.60
N ASN M 175 73.06 -27.17 53.88
CA ASN M 175 73.31 -27.80 55.18
C ASN M 175 72.15 -28.71 55.58
N SER M 176 71.73 -29.54 54.62
CA SER M 176 70.69 -30.56 54.83
C SER M 176 69.39 -29.91 55.29
N GLY M 177 69.10 -28.72 54.76
CA GLY M 177 67.87 -28.02 55.10
C GLY M 177 67.93 -27.20 56.37
N ALA M 178 69.02 -27.26 57.13
CA ALA M 178 69.16 -26.46 58.33
C ALA M 178 69.36 -24.99 58.03
N LEU M 179 69.69 -24.64 56.78
CA LEU M 179 69.92 -23.26 56.37
C LEU M 179 68.85 -22.88 55.36
N THR M 180 67.92 -22.02 55.78
CA THR M 180 66.85 -21.53 54.92
C THR M 180 66.84 -20.02 54.74
N SER M 181 67.29 -19.27 55.75
CA SER M 181 67.33 -17.81 55.66
C SER M 181 68.38 -17.37 54.64
N GLY M 182 68.00 -16.44 53.77
CA GLY M 182 68.92 -15.89 52.78
C GLY M 182 69.13 -16.77 51.57
N VAL M 183 68.38 -17.88 51.47
CA VAL M 183 68.49 -18.87 50.39
C VAL M 183 67.63 -18.39 49.22
N HIS M 184 68.24 -18.25 48.03
CA HIS M 184 67.56 -17.72 46.84
C HIS M 184 68.03 -18.56 45.66
N THR M 185 67.20 -19.53 45.26
CA THR M 185 67.50 -20.42 44.14
C THR M 185 66.84 -19.91 42.88
N PHE M 186 67.65 -19.63 41.87
CA PHE M 186 67.16 -19.01 40.65
C PHE M 186 66.61 -20.07 39.67
N PRO M 187 65.58 -19.72 38.91
CA PRO M 187 65.06 -20.65 37.90
C PRO M 187 66.13 -21.00 36.87
N ALA M 188 66.05 -22.24 36.38
CA ALA M 188 67.06 -22.74 35.47
C ALA M 188 66.99 -22.04 34.11
N VAL M 189 68.08 -22.15 33.36
CA VAL M 189 68.15 -21.65 32.00
C VAL M 189 68.30 -22.84 31.06
N LEU M 190 67.56 -22.82 29.95
CA LEU M 190 67.62 -23.87 28.95
C LEU M 190 68.64 -23.45 27.89
N GLN M 191 69.73 -24.19 27.80
CA GLN M 191 70.82 -23.87 26.89
C GLN M 191 70.53 -24.40 25.48
N SER M 192 71.39 -24.00 24.54
CA SER M 192 71.25 -24.44 23.16
C SER M 192 71.44 -25.94 23.02
N SER M 193 72.21 -26.56 23.92
CA SER M 193 72.42 -27.99 23.86
C SER M 193 71.22 -28.80 24.35
N GLY M 194 70.23 -28.15 24.95
CA GLY M 194 69.09 -28.86 25.50
C GLY M 194 69.19 -29.15 26.98
N LEU M 195 70.32 -28.84 27.61
CA LEU M 195 70.48 -29.06 29.04
C LEU M 195 70.14 -27.80 29.83
N TYR M 196 69.76 -28.01 31.09
CA TYR M 196 69.40 -26.92 31.98
C TYR M 196 70.55 -26.61 32.92
N SER M 197 70.52 -25.40 33.47
CA SER M 197 71.51 -24.96 34.45
C SER M 197 70.89 -23.90 35.34
N LEU M 198 71.14 -24.00 36.64
CA LEU M 198 70.68 -23.00 37.58
C LEU M 198 71.75 -22.72 38.63
N SER M 199 71.49 -21.67 39.41
CA SER M 199 72.36 -21.27 40.50
C SER M 199 71.52 -21.06 41.75
N SER M 200 72.09 -21.41 42.90
CA SER M 200 71.44 -21.25 44.19
C SER M 200 72.38 -20.48 45.09
N VAL M 201 71.91 -19.36 45.63
CA VAL M 201 72.75 -18.45 46.41
C VAL M 201 72.17 -18.30 47.81
N VAL M 202 73.04 -18.30 48.80
CA VAL M 202 72.68 -18.02 50.18
C VAL M 202 73.52 -16.85 50.68
N THR M 203 72.89 -15.95 51.42
CA THR M 203 73.55 -14.79 52.00
C THR M 203 73.92 -15.11 53.44
N VAL M 204 75.19 -14.91 53.78
CA VAL M 204 75.71 -15.35 55.08
C VAL M 204 76.41 -14.18 55.75
N PRO M 205 76.51 -14.22 57.09
CA PRO M 205 77.33 -13.22 57.79
C PRO M 205 78.80 -13.40 57.45
N SER M 206 79.50 -12.27 57.29
CA SER M 206 80.91 -12.34 56.92
C SER M 206 81.75 -12.94 58.04
N SER M 207 81.32 -12.80 59.29
CA SER M 207 82.07 -13.33 60.42
C SER M 207 82.07 -14.85 60.43
N SER M 208 81.02 -15.47 59.88
CA SER M 208 80.86 -16.92 59.89
C SER M 208 81.55 -17.61 58.72
N LEU M 209 82.18 -16.86 57.81
CA LEU M 209 82.79 -17.48 56.64
C LEU M 209 83.92 -18.42 57.02
N GLY M 210 84.75 -18.03 57.99
CA GLY M 210 85.86 -18.85 58.42
C GLY M 210 85.55 -19.84 59.52
N THR M 211 84.30 -19.91 59.99
CA THR M 211 83.93 -20.80 61.08
C THR M 211 82.80 -21.74 60.71
N GLN M 212 81.70 -21.23 60.15
CA GLN M 212 80.56 -22.08 59.82
C GLN M 212 80.78 -22.73 58.46
N THR M 213 80.52 -24.03 58.38
CA THR M 213 80.59 -24.77 57.12
C THR M 213 79.27 -24.70 56.35
N TYR M 214 79.39 -24.48 55.05
CA TYR M 214 78.23 -24.37 54.17
C TYR M 214 78.35 -25.44 53.09
N ILE M 215 77.36 -26.33 53.04
CA ILE M 215 77.32 -27.44 52.09
C ILE M 215 75.99 -27.41 51.38
N CYS M 216 76.03 -27.42 50.04
CA CYS M 216 74.83 -27.42 49.22
C CYS M 216 74.53 -28.84 48.74
N ASN M 217 73.28 -29.27 48.92
CA ASN M 217 72.87 -30.63 48.61
C ASN M 217 72.03 -30.59 47.34
N VAL M 218 72.55 -31.15 46.26
CA VAL M 218 71.87 -31.17 44.97
C VAL M 218 71.27 -32.55 44.76
N ASN M 219 70.01 -32.60 44.34
CA ASN M 219 69.30 -33.85 44.12
C ASN M 219 68.56 -33.76 42.79
N HIS M 220 68.92 -34.66 41.87
CA HIS M 220 68.27 -34.75 40.55
C HIS M 220 67.62 -36.13 40.47
N LYS M 221 66.32 -36.18 40.71
CA LYS M 221 65.58 -37.43 40.78
C LYS M 221 65.44 -38.13 39.42
N PRO M 222 65.30 -37.40 38.29
CA PRO M 222 65.25 -38.12 37.00
C PRO M 222 66.45 -39.01 36.72
N SER M 223 67.65 -38.59 37.11
CA SER M 223 68.84 -39.40 36.95
C SER M 223 69.26 -40.09 38.24
N ASN M 224 68.56 -39.80 39.33
CA ASN M 224 68.88 -40.36 40.66
C ASN M 224 70.34 -40.09 41.02
N THR M 225 70.72 -38.82 40.92
CA THR M 225 72.04 -38.34 41.26
C THR M 225 71.95 -37.42 42.47
N LYS M 226 72.80 -37.66 43.47
CA LYS M 226 72.89 -36.81 44.65
C LYS M 226 74.30 -36.27 44.76
N VAL M 227 74.42 -34.96 44.96
CA VAL M 227 75.71 -34.30 45.12
C VAL M 227 75.65 -33.41 46.35
N ASP M 228 76.63 -33.56 47.23
CA ASP M 228 76.85 -32.67 48.37
C ASP M 228 78.22 -32.04 48.14
N LYS M 229 78.23 -30.78 47.70
CA LYS M 229 79.45 -30.07 47.38
C LYS M 229 79.69 -29.03 48.46
N ARG M 230 80.92 -28.96 48.98
CA ARG M 230 81.28 -28.01 50.02
C ARG M 230 81.78 -26.71 49.39
N VAL M 231 81.26 -25.59 49.86
CA VAL M 231 81.59 -24.27 49.34
C VAL M 231 82.37 -23.53 50.41
N GLU M 232 83.63 -23.21 50.12
CA GLU M 232 84.53 -22.55 51.06
C GLU M 232 85.11 -21.31 50.41
N PRO M 233 85.62 -20.37 51.21
CA PRO M 233 86.27 -19.18 50.64
C PRO M 233 87.47 -19.57 49.79
N LYS M 234 87.72 -18.76 48.75
CA LYS M 234 88.80 -19.03 47.82
C LYS M 234 90.15 -18.98 48.53
N SER M 235 91.15 -19.59 47.90
CA SER M 235 92.50 -19.73 48.46
C SER M 235 93.08 -18.39 48.92
N PRO N 1 54.39 -10.34 5.58
CA PRO N 1 55.31 -10.74 6.65
C PRO N 1 56.17 -9.59 7.14
N SER N 2 55.65 -8.36 7.04
CA SER N 2 56.43 -7.18 7.44
C SER N 2 56.60 -7.08 8.94
N ALA N 3 55.72 -7.71 9.72
CA ALA N 3 55.76 -7.73 11.18
C ALA N 3 55.49 -6.34 11.74
N LEU N 4 55.04 -6.27 13.00
CA LEU N 4 54.77 -5.00 13.65
C LEU N 4 55.60 -4.89 14.93
N THR N 5 56.08 -3.67 15.20
CA THR N 5 56.89 -3.40 16.38
C THR N 5 56.11 -2.53 17.35
N GLN N 6 56.11 -2.93 18.61
CA GLN N 6 55.51 -2.21 19.73
C GLN N 6 56.51 -2.15 20.87
N PRO N 7 56.33 -1.22 21.80
CA PRO N 7 57.26 -1.15 22.95
C PRO N 7 57.21 -2.42 23.79
N ALA N 8 58.39 -2.81 24.29
CA ALA N 8 58.52 -4.05 25.06
C ALA N 8 57.75 -3.97 26.38
N SER N 9 57.72 -2.81 27.02
CA SER N 9 57.13 -2.70 28.34
C SER N 9 56.53 -1.31 28.52
N VAL N 10 55.43 -1.25 29.25
CA VAL N 10 54.82 0.01 29.68
C VAL N 10 54.35 -0.20 31.11
N SER N 11 54.26 0.89 31.86
CA SER N 11 53.86 0.81 33.26
C SER N 11 53.04 2.03 33.62
N GLY N 12 52.21 1.88 34.64
CA GLY N 12 51.39 2.97 35.13
C GLY N 12 50.81 2.62 36.48
N SER N 13 50.31 3.64 37.15
CA SER N 13 49.72 3.50 38.46
C SER N 13 48.22 3.28 38.34
N PRO N 14 47.60 2.69 39.37
CA PRO N 14 46.14 2.49 39.34
C PRO N 14 45.40 3.82 39.18
N GLY N 15 44.47 3.85 38.23
CA GLY N 15 43.66 5.02 37.97
C GLY N 15 44.17 5.91 36.85
N GLN N 16 45.37 5.68 36.34
CA GLN N 16 45.94 6.50 35.28
C GLN N 16 45.67 5.84 33.93
N SER N 17 46.26 6.40 32.88
CA SER N 17 46.05 5.90 31.53
C SER N 17 47.39 5.61 30.88
N VAL N 18 47.46 4.50 30.14
CA VAL N 18 48.64 4.08 29.42
C VAL N 18 48.26 3.88 27.96
N THR N 19 49.23 4.08 27.08
CA THR N 19 49.03 3.89 25.65
C THR N 19 50.10 2.97 25.09
N ILE N 20 49.67 1.98 24.33
CA ILE N 20 50.58 1.02 23.68
C ILE N 20 50.50 1.25 22.18
N SER N 21 51.62 1.67 21.59
CA SER N 21 51.69 1.95 20.17
C SER N 21 51.99 0.68 19.39
N CYS N 22 51.75 0.74 18.07
CA CYS N 22 51.94 -0.41 17.20
C CYS N 22 52.21 0.14 15.79
N THR N 23 53.48 0.21 15.42
CA THR N 23 53.92 0.84 14.19
C THR N 23 54.49 -0.18 13.22
N GLY N 24 54.27 0.07 11.93
CA GLY N 24 54.79 -0.79 10.87
C GLY N 24 55.52 -0.05 9.78
N THR N 25 55.07 -0.29 8.54
CA THR N 25 55.64 0.29 7.32
C THR N 25 54.47 0.74 6.46
N ASN N 26 54.42 0.32 5.20
CA ASN N 26 53.32 0.70 4.31
C ASN N 26 52.62 -0.55 3.84
N SER N 27 51.28 -0.47 3.75
CA SER N 27 50.41 -1.59 3.38
C SER N 27 50.24 -2.57 4.54
N ASP N 28 50.44 -2.09 5.78
CA ASP N 28 50.22 -2.88 6.99
C ASP N 28 49.30 -2.09 7.91
N VAL N 29 49.77 -1.75 9.11
CA VAL N 29 48.95 -1.00 10.06
C VAL N 29 48.49 0.31 9.44
N GLY N 30 49.15 0.79 8.37
CA GLY N 30 48.77 2.05 7.76
C GLY N 30 48.34 2.02 6.31
N THR N 31 47.39 1.13 5.97
CA THR N 31 46.60 1.26 4.74
C THR N 31 45.15 0.91 5.06
N PHE N 32 44.99 -0.29 5.58
CA PHE N 32 43.76 -0.86 6.09
C PHE N 32 43.87 -0.95 7.60
N ASP N 33 42.78 -0.67 8.30
CA ASP N 33 42.79 -0.57 9.76
C ASP N 33 42.57 -1.90 10.44
N LEU N 34 42.80 -3.01 9.74
CA LEU N 34 42.75 -4.37 10.29
C LEU N 34 43.50 -4.55 11.60
N VAL N 35 43.54 -3.53 12.45
CA VAL N 35 44.29 -3.64 13.69
C VAL N 35 43.43 -4.35 14.71
N SER N 36 43.97 -5.42 15.28
CA SER N 36 43.32 -6.15 16.35
C SER N 36 44.25 -6.15 17.55
N TRP N 37 43.67 -6.03 18.74
CA TRP N 37 44.44 -6.05 19.97
C TRP N 37 44.02 -7.25 20.80
N TYR N 38 44.98 -7.86 21.48
CA TYR N 38 44.74 -9.06 22.27
C TYR N 38 45.39 -8.91 23.63
N GLN N 39 44.68 -9.35 24.65
CA GLN N 39 45.21 -9.39 26.01
C GLN N 39 45.45 -10.84 26.37
N GLN N 40 46.64 -11.12 26.92
CA GLN N 40 47.03 -12.47 27.25
C GLN N 40 47.59 -12.49 28.66
N TYR N 41 46.97 -13.28 29.53
CA TYR N 41 47.47 -13.50 30.87
C TYR N 41 48.50 -14.62 30.84
N PRO N 42 49.43 -14.65 31.80
CA PRO N 42 50.51 -15.65 31.76
C PRO N 42 49.99 -17.08 31.70
N GLY N 43 50.42 -17.80 30.67
CA GLY N 43 50.03 -19.18 30.48
C GLY N 43 48.61 -19.40 30.01
N LYS N 44 47.95 -18.37 29.50
CA LYS N 44 46.55 -18.47 29.10
C LYS N 44 46.40 -18.06 27.63
N ALA N 45 45.26 -18.43 27.05
CA ALA N 45 44.99 -18.10 25.66
C ALA N 45 44.66 -16.61 25.51
N PRO N 46 44.97 -16.02 24.36
CA PRO N 46 44.67 -14.60 24.13
C PRO N 46 43.17 -14.33 24.11
N LYS N 47 42.84 -13.04 24.23
CA LYS N 47 41.46 -12.57 24.17
C LYS N 47 41.38 -11.33 23.29
N LEU N 48 40.46 -11.34 22.33
CA LEU N 48 40.27 -10.19 21.46
C LEU N 48 39.59 -9.06 22.24
N ILE N 49 40.19 -7.88 22.23
CA ILE N 49 39.66 -6.76 23.00
C ILE N 49 39.31 -5.61 22.08
N ILE N 50 40.00 -5.52 20.93
CA ILE N 50 39.79 -4.46 19.96
C ILE N 50 39.92 -5.07 18.56
N TYR N 51 38.91 -4.83 17.72
CA TYR N 51 38.98 -5.19 16.31
C TYR N 51 38.57 -3.99 15.49
N GLU N 52 38.90 -4.04 14.20
CA GLU N 52 38.66 -2.92 13.28
C GLU N 52 39.29 -1.63 13.80
N GLY N 53 40.35 -1.76 14.58
CA GLY N 53 41.02 -0.59 15.13
C GLY N 53 40.43 0.08 16.35
N SER N 54 39.11 0.28 16.37
CA SER N 54 38.47 1.01 17.45
C SER N 54 37.24 0.33 18.03
N ARG N 55 36.88 -0.87 17.57
CA ARG N 55 35.66 -1.51 18.03
C ARG N 55 35.95 -2.44 19.20
N ARG N 56 34.95 -2.60 20.07
CA ARG N 56 35.11 -3.42 21.26
C ARG N 56 34.11 -4.56 21.20
N PRO N 57 34.55 -5.81 21.32
CA PRO N 57 33.61 -6.93 21.39
C PRO N 57 32.73 -6.83 22.63
N SER N 58 31.56 -7.45 22.56
CA SER N 58 30.61 -7.39 23.67
C SER N 58 31.22 -7.98 24.93
N GLY N 59 31.28 -7.20 25.99
CA GLY N 59 31.85 -7.73 27.20
C GLY N 59 33.18 -7.14 27.57
N VAL N 60 33.83 -6.44 26.64
CA VAL N 60 35.12 -5.80 26.88
C VAL N 60 34.89 -4.42 27.47
N SER N 61 35.70 -4.07 28.47
CA SER N 61 35.48 -2.83 29.21
C SER N 61 35.65 -1.62 28.31
N ASP N 62 34.83 -0.59 28.56
CA ASP N 62 34.94 0.66 27.83
C ASP N 62 36.25 1.38 28.11
N ARG N 63 37.00 0.97 29.14
CA ARG N 63 38.29 1.57 29.44
C ARG N 63 39.31 1.33 28.34
N PHE N 64 39.11 0.30 27.52
CA PHE N 64 39.98 0.02 26.38
C PHE N 64 39.46 0.79 25.16
N SER N 65 40.40 1.39 24.41
CA SER N 65 40.05 2.18 23.25
C SER N 65 41.20 2.10 22.23
N GLY N 66 40.85 2.31 20.97
CA GLY N 66 41.81 2.28 19.89
C GLY N 66 41.81 3.59 19.12
N SER N 67 42.98 3.94 18.59
CA SER N 67 43.14 5.21 17.89
C SER N 67 44.18 5.05 16.78
N LYS N 68 43.94 5.76 15.68
CA LYS N 68 44.84 5.75 14.54
C LYS N 68 45.69 7.02 14.49
N SER N 69 46.99 6.84 14.27
CA SER N 69 47.91 7.96 14.04
C SER N 69 48.77 7.64 12.80
N GLY N 70 48.14 7.66 11.63
CA GLY N 70 48.85 7.43 10.39
C GLY N 70 49.43 6.03 10.35
N ASN N 71 50.76 5.94 10.16
CA ASN N 71 51.49 4.67 10.19
C ASN N 71 51.47 4.04 11.55
N THR N 72 50.74 4.52 12.55
CA THR N 72 50.72 3.87 13.84
C THR N 72 49.30 3.57 14.31
N ALA N 73 49.16 2.51 15.10
CA ALA N 73 47.94 2.28 15.85
C ALA N 73 48.25 2.46 17.32
N SER N 74 47.20 2.51 18.14
CA SER N 74 47.39 2.77 19.56
C SER N 74 46.27 2.12 20.35
N LEU N 75 46.63 1.54 21.50
CA LEU N 75 45.67 0.97 22.43
C LEU N 75 45.80 1.73 23.74
N THR N 76 44.70 2.32 24.20
CA THR N 76 44.68 3.11 25.41
C THR N 76 43.81 2.43 26.45
N ILE N 77 44.34 2.31 27.67
CA ILE N 77 43.62 1.76 28.80
C ILE N 77 43.53 2.85 29.86
N SER N 78 42.33 3.38 30.07
CA SER N 78 42.10 4.40 31.08
C SER N 78 41.58 3.75 32.36
N GLY N 79 41.71 4.49 33.46
CA GLY N 79 41.30 3.98 34.76
C GLY N 79 41.96 2.66 35.09
N LEU N 80 43.29 2.64 35.07
CA LEU N 80 44.05 1.41 35.19
C LEU N 80 43.73 0.70 36.51
N GLN N 81 43.54 -0.61 36.44
CA GLN N 81 43.19 -1.42 37.59
C GLN N 81 44.26 -2.48 37.85
N ALA N 82 44.14 -3.13 39.01
CA ALA N 82 45.05 -4.19 39.45
C ALA N 82 45.01 -5.45 38.59
N GLU N 83 44.20 -5.48 37.53
CA GLU N 83 44.06 -6.67 36.70
C GLU N 83 44.33 -6.42 35.23
N ASP N 84 44.64 -5.19 34.84
CA ASP N 84 44.98 -4.88 33.46
C ASP N 84 46.40 -5.31 33.11
N GLU N 85 47.15 -5.82 34.08
CA GLU N 85 48.52 -6.27 33.87
C GLU N 85 48.52 -7.57 33.06
N ALA N 86 49.07 -7.50 31.86
CA ALA N 86 49.15 -8.64 30.94
C ALA N 86 50.06 -8.23 29.79
N ASP N 87 50.28 -9.17 28.87
CA ASP N 87 50.98 -8.88 27.62
C ASP N 87 49.94 -8.58 26.55
N TYR N 88 50.15 -7.49 25.82
CA TYR N 88 49.19 -7.00 24.84
C TYR N 88 49.82 -7.05 23.45
N TYR N 89 49.10 -7.62 22.49
CA TYR N 89 49.59 -7.81 21.13
C TYR N 89 48.65 -7.13 20.14
N CYS N 90 49.23 -6.47 19.15
CA CYS N 90 48.49 -5.99 17.99
C CYS N 90 48.72 -6.93 16.82
N SER N 91 47.75 -6.96 15.90
CA SER N 91 47.83 -7.82 14.73
C SER N 91 47.21 -7.11 13.54
N SER N 92 47.65 -7.51 12.35
CA SER N 92 47.19 -6.90 11.11
C SER N 92 47.52 -7.85 9.96
N TYR N 93 47.42 -7.33 8.73
CA TYR N 93 47.68 -8.12 7.53
C TYR N 93 48.55 -7.30 6.59
N ALA N 94 49.76 -7.81 6.31
CA ALA N 94 50.70 -7.18 5.39
C ALA N 94 51.27 -8.29 4.49
N GLY N 95 50.43 -8.81 3.60
CA GLY N 95 50.76 -9.99 2.84
C GLY N 95 50.36 -11.29 3.53
N SER N 96 50.42 -11.31 4.86
CA SER N 96 49.90 -12.40 5.66
C SER N 96 49.48 -11.82 7.01
N VAL N 97 48.97 -12.70 7.88
CA VAL N 97 48.60 -12.27 9.22
C VAL N 97 49.87 -12.03 10.02
N VAL N 98 50.07 -10.78 10.45
CA VAL N 98 51.25 -10.39 11.22
C VAL N 98 50.82 -10.06 12.64
N PHE N 99 51.72 -10.32 13.58
CA PHE N 99 51.51 -10.02 14.99
C PHE N 99 52.60 -9.07 15.48
N GLY N 100 52.25 -8.27 16.48
CA GLY N 100 53.24 -7.43 17.11
C GLY N 100 54.13 -8.22 18.04
N GLY N 101 55.22 -7.58 18.47
CA GLY N 101 56.17 -8.25 19.34
C GLY N 101 55.63 -8.53 20.73
N GLY N 102 54.60 -7.80 21.15
CA GLY N 102 54.07 -7.96 22.48
C GLY N 102 54.57 -6.91 23.45
N THR N 103 53.66 -6.30 24.19
CA THR N 103 54.00 -5.27 25.16
C THR N 103 53.56 -5.75 26.54
N LYS N 104 54.51 -5.83 27.47
CA LYS N 104 54.21 -6.22 28.84
C LYS N 104 53.79 -4.97 29.63
N LEU N 105 52.53 -4.94 30.03
CA LEU N 105 51.97 -3.83 30.79
C LEU N 105 51.98 -4.17 32.27
N THR N 106 52.61 -3.33 33.08
CA THR N 106 52.68 -3.50 34.51
C THR N 106 51.83 -2.43 35.19
N VAL N 107 51.05 -2.84 36.18
CA VAL N 107 50.23 -1.92 36.95
C VAL N 107 50.97 -1.71 38.26
N LEU N 108 51.59 -0.53 38.42
CA LEU N 108 52.51 -0.30 39.52
C LEU N 108 51.78 -0.39 40.86
N GLY N 109 52.03 -1.46 41.62
CA GLY N 109 51.50 -1.61 42.94
C GLY N 109 52.50 -1.45 44.07
N GLN N 110 53.74 -1.07 43.77
CA GLN N 110 54.77 -0.91 44.78
C GLN N 110 55.87 -0.04 44.19
N PRO N 111 56.74 0.55 45.03
CA PRO N 111 57.80 1.44 44.52
C PRO N 111 58.77 0.70 43.62
N LYS N 112 58.90 1.19 42.39
CA LYS N 112 59.95 0.77 41.46
C LYS N 112 61.29 0.60 42.17
N GLY N 113 61.86 -0.58 42.05
CA GLY N 113 63.14 -0.90 42.68
C GLY N 113 64.19 -1.29 41.66
N ALA N 114 65.42 -0.86 41.91
CA ALA N 114 66.55 -1.20 41.06
C ALA N 114 67.02 -2.62 41.37
N PRO N 115 67.64 -3.30 40.40
CA PRO N 115 68.02 -4.69 40.63
C PRO N 115 69.33 -4.82 41.39
N SER N 116 69.39 -5.85 42.22
CA SER N 116 70.62 -6.22 42.92
C SER N 116 71.37 -7.25 42.08
N VAL N 117 72.66 -7.00 41.85
CA VAL N 117 73.46 -7.79 40.93
C VAL N 117 74.65 -8.37 41.68
N THR N 118 74.80 -9.69 41.61
CA THR N 118 75.96 -10.40 42.12
C THR N 118 76.58 -11.19 40.98
N LEU N 119 77.87 -10.96 40.74
CA LEU N 119 78.58 -11.59 39.62
C LEU N 119 79.67 -12.50 40.16
N PHE N 120 79.62 -13.78 39.78
CA PHE N 120 80.60 -14.77 40.23
C PHE N 120 81.57 -15.11 39.11
N PRO N 121 82.86 -15.17 39.40
CA PRO N 121 83.84 -15.61 38.40
C PRO N 121 83.81 -17.13 38.28
N PRO N 122 84.41 -17.70 37.22
CA PRO N 122 84.47 -19.16 37.12
C PRO N 122 85.35 -19.76 38.21
N SER N 123 84.88 -20.85 38.80
CA SER N 123 85.61 -21.51 39.87
C SER N 123 86.85 -22.22 39.34
N SER N 124 87.81 -22.43 40.24
CA SER N 124 89.01 -23.16 39.86
C SER N 124 88.71 -24.60 39.49
N GLU N 125 87.65 -25.19 40.06
CA GLU N 125 87.28 -26.54 39.69
C GLU N 125 86.79 -26.60 38.25
N GLU N 126 85.95 -25.65 37.85
CA GLU N 126 85.43 -25.64 36.50
C GLU N 126 86.52 -25.33 35.48
N LEU N 127 87.43 -24.42 35.84
CA LEU N 127 88.53 -24.09 34.94
C LEU N 127 89.42 -25.30 34.65
N GLN N 128 89.57 -26.19 35.64
CA GLN N 128 90.35 -27.40 35.41
C GLN N 128 89.60 -28.42 34.56
N ALA N 129 88.28 -28.29 34.44
CA ALA N 129 87.52 -29.07 33.48
C ALA N 129 87.52 -28.46 32.08
N ASN N 130 88.41 -27.49 31.84
CA ASN N 130 88.52 -26.79 30.56
C ASN N 130 87.19 -26.12 30.18
N LYS N 131 86.52 -25.54 31.18
CA LYS N 131 85.28 -24.81 30.96
C LYS N 131 85.30 -23.57 31.86
N ALA N 132 84.51 -22.56 31.47
CA ALA N 132 84.45 -21.31 32.23
C ALA N 132 83.06 -20.71 32.06
N THR N 133 82.38 -20.48 33.19
CA THR N 133 81.06 -19.88 33.18
C THR N 133 81.02 -18.71 34.15
N LEU N 134 80.60 -17.55 33.64
CA LEU N 134 80.35 -16.39 34.48
C LEU N 134 78.87 -16.34 34.83
N VAL N 135 78.56 -16.20 36.11
CA VAL N 135 77.19 -16.26 36.60
C VAL N 135 76.79 -14.87 37.08
N CYS N 136 75.78 -14.29 36.45
CA CYS N 136 75.27 -12.97 36.79
C CYS N 136 73.84 -13.14 37.29
N LEU N 137 73.63 -12.90 38.59
CA LEU N 137 72.35 -13.13 39.25
C LEU N 137 71.69 -11.79 39.57
N ILE N 138 70.44 -11.65 39.14
CA ILE N 138 69.71 -10.39 39.21
C ILE N 138 68.44 -10.63 40.02
N SER N 139 68.17 -9.76 40.99
CA SER N 139 67.04 -9.98 41.89
C SER N 139 66.49 -8.66 42.39
N ASP N 140 65.24 -8.71 42.87
CA ASP N 140 64.60 -7.61 43.60
C ASP N 140 64.44 -6.37 42.73
N PHE N 141 63.99 -6.55 41.49
CA PHE N 141 63.67 -5.43 40.61
C PHE N 141 62.19 -5.48 40.25
N TYR N 142 61.63 -4.29 40.03
CA TYR N 142 60.21 -4.14 39.74
C TYR N 142 60.05 -2.87 38.91
N PRO N 143 59.37 -2.94 37.75
CA PRO N 143 58.74 -4.10 37.11
C PRO N 143 59.74 -5.13 36.59
N GLY N 144 59.23 -6.29 36.15
CA GLY N 144 60.09 -7.37 35.73
C GLY N 144 60.49 -7.34 34.26
N ALA N 145 61.22 -6.29 33.88
CA ALA N 145 61.76 -6.17 32.53
C ALA N 145 63.17 -5.62 32.66
N VAL N 146 64.15 -6.35 32.14
CA VAL N 146 65.55 -5.98 32.34
C VAL N 146 66.35 -6.39 31.12
N THR N 147 67.34 -5.57 30.77
CA THR N 147 68.27 -5.87 29.68
C THR N 147 69.65 -6.15 30.25
N VAL N 148 70.27 -7.23 29.78
CA VAL N 148 71.58 -7.69 30.26
C VAL N 148 72.57 -7.59 29.12
N ALA N 149 73.72 -6.96 29.39
CA ALA N 149 74.81 -6.85 28.42
C ALA N 149 76.12 -7.26 29.08
N TRP N 150 76.92 -8.05 28.37
CA TRP N 150 78.21 -8.50 28.87
C TRP N 150 79.34 -7.73 28.18
N LYS N 151 80.50 -7.69 28.84
CA LYS N 151 81.64 -6.93 28.34
C LYS N 151 82.93 -7.69 28.60
N ALA N 152 83.79 -7.75 27.58
CA ALA N 152 85.16 -8.23 27.73
C ALA N 152 86.06 -7.01 27.71
N ASP N 153 86.65 -6.68 28.85
CA ASP N 153 87.28 -5.38 29.06
C ASP N 153 86.27 -4.28 28.79
N SER N 154 86.36 -3.63 27.64
CA SER N 154 85.38 -2.63 27.23
C SER N 154 84.65 -3.01 25.95
N SER N 155 84.92 -4.18 25.38
CA SER N 155 84.25 -4.57 24.15
C SER N 155 83.03 -5.44 24.45
N PRO N 156 81.91 -5.22 23.76
CA PRO N 156 80.73 -6.04 24.04
C PRO N 156 80.93 -7.47 23.57
N VAL N 157 80.42 -8.41 24.36
CA VAL N 157 80.45 -9.82 24.01
C VAL N 157 79.01 -10.33 24.01
N LYS N 158 78.59 -10.90 22.89
CA LYS N 158 77.26 -11.47 22.77
C LYS N 158 77.24 -12.98 22.63
N ALA N 159 78.29 -13.58 22.07
CA ALA N 159 78.31 -15.01 21.88
C ALA N 159 78.55 -15.71 23.21
N GLY N 160 77.88 -16.84 23.41
CA GLY N 160 77.97 -17.57 24.64
C GLY N 160 77.16 -17.00 25.79
N VAL N 161 76.26 -16.06 25.49
CA VAL N 161 75.40 -15.45 26.50
C VAL N 161 74.04 -16.14 26.47
N GLU N 162 73.52 -16.50 27.64
CA GLU N 162 72.20 -17.08 27.78
C GLU N 162 71.55 -16.48 29.01
N THR N 163 70.37 -15.90 28.84
CA THR N 163 69.71 -15.15 29.90
C THR N 163 68.29 -15.68 30.09
N THR N 164 67.89 -15.82 31.35
CA THR N 164 66.55 -16.30 31.66
C THR N 164 65.54 -15.18 31.56
N THR N 165 64.28 -15.56 31.34
CA THR N 165 63.19 -14.62 31.50
C THR N 165 62.93 -14.38 32.99
N PRO N 166 62.52 -13.17 33.36
CA PRO N 166 62.30 -12.83 34.77
C PRO N 166 61.23 -13.70 35.40
N SER N 167 61.40 -13.98 36.69
CA SER N 167 60.43 -14.75 37.46
C SER N 167 60.10 -13.99 38.73
N LYS N 168 58.88 -14.20 39.24
CA LYS N 168 58.37 -13.46 40.39
C LYS N 168 58.81 -14.15 41.67
N GLN N 169 59.32 -13.37 42.62
CA GLN N 169 59.65 -13.89 43.94
C GLN N 169 58.44 -13.80 44.86
N SER N 170 58.63 -14.29 46.10
CA SER N 170 57.54 -14.26 47.08
C SER N 170 57.25 -12.84 47.57
N ASN N 171 58.20 -11.92 47.41
CA ASN N 171 57.98 -10.52 47.75
C ASN N 171 57.29 -9.74 46.62
N ASN N 172 56.90 -10.42 45.55
CA ASN N 172 56.26 -9.83 44.37
C ASN N 172 57.21 -8.94 43.58
N LYS N 173 58.52 -9.11 43.79
CA LYS N 173 59.54 -8.55 42.92
C LYS N 173 60.03 -9.63 41.97
N TYR N 174 60.94 -9.28 41.08
CA TYR N 174 61.39 -10.20 40.04
C TYR N 174 62.86 -10.55 40.19
N ALA N 175 63.23 -11.72 39.67
CA ALA N 175 64.60 -12.20 39.66
C ALA N 175 64.91 -12.81 38.30
N ALA N 176 66.18 -12.72 37.91
CA ALA N 176 66.64 -13.29 36.64
C ALA N 176 68.13 -13.62 36.76
N SER N 177 68.62 -14.39 35.80
CA SER N 177 70.02 -14.78 35.77
C SER N 177 70.53 -14.79 34.34
N SER N 178 71.82 -14.49 34.17
CA SER N 178 72.45 -14.52 32.86
C SER N 178 73.82 -15.18 32.98
N TYR N 179 74.14 -16.03 32.00
CA TYR N 179 75.35 -16.83 32.02
C TYR N 179 76.19 -16.52 30.78
N LEU N 180 77.49 -16.31 30.98
CA LEU N 180 78.46 -16.15 29.90
C LEU N 180 79.43 -17.32 29.94
N SER N 181 79.49 -18.06 28.83
CA SER N 181 80.38 -19.21 28.70
C SER N 181 81.65 -18.81 27.96
N LEU N 182 82.80 -19.13 28.55
CA LEU N 182 84.09 -18.82 27.95
C LEU N 182 84.98 -20.06 27.97
N THR N 183 86.03 -20.01 27.17
CA THR N 183 87.09 -20.99 27.38
C THR N 183 88.04 -20.46 28.46
N PRO N 184 88.73 -21.35 29.18
CA PRO N 184 89.68 -20.88 30.20
C PRO N 184 90.72 -19.91 29.66
N GLU N 185 91.06 -20.02 28.37
CA GLU N 185 92.02 -19.12 27.76
C GLU N 185 91.44 -17.72 27.62
N GLN N 186 90.21 -17.62 27.10
CA GLN N 186 89.55 -16.33 26.98
C GLN N 186 89.39 -15.65 28.33
N TRP N 187 89.11 -16.43 29.38
CA TRP N 187 88.92 -15.86 30.70
C TRP N 187 90.21 -15.26 31.25
N LYS N 188 91.34 -15.92 31.01
CA LYS N 188 92.62 -15.45 31.53
C LYS N 188 93.36 -14.51 30.58
N SER N 189 92.89 -14.35 29.35
CA SER N 189 93.55 -13.46 28.41
C SER N 189 93.08 -12.02 28.55
N HIS N 190 91.85 -11.80 29.00
CA HIS N 190 91.31 -10.46 29.18
C HIS N 190 91.62 -9.96 30.58
N ARG N 191 91.50 -8.64 30.75
CA ARG N 191 91.79 -8.05 32.05
C ARG N 191 90.62 -8.20 33.01
N SER N 192 89.39 -8.15 32.50
CA SER N 192 88.20 -8.24 33.33
C SER N 192 86.99 -8.49 32.45
N TYR N 193 85.96 -9.07 33.05
CA TYR N 193 84.67 -9.25 32.41
C TYR N 193 83.59 -8.59 33.27
N SER N 194 82.58 -8.03 32.62
CA SER N 194 81.57 -7.23 33.29
C SER N 194 80.17 -7.66 32.87
N CYS N 195 79.23 -7.62 33.82
CA CYS N 195 77.82 -7.87 33.57
C CYS N 195 77.05 -6.56 33.79
N GLN N 196 76.42 -6.06 32.73
CA GLN N 196 75.70 -4.80 32.76
C GLN N 196 74.20 -5.08 32.70
N VAL N 197 73.47 -4.53 33.68
CA VAL N 197 72.06 -4.80 33.88
C VAL N 197 71.31 -3.47 33.80
N THR N 198 70.42 -3.33 32.81
CA THR N 198 69.68 -2.09 32.58
C THR N 198 68.21 -2.28 32.96
N HIS N 199 67.71 -1.38 33.80
CA HIS N 199 66.32 -1.43 34.29
C HIS N 199 65.82 0.00 34.40
N GLU N 200 64.81 0.33 33.59
CA GLU N 200 64.20 1.67 33.60
C GLU N 200 65.25 2.75 33.31
N GLY N 201 66.11 2.50 32.33
CA GLY N 201 67.11 3.46 31.92
C GLY N 201 68.37 3.49 32.77
N SER N 202 68.35 2.91 33.97
CA SER N 202 69.49 2.92 34.87
C SER N 202 70.20 1.57 34.82
N THR N 203 71.53 1.61 34.77
CA THR N 203 72.35 0.42 34.62
C THR N 203 73.14 0.15 35.90
N VAL N 204 73.16 -1.11 36.31
CA VAL N 204 73.96 -1.59 37.43
C VAL N 204 75.03 -2.51 36.86
N GLU N 205 76.28 -2.33 37.31
CA GLU N 205 77.39 -3.08 36.77
C GLU N 205 78.19 -3.77 37.87
N LYS N 206 78.59 -5.01 37.61
CA LYS N 206 79.55 -5.74 38.43
C LYS N 206 80.64 -6.29 37.52
N THR N 207 81.87 -6.31 38.03
CA THR N 207 83.03 -6.72 37.25
C THR N 207 83.84 -7.75 38.03
N VAL N 208 84.44 -8.69 37.29
CA VAL N 208 85.32 -9.70 37.87
C VAL N 208 86.59 -9.76 37.03
N ALA N 209 87.65 -10.25 37.65
CA ALA N 209 88.94 -10.33 36.97
C ALA N 209 89.58 -11.68 37.22
N PRO N 210 90.39 -12.17 36.29
CA PRO N 210 91.09 -13.45 36.48
C PRO N 210 92.19 -13.42 37.53
N THR N 211 92.64 -12.25 38.00
CA THR N 211 93.78 -12.18 38.90
C THR N 211 93.38 -12.00 40.36
N GLU N 212 92.70 -10.90 40.67
CA GLU N 212 92.33 -10.63 42.06
C GLU N 212 90.85 -10.87 42.31
N GLU O 1 -8.48 -56.57 66.78
CA GLU O 1 -7.30 -55.77 66.45
C GLU O 1 -6.50 -56.36 65.31
N VAL O 2 -5.63 -55.56 64.70
CA VAL O 2 -4.80 -56.01 63.60
C VAL O 2 -3.50 -56.53 64.21
N GLN O 3 -3.05 -57.70 63.77
CA GLN O 3 -1.90 -58.33 64.40
C GLN O 3 -0.98 -58.94 63.34
N LEU O 4 0.32 -58.78 63.55
CA LEU O 4 1.36 -59.36 62.69
C LEU O 4 2.30 -60.16 63.59
N VAL O 5 2.12 -61.48 63.63
CA VAL O 5 2.91 -62.35 64.48
C VAL O 5 4.02 -62.98 63.63
N GLN O 6 5.26 -62.75 64.00
CA GLN O 6 6.41 -63.28 63.26
C GLN O 6 6.93 -64.56 63.91
N SER O 7 7.81 -65.23 63.17
CA SER O 7 8.39 -66.48 63.60
C SER O 7 9.48 -66.25 64.66
N GLY O 8 10.04 -67.34 65.17
CA GLY O 8 10.97 -67.27 66.27
C GLY O 8 12.37 -66.82 65.87
N ALA O 9 13.18 -66.59 66.89
CA ALA O 9 14.56 -66.15 66.68
C ALA O 9 15.36 -67.23 65.97
N GLU O 10 16.26 -66.82 65.09
CA GLU O 10 17.04 -67.72 64.27
C GLU O 10 18.51 -67.48 64.56
N VAL O 11 19.29 -68.56 64.66
CA VAL O 11 20.74 -68.47 64.80
C VAL O 11 21.37 -69.30 63.69
N LYS O 12 21.93 -68.62 62.69
CA LYS O 12 22.48 -69.27 61.51
C LYS O 12 23.96 -68.98 61.38
N LYS O 13 24.66 -69.84 60.56
CA LYS O 13 26.07 -69.80 60.17
C LYS O 13 26.21 -69.11 58.82
N PRO O 14 27.34 -68.45 58.58
CA PRO O 14 27.52 -67.75 57.30
C PRO O 14 27.43 -68.70 56.11
N GLY O 15 26.81 -68.22 55.04
CA GLY O 15 26.59 -69.03 53.86
C GLY O 15 25.24 -69.72 53.81
N ALA O 16 24.54 -69.82 54.93
CA ALA O 16 23.26 -70.50 54.97
C ALA O 16 22.14 -69.55 54.53
N SER O 17 20.90 -69.99 54.68
CA SER O 17 19.72 -69.19 54.35
C SER O 17 18.72 -69.24 55.50
N VAL O 18 17.97 -68.15 55.64
CA VAL O 18 16.94 -68.05 56.67
C VAL O 18 15.62 -67.67 56.01
N LYS O 19 14.53 -68.16 56.58
CA LYS O 19 13.18 -67.87 56.12
C LYS O 19 12.35 -67.47 57.34
N VAL O 20 11.81 -66.25 57.32
CA VAL O 20 11.05 -65.70 58.41
C VAL O 20 9.59 -65.65 58.00
N SER O 21 8.70 -66.09 58.88
CA SER O 21 7.27 -66.08 58.62
C SER O 21 6.60 -64.90 59.32
N CYS O 22 5.45 -64.50 58.78
CA CYS O 22 4.70 -63.35 59.29
C CYS O 22 3.22 -63.62 59.06
N LYS O 23 2.53 -64.08 60.10
CA LYS O 23 1.10 -64.39 60.02
C LYS O 23 0.28 -63.17 60.43
N THR O 24 -0.61 -62.73 59.55
CA THR O 24 -1.45 -61.57 59.78
C THR O 24 -2.83 -62.00 60.29
N SER O 25 -3.51 -61.08 60.93
CA SER O 25 -4.88 -61.29 61.39
C SER O 25 -5.51 -59.94 61.69
N GLY O 26 -6.84 -59.89 61.60
CA GLY O 26 -7.57 -58.69 61.94
C GLY O 26 -7.81 -57.73 60.78
N TYR O 27 -7.43 -58.09 59.56
CA TYR O 27 -7.69 -57.25 58.40
C TYR O 27 -7.58 -58.11 57.15
N THR O 28 -8.00 -57.55 56.03
CA THR O 28 -7.95 -58.25 54.75
C THR O 28 -6.50 -58.36 54.29
N PHE O 29 -5.95 -59.59 54.36
CA PHE O 29 -4.53 -59.80 54.06
C PHE O 29 -4.16 -59.35 52.66
N THR O 30 -5.00 -59.66 51.67
CA THR O 30 -4.69 -59.39 50.28
C THR O 30 -5.01 -57.96 49.85
N ALA O 31 -5.42 -57.10 50.78
CA ALA O 31 -5.86 -55.75 50.43
C ALA O 31 -4.80 -54.68 50.72
N TYR O 32 -3.70 -55.03 51.38
CA TYR O 32 -2.64 -54.08 51.72
C TYR O 32 -1.29 -54.68 51.36
N TYR O 33 -0.37 -53.81 50.96
CA TYR O 33 1.01 -54.24 50.75
C TYR O 33 1.65 -54.63 52.08
N LEU O 34 2.64 -55.51 52.00
CA LEU O 34 3.38 -55.96 53.18
C LEU O 34 4.86 -55.70 52.96
N HIS O 35 5.46 -54.93 53.86
CA HIS O 35 6.86 -54.54 53.77
C HIS O 35 7.71 -55.44 54.65
N TRP O 36 9.00 -55.49 54.34
CA TRP O 36 10.00 -56.14 55.18
C TRP O 36 11.16 -55.19 55.38
N VAL O 37 11.44 -54.85 56.64
CA VAL O 37 12.53 -53.94 56.99
C VAL O 37 13.30 -54.56 58.16
N ARG O 38 14.62 -54.46 58.10
CA ARG O 38 15.48 -54.98 59.15
C ARG O 38 16.18 -53.83 59.86
N GLN O 39 16.69 -54.12 61.05
CA GLN O 39 17.33 -53.11 61.88
C GLN O 39 18.56 -53.74 62.52
N ALA O 40 19.74 -53.30 62.10
CA ALA O 40 20.97 -53.82 62.69
C ALA O 40 21.08 -53.35 64.13
N PRO O 41 21.72 -54.15 65.00
CA PRO O 41 21.86 -53.75 66.41
C PRO O 41 22.52 -52.39 66.58
N GLY O 42 21.76 -51.42 67.06
CA GLY O 42 22.26 -50.09 67.31
C GLY O 42 22.18 -49.13 66.14
N GLN O 43 21.56 -49.52 65.04
CA GLN O 43 21.43 -48.66 63.86
C GLN O 43 19.96 -48.39 63.58
N GLY O 44 19.71 -47.65 62.49
CA GLY O 44 18.36 -47.28 62.11
C GLY O 44 17.65 -48.35 61.29
N PHE O 45 16.53 -47.96 60.71
CA PHE O 45 15.72 -48.87 59.92
C PHE O 45 16.09 -48.83 58.45
N GLU O 46 15.94 -49.96 57.78
CA GLU O 46 16.29 -50.10 56.38
C GLU O 46 15.25 -50.95 55.65
N TRP O 47 14.55 -50.33 54.70
CA TRP O 47 13.52 -51.05 53.95
C TRP O 47 14.18 -52.00 52.95
N MET O 48 13.70 -53.25 52.93
CA MET O 48 14.24 -54.29 52.06
C MET O 48 13.37 -54.52 50.83
N ALA O 49 12.09 -54.83 51.05
CA ALA O 49 11.19 -55.14 49.95
C ALA O 49 9.77 -55.17 50.46
N TRP O 50 8.82 -55.09 49.52
CA TRP O 50 7.41 -55.32 49.81
C TRP O 50 6.84 -56.32 48.81
N ILE O 51 5.66 -56.83 49.13
CA ILE O 51 4.96 -57.79 48.29
C ILE O 51 3.48 -57.42 48.25
N ASN O 52 2.86 -57.66 47.09
CA ASN O 52 1.42 -57.52 46.93
C ASN O 52 0.81 -58.88 47.22
N PRO O 53 0.20 -59.08 48.39
CA PRO O 53 -0.32 -60.41 48.73
C PRO O 53 -1.42 -60.90 47.81
N ASN O 54 -2.09 -59.98 47.09
CA ASN O 54 -3.13 -60.40 46.15
C ASN O 54 -2.52 -61.03 44.91
N THR O 55 -1.64 -60.30 44.22
CA THR O 55 -1.10 -60.74 42.95
C THR O 55 0.23 -61.47 43.06
N GLY O 56 0.98 -61.25 44.13
CA GLY O 56 2.29 -61.86 44.27
C GLY O 56 3.44 -61.04 43.73
N ASP O 57 3.17 -59.86 43.17
CA ASP O 57 4.25 -59.02 42.65
C ASP O 57 5.07 -58.46 43.80
N THR O 58 6.36 -58.30 43.56
CA THR O 58 7.32 -57.87 44.58
C THR O 58 8.12 -56.68 44.08
N ASN O 59 8.82 -56.05 45.02
CA ASN O 59 9.72 -54.94 44.70
C ASN O 59 10.85 -54.98 45.72
N TYR O 60 11.98 -55.57 45.34
CA TYR O 60 13.13 -55.72 46.22
C TYR O 60 14.08 -54.53 46.06
N ALA O 61 14.88 -54.29 47.10
CA ALA O 61 15.90 -53.25 47.05
C ALA O 61 17.15 -53.74 46.34
N GLN O 62 17.80 -52.83 45.62
CA GLN O 62 18.96 -53.17 44.80
C GLN O 62 20.01 -53.96 45.58
N LYS O 63 20.27 -53.56 46.82
CA LYS O 63 21.26 -54.24 47.64
C LYS O 63 20.83 -55.65 48.00
N PHE O 64 19.53 -55.88 48.15
CA PHE O 64 19.01 -57.18 48.50
C PHE O 64 18.47 -57.97 47.31
N GLN O 65 18.22 -57.35 46.17
CA GLN O 65 17.70 -58.11 45.04
C GLN O 65 18.75 -59.12 44.57
N GLY O 66 18.30 -60.35 44.35
CA GLY O 66 19.19 -61.44 44.05
C GLY O 66 19.53 -62.28 45.25
N ARG O 67 19.27 -61.77 46.46
CA ARG O 67 19.51 -62.47 47.71
C ARG O 67 18.26 -62.67 48.56
N VAL O 68 17.21 -61.89 48.36
CA VAL O 68 16.00 -61.98 49.15
C VAL O 68 14.85 -62.38 48.24
N THR O 69 13.96 -63.23 48.76
CA THR O 69 12.79 -63.66 48.01
C THR O 69 11.57 -63.54 48.91
N LEU O 70 10.53 -62.88 48.42
CA LEU O 70 9.29 -62.71 49.14
C LEU O 70 8.22 -63.63 48.57
N SER O 71 7.39 -64.19 49.45
CA SER O 71 6.28 -65.02 49.02
C SER O 71 5.19 -64.92 50.08
N ARG O 72 4.00 -65.41 49.74
CA ARG O 72 2.88 -65.37 50.66
C ARG O 72 2.06 -66.62 50.50
N ASP O 73 1.20 -66.87 51.50
CA ASP O 73 0.21 -67.94 51.46
C ASP O 73 -1.10 -67.31 51.90
N THR O 74 -1.92 -66.93 50.91
CA THR O 74 -3.11 -66.14 51.18
C THR O 74 -4.12 -66.92 52.02
N SER O 75 -4.14 -68.25 51.88
CA SER O 75 -5.10 -69.06 52.61
C SER O 75 -4.90 -68.93 54.12
N ILE O 76 -3.65 -68.94 54.57
CA ILE O 76 -3.33 -68.80 55.98
C ILE O 76 -2.89 -67.39 56.33
N THR O 77 -3.00 -66.45 55.39
CA THR O 77 -2.66 -65.04 55.59
C THR O 77 -1.25 -64.90 56.19
N THR O 78 -0.31 -65.63 55.61
CA THR O 78 1.07 -65.64 56.06
C THR O 78 1.98 -65.24 54.92
N ALA O 79 2.93 -64.36 55.20
CA ALA O 79 3.97 -63.99 54.26
C ALA O 79 5.32 -64.46 54.75
N TYR O 80 6.22 -64.71 53.81
CA TYR O 80 7.54 -65.26 54.10
C TYR O 80 8.60 -64.38 53.46
N MET O 81 9.75 -64.31 54.12
CA MET O 81 10.93 -63.65 53.56
C MET O 81 12.11 -64.60 53.68
N GLU O 82 12.77 -64.88 52.57
CA GLU O 82 13.93 -65.76 52.55
C GLU O 82 15.15 -64.97 52.10
N LEU O 83 16.18 -64.96 52.94
CA LEU O 83 17.47 -64.34 52.63
C LEU O 83 18.50 -65.44 52.47
N THR O 84 19.25 -65.39 51.37
CA THR O 84 20.27 -66.38 51.06
C THR O 84 21.67 -65.79 51.24
N ARG O 85 22.65 -66.69 51.30
CA ARG O 85 24.06 -66.35 51.43
C ARG O 85 24.29 -65.34 52.56
N LEU O 86 23.92 -65.77 53.77
CA LEU O 86 23.97 -64.87 54.91
C LEU O 86 25.40 -64.50 55.26
N ARG O 87 25.60 -63.22 55.58
CA ARG O 87 26.87 -62.67 56.02
C ARG O 87 26.73 -62.10 57.42
N SER O 88 27.88 -61.83 58.05
CA SER O 88 27.87 -61.32 59.43
C SER O 88 27.19 -59.96 59.53
N ASP O 89 27.21 -59.16 58.46
CA ASP O 89 26.53 -57.88 58.48
C ASP O 89 25.03 -57.97 58.23
N ASP O 90 24.50 -59.19 58.07
CA ASP O 90 23.07 -59.40 57.99
C ASP O 90 22.44 -59.62 59.35
N THR O 91 23.24 -59.61 60.42
CA THR O 91 22.72 -59.74 61.77
C THR O 91 21.84 -58.54 62.10
N ALA O 92 20.56 -58.80 62.36
CA ALA O 92 19.60 -57.72 62.62
C ALA O 92 18.31 -58.37 63.12
N VAL O 93 17.39 -57.50 63.54
CA VAL O 93 16.00 -57.89 63.79
C VAL O 93 15.20 -57.53 62.54
N TYR O 94 14.47 -58.51 62.03
CA TYR O 94 13.71 -58.34 60.78
C TYR O 94 12.23 -58.16 61.10
N TYR O 95 11.64 -57.09 60.55
CA TYR O 95 10.25 -56.73 60.80
C TYR O 95 9.44 -56.86 59.52
N CYS O 96 8.24 -57.42 59.65
CA CYS O 96 7.21 -57.27 58.64
C CYS O 96 6.26 -56.17 59.08
N ALA O 97 5.84 -55.32 58.15
CA ALA O 97 4.99 -54.20 58.47
C ALA O 97 3.93 -54.04 57.40
N LYS O 98 2.70 -53.81 57.86
CA LYS O 98 1.58 -53.65 56.94
C LYS O 98 1.52 -52.21 56.44
N ASP O 99 1.28 -52.06 55.14
CA ASP O 99 1.24 -50.75 54.50
C ASP O 99 -0.06 -50.02 54.84
N LEU O 100 -0.02 -48.69 54.74
CA LEU O 100 -1.19 -47.88 55.10
C LEU O 100 -2.25 -47.87 54.01
N THR O 101 -1.84 -47.89 52.75
CA THR O 101 -2.77 -47.64 51.66
C THR O 101 -3.58 -48.89 51.32
N LEU O 102 -4.91 -48.77 51.36
CA LEU O 102 -5.79 -49.82 50.91
C LEU O 102 -5.80 -49.83 49.40
N MET O 103 -5.61 -51.01 48.80
CA MET O 103 -5.41 -51.13 47.36
C MET O 103 -6.48 -51.94 46.65
N TYR O 104 -7.34 -52.66 47.38
CA TYR O 104 -8.38 -53.45 46.75
C TYR O 104 -9.62 -53.48 47.63
N VAL O 105 -10.79 -53.47 46.99
CA VAL O 105 -12.08 -53.77 47.64
C VAL O 105 -12.72 -54.80 46.71
N PHE O 106 -12.65 -56.07 47.10
CA PHE O 106 -12.80 -57.15 46.14
C PHE O 106 -14.25 -57.31 45.67
N ASP O 107 -15.20 -57.27 46.60
CA ASP O 107 -16.58 -57.60 46.24
C ASP O 107 -17.20 -56.55 45.33
N SER O 108 -16.75 -55.30 45.40
CA SER O 108 -17.20 -54.27 44.48
C SER O 108 -16.26 -54.09 43.29
N GLY O 109 -15.21 -54.90 43.21
CA GLY O 109 -14.27 -54.87 42.10
C GLY O 109 -13.54 -53.56 41.93
N TRP O 110 -12.91 -53.08 43.00
CA TRP O 110 -12.17 -51.82 42.95
C TRP O 110 -10.70 -52.11 43.22
N ALA O 111 -9.84 -51.49 42.41
CA ALA O 111 -8.40 -51.57 42.58
C ALA O 111 -7.83 -50.18 42.44
N ARG O 112 -6.95 -49.80 43.37
CA ARG O 112 -6.36 -48.48 43.35
C ARG O 112 -5.48 -48.31 42.12
N GLY O 113 -5.56 -47.13 41.49
CA GLY O 113 -4.82 -46.89 40.26
C GLY O 113 -3.32 -47.03 40.44
N ALA O 114 -2.78 -46.44 41.50
CA ALA O 114 -1.36 -46.54 41.80
C ALA O 114 -1.16 -46.62 43.31
N HIS O 115 -0.01 -47.17 43.69
CA HIS O 115 0.36 -47.25 45.09
C HIS O 115 1.14 -46.00 45.50
N ASP O 116 0.74 -45.40 46.61
CA ASP O 116 1.47 -44.30 47.23
C ASP O 116 1.86 -44.72 48.63
N TYR O 117 3.09 -44.40 49.04
CA TYR O 117 3.62 -44.82 50.33
C TYR O 117 3.35 -43.72 51.35
N TYR O 118 2.45 -43.99 52.30
CA TYR O 118 2.15 -43.04 53.36
C TYR O 118 2.69 -43.46 54.71
N GLY O 119 3.13 -44.70 54.86
CA GLY O 119 3.69 -45.18 56.10
C GLY O 119 3.33 -46.62 56.38
N MET O 120 3.73 -47.12 57.55
CA MET O 120 3.45 -48.50 57.97
C MET O 120 2.79 -48.43 59.34
N ASP O 121 1.49 -48.75 59.39
CA ASP O 121 0.70 -48.53 60.59
C ASP O 121 0.75 -49.68 61.59
N VAL O 122 1.10 -50.89 61.17
CA VAL O 122 1.16 -52.04 62.06
C VAL O 122 2.42 -52.83 61.77
N TRP O 123 3.19 -53.13 62.81
CA TRP O 123 4.45 -53.84 62.71
C TRP O 123 4.38 -55.16 63.46
N GLY O 124 5.23 -56.10 63.05
CA GLY O 124 5.39 -57.34 63.78
C GLY O 124 6.34 -57.16 64.95
N GLN O 125 6.31 -58.15 65.86
CA GLN O 125 7.16 -58.06 67.05
C GLN O 125 8.64 -58.15 66.71
N GLY O 126 8.98 -58.62 65.52
CA GLY O 126 10.37 -58.71 65.10
C GLY O 126 10.91 -60.12 65.27
N THR O 127 11.84 -60.47 64.38
CA THR O 127 12.54 -61.75 64.42
C THR O 127 14.04 -61.48 64.46
N THR O 128 14.70 -61.98 65.49
CA THR O 128 16.12 -61.77 65.68
C THR O 128 16.90 -62.82 64.90
N VAL O 129 17.82 -62.36 64.05
CA VAL O 129 18.68 -63.24 63.25
C VAL O 129 20.13 -62.91 63.56
N ALA O 130 20.86 -63.87 64.10
CA ALA O 130 22.28 -63.75 64.39
C ALA O 130 23.07 -64.62 63.43
N VAL O 131 24.07 -64.03 62.77
CA VAL O 131 24.92 -64.74 61.82
C VAL O 131 26.36 -64.58 62.27
N SER O 132 26.94 -65.62 62.85
CA SER O 132 28.32 -65.60 63.30
C SER O 132 29.03 -66.86 62.79
N GLY O 133 30.29 -66.69 62.39
CA GLY O 133 31.15 -67.80 62.01
C GLY O 133 31.96 -68.37 63.14
N ALA O 134 31.64 -68.02 64.38
CA ALA O 134 32.37 -68.44 65.57
C ALA O 134 31.85 -69.79 66.04
N SER O 135 32.72 -70.54 66.73
CA SER O 135 32.31 -71.81 67.31
C SER O 135 32.13 -71.66 68.81
N THR O 136 32.99 -72.27 69.61
CA THR O 136 32.82 -72.23 71.06
C THR O 136 34.21 -72.21 71.68
N LYS O 137 34.59 -71.07 72.22
CA LYS O 137 35.94 -70.87 72.74
C LYS O 137 35.86 -70.31 74.15
N GLY O 138 36.65 -70.85 75.05
CA GLY O 138 36.77 -70.31 76.38
C GLY O 138 37.59 -69.05 76.34
N PRO O 139 37.45 -68.19 77.34
CA PRO O 139 38.12 -66.90 77.30
C PRO O 139 39.56 -66.96 77.77
N SER O 140 40.35 -65.99 77.31
CA SER O 140 41.68 -65.72 77.84
C SER O 140 41.57 -64.57 78.83
N VAL O 141 42.15 -64.74 80.01
CA VAL O 141 42.01 -63.79 81.10
C VAL O 141 43.36 -63.16 81.36
N PHE O 142 43.41 -61.83 81.35
CA PHE O 142 44.63 -61.09 81.64
C PHE O 142 44.39 -60.12 82.78
N PRO O 143 45.38 -59.92 83.66
CA PRO O 143 45.19 -59.01 84.77
C PRO O 143 45.35 -57.56 84.34
N LEU O 144 44.50 -56.70 84.89
CA LEU O 144 44.59 -55.25 84.71
C LEU O 144 45.13 -54.67 86.01
N ALA O 145 46.43 -54.40 86.03
CA ALA O 145 47.11 -54.02 87.25
C ALA O 145 46.62 -52.68 87.77
N PRO O 146 46.55 -52.50 89.09
CA PRO O 146 46.19 -51.20 89.64
C PRO O 146 47.28 -50.17 89.38
N SER O 147 46.90 -48.90 89.56
CA SER O 147 47.80 -47.79 89.26
C SER O 147 48.95 -47.72 90.26
N SER O 148 50.14 -47.38 89.74
CA SER O 148 51.35 -47.27 90.56
C SER O 148 51.25 -46.11 91.54
N LYS O 149 50.44 -45.10 91.22
CA LYS O 149 50.25 -43.97 92.12
C LYS O 149 49.68 -44.42 93.46
N SER O 150 50.14 -43.78 94.52
CA SER O 150 49.78 -44.15 95.88
C SER O 150 49.32 -42.90 96.61
N THR O 151 48.03 -42.83 96.91
CA THR O 151 47.44 -41.71 97.63
C THR O 151 47.14 -42.11 99.07
N SER O 152 47.04 -41.11 99.93
CA SER O 152 46.64 -41.29 101.32
C SER O 152 45.13 -41.14 101.40
N GLY O 153 44.42 -42.24 101.59
CA GLY O 153 42.96 -42.13 101.59
C GLY O 153 42.26 -42.63 100.34
N GLY O 154 42.75 -42.21 99.17
CA GLY O 154 42.10 -42.51 97.92
C GLY O 154 41.91 -43.97 97.55
N THR O 155 41.51 -44.21 96.30
CA THR O 155 41.09 -45.52 95.81
C THR O 155 41.93 -45.90 94.61
N ALA O 156 41.96 -47.19 94.31
CA ALA O 156 42.62 -47.73 93.12
C ALA O 156 41.64 -48.54 92.29
N ALA O 157 41.98 -48.73 91.02
CA ALA O 157 41.13 -49.44 90.07
C ALA O 157 41.93 -50.59 89.44
N LEU O 158 41.52 -51.82 89.73
CA LEU O 158 42.10 -53.00 89.14
C LEU O 158 40.98 -53.86 88.56
N GLY O 159 41.31 -54.66 87.56
CA GLY O 159 40.30 -55.44 86.91
C GLY O 159 40.86 -56.62 86.14
N CYS O 160 39.97 -57.25 85.37
CA CYS O 160 40.34 -58.40 84.55
C CYS O 160 39.80 -58.21 83.15
N LEU O 161 40.61 -58.59 82.16
CA LEU O 161 40.24 -58.50 80.76
C LEU O 161 39.89 -59.92 80.29
N VAL O 162 38.62 -60.15 80.01
CA VAL O 162 38.11 -61.45 79.58
C VAL O 162 38.02 -61.41 78.06
N LYS O 163 38.99 -62.02 77.38
CA LYS O 163 39.18 -61.87 75.94
C LYS O 163 38.77 -63.13 75.18
N ASP O 164 38.16 -62.90 74.01
CA ASP O 164 37.92 -63.91 72.97
C ASP O 164 37.20 -65.16 73.50
N TYR O 165 35.91 -65.01 73.74
CA TYR O 165 35.06 -66.15 74.09
C TYR O 165 33.79 -66.11 73.24
N PHE O 166 33.14 -67.27 73.13
CA PHE O 166 31.87 -67.39 72.42
C PHE O 166 31.20 -68.67 72.86
N PRO O 167 29.88 -68.64 73.12
CA PRO O 167 29.09 -67.41 73.10
C PRO O 167 28.91 -66.80 74.49
N GLU O 168 28.05 -65.79 74.57
CA GLU O 168 27.66 -65.23 75.85
C GLU O 168 26.87 -66.26 76.65
N PRO O 169 26.84 -66.14 77.98
CA PRO O 169 27.48 -65.11 78.81
C PRO O 169 28.73 -65.58 79.53
N VAL O 170 29.41 -64.63 80.19
CA VAL O 170 30.53 -64.94 81.06
C VAL O 170 30.25 -64.30 82.41
N THR O 171 30.52 -65.04 83.48
CA THR O 171 30.33 -64.56 84.83
C THR O 171 31.67 -64.26 85.47
N VAL O 172 31.76 -63.12 86.15
CA VAL O 172 32.98 -62.70 86.82
C VAL O 172 32.64 -62.40 88.27
N SER O 173 33.40 -62.99 89.19
CA SER O 173 33.30 -62.72 90.61
C SER O 173 34.69 -62.39 91.13
N TRP O 174 34.74 -61.72 92.28
CA TRP O 174 35.99 -61.29 92.89
C TRP O 174 36.12 -61.92 94.27
N ASN O 175 37.25 -62.59 94.49
CA ASN O 175 37.53 -63.29 95.75
C ASN O 175 36.41 -64.26 96.10
N SER O 176 36.01 -65.05 95.10
CA SER O 176 35.01 -66.10 95.26
C SER O 176 33.69 -65.55 95.79
N GLY O 177 33.35 -64.34 95.36
CA GLY O 177 32.11 -63.69 95.75
C GLY O 177 32.16 -62.95 97.06
N ALA O 178 33.27 -63.03 97.80
CA ALA O 178 33.38 -62.29 99.05
C ALA O 178 33.56 -60.79 98.83
N LEU O 179 33.91 -60.37 97.62
CA LEU O 179 34.11 -58.97 97.28
C LEU O 179 33.05 -58.56 96.27
N THR O 180 32.08 -57.77 96.71
CA THR O 180 31.02 -57.27 95.84
C THR O 180 30.94 -55.75 95.77
N SER O 181 31.29 -55.04 96.83
CA SER O 181 31.21 -53.58 96.82
C SER O 181 32.23 -53.00 95.85
N GLY O 182 31.78 -52.06 95.02
CA GLY O 182 32.64 -51.40 94.06
C GLY O 182 32.92 -52.19 92.80
N VAL O 183 32.28 -53.33 92.61
CA VAL O 183 32.50 -54.16 91.42
C VAL O 183 31.64 -53.67 90.29
N HIS O 184 32.25 -53.49 89.11
CA HIS O 184 31.56 -53.00 87.92
C HIS O 184 32.00 -53.85 86.73
N THR O 185 31.14 -54.77 86.32
CA THR O 185 31.41 -55.63 85.16
C THR O 185 30.72 -55.03 83.95
N PHE O 186 31.52 -54.68 82.93
CA PHE O 186 30.96 -54.00 81.78
C PHE O 186 30.39 -55.01 80.78
N PRO O 187 29.30 -54.65 80.11
CA PRO O 187 28.76 -55.52 79.05
C PRO O 187 29.79 -55.76 77.96
N ALA O 188 29.75 -56.96 77.39
CA ALA O 188 30.76 -57.37 76.43
C ALA O 188 30.64 -56.59 75.13
N VAL O 189 31.72 -56.64 74.34
CA VAL O 189 31.78 -56.04 73.02
C VAL O 189 31.96 -57.17 72.00
N LEU O 190 31.24 -57.07 70.89
CA LEU O 190 31.34 -58.06 69.81
C LEU O 190 32.36 -57.59 68.79
N GLN O 191 33.44 -58.35 68.65
CA GLN O 191 34.55 -58.00 67.78
C GLN O 191 34.28 -58.40 66.33
N SER O 192 35.18 -57.96 65.45
CA SER O 192 35.06 -58.27 64.03
C SER O 192 35.18 -59.76 63.77
N SER O 193 35.91 -60.48 64.63
CA SER O 193 36.07 -61.92 64.48
C SER O 193 34.83 -62.71 64.90
N GLY O 194 33.87 -62.07 65.56
CA GLY O 194 32.69 -62.75 66.06
C GLY O 194 32.79 -63.19 67.50
N LEU O 195 33.95 -63.02 68.13
CA LEU O 195 34.13 -63.38 69.53
C LEU O 195 33.86 -62.17 70.42
N TYR O 196 33.51 -62.45 71.66
CA TYR O 196 33.18 -61.42 72.63
C TYR O 196 34.34 -61.18 73.59
N SER O 197 34.33 -60.00 74.22
CA SER O 197 35.30 -59.63 75.22
C SER O 197 34.67 -58.61 76.15
N LEU O 198 34.92 -58.74 77.45
CA LEU O 198 34.41 -57.80 78.43
C LEU O 198 35.48 -57.51 79.46
N SER O 199 35.22 -56.51 80.30
CA SER O 199 36.09 -56.13 81.39
C SER O 199 35.27 -56.01 82.67
N SER O 200 35.89 -56.38 83.79
CA SER O 200 35.28 -56.29 85.11
C SER O 200 36.23 -55.54 86.02
N VAL O 201 35.76 -54.44 86.62
CA VAL O 201 36.58 -53.57 87.43
C VAL O 201 36.01 -53.47 88.84
N VAL O 202 36.90 -53.52 89.83
CA VAL O 202 36.55 -53.26 91.22
C VAL O 202 37.46 -52.15 91.73
N THR O 203 36.88 -51.21 92.48
CA THR O 203 37.64 -50.12 93.07
C THR O 203 37.90 -50.47 94.53
N VAL O 204 39.17 -50.43 94.94
CA VAL O 204 39.56 -50.86 96.29
C VAL O 204 40.43 -49.77 96.90
N PRO O 205 40.49 -49.72 98.24
CA PRO O 205 41.37 -48.75 98.88
C PRO O 205 42.84 -49.02 98.56
N SER O 206 43.59 -47.93 98.34
CA SER O 206 44.99 -48.04 97.93
C SER O 206 45.85 -48.63 99.03
N SER O 207 45.48 -48.45 100.30
CA SER O 207 46.29 -48.97 101.39
C SER O 207 46.29 -50.49 101.42
N SER O 208 45.23 -51.12 100.92
CA SER O 208 45.09 -52.57 100.95
C SER O 208 45.74 -53.25 99.75
N LEU O 209 46.31 -52.49 98.81
CA LEU O 209 46.85 -53.08 97.59
C LEU O 209 48.02 -54.02 97.89
N GLY O 210 48.89 -53.63 98.81
CA GLY O 210 50.02 -54.47 99.14
C GLY O 210 49.78 -55.51 100.21
N THR O 211 48.55 -55.61 100.71
CA THR O 211 48.21 -56.56 101.77
C THR O 211 47.08 -57.48 101.36
N GLN O 212 45.99 -56.94 100.82
CA GLN O 212 44.84 -57.74 100.44
C GLN O 212 45.06 -58.36 99.07
N THR O 213 44.77 -59.66 98.96
CA THR O 213 44.84 -60.36 97.68
C THR O 213 43.52 -60.24 96.94
N TYR O 214 43.61 -59.96 95.64
CA TYR O 214 42.45 -59.83 94.78
C TYR O 214 42.55 -60.85 93.65
N ILE O 215 41.58 -61.75 93.58
CA ILE O 215 41.54 -62.80 92.57
C ILE O 215 40.20 -62.76 91.88
N CYS O 216 40.20 -62.67 90.56
CA CYS O 216 38.98 -62.62 89.77
C CYS O 216 38.70 -64.00 89.20
N ASN O 217 37.46 -64.47 89.39
CA ASN O 217 37.05 -65.81 88.99
C ASN O 217 36.13 -65.70 87.78
N VAL O 218 36.62 -66.18 86.64
CA VAL O 218 35.87 -66.14 85.38
C VAL O 218 35.29 -67.53 85.13
N ASN O 219 34.01 -67.57 84.75
CA ASN O 219 33.32 -68.83 84.48
C ASN O 219 32.56 -68.70 83.17
N HIS O 220 32.90 -69.55 82.20
CA HIS O 220 32.24 -69.61 80.90
C HIS O 220 31.62 -71.00 80.76
N LYS O 221 30.32 -71.10 81.00
CA LYS O 221 29.62 -72.38 81.02
C LYS O 221 29.51 -73.04 79.64
N PRO O 222 29.31 -72.29 78.54
CA PRO O 222 29.27 -72.96 77.23
C PRO O 222 30.50 -73.79 76.92
N SER O 223 31.69 -73.35 77.33
CA SER O 223 32.91 -74.13 77.14
C SER O 223 33.38 -74.82 78.42
N ASN O 224 32.72 -74.57 79.55
CA ASN O 224 33.15 -75.11 80.85
C ASN O 224 34.59 -74.74 81.13
N THR O 225 34.89 -73.44 81.03
CA THR O 225 36.21 -72.92 81.37
C THR O 225 36.08 -72.08 82.63
N LYS O 226 36.93 -72.37 83.61
CA LYS O 226 37.00 -71.60 84.84
C LYS O 226 38.43 -71.12 85.02
N VAL O 227 38.59 -69.82 85.26
CA VAL O 227 39.91 -69.22 85.46
C VAL O 227 39.88 -68.38 86.73
N ASP O 228 40.87 -68.60 87.59
CA ASP O 228 41.11 -67.76 88.77
C ASP O 228 42.47 -67.11 88.59
N LYS O 229 42.48 -65.83 88.23
CA LYS O 229 43.72 -65.09 88.01
C LYS O 229 43.90 -64.05 89.11
N ARG O 230 45.13 -63.95 89.62
CA ARG O 230 45.48 -62.98 90.64
C ARG O 230 45.94 -61.69 89.97
N VAL O 231 45.42 -60.57 90.48
CA VAL O 231 45.70 -59.24 89.93
C VAL O 231 46.56 -58.51 90.96
N GLU O 232 47.79 -58.18 90.58
CA GLU O 232 48.74 -57.56 91.48
C GLU O 232 49.29 -56.27 90.90
N PRO O 233 49.79 -55.37 91.75
CA PRO O 233 50.41 -54.15 91.25
C PRO O 233 51.66 -54.45 90.42
N LYS O 234 51.92 -53.58 89.45
CA LYS O 234 53.05 -53.73 88.55
C LYS O 234 54.37 -53.65 89.31
N SER O 235 55.42 -54.21 88.71
CA SER O 235 56.74 -54.26 89.33
C SER O 235 57.53 -53.00 88.96
N PRO P 1 16.81 -43.84 47.98
CA PRO P 1 17.94 -44.60 48.55
C PRO P 1 19.07 -43.75 49.12
N SER P 2 19.00 -42.42 49.06
CA SER P 2 20.08 -41.58 49.56
C SER P 2 19.85 -41.09 50.99
N ALA P 3 18.98 -41.77 51.75
CA ALA P 3 18.77 -41.55 53.18
C ALA P 3 18.19 -40.20 53.62
N LEU P 4 17.71 -40.19 54.86
CA LEU P 4 17.20 -39.01 55.56
C LEU P 4 18.05 -38.80 56.80
N THR P 5 18.30 -37.54 57.15
CA THR P 5 19.19 -37.21 58.27
C THR P 5 18.39 -36.66 59.43
N GLN P 6 18.68 -37.15 60.63
CA GLN P 6 18.09 -36.68 61.87
C GLN P 6 19.18 -36.39 62.87
N PRO P 7 18.90 -35.56 63.88
CA PRO P 7 19.85 -35.40 64.98
C PRO P 7 19.96 -36.71 65.76
N ALA P 8 21.18 -37.02 66.22
CA ALA P 8 21.40 -38.29 66.90
C ALA P 8 20.66 -38.34 68.23
N SER P 9 20.60 -37.22 68.95
CA SER P 9 20.04 -37.21 70.29
C SER P 9 19.41 -35.86 70.57
N VAL P 10 18.31 -35.88 71.33
CA VAL P 10 17.68 -34.66 71.82
C VAL P 10 17.25 -34.92 73.25
N SER P 11 17.17 -33.84 74.04
CA SER P 11 16.82 -33.99 75.44
C SER P 11 15.98 -32.79 75.87
N GLY P 12 15.21 -33.00 76.94
CA GLY P 12 14.40 -31.96 77.51
C GLY P 12 13.89 -32.38 78.87
N SER P 13 13.40 -31.40 79.61
CA SER P 13 12.87 -31.65 80.93
C SER P 13 11.38 -31.94 80.87
N PRO P 14 10.82 -32.61 81.87
CA PRO P 14 9.37 -32.85 81.88
C PRO P 14 8.59 -31.55 81.84
N GLY P 15 7.60 -31.50 80.95
CA GLY P 15 6.76 -30.34 80.78
C GLY P 15 7.18 -29.39 79.67
N GLN P 16 8.34 -29.60 79.06
CA GLN P 16 8.85 -28.74 78.02
C GLN P 16 8.49 -29.28 76.64
N SER P 17 9.01 -28.66 75.59
CA SER P 17 8.74 -29.07 74.23
C SER P 17 10.04 -29.27 73.48
N VAL P 18 10.12 -30.36 72.71
CA VAL P 18 11.30 -30.70 71.93
C VAL P 18 10.86 -30.91 70.49
N THR P 19 11.78 -30.65 69.56
CA THR P 19 11.52 -30.82 68.14
C THR P 19 12.60 -31.69 67.52
N ILE P 20 12.19 -32.67 66.73
CA ILE P 20 13.10 -33.58 66.06
C ILE P 20 13.06 -33.27 64.58
N SER P 21 14.20 -32.86 64.02
CA SER P 21 14.26 -32.50 62.62
C SER P 21 14.48 -33.72 61.75
N CYS P 22 14.18 -33.56 60.46
CA CYS P 22 14.30 -34.65 59.50
C CYS P 22 14.49 -34.02 58.12
N THR P 23 15.73 -34.01 57.65
CA THR P 23 16.14 -33.32 56.44
C THR P 23 16.44 -34.34 55.34
N GLY P 24 16.21 -33.94 54.10
CA GLY P 24 16.39 -34.80 52.95
C GLY P 24 17.38 -34.24 51.95
N THR P 25 16.95 -34.04 50.71
CA THR P 25 17.88 -33.58 49.68
C THR P 25 17.29 -32.42 48.90
N ASN P 26 16.18 -32.66 48.17
CA ASN P 26 15.53 -31.59 47.42
C ASN P 26 14.09 -31.89 47.03
N SER P 27 13.74 -33.14 46.75
CA SER P 27 12.39 -33.48 46.29
C SER P 27 11.82 -34.66 47.07
N ASP P 28 11.82 -34.52 48.40
CA ASP P 28 11.18 -35.52 49.24
C ASP P 28 10.37 -34.88 50.35
N VAL P 29 11.00 -34.76 51.52
CA VAL P 29 10.39 -34.22 52.72
C VAL P 29 9.80 -32.82 52.56
N GLY P 30 10.15 -32.09 51.52
CA GLY P 30 9.64 -30.73 51.40
C GLY P 30 8.75 -30.48 50.21
N THR P 31 8.83 -31.37 49.21
CA THR P 31 7.85 -31.43 48.14
C THR P 31 6.73 -32.41 48.46
N PHE P 32 7.07 -33.60 48.97
CA PHE P 32 6.08 -34.62 49.31
C PHE P 32 5.84 -34.63 50.81
N ASP P 33 4.57 -34.73 51.20
CA ASP P 33 4.19 -34.71 52.60
C ASP P 33 4.11 -36.09 53.19
N LEU P 34 4.30 -37.12 52.37
CA LEU P 34 4.18 -38.53 52.75
C LEU P 34 5.19 -38.94 53.83
N VAL P 35 5.53 -38.01 54.71
CA VAL P 35 6.50 -38.24 55.78
C VAL P 35 5.75 -38.86 56.96
N SER P 36 6.27 -39.98 57.46
CA SER P 36 5.72 -40.65 58.62
C SER P 36 6.76 -40.72 59.74
N TRP P 37 6.27 -40.62 60.98
CA TRP P 37 7.10 -40.66 62.18
C TRP P 37 6.77 -41.90 62.99
N TYR P 38 7.80 -42.49 63.60
CA TYR P 38 7.65 -43.73 64.36
C TYR P 38 8.37 -43.62 65.70
N GLN P 39 7.73 -44.13 66.75
CA GLN P 39 8.31 -44.19 68.08
C GLN P 39 8.62 -45.65 68.41
N GLN P 40 9.82 -45.91 68.93
CA GLN P 40 10.27 -47.26 69.21
C GLN P 40 10.87 -47.31 70.61
N TYR P 41 10.32 -48.18 71.46
CA TYR P 41 10.87 -48.47 72.77
C TYR P 41 11.93 -49.55 72.67
N PRO P 42 12.88 -49.59 73.62
CA PRO P 42 13.95 -50.58 73.54
C PRO P 42 13.40 -52.00 73.51
N GLY P 43 13.78 -52.74 72.47
CA GLY P 43 13.32 -54.10 72.31
C GLY P 43 11.87 -54.23 71.87
N LYS P 44 11.27 -53.18 71.34
CA LYS P 44 9.87 -53.19 70.94
C LYS P 44 9.73 -52.80 69.48
N ALA P 45 8.59 -53.17 68.91
CA ALA P 45 8.28 -52.83 67.53
C ALA P 45 7.89 -51.36 67.41
N PRO P 46 8.16 -50.73 66.27
CA PRO P 46 7.78 -49.33 66.10
C PRO P 46 6.27 -49.12 66.13
N LYS P 47 5.89 -47.86 66.32
CA LYS P 47 4.49 -47.46 66.32
C LYS P 47 4.37 -46.17 65.52
N LEU P 48 3.46 -46.15 64.55
CA LEU P 48 3.22 -44.96 63.75
C LEU P 48 2.51 -43.91 64.60
N ILE P 49 3.06 -42.69 64.63
CA ILE P 49 2.49 -41.64 65.46
C ILE P 49 2.07 -40.45 64.61
N ILE P 50 2.71 -40.28 63.45
CA ILE P 50 2.39 -39.19 62.53
C ILE P 50 2.51 -39.71 61.11
N TYR P 51 1.47 -39.52 60.31
CA TYR P 51 1.52 -39.79 58.88
C TYR P 51 0.94 -38.59 58.14
N GLU P 52 1.24 -38.53 56.84
CA GLU P 52 0.87 -37.39 55.99
C GLU P 52 1.42 -36.08 56.54
N GLY P 53 2.54 -36.15 57.25
CA GLY P 53 3.20 -34.97 57.81
C GLY P 53 2.67 -34.41 59.12
N SER P 54 1.35 -34.23 59.24
CA SER P 54 0.79 -33.59 60.43
C SER P 54 -0.43 -34.30 61.01
N ARG P 55 -0.86 -35.42 60.43
CA ARG P 55 -2.05 -36.13 60.84
C ARG P 55 -1.67 -37.21 61.85
N ARG P 56 -2.58 -37.50 62.78
CA ARG P 56 -2.31 -38.39 63.91
C ARG P 56 -3.25 -39.59 63.89
N PRO P 57 -2.73 -40.82 63.95
CA PRO P 57 -3.61 -41.99 64.03
C PRO P 57 -4.43 -41.98 65.32
N SER P 58 -5.57 -42.66 65.27
CA SER P 58 -6.46 -42.73 66.42
C SER P 58 -5.74 -43.38 67.59
N GLY P 59 -5.68 -42.68 68.72
CA GLY P 59 -5.04 -43.17 69.91
C GLY P 59 -3.72 -42.50 70.26
N VAL P 60 -3.15 -41.72 69.34
CA VAL P 60 -1.89 -41.02 69.58
C VAL P 60 -2.19 -39.68 70.24
N SER P 61 -1.39 -39.35 71.25
CA SER P 61 -1.63 -38.14 72.05
C SER P 61 -1.46 -36.90 71.18
N ASP P 62 -2.31 -35.89 71.43
CA ASP P 62 -2.21 -34.64 70.71
C ASP P 62 -0.92 -33.88 71.00
N ARG P 63 -0.17 -34.28 72.04
CA ARG P 63 1.11 -33.64 72.34
C ARG P 63 2.12 -33.86 71.22
N PHE P 64 1.93 -34.86 70.38
CA PHE P 64 2.77 -35.07 69.21
C PHE P 64 2.23 -34.28 68.03
N SER P 65 3.12 -33.65 67.29
CA SER P 65 2.72 -32.83 66.14
C SER P 65 3.82 -32.86 65.09
N GLY P 66 3.41 -32.74 63.84
CA GLY P 66 4.36 -32.70 62.74
C GLY P 66 4.16 -31.51 61.83
N SER P 67 5.27 -31.02 61.30
CA SER P 67 5.24 -29.90 60.37
C SER P 67 6.45 -29.97 59.45
N LYS P 68 6.24 -29.64 58.19
CA LYS P 68 7.33 -29.53 57.22
C LYS P 68 7.61 -28.06 56.93
N SER P 69 8.88 -27.68 57.01
CA SER P 69 9.34 -26.36 56.62
C SER P 69 9.91 -26.44 55.22
N GLY P 70 11.03 -25.77 54.98
CA GLY P 70 11.65 -25.86 53.68
C GLY P 70 12.62 -27.03 53.60
N ASN P 71 12.18 -28.13 52.98
CA ASN P 71 12.98 -29.34 52.74
C ASN P 71 13.36 -30.04 54.04
N THR P 72 12.75 -29.66 55.15
CA THR P 72 12.94 -30.37 56.41
C THR P 72 11.59 -30.83 56.96
N ALA P 73 11.61 -31.92 57.72
CA ALA P 73 10.48 -32.36 58.49
C ALA P 73 10.77 -32.18 59.97
N SER P 74 9.71 -32.07 60.77
CA SER P 74 9.89 -31.80 62.19
C SER P 74 8.78 -32.48 62.97
N LEU P 75 9.15 -33.09 64.08
CA LEU P 75 8.23 -33.72 65.01
C LEU P 75 8.37 -33.03 66.36
N THR P 76 7.26 -32.50 66.87
CA THR P 76 7.27 -31.77 68.12
C THR P 76 6.46 -32.53 69.17
N ILE P 77 7.04 -32.66 70.36
CA ILE P 77 6.39 -33.27 71.51
C ILE P 77 6.30 -32.20 72.59
N SER P 78 5.09 -31.71 72.85
CA SER P 78 4.86 -30.73 73.88
C SER P 78 4.45 -31.41 75.18
N GLY P 79 4.62 -30.69 76.29
CA GLY P 79 4.33 -31.24 77.59
C GLY P 79 5.06 -32.56 77.80
N LEU P 80 6.38 -32.53 77.67
CA LEU P 80 7.17 -33.76 77.65
C LEU P 80 6.97 -34.54 78.95
N GLN P 81 6.78 -35.84 78.82
CA GLN P 81 6.53 -36.74 79.94
C GLN P 81 7.61 -37.81 79.99
N ALA P 82 7.55 -38.63 81.04
CA ALA P 82 8.49 -39.74 81.19
C ALA P 82 8.35 -40.72 80.04
N GLU P 83 7.18 -41.35 79.91
CA GLU P 83 6.88 -42.34 78.89
C GLU P 83 7.18 -41.90 77.46
N ASP P 84 7.55 -40.63 77.26
CA ASP P 84 7.90 -40.14 75.93
C ASP P 84 9.32 -40.49 75.52
N GLU P 85 10.13 -41.07 76.40
CA GLU P 85 11.52 -41.39 76.10
C GLU P 85 11.60 -42.63 75.22
N ALA P 86 12.11 -42.46 73.99
CA ALA P 86 12.20 -43.54 73.02
C ALA P 86 13.07 -43.08 71.85
N ASP P 87 13.23 -43.97 70.87
CA ASP P 87 13.90 -43.66 69.60
C ASP P 87 12.85 -43.28 68.56
N TYR P 88 13.07 -42.17 67.85
CA TYR P 88 12.11 -41.65 66.89
C TYR P 88 12.71 -41.62 65.49
N TYR P 89 11.95 -42.14 64.52
CA TYR P 89 12.37 -42.24 63.13
C TYR P 89 11.36 -41.56 62.22
N CYS P 90 11.87 -40.82 61.22
CA CYS P 90 11.06 -40.31 60.14
C CYS P 90 11.26 -41.19 58.90
N SER P 91 10.24 -41.24 58.04
CA SER P 91 10.34 -42.03 56.82
C SER P 91 9.55 -41.35 55.72
N SER P 92 9.95 -41.65 54.48
CA SER P 92 9.33 -41.05 53.30
C SER P 92 9.69 -41.91 52.09
N TYR P 93 9.46 -41.38 50.89
CA TYR P 93 9.72 -42.11 49.64
C TYR P 93 10.48 -41.22 48.66
N ALA P 94 11.74 -41.56 48.39
CA ALA P 94 12.60 -40.81 47.47
C ALA P 94 13.31 -41.80 46.56
N GLY P 95 12.55 -42.40 45.64
CA GLY P 95 13.01 -43.50 44.85
C GLY P 95 12.78 -44.85 45.50
N SER P 96 12.87 -44.92 46.82
CA SER P 96 12.48 -46.10 47.58
C SER P 96 12.03 -45.64 48.96
N VAL P 97 11.65 -46.60 49.80
CA VAL P 97 11.27 -46.28 51.16
C VAL P 97 12.55 -45.92 51.93
N VAL P 98 12.63 -44.69 52.42
CA VAL P 98 13.78 -44.22 53.16
C VAL P 98 13.39 -44.01 54.60
N PHE P 99 14.36 -44.25 55.49
CA PHE P 99 14.19 -44.06 56.92
C PHE P 99 15.27 -43.12 57.44
N GLY P 100 14.95 -42.41 58.52
CA GLY P 100 15.95 -41.59 59.17
C GLY P 100 16.92 -42.40 60.00
N GLY P 101 18.01 -41.74 60.40
CA GLY P 101 19.05 -42.42 61.16
C GLY P 101 18.63 -42.81 62.57
N GLY P 102 17.56 -42.21 63.08
CA GLY P 102 17.11 -42.47 64.43
C GLY P 102 17.53 -41.41 65.41
N THR P 103 16.57 -40.89 66.17
CA THR P 103 16.81 -39.83 67.15
C THR P 103 16.47 -40.37 68.52
N LYS P 104 17.45 -40.36 69.43
CA LYS P 104 17.25 -40.78 70.81
C LYS P 104 16.78 -39.59 71.63
N LEU P 105 15.52 -39.62 72.07
CA LEU P 105 14.94 -38.58 72.90
C LEU P 105 14.97 -39.01 74.36
N THR P 106 15.65 -38.22 75.20
CA THR P 106 15.72 -38.48 76.62
C THR P 106 14.94 -37.40 77.38
N VAL P 107 14.16 -37.82 78.36
CA VAL P 107 13.45 -36.90 79.23
C VAL P 107 14.25 -36.81 80.53
N LEU P 108 14.92 -35.67 80.72
CA LEU P 108 15.88 -35.53 81.81
C LEU P 108 15.19 -35.68 83.16
N GLY P 109 15.45 -36.78 83.86
CA GLY P 109 14.94 -36.99 85.19
C GLY P 109 15.96 -36.85 86.29
N GLN P 110 17.18 -36.41 85.97
CA GLN P 110 18.24 -36.24 86.95
C GLN P 110 19.28 -35.30 86.36
N PRO P 111 20.13 -34.69 87.18
CA PRO P 111 21.14 -33.76 86.66
C PRO P 111 22.13 -34.46 85.74
N LYS P 112 22.34 -33.86 84.57
CA LYS P 112 23.41 -34.25 83.65
C LYS P 112 24.74 -34.45 84.37
N GLY P 113 25.33 -35.63 84.21
CA GLY P 113 26.60 -35.96 84.83
C GLY P 113 27.63 -36.34 83.79
N ALA P 114 28.88 -35.90 84.02
CA ALA P 114 30.00 -36.21 83.13
C ALA P 114 30.52 -37.63 83.36
N PRO P 115 31.11 -38.25 82.34
CA PRO P 115 31.58 -39.63 82.49
C PRO P 115 32.94 -39.73 83.16
N SER P 116 33.09 -40.80 83.94
CA SER P 116 34.38 -41.15 84.54
C SER P 116 35.11 -42.14 83.63
N VAL P 117 36.37 -41.85 83.35
CA VAL P 117 37.15 -42.62 82.37
C VAL P 117 38.39 -43.18 83.06
N THR P 118 38.55 -44.50 82.99
CA THR P 118 39.74 -45.19 83.46
C THR P 118 40.32 -45.99 82.30
N LEU P 119 41.61 -45.77 82.00
CA LEU P 119 42.27 -46.36 80.85
C LEU P 119 43.37 -47.30 81.33
N PHE P 120 43.31 -48.56 80.89
CA PHE P 120 44.30 -49.56 81.28
C PHE P 120 45.25 -49.83 80.12
N PRO P 121 46.56 -49.87 80.37
CA PRO P 121 47.50 -50.25 79.32
C PRO P 121 47.50 -51.76 79.12
N PRO P 122 48.08 -52.26 78.03
CA PRO P 122 48.16 -53.71 77.86
C PRO P 122 49.09 -54.34 78.91
N SER P 123 48.64 -55.46 79.45
CA SER P 123 49.42 -56.14 80.48
C SER P 123 50.66 -56.80 79.87
N SER P 124 51.67 -57.01 80.71
CA SER P 124 52.87 -57.68 80.25
C SER P 124 52.56 -59.12 79.82
N GLU P 125 51.53 -59.73 80.42
CA GLU P 125 51.16 -61.09 80.03
C GLU P 125 50.64 -61.13 78.60
N GLU P 126 49.78 -60.18 78.23
CA GLU P 126 49.23 -60.17 76.88
C GLU P 126 50.29 -59.82 75.84
N LEU P 127 51.18 -58.87 76.16
CA LEU P 127 52.22 -58.49 75.23
C LEU P 127 53.15 -59.66 74.92
N GLN P 128 53.35 -60.56 75.89
CA GLN P 128 54.16 -61.75 75.63
C GLN P 128 53.43 -62.76 74.78
N ALA P 129 52.10 -62.67 74.69
CA ALA P 129 51.33 -63.43 73.73
C ALA P 129 51.26 -62.75 72.37
N ASN P 130 52.09 -61.73 72.15
CA ASN P 130 52.13 -60.96 70.91
C ASN P 130 50.79 -60.32 70.58
N LYS P 131 50.12 -59.78 71.60
CA LYS P 131 48.86 -59.06 71.43
C LYS P 131 48.89 -57.84 72.35
N ALA P 132 48.08 -56.85 72.01
CA ALA P 132 48.03 -55.62 72.79
C ALA P 132 46.63 -55.04 72.73
N THR P 133 46.01 -54.85 73.88
CA THR P 133 44.67 -54.29 73.98
C THR P 133 44.67 -53.16 75.00
N LEU P 134 44.20 -51.99 74.57
CA LEU P 134 43.96 -50.86 75.47
C LEU P 134 42.51 -50.87 75.90
N VAL P 135 42.26 -50.76 77.20
CA VAL P 135 40.92 -50.87 77.76
C VAL P 135 40.50 -49.50 78.28
N CYS P 136 39.44 -48.94 77.70
CA CYS P 136 38.90 -47.64 78.09
C CYS P 136 37.50 -47.85 78.63
N LEU P 137 37.33 -47.60 79.93
CA LEU P 137 36.09 -47.87 80.64
C LEU P 137 35.41 -46.56 80.99
N ILE P 138 34.15 -46.42 80.58
CA ILE P 138 33.39 -45.18 80.73
C ILE P 138 32.13 -45.48 81.53
N SER P 139 31.87 -44.67 82.56
CA SER P 139 30.75 -44.95 83.45
C SER P 139 30.22 -43.64 84.03
N ASP P 140 28.98 -43.72 84.54
CA ASP P 140 28.34 -42.65 85.31
C ASP P 140 28.13 -41.38 84.47
N PHE P 141 27.62 -41.56 83.26
CA PHE P 141 27.27 -40.41 82.42
C PHE P 141 25.78 -40.43 82.07
N TYR P 142 25.22 -39.24 81.92
CA TYR P 142 23.81 -39.03 81.64
C TYR P 142 23.66 -37.71 80.90
N PRO P 143 22.98 -37.67 79.75
CA PRO P 143 22.31 -38.77 79.03
C PRO P 143 23.28 -39.79 78.45
N GLY P 144 22.75 -40.91 77.97
CA GLY P 144 23.58 -42.01 77.49
C GLY P 144 23.99 -41.93 76.04
N ALA P 145 24.74 -40.90 75.69
CA ALA P 145 25.26 -40.72 74.34
C ALA P 145 26.70 -40.25 74.45
N VAL P 146 27.62 -41.00 73.87
CA VAL P 146 29.05 -40.73 74.03
C VAL P 146 29.78 -41.11 72.75
N THR P 147 30.78 -40.30 72.38
CA THR P 147 31.67 -40.58 71.26
C THR P 147 33.07 -40.79 71.81
N VAL P 148 33.74 -41.85 71.34
CA VAL P 148 35.06 -42.23 71.82
C VAL P 148 36.05 -42.09 70.67
N ALA P 149 37.17 -41.42 70.92
CA ALA P 149 38.24 -41.23 69.95
C ALA P 149 39.57 -41.60 70.59
N TRP P 150 40.39 -42.34 69.83
CA TRP P 150 41.71 -42.78 70.29
C TRP P 150 42.81 -41.96 69.62
N LYS P 151 43.99 -41.96 70.25
CA LYS P 151 45.09 -41.13 69.78
C LYS P 151 46.40 -41.90 69.89
N ALA P 152 47.21 -41.87 68.84
CA ALA P 152 48.58 -42.37 68.87
C ALA P 152 49.49 -41.15 68.93
N ASP P 153 50.15 -40.97 70.07
CA ASP P 153 50.82 -39.70 70.39
C ASP P 153 49.80 -38.58 70.31
N SER P 154 49.82 -37.82 69.21
CA SER P 154 48.83 -36.78 68.97
C SER P 154 48.02 -37.02 67.70
N SER P 155 48.22 -38.14 67.01
CA SER P 155 47.55 -38.50 65.77
C SER P 155 46.35 -39.41 66.02
N PRO P 156 45.24 -39.18 65.32
CA PRO P 156 44.04 -40.00 65.54
C PRO P 156 44.22 -41.43 65.07
N VAL P 157 43.56 -42.35 65.78
CA VAL P 157 43.58 -43.76 65.43
C VAL P 157 42.15 -44.23 65.19
N LYS P 158 41.91 -44.82 64.02
CA LYS P 158 40.63 -45.40 63.64
C LYS P 158 40.65 -46.91 63.51
N ALA P 159 41.76 -47.51 63.11
CA ALA P 159 41.84 -48.95 62.94
C ALA P 159 41.99 -49.65 64.28
N GLY P 160 41.34 -50.79 64.43
CA GLY P 160 41.43 -51.57 65.65
C GLY P 160 40.63 -51.05 66.82
N VAL P 161 39.72 -50.11 66.59
CA VAL P 161 38.89 -49.54 67.65
C VAL P 161 37.55 -50.26 67.68
N GLU P 162 37.10 -50.61 68.88
CA GLU P 162 35.83 -51.28 69.08
C GLU P 162 35.17 -50.67 70.32
N THR P 163 33.95 -50.17 70.15
CA THR P 163 33.27 -49.39 71.19
C THR P 163 31.90 -49.99 71.49
N THR P 164 31.56 -50.03 72.77
CA THR P 164 30.28 -50.57 73.20
C THR P 164 29.15 -49.56 73.00
N THR P 165 27.93 -50.07 72.83
CA THR P 165 26.76 -49.21 72.95
C THR P 165 26.50 -48.93 74.43
N PRO P 166 26.02 -47.72 74.76
CA PRO P 166 25.80 -47.41 76.17
C PRO P 166 24.76 -48.33 76.79
N SER P 167 24.99 -48.69 78.04
CA SER P 167 24.08 -49.52 78.81
C SER P 167 23.82 -48.88 80.15
N LYS P 168 22.64 -49.16 80.70
CA LYS P 168 22.19 -48.52 81.94
C LYS P 168 22.71 -49.29 83.15
N GLN P 169 23.24 -48.56 84.12
CA GLN P 169 23.63 -49.15 85.39
C GLN P 169 22.44 -49.16 86.33
N SER P 170 22.62 -49.73 87.53
CA SER P 170 21.54 -49.75 88.50
C SER P 170 21.29 -48.37 89.07
N ASN P 171 22.26 -47.46 88.90
CA ASN P 171 22.16 -46.06 89.33
C ASN P 171 21.44 -45.18 88.31
N ASN P 172 20.96 -45.77 87.21
CA ASN P 172 20.25 -45.08 86.12
C ASN P 172 21.11 -44.11 85.34
N LYS P 173 22.43 -44.19 85.47
CA LYS P 173 23.32 -43.57 84.51
C LYS P 173 23.87 -44.66 83.58
N TYR P 174 24.70 -44.26 82.64
CA TYR P 174 25.13 -45.15 81.59
C TYR P 174 26.61 -45.49 81.72
N ALA P 175 26.98 -46.63 81.14
CA ALA P 175 28.36 -47.09 81.11
C ALA P 175 28.66 -47.61 79.72
N ALA P 176 29.93 -47.51 79.33
CA ALA P 176 30.37 -47.98 78.02
C ALA P 176 31.83 -48.40 78.10
N SER P 177 32.27 -49.10 77.05
CA SER P 177 33.65 -49.57 76.98
C SER P 177 34.15 -49.43 75.56
N SER P 178 35.45 -49.13 75.43
CA SER P 178 36.09 -49.04 74.13
C SER P 178 37.45 -49.71 74.21
N TYR P 179 37.78 -50.48 73.17
CA TYR P 179 39.00 -51.25 73.12
C TYR P 179 39.80 -50.86 71.89
N LEU P 180 41.09 -50.63 72.07
CA LEU P 180 42.01 -50.38 70.97
C LEU P 180 42.98 -51.54 70.89
N SER P 181 43.00 -52.21 69.74
CA SER P 181 43.88 -53.35 69.51
C SER P 181 45.12 -52.89 68.76
N LEU P 182 46.29 -53.23 69.28
CA LEU P 182 47.56 -52.87 68.68
C LEU P 182 48.47 -54.09 68.62
N THR P 183 49.49 -53.99 67.83
CA THR P 183 50.56 -54.96 67.97
C THR P 183 51.52 -54.49 69.06
N PRO P 184 52.24 -55.41 69.72
CA PRO P 184 53.22 -54.98 70.73
C PRO P 184 54.22 -53.96 70.20
N GLU P 185 54.52 -54.01 68.89
CA GLU P 185 55.45 -53.06 68.30
C GLU P 185 54.86 -51.66 68.27
N GLN P 186 53.60 -51.53 67.82
CA GLN P 186 52.93 -50.24 67.84
C GLN P 186 52.86 -49.66 69.25
N TRP P 187 52.62 -50.53 70.23
CA TRP P 187 52.55 -50.07 71.62
C TRP P 187 53.90 -49.59 72.12
N LYS P 188 54.98 -50.27 71.72
CA LYS P 188 56.32 -49.92 72.19
C LYS P 188 57.00 -48.88 71.33
N SER P 189 56.45 -48.57 70.15
CA SER P 189 57.06 -47.57 69.27
C SER P 189 56.59 -46.14 69.54
N HIS P 190 55.36 -45.96 70.02
CA HIS P 190 54.83 -44.63 70.25
C HIS P 190 55.12 -44.15 71.67
N ARG P 191 55.01 -42.83 71.86
CA ARG P 191 55.21 -42.25 73.17
C ARG P 191 53.99 -42.36 74.06
N SER P 192 52.78 -42.32 73.49
CA SER P 192 51.59 -42.41 74.32
C SER P 192 50.37 -42.73 73.46
N TYR P 193 49.38 -43.33 74.10
CA TYR P 193 48.07 -43.56 73.52
C TYR P 193 47.01 -42.95 74.43
N SER P 194 45.95 -42.43 73.81
CA SER P 194 44.94 -41.70 74.55
C SER P 194 43.55 -42.21 74.20
N CYS P 195 42.67 -42.24 75.21
CA CYS P 195 41.25 -42.52 75.00
C CYS P 195 40.49 -41.24 75.33
N GLN P 196 39.85 -40.66 74.33
CA GLN P 196 39.12 -39.41 74.49
C GLN P 196 37.62 -39.69 74.36
N VAL P 197 36.86 -39.26 75.36
CA VAL P 197 35.43 -39.53 75.50
C VAL P 197 34.70 -38.19 75.56
N THR P 198 33.82 -37.94 74.60
CA THR P 198 33.09 -36.68 74.51
C THR P 198 31.64 -36.89 74.89
N HIS P 199 31.13 -36.06 75.79
CA HIS P 199 29.77 -36.16 76.30
C HIS P 199 29.24 -34.75 76.47
N GLU P 200 28.23 -34.39 75.67
CA GLU P 200 27.61 -33.06 75.71
C GLU P 200 28.65 -31.96 75.50
N GLY P 201 29.53 -32.16 74.51
CA GLY P 201 30.52 -31.17 74.18
C GLY P 201 31.76 -31.15 75.05
N SER P 202 31.74 -31.81 76.20
CA SER P 202 32.87 -31.82 77.12
C SER P 202 33.65 -33.12 77.00
N THR P 203 34.97 -33.02 76.90
CA THR P 203 35.86 -34.16 76.70
C THR P 203 36.77 -34.33 77.91
N VAL P 204 36.91 -35.56 78.39
CA VAL P 204 37.89 -35.92 79.43
C VAL P 204 38.90 -36.87 78.80
N GLU P 205 40.18 -36.71 79.12
CA GLU P 205 41.22 -37.49 78.46
C GLU P 205 42.00 -38.31 79.46
N LYS P 206 42.33 -39.55 79.08
CA LYS P 206 43.27 -40.38 79.82
C LYS P 206 44.33 -40.87 78.85
N THR P 207 45.57 -40.94 79.32
CA THR P 207 46.72 -41.27 78.49
C THR P 207 47.54 -42.38 79.15
N VAL P 208 48.08 -43.27 78.32
CA VAL P 208 48.99 -44.30 78.79
C VAL P 208 50.17 -44.34 77.85
N ALA P 209 51.30 -44.80 78.35
CA ALA P 209 52.56 -44.86 77.62
C ALA P 209 53.27 -46.17 77.93
N PRO P 210 54.11 -46.67 77.01
CA PRO P 210 54.89 -47.86 77.32
C PRO P 210 55.96 -47.65 78.39
N THR P 211 56.27 -46.40 78.76
CA THR P 211 57.38 -46.14 79.68
C THR P 211 56.97 -45.87 81.13
N GLU P 212 55.73 -45.52 81.40
CA GLU P 212 55.33 -45.23 82.79
C GLU P 212 54.52 -46.38 83.38
N GLU Q 1 66.37 14.48 -17.86
CA GLU Q 1 67.46 15.20 -18.52
C GLU Q 1 68.32 14.24 -19.33
N VAL Q 2 69.17 14.79 -20.18
CA VAL Q 2 70.03 14.00 -21.05
C VAL Q 2 71.31 13.64 -20.31
N GLN Q 3 71.72 12.39 -20.45
CA GLN Q 3 72.88 11.87 -19.73
C GLN Q 3 73.72 11.03 -20.68
N LEU Q 4 75.04 11.18 -20.58
CA LEU Q 4 76.01 10.43 -21.37
C LEU Q 4 76.94 9.74 -20.39
N VAL Q 5 76.73 8.45 -20.16
CA VAL Q 5 77.51 7.67 -19.21
C VAL Q 5 78.59 6.91 -19.97
N GLN Q 6 79.85 7.17 -19.63
CA GLN Q 6 80.98 6.56 -20.29
C GLN Q 6 81.48 5.34 -19.52
N SER Q 7 82.37 4.58 -20.16
CA SER Q 7 82.90 3.37 -19.59
C SER Q 7 83.95 3.69 -18.52
N GLY Q 8 84.47 2.64 -17.89
CA GLY Q 8 85.35 2.81 -16.77
C GLY Q 8 86.76 3.22 -17.16
N ALA Q 9 87.55 3.56 -16.15
CA ALA Q 9 88.93 3.97 -16.37
C ALA Q 9 89.73 2.83 -16.95
N GLU Q 10 90.66 3.16 -17.86
CA GLU Q 10 91.46 2.18 -18.57
C GLU Q 10 92.93 2.44 -18.27
N VAL Q 11 93.69 1.37 -18.03
CA VAL Q 11 95.14 1.46 -17.86
C VAL Q 11 95.77 0.46 -18.84
N LYS Q 12 96.33 0.98 -19.92
CA LYS Q 12 96.92 0.15 -20.96
C LYS Q 12 98.39 0.48 -21.15
N LYS Q 13 99.12 -0.46 -21.78
CA LYS Q 13 100.54 -0.33 -22.12
C LYS Q 13 100.71 0.10 -23.57
N PRO Q 14 101.82 0.77 -23.90
CA PRO Q 14 101.99 1.29 -25.26
C PRO Q 14 101.93 0.19 -26.31
N GLY Q 15 101.33 0.53 -27.45
CA GLY Q 15 101.14 -0.41 -28.53
C GLY Q 15 99.80 -1.11 -28.53
N ALA Q 16 99.06 -1.08 -27.42
CA ALA Q 16 97.77 -1.75 -27.34
C ALA Q 16 96.69 -0.85 -27.93
N SER Q 17 95.43 -1.26 -27.78
CA SER Q 17 94.29 -0.49 -28.25
C SER Q 17 93.27 -0.35 -27.13
N VAL Q 18 92.57 0.77 -27.12
CA VAL Q 18 91.55 1.05 -26.12
C VAL Q 18 90.25 1.39 -26.84
N LYS Q 19 89.13 0.99 -26.24
CA LYS Q 19 87.81 1.30 -26.79
C LYS Q 19 86.90 1.76 -25.67
N VAL Q 20 86.41 2.99 -25.77
CA VAL Q 20 85.59 3.62 -24.74
C VAL Q 20 84.15 3.71 -25.24
N SER Q 21 83.20 3.35 -24.39
CA SER Q 21 81.79 3.39 -24.73
C SER Q 21 81.14 4.63 -24.12
N CYS Q 22 80.01 5.04 -24.70
CA CYS Q 22 79.28 6.22 -24.27
C CYS Q 22 77.80 5.94 -24.52
N LYS Q 23 77.07 5.54 -23.47
CA LYS Q 23 75.67 5.20 -23.59
C LYS Q 23 74.82 6.43 -23.29
N THR Q 24 73.95 6.79 -24.23
CA THR Q 24 73.13 7.98 -24.14
C THR Q 24 71.74 7.66 -23.61
N SER Q 25 71.08 8.69 -23.08
CA SER Q 25 69.71 8.60 -22.62
C SER Q 25 69.13 10.00 -22.49
N GLY Q 26 67.81 10.10 -22.60
CA GLY Q 26 67.12 11.35 -22.42
C GLY Q 26 66.92 12.19 -23.66
N TYR Q 27 67.30 11.69 -24.83
CA TYR Q 27 67.09 12.42 -26.07
C TYR Q 27 67.18 11.43 -27.23
N THR Q 28 66.79 11.90 -28.41
CA THR Q 28 66.84 11.07 -29.61
C THR Q 28 68.30 10.87 -30.02
N PHE Q 29 68.81 9.65 -29.83
CA PHE Q 29 70.23 9.38 -30.08
C PHE Q 29 70.62 9.70 -31.51
N THR Q 30 69.77 9.34 -32.48
CA THR Q 30 70.09 9.47 -33.89
C THR Q 30 69.81 10.87 -34.44
N ALA Q 31 69.44 11.84 -33.59
CA ALA Q 31 69.06 13.16 -34.04
C ALA Q 31 70.15 14.21 -33.87
N TYR Q 32 71.24 13.89 -33.17
CA TYR Q 32 72.31 14.84 -32.93
C TYR Q 32 73.66 14.18 -33.21
N TYR Q 33 74.61 14.99 -33.68
CA TYR Q 33 75.97 14.52 -33.83
C TYR Q 33 76.59 14.23 -32.47
N LEU Q 34 77.57 13.33 -32.45
CA LEU Q 34 78.28 12.95 -31.23
C LEU Q 34 79.76 13.19 -31.41
N HIS Q 35 80.34 14.02 -30.55
CA HIS Q 35 81.75 14.38 -30.61
C HIS Q 35 82.55 13.58 -29.59
N TRP Q 36 83.86 13.50 -29.85
CA TRP Q 36 84.82 12.93 -28.92
C TRP Q 36 85.98 13.89 -28.75
N VAL Q 37 86.23 14.32 -27.52
CA VAL Q 37 87.28 15.28 -27.21
C VAL Q 37 88.05 14.76 -26.01
N ARG Q 38 89.38 14.84 -26.08
CA ARG Q 38 90.23 14.41 -24.98
C ARG Q 38 90.96 15.61 -24.39
N GLN Q 39 91.46 15.43 -23.17
CA GLN Q 39 92.11 16.50 -22.43
C GLN Q 39 93.33 15.94 -21.73
N ALA Q 40 94.51 16.34 -22.17
CA ALA Q 40 95.74 15.89 -21.53
C ALA Q 40 95.87 16.55 -20.15
N PRO Q 41 96.49 15.86 -19.19
CA PRO Q 41 96.65 16.43 -17.85
C PRO Q 41 97.33 17.78 -17.86
N GLY Q 42 96.61 18.83 -17.49
CA GLY Q 42 97.15 20.16 -17.45
C GLY Q 42 97.07 20.94 -18.75
N GLN Q 43 96.40 20.40 -19.76
CA GLN Q 43 96.23 21.03 -21.05
C GLN Q 43 94.76 21.34 -21.31
N GLY Q 44 94.49 21.91 -22.48
CA GLY Q 44 93.16 22.24 -22.90
C GLY Q 44 92.48 21.08 -23.57
N PHE Q 45 91.36 21.37 -24.23
CA PHE Q 45 90.60 20.34 -24.92
C PHE Q 45 91.06 20.23 -26.36
N GLU Q 46 90.94 19.01 -26.89
CA GLU Q 46 91.42 18.69 -28.23
C GLU Q 46 90.34 17.83 -28.90
N TRP Q 47 89.71 18.39 -29.94
CA TRP Q 47 88.65 17.68 -30.63
C TRP Q 47 89.25 16.58 -31.50
N MET Q 48 88.70 15.38 -31.40
CA MET Q 48 89.19 14.22 -32.14
C MET Q 48 88.36 13.93 -33.37
N ALA Q 49 87.06 13.73 -33.20
CA ALA Q 49 86.18 13.36 -34.30
C ALA Q 49 84.74 13.45 -33.83
N TRP Q 50 83.82 13.47 -34.80
CA TRP Q 50 82.40 13.31 -34.51
C TRP Q 50 81.83 12.20 -35.38
N ILE Q 51 80.64 11.74 -35.03
CA ILE Q 51 79.95 10.68 -35.76
C ILE Q 51 78.48 11.03 -35.86
N ASN Q 52 77.86 10.70 -36.99
CA ASN Q 52 76.43 10.86 -37.18
C ASN Q 52 75.76 9.56 -36.77
N PRO Q 53 75.09 9.49 -35.60
CA PRO Q 53 74.50 8.23 -35.16
C PRO Q 53 73.38 7.73 -36.06
N ASN Q 54 72.77 8.62 -36.87
CA ASN Q 54 71.72 8.19 -37.78
C ASN Q 54 72.29 7.43 -38.96
N THR Q 55 73.24 8.04 -39.68
CA THR Q 55 73.79 7.46 -40.88
C THR Q 55 75.08 6.68 -40.64
N GLY Q 56 75.80 6.98 -39.56
CA GLY Q 56 77.07 6.33 -39.28
C GLY Q 56 78.27 7.04 -39.85
N ASP Q 57 78.09 8.15 -40.55
CA ASP Q 57 79.20 8.87 -41.15
C ASP Q 57 80.05 9.53 -40.06
N THR Q 58 81.35 9.60 -40.34
CA THR Q 58 82.33 10.07 -39.37
C THR Q 58 83.16 11.19 -39.97
N ASN Q 59 83.89 11.90 -39.10
CA ASN Q 59 84.79 12.97 -39.53
C ASN Q 59 85.92 13.06 -38.52
N TYR Q 60 87.05 12.45 -38.84
CA TYR Q 60 88.20 12.42 -37.95
C TYR Q 60 89.12 13.61 -38.19
N ALA Q 61 89.88 13.95 -37.14
CA ALA Q 61 90.90 14.96 -37.25
C ALA Q 61 92.15 14.35 -37.88
N GLN Q 62 92.80 15.12 -38.76
CA GLN Q 62 93.92 14.60 -39.53
C GLN Q 62 94.99 13.99 -38.64
N LYS Q 63 95.23 14.58 -37.46
CA LYS Q 63 96.20 14.01 -36.53
C LYS Q 63 95.76 12.64 -36.02
N PHE Q 64 94.45 12.45 -35.86
CA PHE Q 64 93.91 11.19 -35.37
C PHE Q 64 93.43 10.29 -36.49
N GLN Q 65 93.32 10.81 -37.71
CA GLN Q 65 92.84 10.02 -38.83
C GLN Q 65 93.80 8.87 -39.10
N GLY Q 66 93.25 7.66 -39.21
CA GLY Q 66 94.05 6.46 -39.37
C GLY Q 66 94.32 5.70 -38.10
N ARG Q 67 94.10 6.31 -36.93
CA ARG Q 67 94.36 5.67 -35.65
C ARG Q 67 93.14 5.53 -34.76
N VAL Q 68 92.08 6.31 -34.98
CA VAL Q 68 90.87 6.26 -34.16
C VAL Q 68 89.71 5.84 -35.05
N THR Q 69 88.79 5.05 -34.48
CA THR Q 69 87.60 4.61 -35.20
C THR Q 69 86.37 4.84 -34.33
N LEU Q 70 85.36 5.49 -34.90
CA LEU Q 70 84.10 5.75 -34.22
C LEU Q 70 83.02 4.84 -34.77
N SER Q 71 82.13 4.38 -33.89
CA SER Q 71 81.01 3.54 -34.26
C SER Q 71 79.87 3.78 -33.28
N ARG Q 72 78.70 3.26 -33.60
CA ARG Q 72 77.54 3.45 -32.74
C ARG Q 72 76.72 2.16 -32.74
N ASP Q 73 75.83 2.05 -31.76
CA ASP Q 73 74.86 0.96 -31.69
C ASP Q 73 73.51 1.59 -31.36
N THR Q 74 72.68 1.79 -32.39
CA THR Q 74 71.45 2.55 -32.22
C THR Q 74 70.48 1.84 -31.28
N SER Q 75 70.54 0.50 -31.21
CA SER Q 75 69.60 -0.22 -30.37
C SER Q 75 69.77 0.15 -28.89
N ILE Q 76 71.02 0.24 -28.43
CA ILE Q 76 71.30 0.60 -27.05
C ILE Q 76 71.69 2.06 -26.91
N THR Q 77 71.60 2.82 -28.00
CA THR Q 77 71.94 4.25 -28.02
C THR Q 77 73.31 4.49 -27.40
N THR Q 78 74.28 3.67 -27.80
CA THR Q 78 75.64 3.72 -27.29
C THR Q 78 76.61 3.89 -28.45
N ALA Q 79 77.57 4.80 -28.28
CA ALA Q 79 78.64 4.99 -29.25
C ALA Q 79 79.97 4.57 -28.65
N TYR Q 80 80.90 4.20 -29.51
CA TYR Q 80 82.19 3.69 -29.08
C TYR Q 80 83.29 4.49 -29.75
N MET Q 81 84.40 4.66 -29.04
CA MET Q 81 85.60 5.29 -29.57
C MET Q 81 86.76 4.36 -29.32
N GLU Q 82 87.43 3.94 -30.40
CA GLU Q 82 88.55 3.03 -30.33
C GLU Q 82 89.80 3.71 -30.87
N LEU Q 83 90.83 3.78 -30.05
CA LEU Q 83 92.14 4.29 -30.42
C LEU Q 83 93.13 3.15 -30.43
N THR Q 84 93.90 3.03 -31.51
CA THR Q 84 94.88 1.97 -31.68
C THR Q 84 96.29 2.55 -31.52
N ARG Q 85 97.25 1.64 -31.36
CA ARG Q 85 98.67 1.99 -31.23
C ARG Q 85 98.88 3.10 -30.19
N LEU Q 86 98.54 2.77 -28.95
CA LEU Q 86 98.57 3.77 -27.88
C LEU Q 86 100.00 4.24 -27.63
N ARG Q 87 100.15 5.55 -27.42
CA ARG Q 87 101.44 6.16 -27.12
C ARG Q 87 101.39 6.81 -25.74
N SER Q 88 102.56 7.14 -25.21
CA SER Q 88 102.63 7.74 -23.88
C SER Q 88 101.94 9.10 -23.84
N ASP Q 89 101.91 9.82 -24.96
CA ASP Q 89 101.19 11.09 -24.99
C ASP Q 89 99.70 10.92 -25.24
N ASP Q 90 99.20 9.69 -25.31
CA ASP Q 90 97.76 9.46 -25.42
C ASP Q 90 97.09 9.36 -24.07
N THR Q 91 97.85 9.48 -22.97
CA THR Q 91 97.27 9.53 -21.64
C THR Q 91 96.47 10.81 -21.49
N ALA Q 92 95.16 10.66 -21.25
CA ALA Q 92 94.26 11.80 -21.13
C ALA Q 92 92.92 11.30 -20.62
N VAL Q 93 92.03 12.25 -20.33
CA VAL Q 93 90.62 11.96 -20.08
C VAL Q 93 89.85 12.17 -21.37
N TYR Q 94 89.09 11.17 -21.78
CA TYR Q 94 88.34 11.20 -23.02
C TYR Q 94 86.87 11.45 -22.73
N TYR Q 95 86.30 12.45 -23.40
CA TYR Q 95 84.92 12.85 -23.20
C TYR Q 95 84.12 12.60 -24.48
N CYS Q 96 82.91 12.07 -24.32
CA CYS Q 96 81.91 12.12 -25.38
C CYS Q 96 80.96 13.27 -25.10
N ALA Q 97 80.61 14.01 -26.14
CA ALA Q 97 79.78 15.20 -25.99
C ALA Q 97 78.75 15.27 -27.10
N LYS Q 98 77.52 15.61 -26.73
CA LYS Q 98 76.43 15.77 -27.69
C LYS Q 98 76.45 17.16 -28.30
N ASP Q 99 76.23 17.22 -29.61
CA ASP Q 99 76.23 18.47 -30.34
C ASP Q 99 74.93 19.24 -30.09
N LEU Q 100 74.99 20.57 -30.28
CA LEU Q 100 73.83 21.41 -30.03
C LEU Q 100 72.81 21.35 -31.16
N THR Q 101 73.26 21.17 -32.40
CA THR Q 101 72.39 21.33 -33.56
C THR Q 101 71.56 20.07 -33.80
N LEU Q 102 70.24 20.23 -33.83
CA LEU Q 102 69.33 19.15 -34.18
C LEU Q 102 69.33 18.94 -35.68
N MET Q 103 69.49 17.69 -36.11
CA MET Q 103 69.71 17.38 -37.52
C MET Q 103 68.64 16.48 -38.14
N TYR Q 104 67.76 15.86 -37.36
CA TYR Q 104 66.72 15.00 -37.92
C TYR Q 104 65.46 15.09 -37.08
N VAL Q 105 64.31 15.07 -37.75
CA VAL Q 105 63.00 14.89 -37.13
C VAL Q 105 62.31 13.82 -37.97
N PHE Q 106 62.30 12.58 -37.46
CA PHE Q 106 62.07 11.43 -38.33
C PHE Q 106 60.62 11.31 -38.77
N ASP Q 107 59.68 11.48 -37.85
CA ASP Q 107 58.27 11.20 -38.17
C ASP Q 107 57.70 12.20 -39.16
N SER Q 108 58.24 13.42 -39.20
CA SER Q 108 57.85 14.38 -40.22
C SER Q 108 58.80 14.36 -41.41
N GLY Q 109 59.80 13.49 -41.39
CA GLY Q 109 60.75 13.35 -42.48
C GLY Q 109 61.55 14.61 -42.77
N TRP Q 110 62.19 15.17 -41.74
CA TRP Q 110 62.99 16.37 -41.91
C TRP Q 110 64.45 16.07 -41.61
N ALA Q 111 65.33 16.60 -42.47
CA ALA Q 111 66.77 16.50 -42.27
C ALA Q 111 67.38 17.86 -42.56
N ARG Q 112 68.26 18.32 -41.67
CA ARG Q 112 68.88 19.62 -41.85
C ARG Q 112 69.77 19.63 -43.08
N GLY Q 113 69.73 20.76 -43.81
CA GLY Q 113 70.48 20.84 -45.06
C GLY Q 113 71.97 20.64 -44.87
N ALA Q 114 72.54 21.31 -43.87
CA ALA Q 114 73.94 21.16 -43.55
C ALA Q 114 74.11 21.25 -42.04
N HIS Q 115 75.22 20.70 -41.55
CA HIS Q 115 75.55 20.79 -40.14
C HIS Q 115 76.35 22.05 -39.87
N ASP Q 116 75.95 22.80 -38.86
CA ASP Q 116 76.69 23.94 -38.36
C ASP Q 116 77.05 23.69 -36.90
N TYR Q 117 78.28 24.02 -36.53
CA TYR Q 117 78.77 23.76 -35.18
C TYR Q 117 78.54 25.00 -34.31
N TYR Q 118 77.63 24.88 -33.34
CA TYR Q 118 77.37 25.95 -32.39
C TYR Q 118 77.89 25.66 -31.00
N GLY Q 119 78.29 24.43 -30.71
CA GLY Q 119 78.82 24.06 -29.42
C GLY Q 119 78.40 22.67 -29.00
N MET Q 120 78.77 22.27 -27.79
CA MET Q 120 78.42 20.95 -27.25
C MET Q 120 77.75 21.17 -25.91
N ASP Q 121 76.46 20.86 -25.83
CA ASP Q 121 75.65 21.22 -24.67
C ASP Q 121 75.74 20.24 -23.52
N VAL Q 122 76.07 18.98 -23.78
CA VAL Q 122 76.10 17.96 -22.73
C VAL Q 122 77.34 17.09 -22.91
N TRP Q 123 78.09 16.91 -21.82
CA TRP Q 123 79.32 16.12 -21.83
C TRP Q 123 79.15 14.90 -20.94
N GLY Q 124 79.94 13.87 -21.25
CA GLY Q 124 80.00 12.71 -20.37
C GLY Q 124 80.95 12.94 -19.22
N GLN Q 125 80.85 12.06 -18.21
CA GLN Q 125 81.68 12.22 -17.02
C GLN Q 125 83.17 12.03 -17.33
N GLY Q 126 83.49 11.43 -18.46
CA GLY Q 126 84.87 11.26 -18.85
C GLY Q 126 85.40 9.87 -18.52
N THR Q 127 86.32 9.40 -19.36
CA THR Q 127 87.00 8.13 -19.16
C THR Q 127 88.50 8.39 -19.14
N THR Q 128 89.13 8.05 -18.02
CA THR Q 128 90.56 8.30 -17.85
C THR Q 128 91.33 7.12 -18.40
N VAL Q 129 92.28 7.39 -19.30
CA VAL Q 129 93.12 6.34 -19.88
C VAL Q 129 94.58 6.68 -19.59
N ALA Q 130 95.28 5.75 -18.93
CA ALA Q 130 96.70 5.87 -18.64
C ALA Q 130 97.48 4.90 -19.51
N VAL Q 131 98.49 5.41 -20.21
CA VAL Q 131 99.31 4.58 -21.08
C VAL Q 131 100.75 4.71 -20.60
N SER Q 132 101.23 3.69 -19.90
CA SER Q 132 102.61 3.65 -19.40
C SER Q 132 103.22 2.30 -19.75
N GLY Q 133 104.50 2.29 -20.10
CA GLY Q 133 105.22 1.06 -20.33
C GLY Q 133 105.95 0.53 -19.11
N ALA Q 134 105.68 1.09 -17.94
CA ALA Q 134 106.36 0.69 -16.71
C ALA Q 134 105.62 -0.47 -16.07
N SER Q 135 106.36 -1.31 -15.33
CA SER Q 135 105.76 -2.39 -14.58
C SER Q 135 105.77 -2.03 -13.10
N THR Q 136 105.84 -3.03 -12.22
CA THR Q 136 105.67 -2.81 -10.79
C THR Q 136 107.02 -2.91 -10.10
N LYS Q 137 107.51 -1.77 -9.62
CA LYS Q 137 108.84 -1.64 -9.03
C LYS Q 137 108.74 -0.98 -7.68
N GLY Q 138 109.47 -1.53 -6.71
CA GLY Q 138 109.55 -0.92 -5.39
C GLY Q 138 110.46 0.30 -5.39
N PRO Q 139 110.26 1.18 -4.43
CA PRO Q 139 110.99 2.45 -4.42
C PRO Q 139 112.37 2.35 -3.76
N SER Q 140 113.23 3.26 -4.17
CA SER Q 140 114.51 3.51 -3.50
C SER Q 140 114.35 4.75 -2.62
N VAL Q 141 114.76 4.65 -1.36
CA VAL Q 141 114.56 5.70 -0.38
C VAL Q 141 115.91 6.27 0.02
N PHE Q 142 116.04 7.59 -0.08
CA PHE Q 142 117.25 8.30 0.29
C PHE Q 142 116.94 9.37 1.34
N PRO Q 143 117.83 9.58 2.30
CA PRO Q 143 117.56 10.58 3.35
C PRO Q 143 117.87 11.99 2.87
N LEU Q 144 117.02 12.93 3.28
CA LEU Q 144 117.25 14.35 3.06
C LEU Q 144 117.70 14.93 4.40
N ALA Q 145 119.00 15.04 4.59
CA ALA Q 145 119.54 15.42 5.89
C ALA Q 145 119.18 16.86 6.22
N PRO Q 146 118.90 17.17 7.48
CA PRO Q 146 118.65 18.56 7.86
C PRO Q 146 119.94 19.37 7.78
N SER Q 147 119.77 20.69 7.73
CA SER Q 147 120.92 21.57 7.62
C SER Q 147 121.71 21.61 8.93
N SER Q 148 123.04 21.64 8.80
CA SER Q 148 123.91 21.68 9.98
C SER Q 148 123.76 22.99 10.74
N LYS Q 149 123.26 24.03 10.08
CA LYS Q 149 123.06 25.33 10.72
C LYS Q 149 122.05 25.25 11.84
N SER Q 150 122.30 25.99 12.92
CA SER Q 150 121.44 25.98 14.09
C SER Q 150 121.17 27.43 14.50
N THR Q 151 119.91 27.73 14.76
CA THR Q 151 119.43 29.04 15.19
C THR Q 151 118.95 28.99 16.63
N SER Q 152 118.68 30.15 17.21
CA SER Q 152 118.20 30.24 18.59
C SER Q 152 116.72 29.87 18.61
N GLY Q 153 116.43 28.64 19.04
CA GLY Q 153 115.08 28.16 19.02
C GLY Q 153 114.89 27.37 17.75
N GLY Q 154 114.43 28.09 16.73
CA GLY Q 154 114.06 27.64 15.38
C GLY Q 154 113.78 26.19 15.06
N THR Q 155 113.65 25.93 13.77
CA THR Q 155 113.25 24.63 13.27
C THR Q 155 114.24 24.14 12.23
N ALA Q 156 114.21 22.83 12.00
CA ALA Q 156 114.97 22.21 10.93
C ALA Q 156 114.03 21.40 10.05
N ALA Q 157 114.48 21.13 8.82
CA ALA Q 157 113.66 20.42 7.85
C ALA Q 157 114.44 19.21 7.35
N LEU Q 158 113.96 18.02 7.68
CA LEU Q 158 114.53 16.77 7.22
C LEU Q 158 113.44 15.93 6.58
N GLY Q 159 113.83 15.06 5.66
CA GLY Q 159 112.85 14.28 4.94
C GLY Q 159 113.44 13.05 4.29
N CYS Q 160 112.61 12.40 3.48
CA CYS Q 160 112.98 11.21 2.74
C CYS Q 160 112.53 11.35 1.29
N LEU Q 161 113.40 10.91 0.38
CA LEU Q 161 113.11 10.95 -1.05
C LEU Q 161 112.74 9.55 -1.50
N VAL Q 162 111.48 9.35 -1.87
CA VAL Q 162 110.97 8.07 -2.33
C VAL Q 162 110.98 8.11 -3.85
N LYS Q 163 111.98 7.47 -4.46
CA LYS Q 163 112.27 7.60 -5.89
C LYS Q 163 111.90 6.33 -6.65
N ASP Q 164 111.40 6.51 -7.86
CA ASP Q 164 111.25 5.46 -8.87
C ASP Q 164 110.48 4.25 -8.34
N TYR Q 165 109.16 4.44 -8.24
CA TYR Q 165 108.27 3.35 -7.89
C TYR Q 165 107.08 3.35 -8.83
N PHE Q 166 106.40 2.20 -8.90
CA PHE Q 166 105.22 2.07 -9.74
C PHE Q 166 104.44 0.85 -9.29
N PRO Q 167 103.11 0.94 -9.16
CA PRO Q 167 102.39 2.21 -9.34
C PRO Q 167 102.08 2.88 -8.01
N GLU Q 168 101.26 3.92 -8.05
CA GLU Q 168 100.76 4.52 -6.83
C GLU Q 168 99.84 3.52 -6.12
N PRO Q 169 99.69 3.66 -4.79
CA PRO Q 169 100.28 4.67 -3.92
C PRO Q 169 101.46 4.16 -3.07
N VAL Q 170 102.10 5.09 -2.36
CA VAL Q 170 103.15 4.78 -1.39
C VAL Q 170 102.76 5.41 -0.06
N THR Q 171 103.01 4.70 1.03
CA THR Q 171 102.72 5.18 2.37
C THR Q 171 104.02 5.60 3.06
N VAL Q 172 104.01 6.75 3.72
CA VAL Q 172 105.14 7.27 4.46
C VAL Q 172 104.70 7.61 5.87
N SER Q 173 105.40 7.08 6.86
CA SER Q 173 105.20 7.43 8.26
C SER Q 173 106.55 7.73 8.88
N TRP Q 174 106.53 8.47 10.00
CA TRP Q 174 107.75 8.87 10.69
C TRP Q 174 107.73 8.28 12.09
N ASN Q 175 108.79 7.53 12.43
CA ASN Q 175 108.93 6.88 13.72
C ASN Q 175 107.67 6.07 14.06
N SER Q 176 107.23 5.28 13.09
CA SER Q 176 106.08 4.39 13.25
C SER Q 176 104.82 5.15 13.64
N GLY Q 177 104.67 6.36 13.10
CA GLY Q 177 103.49 7.16 13.37
C GLY Q 177 103.52 7.97 14.64
N ALA Q 178 104.57 7.83 15.46
CA ALA Q 178 104.64 8.60 16.68
C ALA Q 178 104.90 10.09 16.43
N LEU Q 179 105.33 10.45 15.22
CA LEU Q 179 105.58 11.83 14.85
C LEU Q 179 104.62 12.22 13.75
N THR Q 180 103.65 13.07 14.08
CA THR Q 180 102.68 13.56 13.11
C THR Q 180 102.70 15.07 12.95
N SER Q 181 103.01 15.82 14.00
CA SER Q 181 103.04 17.27 13.88
C SER Q 181 104.22 17.70 13.01
N GLY Q 182 103.96 18.60 12.07
CA GLY Q 182 104.97 19.12 11.19
C GLY Q 182 105.31 18.24 10.00
N VAL Q 183 104.59 17.13 9.81
CA VAL Q 183 104.85 16.22 8.70
C VAL Q 183 104.09 16.71 7.47
N HIS Q 184 104.80 16.78 6.34
CA HIS Q 184 104.22 17.25 5.08
C HIS Q 184 104.72 16.33 3.96
N THR Q 185 103.86 15.41 3.52
CA THR Q 185 104.17 14.51 2.43
C THR Q 185 103.60 15.09 1.14
N PHE Q 186 104.45 15.35 0.19
CA PHE Q 186 104.03 15.99 -1.04
C PHE Q 186 103.52 14.96 -2.03
N PRO Q 187 102.51 15.32 -2.84
CA PRO Q 187 102.02 14.39 -3.87
C PRO Q 187 103.12 14.03 -4.84
N ALA Q 188 103.06 12.80 -5.34
CA ALA Q 188 104.11 12.27 -6.19
C ALA Q 188 104.11 12.98 -7.55
N VAL Q 189 105.25 12.86 -8.24
CA VAL Q 189 105.41 13.35 -9.60
C VAL Q 189 105.68 12.17 -10.52
N LEU Q 190 105.02 12.17 -11.67
CA LEU Q 190 105.21 11.13 -12.67
C LEU Q 190 106.29 11.60 -13.64
N GLN Q 191 107.41 10.88 -13.65
CA GLN Q 191 108.56 11.27 -14.46
C GLN Q 191 108.37 10.81 -15.91
N SER Q 192 109.34 11.25 -16.75
CA SER Q 192 109.33 10.91 -18.17
C SER Q 192 109.49 9.41 -18.39
N SER Q 193 110.14 8.70 -17.45
CA SER Q 193 110.32 7.25 -17.53
C SER Q 193 109.08 6.45 -17.15
N GLY Q 194 108.05 7.08 -16.57
CA GLY Q 194 106.87 6.39 -16.15
C GLY Q 194 106.82 5.99 -14.70
N LEU Q 195 107.90 6.20 -13.95
CA LEU Q 195 107.93 5.91 -12.52
C LEU Q 195 107.59 7.16 -11.73
N TYR Q 196 107.12 6.95 -10.50
CA TYR Q 196 106.73 8.04 -9.61
C TYR Q 196 107.84 8.33 -8.60
N SER Q 197 107.78 9.54 -8.05
CA SER Q 197 108.70 9.96 -7.01
C SER Q 197 108.03 11.02 -6.15
N LEU Q 198 108.18 10.89 -4.84
CA LEU Q 198 107.64 11.89 -3.92
C LEU Q 198 108.64 12.12 -2.80
N SER Q 199 108.40 13.17 -2.03
CA SER Q 199 109.20 13.50 -0.86
C SER Q 199 108.28 13.81 0.30
N SER Q 200 108.70 13.40 1.49
CA SER Q 200 107.95 13.65 2.73
C SER Q 200 108.88 14.32 3.71
N VAL Q 201 108.50 15.50 4.19
CA VAL Q 201 109.34 16.31 5.06
C VAL Q 201 108.63 16.55 6.37
N VAL Q 202 109.37 16.47 7.47
CA VAL Q 202 108.88 16.82 8.79
C VAL Q 202 109.77 17.91 9.35
N THR Q 203 109.16 18.91 9.98
CA THR Q 203 109.87 20.03 10.57
C THR Q 203 110.06 19.77 12.07
N VAL Q 204 111.30 19.87 12.52
CA VAL Q 204 111.63 19.47 13.89
C VAL Q 204 112.41 20.61 14.55
N PRO Q 205 112.39 20.67 15.87
CA PRO Q 205 113.23 21.66 16.58
C PRO Q 205 114.71 21.35 16.38
N SER Q 206 115.51 22.42 16.24
CA SER Q 206 116.93 22.25 15.97
C SER Q 206 117.66 21.59 17.14
N SER Q 207 117.18 21.78 18.36
CA SER Q 207 117.84 21.20 19.52
C SER Q 207 117.74 19.67 19.53
N SER Q 208 116.72 19.12 18.89
CA SER Q 208 116.47 17.68 18.90
C SER Q 208 117.25 16.94 17.81
N LEU Q 209 118.02 17.65 16.98
CA LEU Q 209 118.73 16.99 15.89
C LEU Q 209 119.75 16.00 16.41
N GLY Q 210 120.47 16.36 17.46
CA GLY Q 210 121.47 15.51 18.05
C GLY Q 210 120.99 14.56 19.14
N THR Q 211 119.70 14.54 19.44
CA THR Q 211 119.18 13.70 20.52
C THR Q 211 118.09 12.75 20.06
N GLN Q 212 117.05 13.25 19.40
CA GLN Q 212 115.94 12.41 18.97
C GLN Q 212 116.24 11.74 17.63
N THR Q 213 115.90 10.46 17.54
CA THR Q 213 116.03 9.71 16.31
C THR Q 213 114.80 9.90 15.43
N TYR Q 214 115.03 10.14 14.15
CA TYR Q 214 113.97 10.31 13.16
C TYR Q 214 114.14 9.24 12.10
N ILE Q 215 113.13 8.38 11.96
CA ILE Q 215 113.15 7.28 11.01
C ILE Q 215 111.89 7.36 10.17
N CYS Q 216 112.05 7.36 8.86
CA CYS Q 216 110.93 7.41 7.92
C CYS Q 216 110.62 6.00 7.44
N ASN Q 217 109.34 5.64 7.53
CA ASN Q 217 108.87 4.29 7.19
C ASN Q 217 108.09 4.38 5.88
N VAL Q 218 108.66 3.83 4.82
CA VAL Q 218 108.04 3.85 3.50
C VAL Q 218 107.44 2.47 3.23
N ASN Q 219 106.20 2.45 2.74
CA ASN Q 219 105.50 1.21 2.46
C ASN Q 219 104.86 1.31 1.07
N HIS Q 220 105.27 0.42 0.17
CA HIS Q 220 104.71 0.32 -1.17
C HIS Q 220 104.09 -1.06 -1.32
N LYS Q 221 102.77 -1.13 -1.16
CA LYS Q 221 102.03 -2.38 -1.15
C LYS Q 221 101.97 -3.06 -2.52
N PRO Q 222 101.88 -2.33 -3.64
CA PRO Q 222 101.91 -3.01 -4.95
C PRO Q 222 103.11 -3.90 -5.16
N SER Q 223 104.29 -3.49 -4.68
CA SER Q 223 105.47 -4.33 -4.74
C SER Q 223 105.78 -4.97 -3.40
N ASN Q 224 105.01 -4.62 -2.36
CA ASN Q 224 105.22 -5.13 -1.01
C ASN Q 224 106.65 -4.88 -0.55
N THR Q 225 107.07 -3.63 -0.65
CA THR Q 225 108.38 -3.17 -0.20
C THR Q 225 108.19 -2.26 1.00
N LYS Q 226 108.94 -2.53 2.07
CA LYS Q 226 108.96 -1.70 3.26
C LYS Q 226 110.38 -1.24 3.52
N VAL Q 227 110.55 0.06 3.76
CA VAL Q 227 111.86 0.64 4.05
C VAL Q 227 111.74 1.47 5.32
N ASP Q 228 112.64 1.23 6.26
CA ASP Q 228 112.80 2.06 7.45
C ASP Q 228 114.20 2.66 7.38
N LYS Q 229 114.31 3.90 6.95
CA LYS Q 229 115.59 4.57 6.81
C LYS Q 229 115.71 5.67 7.85
N ARG Q 230 116.86 5.74 8.52
CA ARG Q 230 117.11 6.75 9.53
C ARG Q 230 117.79 7.95 8.88
N VAL Q 231 117.27 9.14 9.16
CA VAL Q 231 117.82 10.38 8.61
C VAL Q 231 118.41 11.19 9.76
N GLU Q 232 119.72 11.38 9.74
CA GLU Q 232 120.44 12.08 10.78
C GLU Q 232 121.29 13.18 10.16
N PRO Q 233 121.68 14.19 10.93
CA PRO Q 233 122.51 15.26 10.37
C PRO Q 233 123.85 14.72 9.89
N LYS Q 234 124.36 15.32 8.80
CA LYS Q 234 125.63 14.94 8.22
C LYS Q 234 126.79 15.36 9.13
N SER Q 235 127.88 15.84 8.54
CA SER Q 235 129.09 16.21 9.29
C SER Q 235 130.04 17.01 8.41
N PRO R 1 92.40 23.68 -38.63
CA PRO R 1 92.35 24.30 -37.30
C PRO R 1 93.51 25.23 -37.02
N SER R 2 93.34 26.18 -36.09
CA SER R 2 94.46 27.04 -35.72
C SER R 2 94.44 27.46 -34.26
N ALA R 3 93.69 26.78 -33.39
CA ALA R 3 93.64 27.00 -31.95
C ALA R 3 93.31 28.44 -31.52
N LEU R 4 92.89 28.60 -30.26
CA LEU R 4 92.62 29.88 -29.66
C LEU R 4 93.49 30.05 -28.41
N THR R 5 93.97 31.27 -28.19
CA THR R 5 94.86 31.61 -27.08
C THR R 5 94.12 32.48 -26.08
N GLN R 6 94.29 32.17 -24.80
CA GLN R 6 93.70 32.90 -23.69
C GLN R 6 94.74 33.14 -22.60
N PRO R 7 94.47 34.05 -21.67
CA PRO R 7 95.34 34.18 -20.49
C PRO R 7 95.31 32.91 -19.64
N ALA R 8 96.47 32.55 -19.08
CA ALA R 8 96.58 31.35 -18.30
C ALA R 8 95.77 31.42 -17.00
N SER R 9 95.74 32.59 -16.36
CA SER R 9 95.10 32.71 -15.06
C SER R 9 94.54 34.11 -14.86
N VAL R 10 93.40 34.20 -14.18
CA VAL R 10 92.81 35.46 -13.73
C VAL R 10 92.27 35.24 -12.33
N SER R 11 92.19 36.31 -11.56
CA SER R 11 91.74 36.22 -10.18
C SER R 11 90.96 37.47 -9.79
N GLY R 12 90.09 37.32 -8.79
CA GLY R 12 89.32 38.42 -8.26
C GLY R 12 88.67 38.05 -6.96
N SER R 13 88.20 39.07 -6.24
CA SER R 13 87.52 38.91 -4.97
C SER R 13 86.01 38.84 -5.17
N PRO R 14 85.28 38.26 -4.21
CA PRO R 14 83.82 38.18 -4.32
C PRO R 14 83.18 39.56 -4.47
N GLY R 15 82.25 39.65 -5.43
CA GLY R 15 81.55 40.89 -5.71
C GLY R 15 82.11 41.70 -6.87
N GLN R 16 83.23 41.29 -7.44
CA GLN R 16 83.88 42.02 -8.52
C GLN R 16 83.48 41.46 -9.88
N SER R 17 84.15 41.94 -10.93
CA SER R 17 83.90 41.54 -12.31
C SER R 17 85.20 41.10 -12.97
N VAL R 18 85.12 40.02 -13.77
CA VAL R 18 86.29 39.46 -14.44
C VAL R 18 86.01 39.33 -15.93
N THR R 19 87.09 39.40 -16.73
CA THR R 19 87.04 39.17 -18.16
C THR R 19 88.09 38.13 -18.56
N ILE R 20 87.65 37.14 -19.34
CA ILE R 20 88.51 36.06 -19.82
C ILE R 20 88.64 36.23 -21.32
N SER R 21 89.82 36.57 -21.82
CA SER R 21 89.93 36.80 -23.25
C SER R 21 90.18 35.50 -24.01
N CYS R 22 89.89 35.54 -25.32
CA CYS R 22 90.04 34.38 -26.19
C CYS R 22 90.19 34.92 -27.61
N THR R 23 91.43 35.06 -28.07
CA THR R 23 91.71 35.69 -29.36
C THR R 23 92.28 34.67 -30.34
N GLY R 24 91.89 34.80 -31.60
CA GLY R 24 92.35 33.96 -32.68
C GLY R 24 92.82 34.79 -33.86
N THR R 25 92.23 34.53 -35.03
CA THR R 25 92.56 35.23 -36.26
C THR R 25 91.24 35.60 -36.93
N ASN R 26 91.27 35.99 -38.20
CA ASN R 26 90.06 36.42 -38.89
C ASN R 26 89.27 35.27 -39.51
N SER R 27 89.43 34.04 -39.00
CA SER R 27 88.67 32.89 -39.50
C SER R 27 87.37 32.72 -38.75
N ASP R 28 87.45 32.78 -37.42
CA ASP R 28 86.31 32.75 -36.51
C ASP R 28 86.53 33.97 -35.62
N VAL R 29 85.78 34.09 -34.53
CA VAL R 29 85.84 35.22 -33.59
C VAL R 29 85.92 36.61 -34.24
N GLY R 30 86.47 36.70 -35.46
CA GLY R 30 86.52 37.96 -36.15
C GLY R 30 85.91 37.92 -37.53
N THR R 31 85.23 36.81 -37.83
CA THR R 31 84.32 36.68 -38.97
C THR R 31 83.01 36.11 -38.45
N PHE R 32 83.14 35.08 -37.62
CA PHE R 32 82.02 34.43 -36.98
C PHE R 32 81.94 34.86 -35.52
N ASP R 33 80.90 34.39 -34.85
CA ASP R 33 80.67 34.74 -33.45
C ASP R 33 80.06 33.54 -32.72
N LEU R 34 80.02 32.37 -33.37
CA LEU R 34 79.50 31.14 -32.81
C LEU R 34 80.37 30.58 -31.69
N VAL R 35 80.96 31.46 -30.90
CA VAL R 35 81.89 31.07 -29.84
C VAL R 35 81.10 30.56 -28.65
N SER R 36 81.50 29.42 -28.12
CA SER R 36 80.85 28.84 -26.95
C SER R 36 81.86 28.75 -25.81
N TRP R 37 81.38 28.96 -24.58
CA TRP R 37 82.20 28.96 -23.38
C TRP R 37 81.77 27.82 -22.46
N TYR R 38 82.75 27.23 -21.77
CA TYR R 38 82.51 26.08 -20.91
C TYR R 38 83.23 26.26 -19.58
N GLN R 39 82.55 25.89 -18.50
CA GLN R 39 83.13 25.89 -17.17
C GLN R 39 83.33 24.45 -16.70
N GLN R 40 84.50 24.20 -16.11
CA GLN R 40 84.87 22.85 -15.69
C GLN R 40 85.41 22.88 -14.27
N TYR R 41 84.78 22.10 -13.38
CA TYR R 41 85.24 21.86 -12.03
C TYR R 41 86.22 20.69 -12.00
N PRO R 42 87.12 20.63 -11.01
CA PRO R 42 88.14 19.57 -10.98
C PRO R 42 87.51 18.18 -10.95
N GLY R 43 87.91 17.36 -11.91
CA GLY R 43 87.41 16.00 -12.01
C GLY R 43 85.99 15.90 -12.52
N LYS R 44 85.46 16.96 -13.12
CA LYS R 44 84.09 16.97 -13.60
C LYS R 44 84.07 17.35 -15.09
N ALA R 45 82.96 17.03 -15.73
CA ALA R 45 82.76 17.33 -17.14
C ALA R 45 82.46 18.82 -17.35
N PRO R 46 82.84 19.36 -18.50
CA PRO R 46 82.53 20.77 -18.79
C PRO R 46 81.02 20.99 -18.87
N LYS R 47 80.63 22.25 -18.79
CA LYS R 47 79.22 22.62 -18.89
C LYS R 47 79.09 23.85 -19.78
N LEU R 48 78.19 23.78 -20.75
CA LEU R 48 77.95 24.91 -21.65
C LEU R 48 77.25 26.03 -20.89
N ILE R 49 77.83 27.24 -20.97
CA ILE R 49 77.32 28.39 -20.25
C ILE R 49 76.95 29.50 -21.22
N ILE R 50 77.62 29.53 -22.37
CA ILE R 50 77.40 30.55 -23.38
C ILE R 50 77.50 29.90 -24.76
N TYR R 51 76.50 30.12 -25.60
CA TYR R 51 76.57 29.71 -27.00
C TYR R 51 76.19 30.90 -27.87
N GLU R 52 76.53 30.80 -29.15
CA GLU R 52 76.32 31.88 -30.13
C GLU R 52 76.95 33.19 -29.65
N GLY R 53 78.03 33.10 -28.87
CA GLY R 53 78.72 34.30 -28.38
C GLY R 53 78.12 35.00 -27.18
N SER R 54 76.81 35.25 -27.20
CA SER R 54 76.15 35.99 -26.14
C SER R 54 74.87 35.34 -25.65
N ARG R 55 74.51 34.18 -26.19
CA ARG R 55 73.28 33.49 -25.81
C ARG R 55 73.56 32.54 -24.66
N ARG R 56 72.55 32.34 -23.83
CA ARG R 56 72.64 31.65 -22.56
C ARG R 56 71.71 30.45 -22.48
N PRO R 57 72.22 29.25 -22.19
CA PRO R 57 71.34 28.11 -21.95
C PRO R 57 70.48 28.35 -20.73
N SER R 58 69.30 27.74 -20.74
CA SER R 58 68.36 27.89 -19.63
C SER R 58 68.94 27.31 -18.34
N GLY R 59 69.01 28.13 -17.29
CA GLY R 59 69.44 27.70 -15.98
C GLY R 59 70.80 28.19 -15.52
N VAL R 60 71.65 28.70 -16.40
CA VAL R 60 72.94 29.24 -15.97
C VAL R 60 72.74 30.72 -15.67
N SER R 61 73.40 31.21 -14.63
CA SER R 61 73.14 32.55 -14.10
C SER R 61 73.42 33.65 -15.12
N ASP R 62 72.60 34.70 -15.05
CA ASP R 62 72.75 35.89 -15.90
C ASP R 62 74.04 36.66 -15.63
N ARG R 63 74.75 36.36 -14.54
CA ARG R 63 76.01 37.02 -14.25
C ARG R 63 77.06 36.73 -15.31
N PHE R 64 76.91 35.65 -16.07
CA PHE R 64 77.79 35.33 -17.18
C PHE R 64 77.31 36.01 -18.45
N SER R 65 78.25 36.56 -19.21
CA SER R 65 77.90 37.26 -20.44
C SER R 65 79.05 37.14 -21.43
N GLY R 66 78.70 37.23 -22.70
CA GLY R 66 79.66 37.14 -23.78
C GLY R 66 79.59 38.42 -24.60
N SER R 67 80.71 38.77 -25.22
CA SER R 67 80.84 40.02 -25.94
C SER R 67 81.67 39.79 -27.19
N LYS R 68 81.40 40.60 -28.21
CA LYS R 68 82.12 40.44 -29.47
C LYS R 68 83.40 41.25 -29.51
N SER R 69 83.56 42.24 -28.63
CA SER R 69 84.82 42.97 -28.50
C SER R 69 85.22 43.63 -29.81
N GLY R 70 85.92 42.88 -30.68
CA GLY R 70 86.31 43.39 -31.97
C GLY R 70 86.83 42.28 -32.87
N ASN R 71 87.73 41.47 -32.32
CA ASN R 71 88.23 40.30 -33.02
C ASN R 71 88.67 39.26 -31.99
N THR R 72 88.28 39.43 -30.74
CA THR R 72 88.52 38.50 -29.65
C THR R 72 87.16 37.96 -29.20
N ALA R 73 87.18 37.08 -28.21
CA ALA R 73 85.90 36.60 -27.69
C ALA R 73 85.60 37.27 -26.36
N SER R 74 86.36 36.93 -25.32
CA SER R 74 86.16 37.41 -23.97
C SER R 74 84.82 37.00 -23.36
N LEU R 75 84.89 36.49 -22.14
CA LEU R 75 83.74 36.13 -21.32
C LEU R 75 83.83 36.90 -20.01
N THR R 76 82.77 37.62 -19.66
CA THR R 76 82.78 38.43 -18.45
C THR R 76 81.81 37.86 -17.42
N ILE R 77 82.28 37.74 -16.18
CA ILE R 77 81.47 37.32 -15.05
C ILE R 77 81.46 38.50 -14.09
N SER R 78 80.33 39.19 -14.01
CA SER R 78 80.17 40.33 -13.13
C SER R 78 79.52 39.92 -11.81
N GLY R 79 79.71 40.76 -10.80
CA GLY R 79 79.20 40.43 -9.48
C GLY R 79 79.75 39.11 -9.00
N LEU R 80 81.08 39.01 -8.91
CA LEU R 80 81.72 37.73 -8.64
C LEU R 80 81.22 37.11 -7.35
N GLN R 81 80.89 35.84 -7.44
CA GLN R 81 80.36 35.05 -6.35
C GLN R 81 81.28 33.87 -6.11
N ALA R 82 81.07 33.19 -4.98
CA ALA R 82 81.78 31.95 -4.77
C ALA R 82 81.30 30.93 -5.80
N GLU R 83 81.86 29.73 -5.72
CA GLU R 83 81.54 28.62 -6.62
C GLU R 83 81.80 28.93 -8.09
N ASP R 84 82.17 30.18 -8.41
CA ASP R 84 82.57 30.53 -9.76
C ASP R 84 83.99 30.10 -10.07
N GLU R 85 84.71 29.57 -9.08
CA GLU R 85 86.10 29.19 -9.27
C GLU R 85 86.14 27.92 -10.12
N ALA R 86 86.70 28.01 -11.31
CA ALA R 86 86.74 26.86 -12.21
C ALA R 86 87.67 27.21 -13.37
N ASP R 87 87.87 26.24 -14.25
CA ASP R 87 88.58 26.43 -15.50
C ASP R 87 87.59 26.72 -16.61
N TYR R 88 87.87 27.75 -17.40
CA TYR R 88 86.96 28.21 -18.44
C TYR R 88 87.62 28.05 -19.81
N TYR R 89 86.89 27.45 -20.73
CA TYR R 89 87.36 27.16 -22.08
C TYR R 89 86.46 27.82 -23.10
N CYS R 90 87.07 28.41 -24.12
CA CYS R 90 86.35 28.86 -25.31
C CYS R 90 86.54 27.85 -26.43
N SER R 91 85.54 27.77 -27.31
CA SER R 91 85.60 26.83 -28.43
C SER R 91 84.90 27.44 -29.63
N SER R 92 85.28 26.99 -30.81
CA SER R 92 84.72 27.52 -32.06
C SER R 92 85.03 26.56 -33.19
N TYR R 93 84.85 27.03 -34.42
CA TYR R 93 85.04 26.23 -35.62
C TYR R 93 85.87 27.07 -36.59
N ALA R 94 87.11 26.64 -36.86
CA ALA R 94 88.02 27.32 -37.78
C ALA R 94 88.69 26.26 -38.65
N GLY R 95 87.90 25.69 -39.56
CA GLY R 95 88.29 24.52 -40.32
C GLY R 95 87.96 23.23 -39.62
N SER R 96 88.04 23.22 -38.29
CA SER R 96 87.54 22.14 -37.45
C SER R 96 87.16 22.75 -36.11
N VAL R 97 86.73 21.90 -35.19
CA VAL R 97 86.38 22.37 -33.85
C VAL R 97 87.67 22.74 -33.12
N VAL R 98 87.78 24.01 -32.72
CA VAL R 98 88.97 24.50 -32.02
C VAL R 98 88.58 24.80 -30.57
N PHE R 99 89.53 24.57 -29.65
CA PHE R 99 89.35 24.83 -28.23
C PHE R 99 90.47 25.70 -27.68
N GLY R 100 90.14 26.45 -26.62
CA GLY R 100 91.14 27.15 -25.84
C GLY R 100 91.87 26.21 -24.88
N GLY R 101 92.95 26.74 -24.30
CA GLY R 101 93.80 25.97 -23.37
C GLY R 101 93.19 25.70 -22.00
N GLY R 102 92.17 26.46 -21.60
CA GLY R 102 91.61 26.41 -20.26
C GLY R 102 92.16 27.53 -19.40
N THR R 103 91.28 28.31 -18.77
CA THR R 103 91.70 29.45 -17.95
C THR R 103 91.31 29.17 -16.51
N LYS R 104 92.29 29.17 -15.63
CA LYS R 104 92.03 28.97 -14.21
C LYS R 104 91.65 30.30 -13.57
N LEU R 105 90.39 30.43 -13.19
CA LEU R 105 89.89 31.61 -12.50
C LEU R 105 89.80 31.29 -11.01
N THR R 106 90.48 32.07 -10.19
CA THR R 106 90.45 31.88 -8.75
C THR R 106 89.72 33.05 -8.10
N VAL R 107 88.85 32.74 -7.15
CA VAL R 107 88.12 33.73 -6.39
C VAL R 107 88.81 33.85 -5.04
N LEU R 108 89.51 34.97 -4.83
CA LEU R 108 90.37 35.12 -3.67
C LEU R 108 89.58 35.03 -2.36
N GLY R 109 89.77 33.94 -1.62
CA GLY R 109 89.16 33.77 -0.32
C GLY R 109 90.09 33.92 0.85
N GLN R 110 91.34 34.33 0.64
CA GLN R 110 92.31 34.50 1.70
C GLN R 110 93.35 35.50 1.22
N PRO R 111 94.09 36.13 2.15
CA PRO R 111 95.15 37.05 1.74
C PRO R 111 96.23 36.30 0.97
N LYS R 112 96.38 36.65 -0.32
CA LYS R 112 97.45 36.14 -1.17
C LYS R 112 98.73 35.96 -0.34
N GLY R 113 99.26 34.75 -0.32
CA GLY R 113 100.42 34.43 0.51
C GLY R 113 101.60 33.96 -0.31
N ALA R 114 102.80 34.35 0.13
CA ALA R 114 104.01 33.96 -0.56
C ALA R 114 104.37 32.51 -0.23
N PRO R 115 105.06 31.83 -1.14
CA PRO R 115 105.38 30.42 -0.92
C PRO R 115 106.64 30.24 -0.09
N SER R 116 106.61 29.18 0.73
CA SER R 116 107.79 28.76 1.47
C SER R 116 108.52 27.69 0.67
N VAL R 117 109.82 27.87 0.49
CA VAL R 117 110.62 27.01 -0.39
C VAL R 117 111.76 26.41 0.41
N THR R 118 111.86 25.08 0.36
CA THR R 118 112.95 24.33 0.96
C THR R 118 113.62 23.51 -0.14
N LEU R 119 114.94 23.69 -0.29
CA LEU R 119 115.71 23.04 -1.34
C LEU R 119 116.71 22.09 -0.71
N PHE R 120 116.64 20.82 -1.11
CA PHE R 120 117.56 19.83 -0.56
C PHE R 120 118.62 19.45 -1.59
N PRO R 121 119.89 19.36 -1.20
CA PRO R 121 120.92 18.88 -2.11
C PRO R 121 120.85 17.36 -2.25
N PRO R 122 121.52 16.80 -3.25
CA PRO R 122 121.55 15.33 -3.37
C PRO R 122 122.33 14.71 -2.22
N SER R 123 121.78 13.61 -1.68
CA SER R 123 122.42 12.94 -0.57
C SER R 123 123.69 12.22 -1.04
N SER R 124 124.59 12.00 -0.09
CA SER R 124 125.82 11.26 -0.39
C SER R 124 125.51 9.82 -0.79
N GLU R 125 124.41 9.26 -0.27
CA GLU R 125 124.02 7.90 -0.63
C GLU R 125 123.62 7.82 -2.10
N GLU R 126 122.83 8.79 -2.58
CA GLU R 126 122.41 8.76 -3.97
C GLU R 126 123.58 9.03 -4.91
N LEU R 127 124.48 9.93 -4.50
CA LEU R 127 125.65 10.23 -5.32
C LEU R 127 126.52 8.99 -5.54
N GLN R 128 126.54 8.07 -4.57
CA GLN R 128 127.28 6.83 -4.73
C GLN R 128 126.58 5.85 -5.65
N ALA R 129 125.28 6.02 -5.88
CA ALA R 129 124.57 5.29 -6.91
C ALA R 129 124.68 5.93 -8.28
N ASN R 130 125.62 6.88 -8.44
CA ASN R 130 125.83 7.62 -9.68
C ASN R 130 124.56 8.34 -10.13
N LYS R 131 123.84 8.92 -9.17
CA LYS R 131 122.66 9.72 -9.46
C LYS R 131 122.66 10.94 -8.55
N ALA R 132 121.97 11.98 -8.98
CA ALA R 132 121.89 13.23 -8.22
C ALA R 132 120.56 13.90 -8.50
N THR R 133 119.78 14.13 -7.45
CA THR R 133 118.48 14.77 -7.56
C THR R 133 118.38 15.93 -6.59
N LEU R 134 118.03 17.10 -7.11
CA LEU R 134 117.73 18.27 -6.28
C LEU R 134 116.22 18.34 -6.05
N VAL R 135 115.82 18.48 -4.80
CA VAL R 135 114.41 18.49 -4.40
C VAL R 135 114.06 19.90 -3.96
N CYS R 136 113.12 20.51 -4.66
CA CYS R 136 112.65 21.86 -4.36
C CYS R 136 111.18 21.77 -3.96
N LEU R 137 110.90 22.00 -2.68
CA LEU R 137 109.57 21.82 -2.12
C LEU R 137 108.95 23.18 -1.81
N ILE R 138 107.75 23.41 -2.35
CA ILE R 138 107.07 24.69 -2.29
C ILE R 138 105.72 24.48 -1.63
N SER R 139 105.40 25.33 -0.66
CA SER R 139 104.17 25.14 0.12
C SER R 139 103.64 26.48 0.61
N ASP R 140 102.36 26.47 0.97
CA ASP R 140 101.69 27.59 1.65
C ASP R 140 101.65 28.83 0.76
N PHE R 141 101.27 28.64 -0.50
CA PHE R 141 101.08 29.75 -1.43
C PHE R 141 99.64 29.78 -1.93
N TYR R 142 99.16 30.99 -2.20
CA TYR R 142 97.79 31.20 -2.62
C TYR R 142 97.74 32.49 -3.43
N PRO R 143 97.14 32.49 -4.64
CA PRO R 143 96.53 31.39 -5.41
C PRO R 143 97.53 30.37 -5.95
N GLY R 144 97.02 29.28 -6.52
CA GLY R 144 97.82 28.17 -6.98
C GLY R 144 98.33 28.20 -8.42
N ALA R 145 99.12 29.21 -8.73
CA ALA R 145 99.79 29.27 -10.02
C ALA R 145 101.21 29.71 -9.71
N VAL R 146 102.16 28.85 -10.07
CA VAL R 146 103.57 29.08 -9.74
C VAL R 146 104.43 28.52 -10.87
N THR R 147 105.49 29.26 -11.21
CA THR R 147 106.48 28.83 -12.19
C THR R 147 107.81 28.62 -11.50
N VAL R 148 108.47 27.50 -11.79
CA VAL R 148 109.73 27.12 -11.17
C VAL R 148 110.80 27.12 -12.24
N ALA R 149 111.91 27.80 -11.95
CA ALA R 149 113.04 27.86 -12.86
C ALA R 149 114.30 27.48 -12.10
N TRP R 150 115.12 26.63 -12.72
CA TRP R 150 116.37 26.18 -12.14
C TRP R 150 117.54 26.88 -12.80
N LYS R 151 118.65 26.94 -12.06
CA LYS R 151 119.87 27.65 -12.46
C LYS R 151 121.08 26.85 -12.02
N ALA R 152 122.04 26.70 -12.92
CA ALA R 152 123.35 26.14 -12.60
C ALA R 152 124.31 27.32 -12.49
N ASP R 153 124.75 27.60 -11.26
CA ASP R 153 125.43 28.87 -10.97
C ASP R 153 124.52 30.01 -11.39
N SER R 154 124.80 30.61 -12.55
CA SER R 154 123.95 31.65 -13.10
C SER R 154 123.36 31.29 -14.46
N SER R 155 123.58 30.07 -14.95
CA SER R 155 123.05 29.65 -16.23
C SER R 155 121.76 28.87 -16.05
N PRO R 156 120.75 29.10 -16.90
CA PRO R 156 119.48 28.38 -16.76
C PRO R 156 119.62 26.90 -17.05
N VAL R 157 118.81 26.09 -16.38
CA VAL R 157 118.85 24.63 -16.50
C VAL R 157 117.52 24.17 -17.09
N LYS R 158 117.58 23.43 -18.19
CA LYS R 158 116.38 22.95 -18.85
C LYS R 158 116.21 21.43 -18.79
N ALA R 159 117.30 20.68 -18.84
CA ALA R 159 117.23 19.23 -18.86
C ALA R 159 117.05 18.66 -17.46
N GLY R 160 116.24 17.61 -17.35
CA GLY R 160 116.05 16.94 -16.08
C GLY R 160 115.12 17.63 -15.09
N VAL R 161 114.33 18.60 -15.53
CA VAL R 161 113.43 19.31 -14.62
C VAL R 161 112.06 18.67 -14.70
N GLU R 162 111.46 18.42 -13.55
CA GLU R 162 110.11 17.87 -13.45
C GLU R 162 109.39 18.56 -12.30
N THR R 163 108.22 19.13 -12.61
CA THR R 163 107.49 19.96 -11.65
C THR R 163 106.06 19.44 -11.53
N THR R 164 105.58 19.39 -10.30
CA THR R 164 104.23 18.91 -10.03
C THR R 164 103.20 20.00 -10.32
N THR R 165 101.98 19.56 -10.57
CA THR R 165 100.86 20.48 -10.54
C THR R 165 100.50 20.82 -9.10
N PRO R 166 100.08 22.06 -8.83
CA PRO R 166 99.78 22.45 -7.44
C PRO R 166 98.64 21.61 -6.87
N SER R 167 98.75 21.29 -5.58
CA SER R 167 97.73 20.54 -4.88
C SER R 167 97.39 21.24 -3.58
N LYS R 168 96.14 21.08 -3.14
CA LYS R 168 95.63 21.81 -1.99
C LYS R 168 95.91 21.05 -0.69
N GLN R 169 96.43 21.76 0.30
CA GLN R 169 96.57 21.22 1.64
C GLN R 169 95.29 21.49 2.43
N SER R 170 95.26 20.97 3.67
CA SER R 170 94.10 21.17 4.53
C SER R 170 93.99 22.59 5.07
N ASN R 171 95.07 23.38 5.01
CA ASN R 171 94.98 24.77 5.43
C ASN R 171 94.37 25.66 4.37
N ASN R 172 93.89 25.05 3.29
CA ASN R 172 93.28 25.73 2.15
C ASN R 172 94.29 26.56 1.36
N LYS R 173 95.57 26.31 1.58
CA LYS R 173 96.64 26.79 0.73
C LYS R 173 97.13 25.65 -0.15
N TYR R 174 98.06 25.96 -1.05
CA TYR R 174 98.51 25.00 -2.05
C TYR R 174 99.98 24.66 -1.83
N ALA R 175 100.39 23.49 -2.33
CA ALA R 175 101.76 23.03 -2.22
C ALA R 175 102.23 22.46 -3.54
N ALA R 176 103.54 22.54 -3.78
CA ALA R 176 104.12 22.00 -5.00
C ALA R 176 105.56 21.56 -4.76
N SER R 177 106.08 20.79 -5.72
CA SER R 177 107.44 20.27 -5.66
C SER R 177 108.02 20.26 -7.06
N SER R 178 109.34 20.47 -7.15
CA SER R 178 110.06 20.40 -8.41
C SER R 178 111.36 19.65 -8.19
N TYR R 179 111.71 18.80 -9.15
CA TYR R 179 112.88 17.93 -9.06
C TYR R 179 113.79 18.20 -10.24
N LEU R 180 115.08 18.35 -9.96
CA LEU R 180 116.10 18.44 -11.00
C LEU R 180 117.01 17.23 -10.90
N SER R 181 117.06 16.43 -11.97
CA SER R 181 117.91 15.24 -12.01
C SER R 181 119.19 15.55 -12.77
N LEU R 182 120.33 15.26 -12.13
CA LEU R 182 121.64 15.50 -12.71
C LEU R 182 122.52 14.26 -12.53
N THR R 183 123.60 14.23 -13.27
CA THR R 183 124.65 13.27 -12.97
C THR R 183 125.56 13.84 -11.88
N PRO R 184 126.22 12.98 -11.09
CA PRO R 184 127.15 13.49 -10.08
C PRO R 184 128.22 14.40 -10.66
N GLU R 185 128.55 14.24 -11.94
CA GLU R 185 129.54 15.10 -12.58
C GLU R 185 128.99 16.52 -12.74
N GLN R 186 127.76 16.65 -13.25
CA GLN R 186 127.15 17.97 -13.38
C GLN R 186 127.02 18.64 -12.02
N TRP R 187 126.69 17.86 -10.97
CA TRP R 187 126.55 18.40 -9.64
C TRP R 187 127.89 18.86 -9.07
N LYS R 188 128.96 18.12 -9.35
CA LYS R 188 130.27 18.43 -8.79
C LYS R 188 131.07 19.41 -9.65
N SER R 189 130.63 19.71 -10.87
CA SER R 189 131.38 20.64 -11.71
C SER R 189 131.00 22.09 -11.45
N HIS R 190 129.76 22.35 -11.06
CA HIS R 190 129.33 23.71 -10.79
C HIS R 190 129.55 24.06 -9.32
N ARG R 191 129.61 25.37 -9.05
CA ARG R 191 129.78 25.86 -7.69
C ARG R 191 128.45 25.88 -6.93
N SER R 192 127.33 26.08 -7.62
CA SER R 192 126.04 26.11 -6.93
C SER R 192 124.91 25.90 -7.93
N TYR R 193 123.79 25.39 -7.41
CA TYR R 193 122.55 25.24 -8.15
C TYR R 193 121.43 25.94 -7.40
N SER R 194 120.49 26.51 -8.14
CA SER R 194 119.45 27.35 -7.57
C SER R 194 118.07 26.92 -8.05
N CYS R 195 117.09 26.99 -7.14
CA CYS R 195 115.68 26.78 -7.47
C CYS R 195 114.94 28.10 -7.26
N GLN R 196 114.38 28.64 -8.34
CA GLN R 196 113.67 29.91 -8.31
C GLN R 196 112.18 29.67 -8.48
N VAL R 197 111.39 30.20 -7.55
CA VAL R 197 109.94 29.98 -7.50
C VAL R 197 109.25 31.34 -7.62
N THR R 198 108.47 31.50 -8.68
CA THR R 198 107.81 32.76 -8.97
C THR R 198 106.32 32.64 -8.70
N HIS R 199 105.78 33.55 -7.89
CA HIS R 199 104.37 33.54 -7.50
C HIS R 199 103.87 34.98 -7.43
N GLU R 200 102.94 35.33 -8.33
CA GLU R 200 102.33 36.65 -8.38
C GLU R 200 103.38 37.75 -8.55
N GLY R 201 104.33 37.52 -9.46
CA GLY R 201 105.35 38.49 -9.81
C GLY R 201 106.54 38.58 -8.88
N SER R 202 106.45 38.06 -7.66
CA SER R 202 107.56 38.09 -6.72
C SER R 202 108.19 36.70 -6.66
N THR R 203 109.52 36.65 -6.71
CA THR R 203 110.24 35.40 -6.78
C THR R 203 111.02 35.13 -5.50
N VAL R 204 110.95 33.89 -5.04
CA VAL R 204 111.74 33.41 -3.91
C VAL R 204 112.74 32.39 -4.43
N GLU R 205 113.99 32.50 -3.96
CA GLU R 205 115.09 31.68 -4.44
C GLU R 205 115.77 30.95 -3.28
N LYS R 206 116.13 29.69 -3.52
CA LYS R 206 116.97 28.94 -2.61
C LYS R 206 118.12 28.33 -3.42
N THR R 207 119.31 28.30 -2.81
CA THR R 207 120.51 27.86 -3.50
C THR R 207 121.25 26.83 -2.65
N VAL R 208 121.84 25.84 -3.32
CA VAL R 208 122.66 24.82 -2.66
C VAL R 208 123.94 24.67 -3.45
N ALA R 209 124.96 24.16 -2.78
CA ALA R 209 126.29 24.02 -3.35
C ALA R 209 126.84 22.66 -2.96
N PRO R 210 127.78 22.12 -3.74
CA PRO R 210 128.41 20.84 -3.35
C PRO R 210 129.18 20.95 -2.05
N THR R 211 129.44 22.16 -1.58
CA THR R 211 130.16 22.41 -0.34
C THR R 211 129.15 22.82 0.73
N GLU R 212 129.01 22.00 1.76
CA GLU R 212 128.05 22.28 2.81
C GLU R 212 128.74 22.74 4.09
#